data_8Y1L
#
_entry.id   8Y1L
#
loop_
_entity.id
_entity.type
_entity.pdbx_description
1 polymer 'Autophagy-related protein 9A'
2 polymer 'WD repeat domain phosphoinositide-interacting protein 4'
3 polymer 'Autophagy-related protein 2 homolog A'
#
loop_
_entity_poly.entity_id
_entity_poly.type
_entity_poly.pdbx_seq_one_letter_code
_entity_poly.pdbx_strand_id
1 'polypeptide(L)'
;MAQFDTEYQRLEASYSDSPPGEEDLLVHVAEGSKSPWHHIENLDLFFSRVYNLHQKNGFTCMLIGEIFELMQFLFVVAFT
TFLVSCVDYDILFANKMVNHSLHPTEPVKVTLPDAFLPAQVCSARIQENGSLITILVIAGVFWIHRLIKFIYNICCYWEI
HSFYLHALRIPMSALPYCTWQEVQARIVQTQKEHQICIHKRELTELDIYHRILRFQNYMVALVNKSLLPLRFRLPGLGEA
VFFTRGLKYNFELILFWGPGSLFLNEWSLKAEYKRGGQRLELAQRLSNRILWIGIANFLLCPLILIWQILYAFFSYAEVL
KREPGALGARCWSLYGRCYLRHFNELEHELQSRLNRGYKPASKYMNCFLSPLLTLLAKNGAFFAGSILAVLIALTIYDED
VLAVEHVLTTVTLLGVTVTVCRSFIPDQHMVFCPEQLLRVILAHIHYMPDHWQGNAHRSQTRDEFAQLFQYKAVFILEEL
LSPIVTPLILIFCLRPRALEIIDFFRNFTVEVVGVGDTCSFAQMDVRQHGHPQWLSAGQTEASVYQQAEDGKTELSLMHF
AITNPGWQPPRESTAFLGFLKEQVQRDGAAASLAQGGLLPENALFTSIQSLQSESEPLSLIANVVAGSSCRGPPLPRDLQ
GSRHRAEVASALRSFSPLQPGQAPTGRAHSTMTGSGVDARTASSGSSVWEGQLQSLVLSEYASTEMSLHALYMHQLHKQQ
AQAEPERHVWHRRESDESGESAPDEGGEGARAPQSIPRSASYPCAAPRPGAPETTALHGGFQRRYGGITDPGTVPRVPSH
FSRLPLGGWAEDGQSASRHPEPVPEEGSEDELPPQVHKV
;
C,D,E
2 'polypeptide(L)'
;MTQQPLRGVTSLRFNQDQSCFCCAMETGVRIYNVEPLMEKGHLDHEQVGSMGLVEMLHRSNLLALVGGGSSPKFSEISVL
IWDDAREGKDSKEKLVLEFTFTKPVLSVRMRHDKIVIVLKNRIYVYSFPDNPRKLFEFDTRDNPKGLCDLCPSLEKQLLV
FPGHKCGSLQLVDLASTKPGTSSAPFTINAHQSDIACVSLNQPGTVVASASQKGTLIRLFDTQSKEKLVELRRGTDPATL
YCINFSHDSSFLCASSDKGTVHIFALKDTRLNRRSALARVGKVGPMIGQYVDSQWSLASFTVPAESACICAFGRNTSKNV
NSVIAICVDGTFHKYVFTPDGNCNREAFDVYLDICDDDDF
;
A
3 'polypeptide(L)'
;MSRWLWPWSNCVKERVCRYLLHHYLGHFFQEHLSLDQLSLDLYKGSVALRDIHLEIWSVNEVLESMESPLELVEGFVGSI
EVAVPWAALLTDHCTVRVSGLQLTLQPRRGPAPGAADSQSWASCMTTSLQLAQECLRDGLPEPSEPPQPLEGLEMFAQTI
ETVLRRIKVTFLDTVVRVEHSPGDGERGVAVEVRVQRLEYCDEAVRDPSQAPPVDVHQPPAFLHKLLQLAGVRLHYEELP
AQEEPPEPPLQIGSCSGYMELMVKLKQNEAFPGPKLEVAGQLGSLHLLLTPRQLQQLQELLSAVSLTDHEGLADKLNKSR
PLGAEDLWLIEQDLNQQLQAGAVAEPLSPDPLTNPLLNLDNTDLFFSMAGLTSSVASALSELSLSDVDLASSVRSDMASR
RLSAQAHPAGKMAPNPLLDTMRPDSLLKMTLGGVTLTLLQTSAPSSGPPDLATHFFTEFDATKDGPFGSRDFHHLRPRFQ
RACPCSHVRLTGTAVQLSWELRTGSRGRRTTSMEVHFGQLEVLECLWPRGTSEPEYTEILTFPGTLGSQASARPCAHLRH
TQILRRVPKSRPRRSVACHCHSELALDLANFQADVELGALDRLAALLRLATVPAEPPAGLLTEPLPAMEQQTVFRLSAPR
ATLRLRFPIADLRPEPDPWAGQAVRAEQLRLELSEPQFRSELSSGPGPPVPTHLELTCSDLHGIYEDGGKPPVPCLRVSK
ALDPKSTGRKYFLPQVVVTVNPQSSSTQWEVAPEKGEELELSVESPCELREPEPSPFSSKRTMYETEEMVIPGDPEEMRT
FQSRTLALSRCSLEVILPSVHIFLPSKEVYESIYNRINNDLLMWEPADLLPTPDPAAQPSGFPGPSGFWHDSFKMCKSAF
KLANCFDLTPDSDSDDEDAHFFSVGASGGPQAAAPEAPSLHLQSTFSTLVTVLKGRITALCETKDEGGKRLEAVHGELVL
DMEHGTLFSVSQYCGQPGLGYFCLEAEKATLYHRAAVDDYPLPSHLDLPSFAPPAQLAPTIYPSEEGVTERGASGRKGQG
RGPHMLSTAVRIHLDPHKNVKEFLVTLRLHKATLRHYMALPEQSWHSQLLEFLDVLDDPVLGYLPPTVITILHTHLFSCS
VDYRPLYLPVRVLITAETFTLSSNIIMDTSTFLLRFILDDSALYLSDKCEVETLDLRRDYVCVLDVDLLELVIKTWKGST
EGKLSQPLFELRCSNNVVHVHSCADSCALLVNLLQYVMSTGDLHPPPRPPSPTEIAGQKLSESPASLPSCPPVETALINQ
RDLADALLDTERSLRELAQPSGGHLPQASPISVYLFPGERSGAPPPSPPVGGPAGSLGSCSEEKEDEREEEGDGDTLDSD
EFCILDAPGLGIPPRDGEPVVTQLHPGPIVVRDGYFSRPIGSTDLLRAPAHFPVPSTRVVLREVSLVWHLYGGRDFGPHP
GHRARTGLSGPRSSPSRCSGPNRPQNSWRTQGGSGRQHHVLMEIQLSKVSFQHEVYPAEPATGPAAPSQELEERPLSRQV
FIVQELEVRDRLASSQINKFLYLHTSERMPRRAHSNMLTIKALHVAPTTNLGGPECCLRVSLMPLRLNVDQDALFFLKDF
FTSLVAGINPVVPGETSAEARPETRAQPSSPLEGQAEGVETTGSQEAPGGGHSPSPPDQQPIYFREFRFTSEVPIWLDYH
GKHVTMDQVGTFAGLLIGLAQLNCSELKLKRLCCRHGLLGVDKVLGYALNEWLQDIRKNQLPGLLGGVGPMHSVVQLFQG
FRDLLWLPIEQYRKDGRLMRGLQRGAASFGSSTASAALELSNRLVQAIQATAETVYDILSPAAPVSRSLQDKRSARRLRR
GQQPADLREGVAKAYDTVREGILDTAQTICDVASRGHEQKGLTGAVGGVIRQLPPTVVKPLILATEATSSLLGGMRNQIV
PDAHKDHALKWRSDSAQD
;
B
#
# COMPACT_ATOMS: atom_id res chain seq x y z
N PRO A 36 12.58 68.98 -50.70
CA PRO A 36 13.34 67.73 -50.54
C PRO A 36 14.30 67.54 -51.69
N TRP A 37 14.61 68.64 -52.37
CA TRP A 37 15.44 68.60 -53.57
C TRP A 37 16.91 68.24 -53.41
N HIS A 38 17.56 67.81 -54.49
CA HIS A 38 18.97 67.37 -54.38
C HIS A 38 19.98 68.47 -54.10
N HIS A 39 20.23 68.87 -52.84
CA HIS A 39 21.18 69.97 -52.52
C HIS A 39 21.10 71.26 -53.36
N ILE A 40 19.91 71.70 -53.73
CA ILE A 40 19.71 72.90 -54.62
C ILE A 40 20.12 74.34 -54.24
N GLU A 41 19.96 74.77 -52.99
CA GLU A 41 20.16 76.18 -52.59
C GLU A 41 21.10 76.29 -51.42
N ASN A 42 21.61 77.47 -51.10
CA ASN A 42 22.64 77.50 -50.10
C ASN A 42 22.10 76.86 -48.85
N LEU A 43 22.90 75.96 -48.28
CA LEU A 43 22.46 75.16 -47.13
C LEU A 43 22.16 75.87 -45.86
N ASP A 44 22.99 76.81 -45.50
CA ASP A 44 22.81 77.41 -44.21
C ASP A 44 21.37 77.80 -44.09
N LEU A 45 20.80 78.33 -45.16
CA LEU A 45 19.45 78.82 -45.11
C LEU A 45 18.42 77.72 -45.05
N PHE A 46 18.62 76.65 -45.80
CA PHE A 46 17.65 75.58 -45.84
C PHE A 46 17.51 74.98 -44.47
N PHE A 47 18.63 74.67 -43.83
CA PHE A 47 18.64 74.09 -42.50
C PHE A 47 18.09 75.04 -41.46
N SER A 48 18.41 76.31 -41.59
CA SER A 48 17.90 77.26 -40.65
C SER A 48 16.41 77.33 -40.70
N ARG A 49 15.86 77.33 -41.90
CA ARG A 49 14.43 77.38 -42.13
C ARG A 49 13.78 76.13 -41.59
N VAL A 50 14.44 74.99 -41.77
CA VAL A 50 13.89 73.75 -41.25
C VAL A 50 13.78 73.85 -39.74
N TYR A 51 14.83 74.35 -39.10
CA TYR A 51 14.85 74.51 -37.66
C TYR A 51 13.80 75.49 -37.18
N ASN A 52 13.64 76.58 -37.91
CA ASN A 52 12.64 77.56 -37.53
C ASN A 52 11.24 76.98 -37.64
N LEU A 53 11.00 76.18 -38.67
CA LEU A 53 9.70 75.53 -38.84
C LEU A 53 9.48 74.57 -37.71
N HIS A 54 10.50 73.86 -37.24
CA HIS A 54 10.26 73.04 -36.07
C HIS A 54 9.94 73.89 -34.85
N GLN A 55 10.63 75.01 -34.66
CA GLN A 55 10.39 75.86 -33.48
C GLN A 55 9.01 76.49 -33.38
N LYS A 56 8.59 77.23 -34.39
CA LYS A 56 7.25 77.79 -34.51
C LYS A 56 6.41 76.63 -35.00
N ASN A 57 5.68 75.98 -34.10
CA ASN A 57 5.36 74.57 -34.28
C ASN A 57 4.47 74.40 -35.50
N GLY A 58 5.09 74.25 -36.66
CA GLY A 58 4.36 74.05 -37.89
C GLY A 58 4.16 75.25 -38.79
N PHE A 59 3.91 74.95 -40.05
CA PHE A 59 3.74 75.98 -41.04
C PHE A 59 2.60 76.90 -40.73
N THR A 60 1.45 76.36 -40.35
CA THR A 60 0.32 77.22 -40.09
C THR A 60 0.59 78.17 -38.93
N CYS A 61 1.18 77.63 -37.89
CA CYS A 61 1.47 78.43 -36.71
C CYS A 61 2.43 79.52 -37.05
N MET A 62 3.46 79.16 -37.79
CA MET A 62 4.47 80.11 -38.16
C MET A 62 3.92 81.22 -39.03
N LEU A 63 3.05 80.86 -39.96
CA LEU A 63 2.46 81.83 -40.85
C LEU A 63 1.63 82.80 -40.04
N ILE A 64 0.85 82.27 -39.12
CA ILE A 64 0.02 83.13 -38.29
C ILE A 64 0.88 84.03 -37.44
N GLY A 65 1.98 83.52 -36.89
CA GLY A 65 2.83 84.31 -36.05
C GLY A 65 3.38 85.47 -36.82
N GLU A 66 3.85 85.21 -38.04
CA GLU A 66 4.40 86.30 -38.86
C GLU A 66 3.33 87.31 -39.20
N ILE A 67 2.13 86.85 -39.50
CA ILE A 67 1.06 87.78 -39.81
C ILE A 67 0.75 88.67 -38.62
N PHE A 68 0.74 88.09 -37.42
CA PHE A 68 0.50 88.84 -36.19
C PHE A 68 1.60 89.85 -35.96
N GLU A 69 2.84 89.48 -36.28
CA GLU A 69 3.99 90.38 -36.17
C GLU A 69 3.84 91.55 -37.11
N LEU A 70 3.30 91.32 -38.30
CA LEU A 70 3.08 92.41 -39.25
C LEU A 70 1.93 93.35 -38.86
N MET A 71 0.91 92.79 -38.21
CA MET A 71 -0.28 93.52 -37.77
C MET A 71 -0.02 94.33 -36.52
N GLN A 72 0.93 93.90 -35.70
CA GLN A 72 1.31 94.67 -34.53
C GLN A 72 2.01 95.96 -34.94
N PHE A 73 2.97 95.87 -35.86
CA PHE A 73 3.61 97.08 -36.37
C PHE A 73 2.58 98.04 -36.95
N LEU A 74 1.74 97.55 -37.86
CA LEU A 74 0.76 98.42 -38.51
C LEU A 74 -0.24 98.98 -37.51
N PHE A 75 -0.56 98.23 -36.45
CA PHE A 75 -1.51 98.70 -35.46
C PHE A 75 -0.90 99.79 -34.59
N VAL A 76 0.33 99.60 -34.13
CA VAL A 76 1.01 100.64 -33.37
C VAL A 76 1.03 101.94 -34.18
N VAL A 77 1.48 101.86 -35.43
CA VAL A 77 1.62 103.07 -36.24
C VAL A 77 0.28 103.72 -36.53
N ALA A 78 -0.74 102.93 -36.90
CA ALA A 78 -2.03 103.49 -37.26
C ALA A 78 -2.80 104.00 -36.05
N PHE A 79 -2.77 103.26 -34.94
CA PHE A 79 -3.38 103.71 -33.71
C PHE A 79 -2.74 105.01 -33.24
N THR A 80 -1.41 105.10 -33.33
CA THR A 80 -0.73 106.31 -32.90
C THR A 80 -1.09 107.51 -33.78
N THR A 81 -1.12 107.32 -35.09
CA THR A 81 -1.45 108.41 -36.00
C THR A 81 -2.92 108.79 -35.94
N PHE A 82 -3.77 107.86 -35.48
CA PHE A 82 -5.18 108.16 -35.26
C PHE A 82 -5.36 108.97 -33.98
N LEU A 83 -4.64 108.59 -32.92
CA LEU A 83 -4.68 109.33 -31.66
C LEU A 83 -4.13 110.74 -31.83
N VAL A 84 -3.04 110.87 -32.59
CA VAL A 84 -2.45 112.18 -32.79
C VAL A 84 -3.37 113.08 -33.61
N SER A 85 -3.95 112.53 -34.68
CA SER A 85 -4.44 113.35 -35.78
C SER A 85 -5.95 113.47 -35.90
N CYS A 86 -6.72 112.43 -35.54
CA CYS A 86 -8.13 112.37 -35.85
C CYS A 86 -9.05 112.63 -34.66
N VAL A 87 -8.54 112.52 -33.44
CA VAL A 87 -9.36 112.60 -32.24
C VAL A 87 -9.39 114.03 -31.75
N ASP A 88 -10.58 114.49 -31.36
CA ASP A 88 -10.76 115.83 -30.81
C ASP A 88 -10.82 115.69 -29.29
N TYR A 89 -9.66 115.79 -28.69
CA TYR A 89 -9.51 115.65 -27.27
C TYR A 89 -10.31 116.66 -26.48
N ASP A 90 -10.48 117.87 -26.96
CA ASP A 90 -11.23 118.84 -26.17
C ASP A 90 -12.67 118.39 -25.92
N ILE A 91 -13.35 117.95 -26.97
CA ILE A 91 -14.72 117.48 -26.83
C ILE A 91 -14.78 116.20 -25.97
N LEU A 92 -13.78 115.35 -26.13
CA LEU A 92 -13.71 114.12 -25.35
C LEU A 92 -13.57 114.41 -23.87
N PHE A 93 -12.78 115.41 -23.52
CA PHE A 93 -12.55 115.70 -22.11
C PHE A 93 -13.65 116.50 -21.44
N ALA A 94 -13.94 117.67 -21.95
CA ALA A 94 -14.96 118.52 -21.34
C ALA A 94 -15.96 119.06 -22.35
N ASN A 95 -15.48 119.81 -23.34
CA ASN A 95 -16.34 120.63 -24.18
C ASN A 95 -17.10 119.85 -25.24
N LYS A 109 -25.07 113.67 -22.62
CA LYS A 109 -24.40 112.39 -22.77
C LYS A 109 -23.65 112.38 -24.08
N VAL A 110 -22.33 112.15 -24.03
CA VAL A 110 -21.54 112.12 -25.24
C VAL A 110 -21.06 110.73 -25.60
N THR A 111 -21.42 110.31 -26.81
CA THR A 111 -21.04 109.02 -27.35
C THR A 111 -19.57 109.08 -27.75
N LEU A 112 -18.92 107.93 -27.77
CA LEU A 112 -17.51 107.90 -28.13
C LEU A 112 -17.24 108.53 -29.50
N PRO A 113 -17.96 108.08 -30.55
CA PRO A 113 -17.60 108.67 -31.85
C PRO A 113 -17.95 110.14 -31.98
N ASP A 114 -18.41 110.80 -30.92
CA ASP A 114 -18.57 112.24 -30.98
C ASP A 114 -17.21 112.94 -30.99
N ALA A 115 -16.17 112.22 -30.58
CA ALA A 115 -14.84 112.82 -30.59
C ALA A 115 -14.21 112.79 -31.97
N PHE A 116 -14.19 111.63 -32.58
CA PHE A 116 -13.56 111.44 -33.89
C PHE A 116 -14.05 112.38 -34.97
N LEU A 117 -13.12 112.79 -35.82
CA LEU A 117 -13.43 113.67 -36.94
C LEU A 117 -13.64 112.77 -38.15
N PRO A 118 -14.46 113.22 -39.09
CA PRO A 118 -14.78 112.45 -40.29
C PRO A 118 -13.53 112.27 -41.14
N ALA A 119 -13.44 111.15 -41.85
CA ALA A 119 -12.24 110.85 -42.64
C ALA A 119 -11.94 111.90 -43.70
N GLN A 120 -12.96 112.46 -44.33
CA GLN A 120 -12.76 113.50 -45.31
C GLN A 120 -11.97 114.66 -44.69
N VAL A 121 -11.96 114.74 -43.36
CA VAL A 121 -11.19 115.77 -42.68
C VAL A 121 -9.95 115.20 -42.02
N CYS A 122 -9.99 113.93 -41.60
CA CYS A 122 -8.79 113.31 -41.05
C CYS A 122 -7.67 113.24 -42.08
N SER A 123 -8.01 112.92 -43.33
CA SER A 123 -6.98 112.85 -44.37
C SER A 123 -6.29 114.20 -44.55
N ALA A 124 -7.06 115.27 -44.60
CA ALA A 124 -6.47 116.59 -44.75
C ALA A 124 -5.69 117.00 -43.50
N ARG A 125 -6.16 116.60 -42.33
CA ARG A 125 -5.49 117.02 -41.09
C ARG A 125 -4.19 116.24 -40.87
N ILE A 126 -4.12 115.01 -41.37
CA ILE A 126 -2.88 114.24 -41.30
C ILE A 126 -1.94 114.57 -42.45
N GLN A 127 -2.47 115.04 -43.58
CA GLN A 127 -1.64 115.35 -44.73
C GLN A 127 -0.92 116.67 -44.58
N GLU A 128 -1.52 117.65 -43.92
CA GLU A 128 -0.86 118.92 -43.65
C GLU A 128 0.01 118.83 -42.41
N ASN A 129 0.87 117.81 -42.37
CA ASN A 129 1.86 117.63 -41.29
C ASN A 129 3.11 117.05 -41.93
N GLY A 130 4.06 117.91 -42.29
CA GLY A 130 5.25 117.45 -42.98
C GLY A 130 6.03 116.43 -42.17
N SER A 131 6.17 116.68 -40.87
CA SER A 131 6.87 115.73 -40.02
C SER A 131 6.12 114.41 -39.93
N LEU A 132 4.80 114.47 -39.73
CA LEU A 132 4.01 113.24 -39.61
C LEU A 132 3.99 112.48 -40.93
N ILE A 133 3.81 113.20 -42.05
CA ILE A 133 3.79 112.53 -43.35
C ILE A 133 5.14 111.90 -43.65
N THR A 134 6.23 112.56 -43.27
CA THR A 134 7.55 112.00 -43.51
C THR A 134 7.78 110.75 -42.67
N ILE A 135 7.41 110.79 -41.39
CA ILE A 135 7.55 109.61 -40.55
C ILE A 135 6.68 108.49 -41.08
N LEU A 136 5.48 108.81 -41.57
CA LEU A 136 4.60 107.78 -42.12
C LEU A 136 5.14 107.19 -43.41
N VAL A 137 5.79 107.99 -44.25
CA VAL A 137 6.35 107.47 -45.48
C VAL A 137 7.51 106.53 -45.18
N ILE A 138 8.39 106.93 -44.25
CA ILE A 138 9.48 106.02 -43.87
C ILE A 138 8.94 104.76 -43.22
N ALA A 139 7.90 104.91 -42.38
CA ALA A 139 7.31 103.74 -41.73
C ALA A 139 6.65 102.82 -42.74
N GLY A 140 5.97 103.40 -43.74
CA GLY A 140 5.35 102.58 -44.75
C GLY A 140 6.35 101.89 -45.67
N VAL A 141 7.49 102.52 -45.91
CA VAL A 141 8.52 101.88 -46.71
C VAL A 141 9.14 100.71 -45.95
N PHE A 142 9.44 100.89 -44.66
CA PHE A 142 9.88 99.77 -43.86
C PHE A 142 8.83 98.67 -43.80
N TRP A 143 7.58 99.06 -43.70
CA TRP A 143 6.56 98.06 -43.66
C TRP A 143 6.50 97.29 -44.98
N ILE A 144 6.47 97.98 -46.10
CA ILE A 144 6.36 97.30 -47.39
C ILE A 144 7.54 96.37 -47.59
N HIS A 145 8.74 96.80 -47.18
CA HIS A 145 9.89 95.90 -47.24
C HIS A 145 9.67 94.65 -46.39
N ARG A 146 9.06 94.82 -45.21
CA ARG A 146 8.83 93.66 -44.36
C ARG A 146 7.74 92.76 -44.92
N LEU A 147 6.71 93.33 -45.53
CA LEU A 147 5.65 92.53 -46.14
C LEU A 147 6.17 91.75 -47.35
N ILE A 148 7.03 92.38 -48.15
CA ILE A 148 7.62 91.68 -49.30
C ILE A 148 8.52 90.54 -48.83
N LYS A 149 9.33 90.80 -47.80
CA LYS A 149 10.14 89.73 -47.24
C LYS A 149 9.27 88.61 -46.69
N PHE A 150 8.09 88.95 -46.15
CA PHE A 150 7.20 87.93 -45.60
C PHE A 150 6.61 87.06 -46.70
N ILE A 151 6.27 87.70 -47.80
CA ILE A 151 5.69 86.98 -48.92
C ILE A 151 6.54 85.82 -49.28
N TYR A 152 7.74 86.13 -49.72
CA TYR A 152 8.61 85.06 -50.16
C TYR A 152 8.89 84.17 -48.98
N ASN A 153 9.10 84.77 -47.82
CA ASN A 153 9.43 83.98 -46.65
C ASN A 153 8.50 82.78 -46.61
N ILE A 154 7.25 83.01 -46.96
CA ILE A 154 6.28 81.92 -46.95
C ILE A 154 6.32 81.12 -48.24
N CYS A 155 6.65 81.78 -49.36
CA CYS A 155 6.85 81.02 -50.59
C CYS A 155 8.04 80.09 -50.47
N CYS A 156 9.03 80.44 -49.63
CA CYS A 156 10.16 79.54 -49.43
C CYS A 156 9.92 78.53 -48.32
N TYR A 157 8.96 78.81 -47.42
CA TYR A 157 8.63 77.91 -46.33
C TYR A 157 7.66 76.83 -46.75
N TRP A 158 6.84 77.07 -47.78
CA TRP A 158 6.04 75.97 -48.32
C TRP A 158 6.94 74.85 -48.83
N GLU A 159 8.14 75.21 -49.27
CA GLU A 159 9.10 74.21 -49.72
C GLU A 159 9.62 73.38 -48.55
N ILE A 160 9.83 74.00 -47.39
CA ILE A 160 10.27 73.25 -46.21
C ILE A 160 9.13 72.40 -45.68
N HIS A 161 7.90 72.90 -45.76
CA HIS A 161 6.74 72.14 -45.36
C HIS A 161 6.59 70.88 -46.20
N SER A 162 6.72 71.00 -47.52
CA SER A 162 6.73 69.82 -48.37
C SER A 162 7.91 68.92 -48.06
N PHE A 163 9.07 69.49 -47.72
CA PHE A 163 10.22 68.69 -47.29
C PHE A 163 9.84 67.80 -46.13
N TYR A 164 9.29 68.40 -45.06
CA TYR A 164 8.85 67.63 -43.92
C TYR A 164 7.92 66.51 -44.33
N LEU A 165 6.77 66.88 -44.91
CA LEU A 165 5.71 65.91 -45.19
C LEU A 165 6.19 64.78 -46.09
N HIS A 166 6.98 65.09 -47.12
CA HIS A 166 7.25 64.10 -48.15
C HIS A 166 8.57 63.36 -47.94
N ALA A 167 9.61 64.04 -47.46
CA ALA A 167 10.91 63.42 -47.26
C ALA A 167 11.21 63.05 -45.82
N LEU A 168 10.78 63.85 -44.84
CA LEU A 168 10.92 63.47 -43.45
C LEU A 168 9.74 62.69 -42.93
N ARG A 169 8.55 62.91 -43.51
CA ARG A 169 7.30 62.24 -43.21
C ARG A 169 6.75 62.61 -41.84
N ILE A 170 6.99 63.83 -41.37
CA ILE A 170 6.45 64.31 -40.12
C ILE A 170 5.30 65.27 -40.43
N PRO A 171 4.05 64.85 -40.29
CA PRO A 171 2.94 65.77 -40.54
C PRO A 171 2.96 66.96 -39.58
N MET A 172 2.31 68.05 -39.98
CA MET A 172 2.30 69.23 -39.15
C MET A 172 1.56 69.00 -37.84
N SER A 173 0.75 67.95 -37.78
CA SER A 173 0.06 67.62 -36.53
C SER A 173 1.02 66.99 -35.53
N ALA A 174 1.93 66.13 -36.00
CA ALA A 174 2.89 65.49 -35.13
C ALA A 174 4.13 66.32 -34.89
N LEU A 175 4.14 67.57 -35.33
CA LEU A 175 5.35 68.39 -35.24
C LEU A 175 5.52 69.07 -33.88
N PRO A 176 4.47 69.60 -33.22
CA PRO A 176 4.70 70.16 -31.88
C PRO A 176 5.22 69.15 -30.87
N TYR A 177 5.06 67.89 -31.27
CA TYR A 177 5.53 66.83 -30.43
C TYR A 177 6.54 65.94 -31.15
N CYS A 178 6.87 66.26 -32.40
CA CYS A 178 7.77 65.37 -33.12
C CYS A 178 9.09 65.38 -32.38
N THR A 179 9.55 66.54 -31.93
CA THR A 179 10.77 66.69 -31.10
C THR A 179 12.01 66.91 -31.95
N TRP A 180 13.01 67.62 -31.43
CA TRP A 180 14.24 67.76 -32.18
C TRP A 180 15.10 66.53 -32.41
N GLN A 181 15.25 65.67 -31.40
CA GLN A 181 16.20 64.57 -31.59
C GLN A 181 15.80 63.63 -32.70
N GLU A 182 14.53 63.31 -32.76
CA GLU A 182 14.05 62.46 -33.82
C GLU A 182 14.21 63.08 -35.19
N VAL A 183 13.91 64.37 -35.29
CA VAL A 183 13.96 65.01 -36.57
C VAL A 183 15.39 64.94 -36.99
N GLN A 184 16.28 65.14 -36.04
CA GLN A 184 17.67 65.17 -36.39
C GLN A 184 17.92 63.82 -36.90
N ALA A 185 17.34 62.85 -36.23
CA ALA A 185 17.51 61.49 -36.67
C ALA A 185 16.81 61.27 -37.99
N ARG A 186 15.85 62.14 -38.33
CA ARG A 186 15.12 61.86 -39.54
C ARG A 186 15.92 62.44 -40.66
N ILE A 187 16.33 63.70 -40.52
CA ILE A 187 17.09 64.38 -41.58
C ILE A 187 18.34 63.61 -41.94
N VAL A 188 19.07 63.15 -40.93
CA VAL A 188 20.34 62.47 -41.18
C VAL A 188 20.11 61.12 -41.85
N GLN A 189 18.99 60.46 -41.54
CA GLN A 189 18.66 59.21 -42.23
C GLN A 189 18.15 59.48 -43.63
N THR A 190 17.46 60.60 -43.83
CA THR A 190 16.99 61.00 -45.15
C THR A 190 18.14 61.29 -46.10
N GLN A 191 19.27 61.78 -45.56
CA GLN A 191 20.40 62.16 -46.41
C GLN A 191 20.76 61.08 -47.42
N LYS A 192 20.50 59.83 -47.10
CA LYS A 192 20.96 58.74 -47.98
C LYS A 192 20.14 58.50 -49.24
N GLU A 193 18.89 58.09 -49.07
CA GLU A 193 18.06 57.75 -50.23
C GLU A 193 17.85 58.93 -51.13
N HIS A 194 17.63 60.09 -50.55
CA HIS A 194 17.32 61.24 -51.37
C HIS A 194 18.54 62.10 -51.38
N GLN A 195 19.00 62.45 -52.58
CA GLN A 195 20.22 63.23 -52.66
C GLN A 195 20.07 64.61 -52.03
N ILE A 196 21.06 65.02 -51.26
CA ILE A 196 21.07 66.36 -50.67
C ILE A 196 22.52 66.64 -50.43
N CYS A 197 22.88 67.89 -50.27
CA CYS A 197 24.29 68.26 -50.11
C CYS A 197 25.10 67.82 -51.32
N ILE A 198 26.35 68.26 -51.38
CA ILE A 198 27.18 67.92 -52.53
C ILE A 198 27.18 66.42 -52.72
N HIS A 199 27.18 65.65 -51.64
CA HIS A 199 27.28 64.18 -51.69
C HIS A 199 28.74 63.86 -51.68
N LYS A 200 29.54 64.90 -51.65
CA LYS A 200 30.93 64.65 -51.49
C LYS A 200 30.97 64.03 -50.12
N ARG A 201 30.33 64.68 -49.15
CA ARG A 201 30.32 64.17 -47.77
C ARG A 201 28.95 63.92 -47.14
N GLU A 202 28.75 62.75 -46.54
CA GLU A 202 27.49 62.46 -45.82
C GLU A 202 27.34 63.28 -44.53
N LEU A 203 26.10 63.62 -44.15
CA LEU A 203 25.89 64.42 -42.95
C LEU A 203 26.46 63.76 -41.70
N THR A 204 26.82 64.56 -40.68
CA THR A 204 27.43 64.04 -39.47
C THR A 204 26.89 64.77 -38.24
N GLU A 205 25.70 65.35 -38.36
CA GLU A 205 24.92 65.76 -37.20
C GLU A 205 25.51 66.97 -36.48
N LEU A 206 26.77 67.29 -36.79
CA LEU A 206 27.38 68.53 -36.32
C LEU A 206 27.44 69.54 -37.45
N ASP A 207 27.48 69.04 -38.69
CA ASP A 207 27.32 69.90 -39.85
C ASP A 207 26.05 70.72 -39.76
N ILE A 208 24.93 70.10 -39.40
CA ILE A 208 23.68 70.85 -39.31
C ILE A 208 23.81 71.94 -38.25
N TYR A 209 24.53 71.63 -37.16
CA TYR A 209 24.71 72.61 -36.10
C TYR A 209 25.52 73.81 -36.59
N HIS A 210 26.63 73.55 -37.27
CA HIS A 210 27.45 74.60 -37.84
C HIS A 210 26.65 75.45 -38.83
N ARG A 211 25.85 74.80 -39.68
CA ARG A 211 25.05 75.53 -40.66
C ARG A 211 24.08 76.47 -39.97
N ILE A 212 23.37 76.00 -38.94
CA ILE A 212 22.37 76.86 -38.31
C ILE A 212 23.04 77.95 -37.47
N LEU A 213 24.22 77.67 -36.91
CA LEU A 213 24.81 78.53 -35.90
C LEU A 213 26.16 79.12 -36.30
N ARG A 214 26.44 79.27 -37.59
CA ARG A 214 27.72 79.82 -38.02
C ARG A 214 27.98 81.21 -37.42
N PHE A 215 27.06 82.14 -37.62
CA PHE A 215 27.30 83.52 -37.18
C PHE A 215 27.11 83.67 -35.68
N GLN A 216 26.30 82.80 -35.09
CA GLN A 216 26.09 82.86 -33.64
C GLN A 216 27.28 82.32 -32.87
N ASN A 217 27.99 81.32 -33.41
CA ASN A 217 29.24 80.93 -32.80
C ASN A 217 30.26 82.06 -32.87
N TYR A 218 30.23 82.84 -33.95
CA TYR A 218 31.12 83.99 -34.06
C TYR A 218 30.80 85.04 -33.02
N MET A 219 29.51 85.31 -32.78
CA MET A 219 29.14 86.24 -31.73
C MET A 219 29.56 85.71 -30.36
N VAL A 220 29.36 84.42 -30.11
CA VAL A 220 29.74 83.84 -28.83
C VAL A 220 31.24 83.99 -28.61
N ALA A 221 32.05 83.78 -29.65
CA ALA A 221 33.50 83.86 -29.50
C ALA A 221 33.98 85.31 -29.43
N LEU A 222 33.28 86.22 -30.08
CA LEU A 222 33.61 87.64 -29.99
C LEU A 222 33.38 88.15 -28.58
N VAL A 223 32.19 87.89 -28.03
CA VAL A 223 31.87 88.34 -26.69
C VAL A 223 32.71 87.59 -25.65
N ASN A 224 33.11 86.36 -25.95
CA ASN A 224 33.86 85.56 -25.00
C ASN A 224 35.29 86.04 -24.86
N LYS A 225 35.86 86.61 -25.92
CA LYS A 225 37.24 87.08 -25.89
C LYS A 225 37.35 88.58 -25.75
N SER A 226 36.27 89.24 -25.33
CA SER A 226 36.27 90.61 -24.89
C SER A 226 36.52 91.62 -26.01
N LEU A 227 36.42 91.23 -27.27
CA LEU A 227 36.16 92.20 -28.31
C LEU A 227 34.72 92.71 -28.15
N LEU A 228 34.28 93.56 -29.06
CA LEU A 228 32.89 94.00 -28.96
C LEU A 228 32.60 94.75 -27.66
N PRO A 229 32.89 96.05 -27.60
CA PRO A 229 32.71 96.80 -26.35
C PRO A 229 31.35 96.64 -25.66
N LEU A 230 31.35 96.07 -24.47
CA LEU A 230 30.15 95.95 -23.66
C LEU A 230 30.29 96.69 -22.33
N ARG A 231 31.42 96.56 -21.66
CA ARG A 231 31.67 97.20 -20.37
C ARG A 231 31.93 98.69 -20.56
N PHE A 232 31.26 99.49 -19.74
CA PHE A 232 31.45 100.92 -19.74
C PHE A 232 31.61 101.38 -18.30
N ARG A 233 32.33 102.47 -18.12
CA ARG A 233 32.54 103.02 -16.77
C ARG A 233 31.76 104.32 -16.65
N LEU A 234 30.53 104.21 -16.15
CA LEU A 234 29.70 105.39 -15.99
C LEU A 234 30.05 106.09 -14.68
N PRO A 235 30.03 107.43 -14.67
CA PRO A 235 30.18 108.14 -13.40
C PRO A 235 28.92 108.00 -12.55
N GLY A 236 29.11 107.82 -11.25
CA GLY A 236 28.00 107.59 -10.35
C GLY A 236 27.50 106.17 -10.30
N LEU A 237 28.10 105.27 -11.07
CA LEU A 237 27.71 103.87 -11.08
C LEU A 237 28.94 103.02 -11.34
N GLY A 238 28.81 101.73 -11.08
CA GLY A 238 29.88 100.81 -11.41
C GLY A 238 30.04 100.65 -12.90
N GLU A 239 30.79 99.63 -13.29
CA GLU A 239 30.96 99.35 -14.72
C GLU A 239 29.67 98.75 -15.25
N ALA A 240 28.92 99.56 -16.00
CA ALA A 240 27.70 99.09 -16.63
C ALA A 240 28.01 98.19 -17.82
N VAL A 241 27.08 97.31 -18.13
CA VAL A 241 27.11 96.52 -19.35
C VAL A 241 25.92 96.95 -20.20
N PHE A 242 26.20 97.38 -21.44
CA PHE A 242 25.16 97.83 -22.35
C PHE A 242 25.22 96.98 -23.62
N PHE A 243 24.42 95.91 -23.63
CA PHE A 243 24.29 95.03 -24.77
C PHE A 243 22.79 94.85 -25.03
N THR A 244 22.33 95.36 -26.17
CA THR A 244 20.91 95.35 -26.48
C THR A 244 20.67 94.55 -27.75
N ARG A 245 19.41 94.57 -28.18
CA ARG A 245 18.95 93.96 -29.42
C ARG A 245 19.43 94.71 -30.65
N GLY A 246 19.34 96.04 -30.63
CA GLY A 246 19.80 96.90 -31.72
C GLY A 246 21.30 96.91 -31.87
N LEU A 247 22.03 96.86 -30.75
CA LEU A 247 23.48 96.86 -30.81
C LEU A 247 24.00 95.57 -31.44
N LYS A 248 23.46 94.43 -31.06
CA LYS A 248 23.89 93.16 -31.64
C LYS A 248 23.47 93.05 -33.10
N TYR A 249 22.31 93.61 -33.43
CA TYR A 249 21.88 93.71 -34.83
C TYR A 249 22.90 94.48 -35.64
N ASN A 250 23.35 95.63 -35.11
CA ASN A 250 24.34 96.42 -35.83
C ASN A 250 25.66 95.69 -35.95
N PHE A 251 26.07 94.97 -34.91
CA PHE A 251 27.32 94.21 -34.99
C PHE A 251 27.26 93.17 -36.09
N GLU A 252 26.12 92.47 -36.20
CA GLU A 252 25.98 91.45 -37.23
C GLU A 252 25.84 92.07 -38.62
N LEU A 253 25.15 93.18 -38.72
CA LEU A 253 25.05 93.89 -40.00
C LEU A 253 26.42 94.39 -40.45
N ILE A 254 27.29 94.75 -39.51
CA ILE A 254 28.62 95.21 -39.86
C ILE A 254 29.51 94.04 -40.25
N LEU A 255 29.41 92.92 -39.54
CA LEU A 255 30.42 91.88 -39.69
C LEU A 255 30.01 90.82 -40.70
N PHE A 256 28.73 90.43 -40.71
CA PHE A 256 28.30 89.18 -41.33
C PHE A 256 27.43 89.35 -42.57
N TRP A 257 26.31 90.05 -42.49
CA TRP A 257 25.38 90.14 -43.63
C TRP A 257 25.21 91.60 -44.05
N GLY A 258 25.81 91.96 -45.17
CA GLY A 258 25.62 93.29 -45.70
C GLY A 258 26.17 93.40 -47.10
N PRO A 259 26.31 94.62 -47.59
CA PRO A 259 26.91 94.81 -48.92
C PRO A 259 28.39 94.50 -48.96
N GLY A 260 29.16 94.98 -47.98
CA GLY A 260 30.58 94.80 -47.98
C GLY A 260 31.13 94.12 -46.74
N SER A 261 30.42 93.11 -46.24
CA SER A 261 30.76 92.49 -44.98
C SER A 261 32.07 91.70 -45.08
N LEU A 262 32.35 90.96 -44.02
CA LEU A 262 33.50 90.05 -44.03
C LEU A 262 33.23 88.83 -44.89
N PHE A 263 31.95 88.48 -45.05
CA PHE A 263 31.55 87.25 -45.74
C PHE A 263 30.88 87.61 -47.06
N LEU A 264 31.17 86.83 -48.10
CA LEU A 264 30.60 87.06 -49.42
C LEU A 264 29.46 86.11 -49.75
N ASN A 265 29.50 84.89 -49.23
CA ASN A 265 28.59 83.82 -49.61
C ASN A 265 27.51 83.53 -48.58
N GLU A 266 27.77 83.80 -47.29
CA GLU A 266 27.13 83.30 -46.09
C GLU A 266 27.77 81.98 -45.62
N TRP A 267 28.67 81.40 -46.38
CA TRP A 267 29.45 80.27 -45.88
C TRP A 267 30.92 80.34 -46.24
N SER A 268 31.42 81.49 -46.69
CA SER A 268 32.80 81.62 -47.08
C SER A 268 33.28 83.03 -46.76
N LEU A 269 34.47 83.13 -46.17
CA LEU A 269 35.07 84.43 -45.86
C LEU A 269 35.73 84.97 -47.12
N LYS A 270 35.66 86.29 -47.28
CA LYS A 270 36.26 86.93 -48.43
C LYS A 270 37.76 86.62 -48.45
N ALA A 271 38.36 86.64 -49.63
CA ALA A 271 39.66 86.01 -49.81
C ALA A 271 40.78 86.79 -49.17
N GLU A 272 40.60 88.11 -49.03
CA GLU A 272 41.69 88.95 -48.53
C GLU A 272 41.86 88.79 -47.02
N TYR A 273 40.78 88.50 -46.31
CA TYR A 273 40.85 88.43 -44.86
C TYR A 273 41.64 87.23 -44.39
N LYS A 274 41.85 86.25 -45.27
CA LYS A 274 42.68 85.11 -44.90
C LYS A 274 44.16 85.42 -45.06
N ARG A 275 44.50 86.55 -45.68
CA ARG A 275 45.89 86.89 -45.94
C ARG A 275 46.48 87.67 -44.77
N GLY A 276 47.69 87.26 -44.36
CA GLY A 276 48.35 87.95 -43.25
C GLY A 276 48.70 89.38 -43.59
N GLY A 277 49.24 89.60 -44.79
CA GLY A 277 49.57 90.95 -45.20
C GLY A 277 48.32 91.81 -45.39
N GLN A 278 48.54 93.04 -45.81
CA GLN A 278 47.49 94.03 -46.06
C GLN A 278 46.48 94.13 -44.92
N ARG A 279 46.89 93.79 -43.71
CA ARG A 279 45.96 93.85 -42.58
C ARG A 279 45.60 95.30 -42.23
N LEU A 280 46.51 96.24 -42.48
CA LEU A 280 46.28 97.61 -42.06
C LEU A 280 45.28 98.31 -42.98
N GLU A 281 45.37 98.06 -44.29
CA GLU A 281 44.38 98.64 -45.20
C GLU A 281 43.01 98.03 -44.98
N LEU A 282 42.95 96.73 -44.67
CA LEU A 282 41.68 96.11 -44.33
C LEU A 282 41.10 96.69 -43.05
N ALA A 283 41.96 96.96 -42.06
CA ALA A 283 41.50 97.59 -40.84
C ALA A 283 40.95 98.98 -41.10
N GLN A 284 41.62 99.75 -41.96
CA GLN A 284 41.12 101.08 -42.29
C GLN A 284 39.78 100.99 -43.02
N ARG A 285 39.63 100.03 -43.93
CA ARG A 285 38.37 99.87 -44.64
C ARG A 285 37.25 99.48 -43.70
N LEU A 286 37.52 98.54 -42.77
CA LEU A 286 36.52 98.16 -41.79
C LEU A 286 36.15 99.33 -40.90
N SER A 287 37.14 100.13 -40.48
CA SER A 287 36.86 101.29 -39.66
C SER A 287 35.97 102.29 -40.38
N ASN A 288 36.22 102.51 -41.67
CA ASN A 288 35.37 103.43 -42.41
C ASN A 288 33.95 102.88 -42.59
N ARG A 289 33.86 101.57 -42.83
CA ARG A 289 32.55 100.92 -42.96
C ARG A 289 31.72 101.08 -41.68
N ILE A 290 32.34 100.82 -40.54
CA ILE A 290 31.63 100.94 -39.27
C ILE A 290 31.36 102.39 -38.92
N LEU A 291 32.23 103.32 -39.34
CA LEU A 291 31.93 104.73 -39.17
C LEU A 291 30.64 105.11 -39.90
N TRP A 292 30.50 104.66 -41.15
CA TRP A 292 29.33 105.09 -41.91
C TRP A 292 28.06 104.36 -41.47
N ILE A 293 28.19 103.12 -40.99
CA ILE A 293 27.04 102.45 -40.42
C ILE A 293 26.62 103.10 -39.11
N GLY A 294 27.59 103.53 -38.30
CA GLY A 294 27.25 104.30 -37.12
C GLY A 294 26.57 105.62 -37.44
N ILE A 295 26.98 106.27 -38.53
CA ILE A 295 26.36 107.54 -38.91
C ILE A 295 24.93 107.31 -39.41
N ALA A 296 24.70 106.21 -40.14
CA ALA A 296 23.34 105.85 -40.49
C ALA A 296 22.48 105.62 -39.26
N ASN A 297 23.05 104.96 -38.26
CA ASN A 297 22.35 104.79 -36.98
C ASN A 297 22.04 106.14 -36.34
N PHE A 298 23.01 107.05 -36.32
CA PHE A 298 22.79 108.34 -35.69
C PHE A 298 21.72 109.14 -36.42
N LEU A 299 21.61 108.96 -37.74
CA LEU A 299 20.59 109.68 -38.50
C LEU A 299 19.21 109.06 -38.32
N LEU A 300 19.14 107.74 -38.17
CA LEU A 300 17.89 107.04 -37.92
C LEU A 300 17.48 107.07 -36.45
N CYS A 301 18.34 107.62 -35.59
CA CYS A 301 18.01 107.73 -34.16
C CYS A 301 16.61 108.22 -33.84
N PRO A 302 16.11 109.34 -34.38
CA PRO A 302 14.77 109.80 -33.97
C PRO A 302 13.67 108.79 -34.23
N LEU A 303 13.72 108.10 -35.37
CA LEU A 303 12.64 107.21 -35.75
C LEU A 303 12.60 105.97 -34.87
N ILE A 304 13.76 105.36 -34.62
CA ILE A 304 13.81 104.20 -33.75
C ILE A 304 13.50 104.59 -32.32
N LEU A 305 13.87 105.81 -31.91
CA LEU A 305 13.47 106.27 -30.59
C LEU A 305 11.97 106.38 -30.47
N ILE A 306 11.38 106.93 -31.51
CA ILE A 306 9.95 107.08 -31.53
C ILE A 306 9.33 105.73 -31.33
N TRP A 307 9.68 104.79 -32.20
CA TRP A 307 9.03 103.51 -32.10
C TRP A 307 9.36 102.91 -30.76
N GLN A 308 10.61 103.03 -30.36
CA GLN A 308 11.01 102.49 -29.08
C GLN A 308 10.30 103.18 -27.95
N ILE A 309 10.20 104.50 -28.03
CA ILE A 309 9.50 105.24 -27.01
C ILE A 309 8.07 104.81 -27.06
N LEU A 310 7.56 104.66 -28.26
CA LEU A 310 6.17 104.34 -28.41
C LEU A 310 5.83 102.94 -28.01
N TYR A 311 6.34 101.97 -28.76
CA TYR A 311 5.94 100.61 -28.50
C TYR A 311 6.12 100.31 -27.04
N ALA A 312 7.22 100.78 -26.47
CA ALA A 312 7.46 100.43 -25.08
C ALA A 312 6.40 100.99 -24.17
N PHE A 313 6.00 102.23 -24.41
CA PHE A 313 5.09 102.82 -23.47
C PHE A 313 3.85 101.98 -23.51
N PHE A 314 3.45 101.62 -24.72
CA PHE A 314 2.25 100.85 -24.85
C PHE A 314 2.38 99.51 -24.19
N SER A 315 3.52 98.88 -24.37
CA SER A 315 3.66 97.50 -23.89
C SER A 315 3.53 97.29 -22.41
N TYR A 316 4.10 98.18 -21.63
CA TYR A 316 4.10 97.92 -20.20
C TYR A 316 3.23 98.88 -19.43
N ALA A 317 2.72 99.92 -20.08
CA ALA A 317 1.83 100.77 -19.32
C ALA A 317 0.63 99.99 -18.82
N GLU A 318 0.10 99.10 -19.66
CA GLU A 318 -0.93 98.21 -19.12
C GLU A 318 -0.42 97.42 -17.92
N VAL A 319 0.75 96.79 -18.07
CA VAL A 319 1.27 95.97 -16.96
C VAL A 319 1.51 96.82 -15.72
N LEU A 320 1.99 98.05 -15.90
CA LEU A 320 2.21 98.96 -14.78
C LEU A 320 0.94 99.23 -14.01
N LYS A 321 -0.14 99.53 -14.72
CA LYS A 321 -1.40 99.79 -14.02
C LYS A 321 -1.90 98.54 -13.31
N ARG A 322 -1.67 97.36 -13.90
CA ARG A 322 -2.13 96.15 -13.24
C ARG A 322 -1.27 95.80 -12.03
N GLU A 323 -0.03 95.40 -12.26
CA GLU A 323 0.86 94.87 -11.21
C GLU A 323 2.20 95.57 -11.30
N PRO A 324 2.39 96.68 -10.60
CA PRO A 324 3.65 97.43 -10.72
C PRO A 324 4.87 96.65 -10.30
N GLY A 325 4.70 95.50 -9.66
CA GLY A 325 5.81 94.67 -9.27
C GLY A 325 6.20 93.61 -10.26
N ALA A 326 5.50 93.51 -11.38
CA ALA A 326 5.92 92.59 -12.42
C ALA A 326 7.20 93.07 -13.09
N LEU A 327 7.41 94.39 -13.11
CA LEU A 327 8.64 94.96 -13.64
C LEU A 327 9.78 94.88 -12.67
N GLY A 328 9.53 94.45 -11.43
CA GLY A 328 10.60 94.17 -10.49
C GLY A 328 11.14 92.77 -10.59
N ALA A 329 10.45 91.89 -11.30
CA ALA A 329 10.99 90.57 -11.58
C ALA A 329 12.14 90.70 -12.56
N ARG A 330 13.00 89.70 -12.57
CA ARG A 330 14.26 89.80 -13.29
C ARG A 330 14.30 88.81 -14.46
N CYS A 331 14.97 89.20 -15.52
CA CYS A 331 15.05 88.45 -16.76
C CYS A 331 16.51 88.19 -17.10
N TRP A 332 16.74 87.31 -18.07
CA TRP A 332 18.08 86.75 -18.20
C TRP A 332 18.98 87.52 -19.15
N SER A 333 18.73 88.82 -19.40
CA SER A 333 19.86 89.69 -19.76
C SER A 333 20.62 89.35 -21.05
N LEU A 334 20.20 89.87 -22.20
CA LEU A 334 20.85 89.59 -23.48
C LEU A 334 22.36 89.41 -23.36
N TYR A 335 23.06 90.25 -22.62
CA TYR A 335 24.41 89.90 -22.17
C TYR A 335 24.28 88.94 -21.01
N GLY A 336 24.64 87.68 -21.23
CA GLY A 336 24.23 86.66 -20.27
C GLY A 336 23.55 85.52 -20.99
N ARG A 337 22.68 85.85 -21.96
CA ARG A 337 22.30 84.87 -22.96
C ARG A 337 23.46 84.56 -23.88
N CYS A 338 24.36 85.52 -24.05
CA CYS A 338 25.53 85.31 -24.91
C CYS A 338 26.74 84.88 -24.09
N TYR A 339 26.73 85.16 -22.79
CA TYR A 339 27.83 84.78 -21.92
C TYR A 339 27.70 83.35 -21.44
N LEU A 340 26.49 82.91 -21.12
CA LEU A 340 26.25 81.59 -20.55
C LEU A 340 26.02 80.53 -21.61
N ARG A 341 26.09 80.91 -22.88
CA ARG A 341 25.78 80.04 -24.00
C ARG A 341 26.96 79.20 -24.44
N HIS A 342 26.78 77.89 -24.61
CA HIS A 342 27.84 77.04 -25.14
C HIS A 342 28.02 77.35 -26.62
N PHE A 343 29.04 76.76 -27.25
CA PHE A 343 29.30 77.10 -28.63
C PHE A 343 28.20 76.65 -29.58
N ASN A 344 28.06 75.34 -29.81
CA ASN A 344 27.07 74.84 -30.77
C ASN A 344 25.78 74.48 -30.03
N GLU A 345 25.10 75.52 -29.58
CA GLU A 345 23.91 75.36 -28.75
C GLU A 345 22.74 76.06 -29.41
N LEU A 346 21.77 75.28 -29.85
CA LEU A 346 20.60 75.86 -30.47
C LEU A 346 19.82 76.64 -29.44
N GLU A 347 18.94 77.52 -29.92
CA GLU A 347 18.30 78.46 -29.01
C GLU A 347 17.48 77.76 -27.95
N HIS A 348 16.84 76.64 -28.30
CA HIS A 348 15.94 76.00 -27.35
C HIS A 348 16.71 75.30 -26.24
N GLU A 349 17.94 74.86 -26.52
CA GLU A 349 18.74 74.26 -25.47
C GLU A 349 19.23 75.31 -24.47
N LEU A 350 19.67 76.46 -24.97
CA LEU A 350 20.03 77.55 -24.09
C LEU A 350 18.84 77.97 -23.24
N GLN A 351 17.67 78.14 -23.84
CA GLN A 351 16.53 78.60 -23.05
C GLN A 351 16.05 77.55 -22.06
N SER A 352 16.16 76.27 -22.40
CA SER A 352 15.85 75.23 -21.42
C SER A 352 16.77 75.32 -20.23
N ARG A 353 18.08 75.47 -20.47
CA ARG A 353 19.03 75.66 -19.38
C ARG A 353 18.73 76.93 -18.58
N LEU A 354 18.26 77.97 -19.26
CA LEU A 354 18.10 79.27 -18.62
C LEU A 354 16.88 79.33 -17.74
N ASN A 355 15.84 78.56 -18.06
CA ASN A 355 14.67 78.58 -17.19
C ASN A 355 14.69 77.42 -16.20
N ARG A 356 15.45 76.41 -16.44
CA ARG A 356 15.61 75.40 -15.45
C ARG A 356 16.27 76.12 -14.28
N GLY A 357 17.18 77.05 -14.57
CA GLY A 357 17.92 77.74 -13.55
C GLY A 357 17.46 79.13 -13.19
N TYR A 358 16.15 79.42 -13.30
CA TYR A 358 15.65 80.76 -13.08
C TYR A 358 15.21 80.97 -11.64
N LYS A 359 14.48 80.02 -11.08
CA LYS A 359 14.01 80.16 -9.70
C LYS A 359 15.13 80.10 -8.67
N PRO A 360 16.13 79.24 -8.80
CA PRO A 360 17.31 79.39 -7.93
C PRO A 360 17.90 80.78 -7.97
N ALA A 361 17.95 81.39 -9.15
CA ALA A 361 18.57 82.69 -9.29
C ALA A 361 17.72 83.78 -8.65
N SER A 362 16.40 83.65 -8.72
CA SER A 362 15.55 84.61 -8.02
C SER A 362 15.64 84.46 -6.50
N LYS A 363 15.76 83.22 -6.03
CA LYS A 363 15.99 82.99 -4.61
C LYS A 363 17.31 83.59 -4.16
N TYR A 364 18.33 83.55 -5.01
CA TYR A 364 19.59 84.20 -4.68
C TYR A 364 19.43 85.71 -4.63
N MET A 365 18.84 86.30 -5.67
CA MET A 365 18.79 87.75 -5.73
C MET A 365 17.95 88.32 -4.61
N ASN A 366 16.97 87.56 -4.10
CA ASN A 366 16.13 88.11 -3.04
C ASN A 366 16.69 87.84 -1.65
N CYS A 367 17.75 87.05 -1.53
CA CYS A 367 18.28 86.63 -0.22
C CYS A 367 19.07 87.64 0.59
N PHE A 368 19.48 88.71 -0.03
CA PHE A 368 20.24 89.71 0.66
C PHE A 368 19.33 90.92 0.79
N LEU A 369 19.13 91.41 2.02
CA LEU A 369 18.28 92.59 2.25
C LEU A 369 18.93 93.53 3.25
N SER A 370 18.65 94.83 3.16
CA SER A 370 19.31 95.71 4.08
C SER A 370 18.77 95.53 5.46
N PRO A 371 19.69 95.36 6.42
CA PRO A 371 19.24 95.28 7.80
C PRO A 371 18.63 96.58 8.15
N LEU A 372 19.27 97.65 7.71
CA LEU A 372 18.80 98.96 8.09
C LEU A 372 17.41 99.11 7.59
N LEU A 373 17.26 98.87 6.31
CA LEU A 373 15.89 98.91 5.81
C LEU A 373 14.97 98.03 6.63
N THR A 374 15.47 96.88 7.09
CA THR A 374 14.67 96.00 7.94
C THR A 374 14.31 96.69 9.25
N LEU A 375 15.27 97.38 9.87
CA LEU A 375 15.01 98.08 11.12
C LEU A 375 14.07 99.25 10.92
N LEU A 376 14.27 100.02 9.85
CA LEU A 376 13.36 101.11 9.54
C LEU A 376 11.95 100.60 9.30
N ALA A 377 11.82 99.45 8.63
CA ALA A 377 10.52 98.85 8.38
C ALA A 377 9.86 98.45 9.69
N LYS A 378 10.58 97.72 10.55
CA LYS A 378 10.04 97.30 11.83
C LYS A 378 9.52 98.48 12.63
N ASN A 379 10.31 99.54 12.72
CA ASN A 379 9.93 100.62 13.62
C ASN A 379 8.88 101.53 13.01
N GLY A 380 8.92 101.74 11.68
CA GLY A 380 7.82 102.45 11.05
C GLY A 380 6.51 101.70 11.16
N ALA A 381 6.56 100.37 11.05
CA ALA A 381 5.38 99.56 11.31
C ALA A 381 4.89 99.73 12.74
N PHE A 382 5.80 99.74 13.71
CA PHE A 382 5.36 99.94 15.09
C PHE A 382 4.62 101.26 15.26
N PHE A 383 5.24 102.37 14.83
CA PHE A 383 4.65 103.68 15.11
C PHE A 383 3.36 103.87 14.33
N ALA A 384 3.32 103.42 13.07
CA ALA A 384 2.11 103.55 12.26
C ALA A 384 1.00 102.66 12.79
N GLY A 385 1.31 101.40 13.14
CA GLY A 385 0.30 100.53 13.69
C GLY A 385 -0.22 100.99 15.03
N SER A 386 0.63 101.70 15.79
CA SER A 386 0.16 102.26 17.06
C SER A 386 -0.84 103.37 16.83
N ILE A 387 -0.51 104.34 15.98
CA ILE A 387 -1.46 105.43 15.74
C ILE A 387 -2.73 104.88 15.10
N LEU A 388 -2.60 103.89 14.23
CA LEU A 388 -3.77 103.32 13.58
C LEU A 388 -4.62 102.52 14.55
N ALA A 389 -4.00 101.79 15.48
CA ALA A 389 -4.75 101.06 16.48
C ALA A 389 -5.56 102.00 17.35
N VAL A 390 -4.96 103.14 17.73
CA VAL A 390 -5.72 104.13 18.49
C VAL A 390 -6.90 104.65 17.67
N LEU A 391 -6.66 105.02 16.42
CA LEU A 391 -7.73 105.60 15.61
C LEU A 391 -8.81 104.58 15.28
N ILE A 392 -8.42 103.31 15.15
CA ILE A 392 -9.36 102.22 14.90
C ILE A 392 -10.21 101.94 16.12
N ALA A 393 -9.58 101.93 17.31
CA ALA A 393 -10.36 101.75 18.52
C ALA A 393 -11.36 102.88 18.71
N LEU A 394 -10.97 104.09 18.33
CA LEU A 394 -11.94 105.19 18.41
C LEU A 394 -13.08 105.02 17.41
N THR A 395 -12.77 104.70 16.16
CA THR A 395 -13.85 104.59 15.16
C THR A 395 -14.75 103.40 15.46
N ILE A 396 -14.23 102.38 16.13
CA ILE A 396 -15.06 101.26 16.57
C ILE A 396 -15.93 101.67 17.74
N TYR A 397 -15.37 102.46 18.66
CA TYR A 397 -16.10 102.83 19.87
C TYR A 397 -17.35 103.65 19.54
N ASP A 398 -17.20 104.74 18.81
CA ASP A 398 -18.30 105.67 18.63
C ASP A 398 -18.86 105.72 17.21
N GLU A 399 -18.05 105.38 16.21
CA GLU A 399 -18.35 105.33 14.77
C GLU A 399 -18.49 106.73 14.17
N ASP A 400 -18.52 107.78 14.98
CA ASP A 400 -18.48 109.15 14.47
C ASP A 400 -17.10 109.76 14.58
N VAL A 401 -16.11 108.90 14.77
CA VAL A 401 -14.74 109.35 14.70
C VAL A 401 -14.42 108.80 13.32
N LEU A 402 -15.25 107.88 12.83
CA LEU A 402 -15.08 107.30 11.50
C LEU A 402 -15.39 108.29 10.40
N ALA A 403 -14.65 108.20 9.30
CA ALA A 403 -14.92 109.06 8.18
C ALA A 403 -14.80 110.45 8.67
N VAL A 404 -13.86 110.67 9.56
CA VAL A 404 -13.63 112.01 9.97
C VAL A 404 -13.17 112.40 8.63
N GLU A 405 -13.46 113.60 8.23
CA GLU A 405 -13.19 113.89 6.88
C GLU A 405 -11.72 113.66 6.76
N HIS A 406 -10.97 113.97 7.79
CA HIS A 406 -9.57 113.67 7.67
C HIS A 406 -9.21 112.24 8.02
N VAL A 407 -9.81 111.70 9.06
CA VAL A 407 -9.36 110.38 9.54
C VAL A 407 -9.52 109.20 8.62
N LEU A 408 -10.62 109.13 7.90
CA LEU A 408 -10.82 107.94 7.15
C LEU A 408 -9.69 107.82 6.17
N THR A 409 -9.30 108.93 5.56
CA THR A 409 -8.25 108.87 4.57
C THR A 409 -6.94 108.41 5.16
N THR A 410 -6.63 108.91 6.35
CA THR A 410 -5.35 108.58 6.94
C THR A 410 -5.36 107.14 7.29
N VAL A 411 -6.50 106.68 7.77
CA VAL A 411 -6.53 105.32 8.22
C VAL A 411 -6.08 104.46 7.09
N THR A 412 -6.57 104.77 5.90
CA THR A 412 -6.10 104.03 4.76
C THR A 412 -4.64 104.24 4.53
N LEU A 413 -4.20 105.47 4.68
CA LEU A 413 -2.82 105.77 4.38
C LEU A 413 -2.01 104.98 5.33
N LEU A 414 -2.25 105.24 6.60
CA LEU A 414 -1.55 104.46 7.61
C LEU A 414 -1.64 102.98 7.31
N GLY A 415 -2.78 102.52 6.78
CA GLY A 415 -2.86 101.13 6.36
C GLY A 415 -1.89 100.81 5.25
N VAL A 416 -1.77 101.70 4.26
CA VAL A 416 -0.78 101.49 3.21
C VAL A 416 0.63 101.46 3.79
N THR A 417 0.93 102.36 4.72
CA THR A 417 2.25 102.39 5.33
C THR A 417 2.57 101.10 6.07
N VAL A 418 1.63 100.62 6.90
CA VAL A 418 1.84 99.38 7.62
C VAL A 418 2.04 98.22 6.65
N THR A 419 1.27 98.19 5.55
CA THR A 419 1.39 97.08 4.61
C THR A 419 2.75 97.10 3.90
N VAL A 420 3.20 98.29 3.49
CA VAL A 420 4.51 98.40 2.85
C VAL A 420 5.61 97.96 3.81
N CYS A 421 5.58 98.45 5.05
CA CYS A 421 6.60 98.07 6.02
C CYS A 421 6.57 96.57 6.28
N ARG A 422 5.39 95.99 6.50
CA ARG A 422 5.29 94.56 6.73
C ARG A 422 5.79 93.77 5.54
N SER A 423 5.69 94.33 4.34
CA SER A 423 6.29 93.65 3.19
C SER A 423 7.81 93.75 3.22
N PHE A 424 8.34 94.83 3.79
CA PHE A 424 9.79 94.95 3.87
C PHE A 424 10.35 94.21 5.08
N ILE A 425 9.54 94.03 6.11
CA ILE A 425 9.97 93.21 7.26
C ILE A 425 10.23 91.79 6.79
N PRO A 426 11.43 91.25 6.94
CA PRO A 426 11.65 89.86 6.57
C PRO A 426 10.78 88.94 7.40
N ASP A 427 10.50 87.76 6.84
CA ASP A 427 9.79 86.75 7.61
C ASP A 427 10.87 85.71 7.90
N GLN A 428 10.55 84.67 8.65
CA GLN A 428 11.60 83.74 9.04
C GLN A 428 12.28 82.96 7.89
N HIS A 429 13.59 82.77 7.97
CA HIS A 429 14.35 81.98 6.97
C HIS A 429 14.71 82.69 5.69
N MET A 430 15.34 81.98 4.76
CA MET A 430 15.68 82.54 3.44
C MET A 430 16.84 83.51 3.52
N VAL A 431 17.53 83.50 4.64
CA VAL A 431 18.62 84.46 4.85
C VAL A 431 19.96 83.91 4.44
N PHE A 432 20.00 82.69 3.92
CA PHE A 432 21.30 82.07 3.66
C PHE A 432 22.27 82.75 2.69
N CYS A 433 21.84 83.22 1.51
CA CYS A 433 22.82 83.78 0.59
C CYS A 433 23.81 82.65 0.49
N PRO A 434 23.32 81.42 0.39
CA PRO A 434 24.19 80.25 0.47
C PRO A 434 25.12 79.91 -0.62
N GLU A 435 26.16 79.20 -0.25
CA GLU A 435 27.06 78.70 -1.25
C GLU A 435 26.12 77.81 -1.99
N GLN A 436 25.23 77.14 -1.26
CA GLN A 436 24.32 76.21 -1.88
C GLN A 436 23.37 76.81 -2.92
N LEU A 437 22.80 77.99 -2.70
CA LEU A 437 21.93 78.52 -3.75
C LEU A 437 22.75 78.75 -5.00
N LEU A 438 23.94 79.28 -4.85
CA LEU A 438 24.80 79.41 -6.00
C LEU A 438 25.11 78.02 -6.51
N ARG A 439 25.34 77.07 -5.61
CA ARG A 439 25.74 75.74 -6.03
C ARG A 439 24.67 75.04 -6.84
N VAL A 440 23.49 75.61 -6.92
CA VAL A 440 22.47 75.03 -7.80
C VAL A 440 22.28 75.89 -9.05
N ILE A 441 22.39 77.22 -8.91
CA ILE A 441 22.32 78.08 -10.08
C ILE A 441 23.43 77.72 -11.06
N LEU A 442 24.63 77.47 -10.54
CA LEU A 442 25.73 77.03 -11.39
C LEU A 442 25.44 75.69 -12.03
N ALA A 443 24.87 74.76 -11.26
CA ALA A 443 24.57 73.44 -11.81
C ALA A 443 23.63 73.55 -13.00
N HIS A 444 22.84 74.60 -13.02
CA HIS A 444 22.01 74.83 -14.19
C HIS A 444 22.87 75.42 -15.31
N ILE A 445 23.25 76.69 -15.19
CA ILE A 445 24.04 77.37 -16.22
C ILE A 445 25.42 76.80 -16.49
N HIS A 446 26.16 76.43 -15.46
CA HIS A 446 27.50 75.80 -15.57
C HIS A 446 28.67 76.76 -15.77
N TYR A 447 28.45 78.06 -15.81
CA TYR A 447 29.57 79.01 -15.87
C TYR A 447 29.45 80.07 -14.80
N MET A 448 30.49 80.35 -14.03
CA MET A 448 30.42 81.49 -13.11
C MET A 448 31.78 82.16 -13.03
N PRO A 449 31.81 83.45 -12.73
CA PRO A 449 33.12 84.05 -12.56
C PRO A 449 33.89 83.25 -11.53
N ASP A 450 35.21 83.11 -11.66
CA ASP A 450 35.88 82.24 -10.71
C ASP A 450 35.95 82.86 -9.31
N HIS A 451 35.85 84.18 -9.22
CA HIS A 451 35.84 84.83 -7.92
C HIS A 451 34.45 84.90 -7.32
N TRP A 452 33.55 84.02 -7.74
CA TRP A 452 32.21 83.97 -7.16
C TRP A 452 32.09 82.83 -6.16
N GLN A 453 32.75 81.72 -6.45
CA GLN A 453 32.56 80.49 -5.68
C GLN A 453 32.87 80.59 -4.21
N GLY A 454 33.84 81.41 -3.89
CA GLY A 454 34.17 81.58 -2.48
C GLY A 454 33.24 82.55 -1.77
N ASN A 455 33.18 83.78 -2.28
CA ASN A 455 32.42 84.85 -1.65
C ASN A 455 31.08 85.03 -2.35
N ALA A 456 30.17 84.11 -2.05
CA ALA A 456 28.85 84.13 -2.66
C ALA A 456 27.95 85.20 -2.06
N HIS A 457 28.35 85.72 -0.90
CA HIS A 457 27.50 86.56 -0.07
C HIS A 457 27.85 88.04 -0.12
N ARG A 458 28.84 88.43 -0.91
CA ARG A 458 29.32 89.80 -0.90
C ARG A 458 28.57 90.66 -1.90
N SER A 459 28.87 91.96 -1.86
CA SER A 459 28.23 92.89 -2.80
C SER A 459 28.91 92.85 -4.15
N GLN A 460 30.17 92.42 -4.19
CA GLN A 460 30.84 92.23 -5.46
C GLN A 460 30.18 91.13 -6.26
N THR A 461 29.81 90.02 -5.60
CA THR A 461 29.18 88.90 -6.30
C THR A 461 27.75 89.23 -6.72
N ARG A 462 27.00 89.82 -5.84
CA ARG A 462 25.67 90.17 -6.19
C ARG A 462 25.65 91.20 -7.29
N ASP A 463 26.61 92.12 -7.30
CA ASP A 463 26.59 93.26 -8.22
C ASP A 463 26.87 92.83 -9.64
N GLU A 464 27.73 91.85 -9.82
CA GLU A 464 28.01 91.34 -11.16
C GLU A 464 27.27 90.04 -11.45
N PHE A 465 26.41 89.58 -10.57
CA PHE A 465 25.56 88.46 -10.90
C PHE A 465 24.37 89.26 -11.24
N ALA A 466 24.31 90.47 -10.71
CA ALA A 466 23.20 91.32 -10.97
C ALA A 466 23.17 91.62 -12.43
N GLN A 467 24.33 91.85 -13.02
CA GLN A 467 24.33 92.20 -14.41
C GLN A 467 23.76 91.05 -15.23
N LEU A 468 24.06 89.81 -14.89
CA LEU A 468 23.46 88.68 -15.59
C LEU A 468 21.96 88.56 -15.31
N PHE A 469 21.53 88.84 -14.09
CA PHE A 469 20.13 88.64 -13.75
C PHE A 469 19.19 89.71 -14.31
N GLN A 470 19.68 90.87 -14.70
CA GLN A 470 18.79 91.78 -15.47
C GLN A 470 17.37 92.19 -15.06
N TYR A 471 17.13 92.81 -13.93
CA TYR A 471 15.74 93.07 -13.60
C TYR A 471 15.17 93.85 -14.73
N LYS A 472 13.94 93.53 -15.10
CA LYS A 472 13.37 94.06 -16.32
C LYS A 472 13.22 95.54 -16.46
N ALA A 473 12.82 96.23 -15.42
CA ALA A 473 12.63 97.63 -15.62
C ALA A 473 13.83 98.13 -16.38
N VAL A 474 15.00 97.61 -16.05
CA VAL A 474 16.19 98.16 -16.66
C VAL A 474 16.18 97.73 -18.12
N PHE A 475 15.81 96.48 -18.40
CA PHE A 475 15.74 96.03 -19.77
C PHE A 475 14.93 97.07 -20.49
N ILE A 476 13.71 97.28 -20.03
CA ILE A 476 12.90 98.20 -20.82
C ILE A 476 13.57 99.56 -20.94
N LEU A 477 14.22 100.04 -19.89
CA LEU A 477 14.98 101.29 -19.95
C LEU A 477 16.16 101.17 -20.91
N GLU A 478 16.83 100.03 -20.88
CA GLU A 478 18.03 99.84 -21.68
C GLU A 478 17.70 99.62 -23.14
N GLU A 479 16.48 99.14 -23.42
CA GLU A 479 16.04 99.05 -24.81
C GLU A 479 15.52 100.39 -25.31
N LEU A 480 15.07 101.25 -24.40
CA LEU A 480 14.70 102.61 -24.78
C LEU A 480 15.93 103.45 -25.09
N LEU A 481 16.99 103.27 -24.32
CA LEU A 481 18.19 104.10 -24.49
C LEU A 481 19.04 103.68 -25.67
N SER A 482 18.77 102.53 -26.29
CA SER A 482 19.66 102.04 -27.32
C SER A 482 19.61 102.85 -28.62
N PRO A 483 18.47 103.36 -29.08
CA PRO A 483 18.51 104.28 -30.22
C PRO A 483 19.49 105.43 -30.08
N ILE A 484 19.57 106.06 -28.90
CA ILE A 484 20.44 107.21 -28.70
C ILE A 484 21.86 106.83 -28.26
N VAL A 485 22.06 105.61 -27.78
CA VAL A 485 23.37 105.19 -27.29
C VAL A 485 24.15 104.35 -28.29
N THR A 486 23.48 103.58 -29.14
CA THR A 486 24.14 102.67 -30.07
C THR A 486 25.01 103.38 -31.11
N PRO A 487 24.59 104.48 -31.72
CA PRO A 487 25.50 105.16 -32.65
C PRO A 487 26.79 105.63 -32.01
N LEU A 488 26.76 106.15 -30.79
CA LEU A 488 28.00 106.71 -30.23
C LEU A 488 28.95 105.62 -29.77
N ILE A 489 28.44 104.54 -29.18
CA ILE A 489 29.31 103.40 -28.93
C ILE A 489 29.85 102.85 -30.24
N LEU A 490 29.02 102.78 -31.28
CA LEU A 490 29.44 102.21 -32.54
C LEU A 490 30.52 103.06 -33.21
N ILE A 491 30.44 104.39 -33.05
CA ILE A 491 31.42 105.27 -33.68
C ILE A 491 32.70 105.34 -32.87
N PHE A 492 32.60 105.37 -31.55
CA PHE A 492 33.74 105.70 -30.70
C PHE A 492 34.43 104.48 -30.10
N CYS A 493 33.66 103.49 -29.64
CA CYS A 493 34.25 102.42 -28.83
C CYS A 493 34.62 101.21 -29.67
N LEU A 494 34.04 101.07 -30.87
CA LEU A 494 34.31 99.87 -31.66
C LEU A 494 35.31 100.15 -32.77
N ARG A 495 35.28 101.34 -33.36
CA ARG A 495 36.22 101.67 -34.43
C ARG A 495 37.68 101.52 -34.01
N PRO A 496 38.09 101.82 -32.77
CA PRO A 496 39.45 101.48 -32.37
C PRO A 496 39.73 99.99 -32.33
N ARG A 497 38.71 99.16 -32.23
CA ARG A 497 38.99 97.75 -32.15
C ARG A 497 39.04 97.05 -33.50
N ALA A 498 38.91 97.79 -34.59
CA ALA A 498 38.78 97.18 -35.91
C ALA A 498 40.01 96.37 -36.27
N LEU A 499 41.18 96.81 -35.85
CA LEU A 499 42.40 96.07 -36.17
C LEU A 499 42.49 94.78 -35.37
N GLU A 500 41.83 94.73 -34.22
CA GLU A 500 41.77 93.47 -33.48
C GLU A 500 40.69 92.56 -34.02
N ILE A 501 39.61 93.14 -34.54
CA ILE A 501 38.55 92.36 -35.16
C ILE A 501 39.07 91.67 -36.41
N ILE A 502 39.83 92.40 -37.24
CA ILE A 502 40.42 91.82 -38.43
C ILE A 502 41.33 90.66 -38.05
N ASP A 503 42.12 90.81 -37.00
CA ASP A 503 43.05 89.75 -36.61
C ASP A 503 42.31 88.56 -36.01
N PHE A 504 41.17 88.81 -35.35
CA PHE A 504 40.34 87.70 -34.90
C PHE A 504 39.85 86.89 -36.09
N PHE A 505 39.24 87.56 -37.06
CA PHE A 505 38.63 86.84 -38.17
C PHE A 505 39.66 86.19 -39.06
N ARG A 506 40.88 86.73 -39.11
CA ARG A 506 41.94 86.07 -39.85
C ARG A 506 42.48 84.86 -39.08
N ASN A 507 42.62 85.00 -37.76
CA ASN A 507 43.26 83.96 -36.96
C ASN A 507 42.29 82.83 -36.63
N PHE A 508 41.07 83.17 -36.25
CA PHE A 508 40.09 82.17 -35.83
C PHE A 508 39.00 82.07 -36.90
N THR A 509 39.31 81.34 -37.96
CA THR A 509 38.34 80.97 -38.98
C THR A 509 38.88 79.75 -39.72
N VAL A 510 38.34 78.58 -39.42
CA VAL A 510 38.79 77.34 -40.02
C VAL A 510 37.88 76.99 -41.19
N GLU A 511 38.46 76.36 -42.20
CA GLU A 511 37.70 75.84 -43.34
C GLU A 511 37.49 74.35 -43.14
N VAL A 512 36.27 73.97 -42.76
CA VAL A 512 35.89 72.57 -42.56
C VAL A 512 35.25 72.07 -43.86
N VAL A 513 35.55 70.82 -44.22
CA VAL A 513 35.42 70.38 -45.62
C VAL A 513 33.99 70.48 -46.10
N GLY A 514 33.02 70.12 -45.26
CA GLY A 514 31.64 70.07 -45.74
C GLY A 514 30.91 71.38 -45.54
N VAL A 515 31.25 72.12 -44.48
CA VAL A 515 30.45 73.26 -44.05
C VAL A 515 30.98 74.60 -44.57
N GLY A 516 32.26 74.69 -44.88
CA GLY A 516 32.82 75.96 -45.29
C GLY A 516 33.66 76.63 -44.22
N ASP A 517 33.44 77.92 -44.00
CA ASP A 517 34.24 78.72 -43.07
C ASP A 517 33.48 78.89 -41.76
N THR A 518 33.97 78.24 -40.70
CA THR A 518 33.33 78.30 -39.40
C THR A 518 34.33 78.84 -38.39
N CYS A 519 33.81 79.29 -37.25
CA CYS A 519 34.66 79.75 -36.16
C CYS A 519 35.62 78.65 -35.73
N SER A 520 36.76 79.05 -35.19
CA SER A 520 37.77 78.06 -34.84
C SER A 520 37.46 77.42 -33.50
N PHE A 521 36.77 78.14 -32.62
CA PHE A 521 36.42 77.59 -31.31
C PHE A 521 35.28 76.60 -31.40
N ALA A 522 34.28 76.87 -32.23
CA ALA A 522 33.10 76.04 -32.33
C ALA A 522 33.40 74.63 -32.83
N GLN A 523 34.62 74.35 -33.24
CA GLN A 523 35.01 72.97 -33.51
C GLN A 523 35.03 72.14 -32.23
N PRO B 36 41.58 98.83 21.86
CA PRO B 36 42.21 97.51 21.87
C PRO B 36 43.43 97.52 22.76
N TRP B 37 43.38 98.31 23.82
CA TRP B 37 44.48 98.34 24.75
C TRP B 37 44.63 96.98 25.40
N HIS B 38 45.88 96.55 25.56
CA HIS B 38 46.16 95.24 26.13
C HIS B 38 45.65 95.07 27.54
N HIS B 39 44.80 94.06 27.72
CA HIS B 39 44.29 93.77 29.05
C HIS B 39 43.62 95.05 29.52
N ILE B 40 42.96 95.74 28.60
CA ILE B 40 42.33 97.01 28.93
C ILE B 40 41.01 96.77 29.61
N GLU B 41 40.73 95.51 29.89
CA GLU B 41 39.45 95.18 30.51
C GLU B 41 39.27 93.70 30.76
N ASN B 42 38.32 93.37 31.62
CA ASN B 42 38.01 91.98 31.81
C ASN B 42 37.55 91.46 30.46
N LEU B 43 37.80 90.20 30.17
CA LEU B 43 37.46 89.68 28.87
C LEU B 43 35.98 89.70 28.51
N ASP B 44 35.10 89.36 29.42
CA ASP B 44 33.68 89.24 29.09
C ASP B 44 32.92 90.51 28.64
N LEU B 45 33.15 91.65 29.26
CA LEU B 45 32.40 92.85 28.89
C LEU B 45 32.92 93.38 27.59
N PHE B 46 34.01 92.83 27.12
CA PHE B 46 34.60 93.22 25.85
C PHE B 46 34.15 92.28 24.77
N PHE B 47 34.25 90.99 25.02
CA PHE B 47 33.86 89.97 24.06
C PHE B 47 32.37 90.00 23.79
N SER B 48 31.57 90.23 24.82
CA SER B 48 30.16 90.28 24.63
C SER B 48 29.79 91.40 23.73
N ARG B 49 30.41 92.56 23.91
CA ARG B 49 30.18 93.75 23.11
C ARG B 49 30.61 93.50 21.69
N VAL B 50 31.72 92.81 21.51
CA VAL B 50 32.19 92.50 20.17
C VAL B 50 31.14 91.65 19.47
N TYR B 51 30.63 90.64 20.17
CA TYR B 51 29.61 89.77 19.60
C TYR B 51 28.34 90.52 19.29
N ASN B 52 27.94 91.41 20.17
CA ASN B 52 26.74 92.19 19.92
C ASN B 52 26.90 93.09 18.72
N LEU B 53 28.08 93.67 18.55
CA LEU B 53 28.36 94.52 17.40
C LEU B 53 28.30 93.68 16.15
N HIS B 54 28.79 92.45 16.17
CA HIS B 54 28.61 91.63 14.99
C HIS B 54 27.14 91.36 14.73
N GLN B 55 26.35 91.07 15.76
CA GLN B 55 24.92 90.75 15.57
C GLN B 55 24.05 91.86 15.00
N LYS B 56 24.04 93.02 15.63
CA LYS B 56 23.39 94.23 15.15
C LYS B 56 24.35 94.80 14.12
N ASN B 57 24.09 94.56 12.84
CA ASN B 57 25.18 94.48 11.87
C ASN B 57 25.86 95.84 11.75
N GLY B 58 26.84 96.07 12.61
CA GLY B 58 27.58 97.31 12.57
C GLY B 58 27.21 98.38 13.58
N PHE B 59 28.16 99.26 13.82
CA PHE B 59 27.98 100.32 14.79
C PHE B 59 26.83 101.21 14.44
N THR B 60 26.72 101.64 13.20
CA THR B 60 25.64 102.54 12.86
C THR B 60 24.29 101.91 13.06
N CYS B 61 24.17 100.66 12.64
CA CYS B 61 22.90 99.96 12.77
C CYS B 61 22.54 99.81 14.20
N MET B 62 23.52 99.42 15.01
CA MET B 62 23.28 99.21 16.40
C MET B 62 22.87 100.49 17.11
N LEU B 63 23.52 101.60 16.75
CA LEU B 63 23.22 102.86 17.37
C LEU B 63 21.80 103.24 17.03
N ILE B 64 21.41 103.07 15.77
CA ILE B 64 20.07 103.39 15.37
C ILE B 64 19.05 102.52 16.07
N GLY B 65 19.37 101.23 16.23
CA GLY B 65 18.45 100.33 16.87
C GLY B 65 18.21 100.76 18.29
N GLU B 66 19.28 101.12 19.00
CA GLU B 66 19.12 101.56 20.38
C GLU B 66 18.32 102.85 20.46
N ILE B 67 18.56 103.75 19.53
CA ILE B 67 17.81 105.00 19.54
C ILE B 67 16.33 104.74 19.31
N PHE B 68 16.01 103.81 18.42
CA PHE B 68 14.62 103.43 18.14
C PHE B 68 13.98 102.80 19.36
N GLU B 69 14.75 102.01 20.09
CA GLU B 69 14.30 101.38 21.33
C GLU B 69 13.98 102.43 22.37
N LEU B 70 14.76 103.50 22.42
CA LEU B 70 14.50 104.58 23.37
C LEU B 70 13.28 105.44 23.00
N MET B 71 13.05 105.59 21.70
CA MET B 71 11.96 106.38 21.16
C MET B 71 10.63 105.66 21.23
N GLN B 72 10.67 104.34 21.22
CA GLN B 72 9.45 103.56 21.40
C GLN B 72 8.91 103.70 22.81
N PHE B 73 9.79 103.56 23.82
CA PHE B 73 9.36 103.79 25.20
C PHE B 73 8.76 105.18 25.36
N LEU B 74 9.50 106.21 24.93
CA LEU B 74 9.03 107.58 25.10
C LEU B 74 7.74 107.83 24.34
N PHE B 75 7.56 107.17 23.19
CA PHE B 75 6.36 107.37 22.39
C PHE B 75 5.15 106.72 23.04
N VAL B 76 5.31 105.48 23.52
CA VAL B 76 4.22 104.82 24.24
C VAL B 76 3.77 105.70 25.40
N VAL B 77 4.72 106.16 26.22
CA VAL B 77 4.35 106.92 27.42
C VAL B 77 3.73 108.26 27.05
N ALA B 78 4.31 108.99 26.09
CA ALA B 78 3.81 110.31 25.75
C ALA B 78 2.50 110.25 25.00
N PHE B 79 2.36 109.31 24.06
CA PHE B 79 1.09 109.11 23.37
C PHE B 79 0.00 108.74 24.34
N THR B 80 0.30 107.88 25.31
CA THR B 80 -0.70 107.48 26.29
C THR B 80 -1.13 108.65 27.16
N THR B 81 -0.17 109.43 27.65
CA THR B 81 -0.50 110.58 28.50
C THR B 81 -1.16 111.70 27.74
N PHE B 82 -0.96 111.75 26.42
CA PHE B 82 -1.67 112.71 25.57
C PHE B 82 -3.11 112.27 25.35
N LEU B 83 -3.32 110.98 25.10
CA LEU B 83 -4.67 110.44 24.93
C LEU B 83 -5.47 110.57 26.22
N VAL B 84 -4.84 110.30 27.36
CA VAL B 84 -5.55 110.39 28.63
C VAL B 84 -5.91 111.84 28.94
N SER B 85 -4.97 112.77 28.73
CA SER B 85 -5.02 114.06 29.41
C SER B 85 -5.38 115.25 28.54
N CYS B 86 -5.02 115.26 27.26
CA CYS B 86 -5.13 116.46 26.43
C CYS B 86 -6.27 116.44 25.45
N VAL B 87 -6.85 115.28 25.15
CA VAL B 87 -7.85 115.14 24.10
C VAL B 87 -9.22 115.28 24.71
N ASP B 88 -10.09 116.02 24.03
CA ASP B 88 -11.48 116.21 24.46
C ASP B 88 -12.33 115.26 23.64
N TYR B 89 -12.52 114.07 24.19
CA TYR B 89 -13.27 113.03 23.54
C TYR B 89 -14.69 113.41 23.25
N ASP B 90 -15.34 114.20 24.10
CA ASP B 90 -16.73 114.53 23.82
C ASP B 90 -16.88 115.28 22.50
N ILE B 91 -16.06 116.30 22.27
CA ILE B 91 -16.13 117.05 21.02
C ILE B 91 -15.74 116.17 19.83
N LEU B 92 -14.77 115.29 20.04
CA LEU B 92 -14.32 114.39 19.00
C LEU B 92 -15.44 113.44 18.57
N PHE B 93 -16.21 112.96 19.53
CA PHE B 93 -17.25 111.99 19.20
C PHE B 93 -18.53 112.60 18.65
N ALA B 94 -19.15 113.47 19.41
CA ALA B 94 -20.40 114.08 18.96
C ALA B 94 -20.40 115.60 19.09
N ASN B 95 -20.24 116.09 20.32
CA ASN B 95 -20.52 117.49 20.64
C ASN B 95 -19.46 118.46 20.16
N LYS B 109 -18.42 120.70 10.02
CA LYS B 109 -17.22 119.92 9.77
C LYS B 109 -16.20 120.20 10.86
N VAL B 110 -15.76 119.15 11.55
CA VAL B 110 -14.79 119.34 12.62
C VAL B 110 -13.41 118.81 12.27
N THR B 111 -12.43 119.70 12.34
CA THR B 111 -11.04 119.38 12.06
C THR B 111 -10.47 118.59 13.24
N LEU B 112 -9.45 117.79 12.99
CA LEU B 112 -8.87 117.01 14.06
C LEU B 112 -8.42 117.86 15.24
N PRO B 113 -7.60 118.90 14.99
CA PRO B 113 -7.14 119.63 16.17
C PRO B 113 -8.24 120.41 16.90
N ASP B 114 -9.49 120.27 16.49
CA ASP B 114 -10.58 120.85 17.29
C ASP B 114 -10.74 120.10 18.59
N ALA B 115 -10.22 118.87 18.66
CA ALA B 115 -10.35 118.10 19.89
C ALA B 115 -9.32 118.51 20.93
N PHE B 116 -8.06 118.53 20.52
CA PHE B 116 -6.95 118.85 21.42
C PHE B 116 -7.10 120.16 22.17
N LEU B 117 -6.64 120.15 23.41
CA LEU B 117 -6.66 121.33 24.26
C LEU B 117 -5.30 121.97 24.14
N PRO B 118 -5.24 123.29 24.31
CA PRO B 118 -3.99 124.04 24.19
C PRO B 118 -3.03 123.62 25.28
N ALA B 119 -1.73 123.67 25.01
CA ALA B 119 -0.72 123.22 25.97
C ALA B 119 -0.78 123.98 27.29
N GLN B 120 -1.04 125.28 27.25
CA GLN B 120 -1.14 126.07 28.46
C GLN B 120 -2.20 125.45 29.38
N VAL B 121 -3.10 124.64 28.82
CA VAL B 121 -4.11 123.96 29.62
C VAL B 121 -3.80 122.48 29.79
N CYS B 122 -3.12 121.87 28.81
CA CYS B 122 -2.73 120.48 28.96
C CYS B 122 -1.76 120.30 30.13
N SER B 123 -0.83 121.23 30.30
CA SER B 123 0.12 121.12 31.41
C SER B 123 -0.60 121.15 32.75
N ALA B 124 -1.55 122.06 32.91
CA ALA B 124 -2.30 122.13 34.17
C ALA B 124 -3.20 120.91 34.35
N ARG B 125 -3.75 120.38 33.25
CA ARG B 125 -4.66 119.25 33.37
C ARG B 125 -3.92 117.94 33.65
N ILE B 126 -2.67 117.84 33.20
CA ILE B 126 -1.85 116.67 33.51
C ILE B 126 -1.14 116.82 34.85
N GLN B 127 -0.91 118.05 35.30
CA GLN B 127 -0.22 118.27 36.56
C GLN B 127 -1.13 118.05 37.76
N GLU B 128 -2.41 118.37 37.65
CA GLU B 128 -3.37 118.10 38.72
C GLU B 128 -3.87 116.66 38.66
N ASN B 129 -2.94 115.71 38.59
CA ASN B 129 -3.23 114.28 38.63
C ASN B 129 -2.11 113.61 39.39
N GLY B 130 -2.30 113.41 40.70
CA GLY B 130 -1.23 112.85 41.51
C GLY B 130 -0.80 111.48 41.04
N SER B 131 -1.76 110.63 40.69
CA SER B 131 -1.43 109.31 40.19
C SER B 131 -0.68 109.40 38.86
N LEU B 132 -1.17 110.24 37.94
CA LEU B 132 -0.52 110.36 36.65
C LEU B 132 0.86 110.99 36.77
N ILE B 133 1.00 112.02 37.60
CA ILE B 133 2.30 112.66 37.78
C ILE B 133 3.27 111.69 38.44
N THR B 134 2.81 110.87 39.37
CA THR B 134 3.70 109.90 40.00
C THR B 134 4.15 108.84 39.01
N ILE B 135 3.22 108.31 38.21
CA ILE B 135 3.61 107.33 37.20
C ILE B 135 4.57 107.95 36.20
N LEU B 136 4.36 109.22 35.85
CA LEU B 136 5.24 109.88 34.90
C LEU B 136 6.62 110.14 35.50
N VAL B 137 6.70 110.43 36.79
CA VAL B 137 8.00 110.65 37.40
C VAL B 137 8.78 109.34 37.46
N ILE B 138 8.12 108.24 37.85
CA ILE B 138 8.82 106.95 37.85
C ILE B 138 9.21 106.56 36.43
N ALA B 139 8.34 106.81 35.47
CA ALA B 139 8.65 106.49 34.08
C ALA B 139 9.81 107.33 33.56
N GLY B 140 9.85 108.61 33.92
CA GLY B 140 10.94 109.45 33.49
C GLY B 140 12.25 109.10 34.16
N VAL B 141 12.21 108.62 35.39
CA VAL B 141 13.44 108.19 36.05
C VAL B 141 13.98 106.92 35.39
N PHE B 142 13.11 105.96 35.11
CA PHE B 142 13.55 104.79 34.36
C PHE B 142 14.07 105.19 32.98
N TRP B 143 13.42 106.13 32.35
CA TRP B 143 13.90 106.54 31.06
C TRP B 143 15.27 107.18 31.18
N ILE B 144 15.46 108.12 32.10
CA ILE B 144 16.75 108.80 32.20
C ILE B 144 17.85 107.80 32.51
N HIS B 145 17.56 106.81 33.36
CA HIS B 145 18.54 105.76 33.60
C HIS B 145 18.88 105.01 32.32
N ARG B 146 17.88 104.75 31.48
CA ARG B 146 18.14 104.03 30.24
C ARG B 146 18.90 104.90 29.24
N LEU B 147 18.61 106.20 29.20
CA LEU B 147 19.34 107.10 28.31
C LEU B 147 20.79 107.25 28.74
N ILE B 148 21.05 107.33 30.05
CA ILE B 148 22.42 107.41 30.54
C ILE B 148 23.18 106.13 30.24
N LYS B 149 22.54 104.98 30.44
CA LYS B 149 23.18 103.73 30.06
C LYS B 149 23.45 103.68 28.57
N PHE B 150 22.58 104.28 27.76
CA PHE B 150 22.78 104.27 26.31
C PHE B 150 23.98 105.12 25.91
N ILE B 151 24.11 106.31 26.49
CA ILE B 151 25.28 107.15 26.20
C ILE B 151 26.55 106.44 26.60
N TYR B 152 26.59 105.88 27.81
CA TYR B 152 27.77 105.13 28.23
C TYR B 152 28.03 103.95 27.31
N ASN B 153 26.98 103.31 26.82
CA ASN B 153 27.15 102.14 25.96
C ASN B 153 27.75 102.52 24.62
N ILE B 154 27.31 103.62 24.03
CA ILE B 154 27.87 103.98 22.72
C ILE B 154 29.29 104.53 22.88
N CYS B 155 29.58 105.18 23.99
CA CYS B 155 30.95 105.60 24.24
C CYS B 155 31.87 104.39 24.41
N CYS B 156 31.31 103.26 24.87
CA CYS B 156 32.12 102.04 25.00
C CYS B 156 32.12 101.21 23.71
N TYR B 157 31.12 101.43 22.84
CA TYR B 157 31.01 100.71 21.57
C TYR B 157 31.87 101.34 20.49
N TRP B 158 32.12 102.64 20.57
CA TRP B 158 33.08 103.24 19.64
C TRP B 158 34.46 102.57 19.80
N GLU B 159 34.75 102.10 21.01
CA GLU B 159 36.01 101.39 21.23
C GLU B 159 36.01 100.03 20.53
N ILE B 160 34.87 99.35 20.51
CA ILE B 160 34.80 98.06 19.80
C ILE B 160 34.83 98.29 18.30
N HIS B 161 34.22 99.38 17.84
CA HIS B 161 34.25 99.73 16.43
C HIS B 161 35.67 99.99 15.96
N SER B 162 36.43 100.76 16.73
CA SER B 162 37.85 100.93 16.43
C SER B 162 38.61 99.62 16.51
N PHE B 163 38.25 98.75 17.47
CA PHE B 163 38.85 97.42 17.53
C PHE B 163 38.69 96.69 16.21
N TYR B 164 37.46 96.60 15.73
CA TYR B 164 37.20 95.95 14.44
C TYR B 164 38.07 96.56 13.36
N LEU B 165 37.88 97.85 13.09
CA LEU B 165 38.52 98.49 11.95
C LEU B 165 40.04 98.38 12.00
N HIS B 166 40.64 98.55 13.18
CA HIS B 166 42.10 98.70 13.23
C HIS B 166 42.81 97.41 13.56
N ALA B 167 42.26 96.56 14.43
CA ALA B 167 42.91 95.32 14.81
C ALA B 167 42.35 94.09 14.11
N LEU B 168 41.05 94.03 13.87
CA LEU B 168 40.47 92.93 13.09
C LEU B 168 40.46 93.22 11.60
N ARG B 169 40.37 94.50 11.23
CA ARG B 169 40.38 95.02 9.88
C ARG B 169 39.13 94.65 9.11
N ILE B 170 37.99 94.57 9.78
CA ILE B 170 36.71 94.30 9.13
C ILE B 170 35.92 95.61 9.10
N PRO B 171 35.84 96.30 7.97
CA PRO B 171 35.05 97.53 7.91
C PRO B 171 33.58 97.26 8.19
N MET B 172 32.87 98.31 8.60
CA MET B 172 31.46 98.14 8.93
C MET B 172 30.64 97.78 7.70
N SER B 173 31.19 98.01 6.50
CA SER B 173 30.49 97.63 5.28
C SER B 173 30.56 96.11 5.06
N ALA B 174 31.69 95.51 5.36
CA ALA B 174 31.87 94.08 5.21
C ALA B 174 31.40 93.28 6.41
N LEU B 175 30.75 93.93 7.37
CA LEU B 175 30.36 93.24 8.60
C LEU B 175 29.05 92.48 8.50
N PRO B 176 28.00 92.96 7.83
CA PRO B 176 26.80 92.13 7.69
C PRO B 176 27.04 90.82 6.96
N TYR B 177 28.15 90.81 6.24
CA TYR B 177 28.49 89.61 5.50
C TYR B 177 29.86 89.13 5.91
N CYS B 178 30.52 89.81 6.84
CA CYS B 178 31.81 89.28 7.24
C CYS B 178 31.52 87.92 7.82
N THR B 179 30.46 87.82 8.61
CA THR B 179 30.02 86.56 9.24
C THR B 179 30.66 86.42 10.60
N TRP B 180 29.97 85.76 11.50
CA TRP B 180 30.52 85.54 12.81
C TRP B 180 31.71 84.69 12.64
N GLN B 181 31.59 83.75 11.72
CA GLN B 181 32.65 82.79 11.60
C GLN B 181 33.88 83.54 11.26
N GLU B 182 33.77 84.53 10.41
CA GLU B 182 35.02 85.16 10.03
C GLU B 182 35.71 85.79 11.23
N VAL B 183 34.97 86.54 12.01
CA VAL B 183 35.63 87.24 13.08
C VAL B 183 36.10 86.29 14.17
N GLN B 184 35.30 85.29 14.52
CA GLN B 184 35.69 84.48 15.67
C GLN B 184 36.99 83.80 15.40
N ALA B 185 37.16 83.26 14.21
CA ALA B 185 38.46 82.71 13.88
C ALA B 185 39.48 83.82 13.85
N ARG B 186 39.11 84.95 13.28
CA ARG B 186 40.09 86.03 13.10
C ARG B 186 40.66 86.65 14.35
N ILE B 187 39.82 86.88 15.35
CA ILE B 187 40.31 87.55 16.52
C ILE B 187 41.37 86.68 17.07
N VAL B 188 41.09 85.40 17.07
CA VAL B 188 42.06 84.43 17.60
C VAL B 188 43.42 84.63 16.96
N GLN B 189 43.45 85.04 15.68
CA GLN B 189 44.73 85.33 15.04
C GLN B 189 45.29 86.66 15.51
N THR B 190 44.42 87.63 15.82
CA THR B 190 44.84 88.91 16.36
C THR B 190 45.48 88.76 17.73
N GLN B 191 45.05 87.76 18.51
CA GLN B 191 45.57 87.59 19.87
C GLN B 191 47.10 87.66 19.92
N LYS B 192 47.76 87.40 18.80
CA LYS B 192 49.22 87.51 18.77
C LYS B 192 49.67 88.97 18.73
N GLU B 193 49.14 89.74 17.78
CA GLU B 193 49.64 91.09 17.52
C GLU B 193 49.12 92.10 18.54
N HIS B 194 47.82 92.40 18.49
CA HIS B 194 47.24 93.31 19.46
C HIS B 194 46.88 92.55 20.71
N GLN B 195 47.82 92.46 21.64
CA GLN B 195 47.63 91.61 22.82
C GLN B 195 46.47 91.90 23.76
N ILE B 196 45.84 90.85 24.23
CA ILE B 196 44.78 91.00 25.20
C ILE B 196 45.04 89.98 26.30
N CYS B 197 44.61 90.31 27.53
CA CYS B 197 44.79 89.44 28.68
C CYS B 197 46.22 89.55 29.14
N ILE B 198 46.42 89.74 30.42
CA ILE B 198 47.77 89.96 30.88
C ILE B 198 48.62 88.75 30.58
N HIS B 199 48.06 87.57 30.78
CA HIS B 199 48.82 86.36 30.57
C HIS B 199 48.03 85.46 29.69
N LYS B 200 47.95 85.77 28.41
CA LYS B 200 47.07 84.94 27.61
C LYS B 200 47.60 84.11 26.47
N ARG B 201 47.24 82.84 26.47
CA ARG B 201 47.58 81.98 25.35
C ARG B 201 46.63 82.42 24.26
N GLU B 202 46.92 82.06 23.02
CA GLU B 202 46.07 82.53 21.94
C GLU B 202 44.75 81.95 22.35
N LEU B 203 43.73 82.75 22.11
CA LEU B 203 42.40 82.35 22.53
C LEU B 203 41.88 81.16 21.76
N THR B 204 41.61 80.09 22.48
CA THR B 204 41.00 78.93 21.87
C THR B 204 39.69 79.49 21.43
N GLU B 205 39.19 80.46 22.17
CA GLU B 205 37.87 81.02 21.91
C GLU B 205 36.87 80.01 22.43
N LEU B 206 37.33 78.78 22.72
CA LEU B 206 36.43 77.84 23.35
C LEU B 206 36.16 78.57 24.61
N ASP B 207 37.22 79.14 25.14
CA ASP B 207 37.07 79.95 26.31
C ASP B 207 36.22 81.12 25.94
N ILE B 208 36.40 81.66 24.75
CA ILE B 208 35.70 82.88 24.41
C ILE B 208 34.24 82.61 24.49
N TYR B 209 33.81 81.46 24.02
CA TYR B 209 32.42 81.16 24.22
C TYR B 209 32.11 81.39 25.69
N HIS B 210 32.90 80.78 26.56
CA HIS B 210 32.66 80.87 27.99
C HIS B 210 32.46 82.32 28.42
N ARG B 211 33.29 83.23 27.91
CA ARG B 211 33.16 84.64 28.27
C ARG B 211 31.79 85.18 27.89
N ILE B 212 31.34 84.91 26.66
CA ILE B 212 30.06 85.49 26.23
C ILE B 212 28.89 84.80 26.93
N LEU B 213 29.03 83.53 27.27
CA LEU B 213 27.90 82.72 27.71
C LEU B 213 28.03 82.18 29.13
N ARG B 214 28.80 82.83 30.00
CA ARG B 214 28.96 82.34 31.37
C ARG B 214 27.63 82.20 32.10
N PHE B 215 26.83 83.27 32.14
CA PHE B 215 25.59 83.22 32.92
C PHE B 215 24.49 82.46 32.20
N GLN B 216 24.57 82.41 30.87
CA GLN B 216 23.58 81.68 30.11
C GLN B 216 23.79 80.18 30.21
N ASN B 217 25.03 79.71 30.32
CA ASN B 217 25.23 78.30 30.62
C ASN B 217 24.68 77.95 32.00
N TYR B 218 24.76 78.89 32.94
CA TYR B 218 24.19 78.66 34.27
C TYR B 218 22.69 78.56 34.19
N MET B 219 22.03 79.41 33.42
CA MET B 219 20.60 79.29 33.24
C MET B 219 20.23 77.97 32.57
N VAL B 220 20.99 77.57 31.55
CA VAL B 220 20.72 76.32 30.86
C VAL B 220 20.82 75.15 31.83
N ALA B 221 21.82 75.15 32.71
CA ALA B 221 22.00 74.05 33.64
C ALA B 221 21.00 74.09 34.78
N LEU B 222 20.57 75.28 35.18
CA LEU B 222 19.54 75.40 36.20
C LEU B 222 18.22 74.85 35.70
N VAL B 223 17.79 75.28 34.52
CA VAL B 223 16.53 74.79 33.96
C VAL B 223 16.64 73.31 33.59
N ASN B 224 17.84 72.86 33.24
CA ASN B 224 18.02 71.48 32.81
C ASN B 224 17.91 70.51 33.98
N LYS B 225 18.30 70.93 35.17
CA LYS B 225 18.26 70.06 36.34
C LYS B 225 17.08 70.34 37.24
N SER B 226 16.07 71.04 36.75
CA SER B 226 14.77 71.19 37.36
C SER B 226 14.79 72.01 38.64
N LEU B 227 15.84 72.76 38.92
CA LEU B 227 15.71 73.90 39.82
C LEU B 227 14.88 74.97 39.11
N LEU B 228 14.72 76.11 39.77
CA LEU B 228 13.99 77.18 39.07
C LEU B 228 12.56 76.79 38.73
N PRO B 229 11.62 76.94 39.66
CA PRO B 229 10.24 76.52 39.42
C PRO B 229 9.60 77.01 38.13
N LEU B 230 9.29 76.08 37.23
CA LEU B 230 8.57 76.39 36.00
C LEU B 230 7.22 75.69 35.92
N ARG B 231 7.18 74.41 36.28
CA ARG B 231 5.96 73.62 36.22
C ARG B 231 5.03 74.00 37.37
N PHE B 232 3.76 74.20 37.04
CA PHE B 232 2.75 74.50 38.01
C PHE B 232 1.54 73.61 37.73
N ARG B 233 0.78 73.30 38.76
CA ARG B 233 -0.41 72.47 38.61
C ARG B 233 -1.63 73.35 38.82
N LEU B 234 -2.16 73.88 37.74
CA LEU B 234 -3.34 74.72 37.82
C LEU B 234 -4.60 73.87 37.86
N PRO B 235 -5.60 74.27 38.64
CA PRO B 235 -6.89 73.57 38.58
C PRO B 235 -7.61 73.90 37.29
N GLY B 236 -8.25 72.89 36.70
CA GLY B 236 -8.91 73.05 35.42
C GLY B 236 -8.01 72.97 34.23
N LEU B 237 -6.71 72.75 34.43
CA LEU B 237 -5.76 72.62 33.34
C LEU B 237 -4.67 71.65 33.76
N GLY B 238 -3.90 71.18 32.78
CA GLY B 238 -2.76 70.35 33.07
C GLY B 238 -1.67 71.12 33.79
N GLU B 239 -0.49 70.52 33.83
CA GLU B 239 0.65 71.21 34.43
C GLU B 239 1.12 72.30 33.48
N ALA B 240 0.82 73.55 33.82
CA ALA B 240 1.26 74.68 33.04
C ALA B 240 2.75 74.93 33.25
N VAL B 241 3.38 75.54 32.25
CA VAL B 241 4.74 76.05 32.36
C VAL B 241 4.66 77.56 32.24
N PHE B 242 5.19 78.27 33.24
CA PHE B 242 5.17 79.73 33.25
C PHE B 242 6.61 80.22 33.37
N PHE B 243 7.22 80.48 32.22
CA PHE B 243 8.56 81.04 32.12
C PHE B 243 8.50 82.22 31.16
N THR B 244 8.72 83.41 31.68
CA THR B 244 8.58 84.63 30.90
C THR B 244 9.91 85.36 30.85
N ARG B 245 9.87 86.54 30.23
CA ARG B 245 10.98 87.47 30.14
C ARG B 245 11.32 88.12 31.47
N GLY B 246 10.29 88.58 32.20
CA GLY B 246 10.45 89.19 33.51
C GLY B 246 10.89 88.20 34.58
N LEU B 247 10.40 86.96 34.51
CA LEU B 247 10.79 85.96 35.48
C LEU B 247 12.27 85.59 35.34
N LYS B 248 12.74 85.39 34.12
CA LYS B 248 14.15 85.08 33.91
C LYS B 248 15.05 86.27 34.24
N TYR B 249 14.57 87.48 33.97
CA TYR B 249 15.25 88.69 34.41
C TYR B 249 15.43 88.70 35.91
N ASN B 250 14.37 88.39 36.64
CA ASN B 250 14.45 88.36 38.10
C ASN B 250 15.40 87.28 38.58
N PHE B 251 15.38 86.10 37.94
CA PHE B 251 16.29 85.04 38.34
C PHE B 251 17.74 85.46 38.17
N GLU B 252 18.05 86.14 37.07
CA GLU B 252 19.42 86.58 36.83
C GLU B 252 19.79 87.74 37.75
N LEU B 253 18.87 88.64 38.02
CA LEU B 253 19.12 89.71 38.97
C LEU B 253 19.35 89.17 40.37
N ILE B 254 18.70 88.07 40.72
CA ILE B 254 18.90 87.46 42.04
C ILE B 254 20.23 86.73 42.09
N LEU B 255 20.58 86.01 41.02
CA LEU B 255 21.69 85.07 41.13
C LEU B 255 23.01 85.68 40.69
N PHE B 256 23.01 86.48 39.63
CA PHE B 256 24.22 86.82 38.89
C PHE B 256 24.67 88.26 38.99
N TRP B 257 23.83 89.24 38.64
CA TRP B 257 24.25 90.64 38.62
C TRP B 257 23.39 91.46 39.57
N GLY B 258 23.96 91.84 40.69
CA GLY B 258 23.27 92.71 41.61
C GLY B 258 24.19 93.23 42.69
N PRO B 259 23.62 93.80 43.74
CA PRO B 259 24.46 94.26 44.85
C PRO B 259 25.07 93.13 45.66
N GLY B 260 24.28 92.11 45.99
CA GLY B 260 24.76 91.03 46.82
C GLY B 260 24.62 89.66 46.20
N SER B 261 24.88 89.55 44.90
CA SER B 261 24.64 88.32 44.17
C SER B 261 25.60 87.22 44.59
N LEU B 262 25.56 86.12 43.84
CA LEU B 262 26.51 85.03 44.06
C LEU B 262 27.88 85.41 43.54
N PHE B 263 27.94 86.32 42.57
CA PHE B 263 29.19 86.68 41.89
C PHE B 263 29.59 88.09 42.28
N LEU B 264 30.89 88.30 42.47
CA LEU B 264 31.41 89.62 42.85
C LEU B 264 32.04 90.36 41.69
N ASN B 265 32.64 89.63 40.75
CA ASN B 265 33.45 90.20 39.68
C ASN B 265 32.76 90.25 38.34
N GLU B 266 31.83 89.32 38.07
CA GLU B 266 31.29 88.88 36.79
C GLU B 266 32.13 87.74 36.20
N TRP B 267 33.26 87.39 36.80
CA TRP B 267 33.96 86.18 36.40
C TRP B 267 34.49 85.37 37.57
N SER B 268 34.04 85.64 38.79
CA SER B 268 34.51 84.93 39.95
C SER B 268 33.38 84.82 40.95
N LEU B 269 33.21 83.63 41.52
CA LEU B 269 32.21 83.37 42.55
C LEU B 269 32.75 83.85 43.89
N LYS B 270 31.84 84.41 44.71
CA LYS B 270 32.24 84.89 46.03
C LYS B 270 32.84 83.73 46.82
N ALA B 271 33.71 84.05 47.77
CA ALA B 271 34.60 83.04 48.32
C ALA B 271 33.88 82.06 49.24
N GLU B 272 32.77 82.50 49.84
CA GLU B 272 32.10 81.65 50.82
C GLU B 272 31.31 80.54 50.15
N TYR B 273 30.83 80.78 48.94
CA TYR B 273 29.98 79.79 48.27
C TYR B 273 30.77 78.57 47.85
N LYS B 274 32.10 78.68 47.81
CA LYS B 274 32.91 77.52 47.50
C LYS B 274 33.13 76.65 48.73
N ARG B 275 32.77 77.14 49.91
CA ARG B 275 33.01 76.39 51.14
C ARG B 275 31.84 75.47 51.45
N GLY B 276 32.17 74.22 51.81
CA GLY B 276 31.13 73.27 52.15
C GLY B 276 30.37 73.65 53.40
N GLY B 277 31.08 74.08 54.44
CA GLY B 277 30.42 74.51 55.65
C GLY B 277 29.60 75.77 55.42
N GLN B 278 29.00 76.26 56.51
CA GLN B 278 28.16 77.47 56.53
C GLN B 278 27.14 77.51 55.40
N ARG B 279 26.73 76.34 54.89
CA ARG B 279 25.75 76.31 53.81
C ARG B 279 24.38 76.79 54.28
N LEU B 280 24.06 76.56 55.55
CA LEU B 280 22.71 76.89 56.04
C LEU B 280 22.53 78.39 56.23
N GLU B 281 23.56 79.08 56.74
CA GLU B 281 23.46 80.53 56.86
C GLU B 281 23.45 81.19 55.49
N LEU B 282 24.21 80.66 54.54
CA LEU B 282 24.16 81.16 53.17
C LEU B 282 22.79 80.94 52.56
N ALA B 283 22.17 79.79 52.83
CA ALA B 283 20.82 79.54 52.33
C ALA B 283 19.83 80.51 52.92
N GLN B 284 19.94 80.80 54.22
CA GLN B 284 19.05 81.77 54.84
C GLN B 284 19.25 83.17 54.26
N ARG B 285 20.50 83.55 54.00
CA ARG B 285 20.76 84.86 53.42
C ARG B 285 20.20 84.96 52.00
N LEU B 286 20.38 83.90 51.19
CA LEU B 286 19.81 83.89 49.85
C LEU B 286 18.29 83.94 49.90
N SER B 287 17.68 83.20 50.83
CA SER B 287 16.23 83.23 50.97
C SER B 287 15.73 84.62 51.32
N ASN B 288 16.42 85.33 52.21
CA ASN B 288 16.01 86.68 52.55
C ASN B 288 16.20 87.64 51.38
N ARG B 289 17.28 87.47 50.63
CA ARG B 289 17.53 88.29 49.45
C ARG B 289 16.42 88.14 48.42
N ILE B 290 16.05 86.88 48.14
CA ILE B 290 15.00 86.65 47.16
C ILE B 290 13.63 87.05 47.69
N LEU B 291 13.42 86.97 49.01
CA LEU B 291 12.19 87.50 49.59
C LEU B 291 12.06 88.99 49.30
N TRP B 292 13.13 89.75 49.52
CA TRP B 292 13.02 91.20 49.37
C TRP B 292 12.99 91.61 47.90
N ILE B 293 13.63 90.84 47.02
CA ILE B 293 13.51 91.11 45.60
C ILE B 293 12.10 90.80 45.11
N GLY B 294 11.50 89.71 45.62
CA GLY B 294 10.11 89.44 45.32
C GLY B 294 9.17 90.52 45.82
N ILE B 295 9.47 91.11 46.97
CA ILE B 295 8.61 92.17 47.49
C ILE B 295 8.76 93.44 46.67
N ALA B 296 9.98 93.73 46.20
CA ALA B 296 10.14 94.84 45.26
C ALA B 296 9.34 94.61 43.98
N ASN B 297 9.33 93.36 43.48
CA ASN B 297 8.49 93.01 42.34
C ASN B 297 7.02 93.23 42.64
N PHE B 298 6.56 92.80 43.82
CA PHE B 298 5.15 92.95 44.17
C PHE B 298 4.76 94.42 44.28
N LEU B 299 5.70 95.27 44.71
CA LEU B 299 5.38 96.70 44.82
C LEU B 299 5.41 97.39 43.47
N LEU B 300 6.28 96.94 42.57
CA LEU B 300 6.34 97.48 41.21
C LEU B 300 5.30 96.86 40.29
N CYS B 301 4.56 95.87 40.77
CA CYS B 301 3.51 95.24 39.97
C CYS B 301 2.61 96.20 39.20
N PRO B 302 1.99 97.23 39.80
CA PRO B 302 1.08 98.06 38.99
C PRO B 302 1.73 98.71 37.79
N LEU B 303 2.97 99.19 37.94
CA LEU B 303 3.60 99.94 36.87
C LEU B 303 3.97 99.04 35.70
N ILE B 304 4.55 97.88 35.99
CA ILE B 304 4.87 96.94 34.92
C ILE B 304 3.61 96.38 34.28
N LEU B 305 2.53 96.23 35.07
CA LEU B 305 1.26 95.81 34.47
C LEU B 305 0.76 96.85 33.49
N ILE B 306 0.82 98.13 33.87
CA ILE B 306 0.39 99.20 32.97
C ILE B 306 1.24 99.19 31.71
N TRP B 307 2.55 99.01 31.87
CA TRP B 307 3.43 98.98 30.70
C TRP B 307 3.05 97.84 29.76
N GLN B 308 2.82 96.64 30.30
CA GLN B 308 2.50 95.51 29.44
C GLN B 308 1.16 95.69 28.75
N ILE B 309 0.35 96.52 29.36
CA ILE B 309 -0.90 96.85 28.73
C ILE B 309 -0.72 97.67 27.46
N LEU B 310 -0.25 98.90 27.57
CA LEU B 310 -0.20 99.79 26.39
C LEU B 310 0.67 99.35 25.24
N TYR B 311 1.85 98.82 25.51
CA TYR B 311 2.74 98.48 24.42
C TYR B 311 2.08 97.42 23.59
N ALA B 312 1.43 96.47 24.26
CA ALA B 312 0.77 95.39 23.54
C ALA B 312 -0.35 95.94 22.68
N PHE B 313 -1.12 96.85 23.23
CA PHE B 313 -2.23 97.42 22.49
C PHE B 313 -1.71 97.85 21.16
N PHE B 314 -0.76 98.76 21.15
CA PHE B 314 -0.27 99.26 19.90
C PHE B 314 0.36 98.14 19.13
N SER B 315 1.11 97.31 19.81
CA SER B 315 1.79 96.22 19.15
C SER B 315 0.86 95.20 18.51
N TYR B 316 -0.23 94.86 19.17
CA TYR B 316 -1.07 93.78 18.67
C TYR B 316 -2.44 94.15 18.11
N ALA B 317 -3.15 95.03 18.78
CA ALA B 317 -4.48 95.44 18.37
C ALA B 317 -4.49 95.75 16.88
N GLU B 318 -3.43 96.39 16.39
CA GLU B 318 -3.36 96.54 14.93
C GLU B 318 -3.40 95.18 14.24
N VAL B 319 -2.56 94.24 14.69
CA VAL B 319 -2.53 92.93 14.04
C VAL B 319 -3.87 92.22 14.13
N LEU B 320 -4.56 92.37 15.27
CA LEU B 320 -5.88 91.77 15.44
C LEU B 320 -6.86 92.28 14.41
N LYS B 321 -6.91 93.60 14.21
CA LYS B 321 -7.84 94.14 13.23
C LYS B 321 -7.47 93.68 11.82
N ARG B 322 -6.18 93.52 11.53
CA ARG B 322 -5.80 93.08 10.20
C ARG B 322 -6.09 91.60 9.99
N GLU B 323 -5.35 90.73 10.67
CA GLU B 323 -5.41 89.29 10.45
C GLU B 323 -5.54 88.59 11.78
N PRO B 324 -6.77 88.34 12.24
CA PRO B 324 -6.94 87.75 13.58
C PRO B 324 -6.34 86.36 13.71
N GLY B 325 -5.92 85.74 12.63
CA GLY B 325 -5.30 84.44 12.67
C GLY B 325 -3.79 84.46 12.75
N ALA B 326 -3.18 85.65 12.75
CA ALA B 326 -1.74 85.73 12.95
C ALA B 326 -1.38 85.37 14.38
N LEU B 327 -2.30 85.63 15.32
CA LEU B 327 -2.08 85.25 16.71
C LEU B 327 -2.37 83.79 16.96
N GLY B 328 -2.89 83.07 15.97
CA GLY B 328 -3.01 81.63 16.07
C GLY B 328 -1.78 80.88 15.63
N ALA B 329 -0.84 81.56 14.98
CA ALA B 329 0.44 80.95 14.67
C ALA B 329 1.23 80.78 15.95
N ARG B 330 2.19 79.87 15.92
CA ARG B 330 2.87 79.45 17.12
C ARG B 330 4.33 79.86 17.10
N CYS B 331 4.88 80.16 18.28
CA CYS B 331 6.22 80.67 18.45
C CYS B 331 6.97 79.75 19.40
N TRP B 332 8.29 79.93 19.46
CA TRP B 332 9.11 78.88 20.07
C TRP B 332 9.35 79.06 21.56
N SER B 333 8.49 79.79 22.29
CA SER B 333 8.33 79.46 23.71
C SER B 333 9.56 79.62 24.60
N LEU B 334 9.80 80.81 25.17
CA LEU B 334 10.97 81.06 26.04
C LEU B 334 11.39 79.84 26.84
N TYR B 335 10.46 79.13 27.47
CA TYR B 335 10.77 77.79 27.93
C TYR B 335 10.73 76.86 26.72
N GLY B 336 11.88 76.36 26.31
CA GLY B 336 11.94 75.75 25.00
C GLY B 336 13.08 76.34 24.20
N ARG B 337 13.23 77.66 24.27
CA ARG B 337 14.50 78.28 23.89
C ARG B 337 15.57 77.93 24.90
N CYS B 338 15.19 77.68 26.15
CA CYS B 338 16.15 77.32 27.17
C CYS B 338 16.26 75.81 27.32
N TYR B 339 15.23 75.09 26.88
CA TYR B 339 15.23 73.64 26.98
C TYR B 339 15.96 73.00 25.82
N LEU B 340 15.80 73.54 24.61
CA LEU B 340 16.36 72.95 23.40
C LEU B 340 17.75 73.47 23.11
N ARG B 341 18.31 74.17 24.09
CA ARG B 341 19.64 74.75 23.92
C ARG B 341 20.72 73.71 23.92
N HIS B 342 21.88 74.06 23.39
CA HIS B 342 22.97 73.12 23.28
C HIS B 342 24.22 73.74 23.85
N PHE B 343 25.06 72.90 24.41
CA PHE B 343 26.28 73.40 25.02
C PHE B 343 26.93 74.58 24.34
N ASN B 344 27.23 75.61 25.12
CA ASN B 344 27.96 76.77 24.61
C ASN B 344 27.45 77.12 23.21
N GLU B 345 26.24 77.64 23.17
CA GLU B 345 25.56 77.91 21.92
C GLU B 345 25.17 79.37 21.87
N LEU B 346 25.81 80.12 20.99
CA LEU B 346 25.48 81.53 20.85
C LEU B 346 24.06 81.67 20.33
N GLU B 347 23.51 82.86 20.50
CA GLU B 347 22.09 83.05 20.24
C GLU B 347 21.75 82.76 18.79
N HIS B 348 22.65 83.10 17.86
CA HIS B 348 22.31 82.96 16.44
C HIS B 348 22.33 81.50 16.02
N GLU B 349 23.11 80.65 16.69
CA GLU B 349 23.10 79.23 16.37
C GLU B 349 21.81 78.57 16.86
N LEU B 350 21.37 78.92 18.06
CA LEU B 350 20.09 78.43 18.55
C LEU B 350 18.96 78.88 17.63
N GLN B 351 18.93 80.14 17.24
CA GLN B 351 17.83 80.61 16.41
C GLN B 351 17.87 80.02 15.00
N SER B 352 19.06 79.76 14.46
CA SER B 352 19.14 79.07 13.19
C SER B 352 18.56 77.68 13.30
N ARG B 353 18.91 76.94 14.36
CA ARG B 353 18.30 75.62 14.59
C ARG B 353 16.79 75.72 14.78
N LEU B 354 16.33 76.80 15.41
CA LEU B 354 14.94 76.90 15.80
C LEU B 354 14.05 77.24 14.62
N ASN B 355 14.57 77.95 13.63
CA ASN B 355 13.73 78.25 12.48
C ASN B 355 13.97 77.28 11.33
N ARG B 356 15.07 76.57 11.35
CA ARG B 356 15.23 75.53 10.37
C ARG B 356 14.12 74.54 10.71
N GLY B 357 13.82 74.35 11.98
CA GLY B 357 12.85 73.37 12.42
C GLY B 357 11.48 73.90 12.78
N TYR B 358 11.03 74.99 12.15
CA TYR B 358 9.77 75.63 12.52
C TYR B 358 8.60 75.09 11.70
N LYS B 359 8.79 74.97 10.39
CA LYS B 359 7.71 74.50 9.54
C LYS B 359 7.38 73.03 9.75
N PRO B 360 8.33 72.12 9.95
CA PRO B 360 7.97 70.78 10.41
C PRO B 360 7.09 70.80 11.65
N ALA B 361 7.40 71.68 12.60
CA ALA B 361 6.66 71.70 13.85
C ALA B 361 5.26 72.25 13.66
N SER B 362 5.07 73.19 12.74
CA SER B 362 3.72 73.66 12.44
C SER B 362 2.91 72.60 11.71
N LYS B 363 3.57 71.84 10.82
CA LYS B 363 2.90 70.71 10.17
C LYS B 363 2.48 69.66 11.19
N TYR B 364 3.30 69.45 12.22
CA TYR B 364 2.90 68.54 13.28
C TYR B 364 1.71 69.08 14.07
N MET B 365 1.85 70.25 14.63
CA MET B 365 0.75 70.75 15.40
C MET B 365 -0.44 70.60 14.50
N ASN B 366 -0.26 70.91 13.23
CA ASN B 366 -1.34 70.76 12.24
C ASN B 366 -1.90 69.34 11.93
N CYS B 367 -1.07 68.31 11.89
CA CYS B 367 -1.46 66.93 11.41
C CYS B 367 -2.50 65.94 11.97
N PHE B 368 -2.72 65.81 13.27
CA PHE B 368 -3.53 64.68 13.81
C PHE B 368 -4.98 64.49 13.32
N LEU B 369 -5.35 63.22 13.06
CA LEU B 369 -6.65 62.88 12.43
C LEU B 369 -8.09 63.08 12.93
N SER B 370 -8.44 62.85 14.19
CA SER B 370 -9.87 62.99 14.57
C SER B 370 -10.80 62.15 13.68
N PRO B 371 -10.53 60.86 13.49
CA PRO B 371 -11.26 60.07 12.47
C PRO B 371 -12.75 59.93 12.57
N LEU B 372 -13.35 59.76 13.74
CA LEU B 372 -14.78 59.51 13.75
C LEU B 372 -15.50 60.68 13.14
N LEU B 373 -15.05 61.87 13.46
CA LEU B 373 -15.64 63.04 12.87
C LEU B 373 -15.73 62.84 11.38
N THR B 374 -14.59 62.64 10.75
CA THR B 374 -14.51 62.47 9.31
C THR B 374 -15.73 61.75 8.75
N LEU B 375 -16.17 60.69 9.44
CA LEU B 375 -17.35 59.94 8.99
C LEU B 375 -18.61 60.78 9.12
N LEU B 376 -18.76 61.50 10.23
CA LEU B 376 -19.91 62.38 10.40
C LEU B 376 -19.92 63.46 9.31
N ALA B 377 -18.75 63.99 8.97
CA ALA B 377 -18.66 64.98 7.91
C ALA B 377 -19.09 64.41 6.57
N LYS B 378 -18.53 63.25 6.21
CA LYS B 378 -18.88 62.61 4.94
C LYS B 378 -20.38 62.40 4.83
N ASN B 379 -21.01 61.88 5.88
CA ASN B 379 -22.41 61.50 5.76
C ASN B 379 -23.33 62.70 5.88
N GLY B 380 -22.98 63.69 6.71
CA GLY B 380 -23.75 64.92 6.71
C GLY B 380 -23.66 65.65 5.39
N ALA B 381 -22.49 65.63 4.75
CA ALA B 381 -22.36 66.16 3.41
C ALA B 381 -23.25 65.41 2.43
N PHE B 382 -23.30 64.07 2.52
CA PHE B 382 -24.17 63.32 1.62
C PHE B 382 -25.62 63.75 1.78
N PHE B 383 -26.15 63.72 3.00
CA PHE B 383 -27.58 63.98 3.19
C PHE B 383 -27.94 65.43 2.86
N ALA B 384 -27.07 66.37 3.25
CA ALA B 384 -27.33 67.78 2.94
C ALA B 384 -27.23 68.06 1.45
N GLY B 385 -26.20 67.52 0.80
CA GLY B 385 -26.06 67.72 -0.64
C GLY B 385 -27.17 67.06 -1.42
N SER B 386 -27.74 65.97 -0.88
CA SER B 386 -28.87 65.34 -1.55
C SER B 386 -30.11 66.22 -1.48
N ILE B 387 -30.45 66.71 -0.30
CA ILE B 387 -31.64 67.57 -0.19
C ILE B 387 -31.43 68.85 -0.98
N LEU B 388 -30.20 69.38 -0.98
CA LEU B 388 -29.93 70.60 -1.71
C LEU B 388 -29.95 70.37 -3.22
N ALA B 389 -29.48 69.22 -3.69
CA ALA B 389 -29.54 68.92 -5.11
C ALA B 389 -30.98 68.83 -5.58
N VAL B 390 -31.85 68.22 -4.77
CA VAL B 390 -33.27 68.19 -5.12
C VAL B 390 -33.84 69.61 -5.18
N LEU B 391 -33.57 70.42 -4.16
CA LEU B 391 -34.15 71.76 -4.12
C LEU B 391 -33.58 72.65 -5.21
N ILE B 392 -32.32 72.43 -5.58
CA ILE B 392 -31.67 73.19 -6.66
C ILE B 392 -32.25 72.79 -8.01
N ALA B 393 -32.45 71.49 -8.23
CA ALA B 393 -33.07 71.05 -9.48
C ALA B 393 -34.47 71.63 -9.61
N LEU B 394 -35.20 71.73 -8.50
CA LEU B 394 -36.52 72.36 -8.57
C LEU B 394 -36.42 73.84 -8.89
N THR B 395 -35.55 74.59 -8.20
CA THR B 395 -35.48 76.03 -8.44
C THR B 395 -34.96 76.33 -9.84
N ILE B 396 -34.16 75.43 -10.40
CA ILE B 396 -33.72 75.58 -11.78
C ILE B 396 -34.85 75.28 -12.75
N TYR B 397 -35.66 74.26 -12.43
CA TYR B 397 -36.72 73.84 -13.34
C TYR B 397 -37.75 74.95 -13.54
N ASP B 398 -38.33 75.46 -12.45
CA ASP B 398 -39.46 76.37 -12.58
C ASP B 398 -39.16 77.80 -12.18
N GLU B 399 -38.18 78.02 -11.30
CA GLU B 399 -37.69 79.30 -10.77
C GLU B 399 -38.68 79.92 -9.79
N ASP B 400 -39.87 79.33 -9.62
CA ASP B 400 -40.82 79.82 -8.61
C ASP B 400 -40.63 79.09 -7.27
N VAL B 401 -39.39 78.79 -6.92
CA VAL B 401 -39.08 78.14 -5.65
C VAL B 401 -39.49 79.06 -4.52
N LEU B 402 -39.33 80.36 -4.71
CA LEU B 402 -39.59 81.34 -3.68
C LEU B 402 -41.03 81.50 -3.29
N ALA B 403 -41.29 82.06 -2.10
CA ALA B 403 -42.64 82.21 -1.51
C ALA B 403 -42.86 81.08 -0.58
N VAL B 404 -41.99 80.09 -0.63
CA VAL B 404 -42.05 79.09 0.39
C VAL B 404 -41.51 79.91 1.53
N GLU B 405 -42.07 79.79 2.71
CA GLU B 405 -41.57 80.68 3.75
C GLU B 405 -40.10 80.48 4.11
N HIS B 406 -39.67 79.23 4.25
CA HIS B 406 -38.27 78.96 4.59
C HIS B 406 -37.35 78.47 3.47
N VAL B 407 -37.84 78.36 2.24
CA VAL B 407 -37.01 77.77 1.19
C VAL B 407 -35.62 78.35 1.04
N LEU B 408 -35.52 79.52 0.44
CA LEU B 408 -34.28 80.25 0.23
C LEU B 408 -33.36 80.14 1.45
N THR B 409 -33.93 80.34 2.64
CA THR B 409 -33.14 80.16 3.86
C THR B 409 -32.63 78.73 3.97
N THR B 410 -33.44 77.75 3.53
CA THR B 410 -32.99 76.36 3.57
C THR B 410 -31.83 76.14 2.62
N VAL B 411 -31.88 76.69 1.42
CA VAL B 411 -30.78 76.54 0.47
C VAL B 411 -29.51 77.15 1.05
N THR B 412 -29.61 78.33 1.67
CA THR B 412 -28.42 78.96 2.22
C THR B 412 -27.84 78.16 3.38
N LEU B 413 -28.70 77.73 4.32
CA LEU B 413 -28.21 76.94 5.45
C LEU B 413 -27.61 75.62 5.00
N LEU B 414 -28.22 74.99 4.00
CA LEU B 414 -27.70 73.73 3.49
C LEU B 414 -26.38 73.94 2.78
N GLY B 415 -26.22 75.05 2.07
CA GLY B 415 -24.94 75.36 1.48
C GLY B 415 -23.84 75.54 2.51
N VAL B 416 -24.17 76.26 3.59
CA VAL B 416 -23.20 76.40 4.69
C VAL B 416 -22.85 75.05 5.28
N THR B 417 -23.86 74.19 5.47
CA THR B 417 -23.61 72.87 6.04
C THR B 417 -22.70 72.04 5.15
N VAL B 418 -22.98 72.00 3.84
CA VAL B 418 -22.14 71.24 2.93
C VAL B 418 -20.72 71.80 2.94
N THR B 419 -20.57 73.12 3.00
CA THR B 419 -19.22 73.69 2.96
C THR B 419 -18.45 73.36 4.23
N VAL B 420 -19.10 73.42 5.39
CA VAL B 420 -18.44 73.06 6.64
C VAL B 420 -18.02 71.59 6.62
N CYS B 421 -18.93 70.71 6.22
CA CYS B 421 -18.59 69.29 6.16
C CYS B 421 -17.45 69.02 5.19
N ARG B 422 -17.51 69.61 3.99
CA ARG B 422 -16.44 69.41 3.02
C ARG B 422 -15.12 69.95 3.55
N SER B 423 -15.15 70.95 4.42
CA SER B 423 -13.91 71.41 5.04
C SER B 423 -13.42 70.41 6.06
N PHE B 424 -14.34 69.67 6.70
CA PHE B 424 -13.91 68.67 7.67
C PHE B 424 -13.54 67.35 7.00
N ILE B 425 -14.11 67.08 5.83
CA ILE B 425 -13.71 65.89 5.08
C ILE B 425 -12.24 66.01 4.70
N PRO B 426 -11.39 65.08 5.11
CA PRO B 426 -9.99 65.15 4.71
C PRO B 426 -9.87 65.04 3.20
N ASP B 427 -8.84 65.66 2.65
CA ASP B 427 -8.60 65.56 1.23
C ASP B 427 -8.00 64.21 0.99
N GLN B 428 -8.51 63.53 -0.01
CA GLN B 428 -8.03 62.20 -0.28
C GLN B 428 -6.65 62.35 -0.77
N HIS B 429 -5.88 61.30 -0.60
CA HIS B 429 -4.55 61.34 -1.10
C HIS B 429 -3.81 62.45 -0.45
N MET B 430 -4.08 62.69 0.83
CA MET B 430 -3.29 63.67 1.53
C MET B 430 -2.43 62.74 2.34
N VAL B 431 -1.13 62.86 2.22
CA VAL B 431 -0.25 61.92 2.89
C VAL B 431 -0.18 62.22 4.37
N PHE B 432 0.20 61.23 5.15
CA PHE B 432 0.34 61.44 6.58
C PHE B 432 1.65 60.85 7.01
N CYS B 433 2.42 61.60 7.78
CA CYS B 433 3.68 61.05 8.29
C CYS B 433 3.86 61.26 9.79
N PRO B 434 3.11 60.51 10.61
CA PRO B 434 3.30 60.79 12.02
C PRO B 434 4.73 60.46 12.36
N GLU B 435 5.24 59.36 11.83
CA GLU B 435 6.58 58.99 12.22
C GLU B 435 7.57 60.04 11.77
N GLN B 436 7.41 60.52 10.54
CA GLN B 436 8.32 61.53 10.01
C GLN B 436 8.28 62.86 10.75
N LEU B 437 7.08 63.31 11.08
CA LEU B 437 6.93 64.59 11.76
C LEU B 437 7.63 64.54 13.10
N LEU B 438 7.47 63.42 13.80
CA LEU B 438 8.20 63.28 15.05
C LEU B 438 9.55 62.71 14.72
N ARG B 439 10.06 63.04 13.54
CA ARG B 439 11.43 62.68 13.24
C ARG B 439 12.22 63.84 12.66
N VAL B 440 11.61 64.59 11.72
CA VAL B 440 12.35 65.69 11.11
C VAL B 440 12.45 66.87 12.08
N ILE B 441 11.40 67.10 12.88
CA ILE B 441 11.48 68.14 13.90
C ILE B 441 12.61 67.85 14.86
N LEU B 442 12.77 66.58 15.24
CA LEU B 442 13.89 66.21 16.11
C LEU B 442 15.22 66.42 15.40
N ALA B 443 15.29 66.06 14.11
CA ALA B 443 16.54 66.23 13.39
C ALA B 443 16.98 67.68 13.38
N HIS B 444 16.03 68.61 13.40
CA HIS B 444 16.40 70.02 13.47
C HIS B 444 16.68 70.47 14.90
N ILE B 445 16.06 69.81 15.89
CA ILE B 445 16.23 70.20 17.28
C ILE B 445 17.33 69.41 17.98
N HIS B 446 17.34 68.09 17.82
CA HIS B 446 18.39 67.19 18.39
C HIS B 446 18.17 66.83 19.86
N TYR B 447 17.06 67.25 20.46
CA TYR B 447 16.73 66.85 21.83
C TYR B 447 15.32 66.31 21.89
N MET B 448 15.07 65.17 22.53
CA MET B 448 13.69 64.71 22.63
C MET B 448 13.25 64.10 23.95
N PRO B 449 11.97 64.26 24.30
CA PRO B 449 11.49 63.56 25.48
C PRO B 449 11.54 62.08 25.16
N ASP B 450 11.91 61.23 26.12
CA ASP B 450 12.07 59.79 25.83
C ASP B 450 10.74 59.06 25.66
N HIS B 451 9.65 59.71 26.01
CA HIS B 451 8.35 59.10 25.79
C HIS B 451 7.58 59.74 24.65
N TRP B 452 8.28 60.38 23.71
CA TRP B 452 7.64 60.97 22.55
C TRP B 452 7.83 60.09 21.32
N GLN B 453 8.99 59.46 21.21
CA GLN B 453 9.38 58.75 20.00
C GLN B 453 8.46 57.64 19.60
N GLY B 454 7.88 56.97 20.57
CA GLY B 454 6.96 55.90 20.23
C GLY B 454 5.57 56.41 19.89
N ASN B 455 4.96 57.15 20.81
CA ASN B 455 3.59 57.62 20.67
C ASN B 455 3.57 59.07 20.22
N ALA B 456 3.84 59.26 18.93
CA ALA B 456 3.90 60.60 18.36
C ALA B 456 2.52 61.18 18.14
N HIS B 457 1.50 60.33 18.18
CA HIS B 457 0.16 60.67 17.75
C HIS B 457 -0.83 60.89 18.88
N ARG B 458 -0.39 60.79 20.13
CA ARG B 458 -1.30 60.85 21.26
C ARG B 458 -1.49 62.28 21.74
N SER B 459 -2.41 62.42 22.69
CA SER B 459 -2.66 63.75 23.26
C SER B 459 -1.62 64.10 24.32
N GLN B 460 -0.98 63.09 24.90
CA GLN B 460 0.12 63.36 25.82
C GLN B 460 1.29 64.01 25.09
N THR B 461 1.59 63.53 23.89
CA THR B 461 2.72 64.08 23.13
C THR B 461 2.39 65.46 22.59
N ARG B 462 1.22 65.62 22.04
CA ARG B 462 0.86 66.91 21.54
C ARG B 462 0.78 67.93 22.66
N ASP B 463 0.33 67.52 23.83
CA ASP B 463 0.06 68.44 24.93
C ASP B 463 1.34 69.01 25.51
N GLU B 464 2.39 68.21 25.57
CA GLU B 464 3.67 68.70 26.05
C GLU B 464 4.65 69.03 24.93
N PHE B 465 4.25 68.88 23.69
CA PHE B 465 5.10 69.33 22.60
C PHE B 465 4.55 70.69 22.34
N ALA B 466 3.30 70.91 22.75
CA ALA B 466 2.69 72.22 22.61
C ALA B 466 3.39 73.31 23.40
N GLN B 467 3.80 72.99 24.63
CA GLN B 467 4.42 73.99 25.48
C GLN B 467 5.69 74.50 24.87
N LEU B 468 6.49 73.62 24.30
CA LEU B 468 7.69 74.04 23.63
C LEU B 468 7.37 74.92 22.43
N PHE B 469 6.31 74.64 21.70
CA PHE B 469 5.96 75.36 20.46
C PHE B 469 4.76 76.27 20.59
N GLN B 470 4.42 76.74 21.77
CA GLN B 470 3.14 77.44 21.97
C GLN B 470 2.79 78.70 21.22
N TYR B 471 1.51 78.83 20.90
CA TYR B 471 1.03 79.94 20.08
C TYR B 471 1.11 81.32 20.61
N LYS B 472 1.37 82.24 19.70
CA LYS B 472 1.49 83.64 20.06
C LYS B 472 0.45 84.21 21.00
N ALA B 473 -0.80 83.78 20.90
CA ALA B 473 -1.75 84.45 21.77
C ALA B 473 -1.51 84.12 23.22
N VAL B 474 -1.16 82.87 23.53
CA VAL B 474 -0.87 82.54 24.92
C VAL B 474 0.46 83.14 25.32
N PHE B 475 1.33 83.44 24.35
CA PHE B 475 2.55 84.18 24.65
C PHE B 475 2.22 85.60 25.11
N ILE B 476 1.40 86.32 24.36
CA ILE B 476 1.02 87.67 24.75
C ILE B 476 0.23 87.68 26.07
N LEU B 477 -0.62 86.69 26.29
CA LEU B 477 -1.32 86.56 27.57
C LEU B 477 -0.36 86.28 28.71
N GLU B 478 0.63 85.44 28.46
CA GLU B 478 1.56 85.02 29.49
C GLU B 478 2.56 86.12 29.81
N GLU B 479 2.80 87.01 28.87
CA GLU B 479 3.63 88.19 29.16
C GLU B 479 2.82 89.26 29.86
N LEU B 480 1.50 89.28 29.65
CA LEU B 480 0.65 90.19 30.41
C LEU B 480 0.51 89.75 31.86
N LEU B 481 0.41 88.44 32.09
CA LEU B 481 0.19 87.95 33.44
C LEU B 481 1.44 87.95 34.30
N SER B 482 2.62 88.20 33.71
CA SER B 482 3.84 88.05 34.48
C SER B 482 4.05 89.14 35.53
N PRO B 483 3.67 90.41 35.30
CA PRO B 483 3.72 91.38 36.41
C PRO B 483 3.01 90.93 37.68
N ILE B 484 1.83 90.31 37.55
CA ILE B 484 1.06 89.90 38.73
C ILE B 484 1.40 88.50 39.22
N VAL B 485 2.06 87.69 38.40
CA VAL B 485 2.37 86.31 38.78
C VAL B 485 3.81 86.14 39.25
N THR B 486 4.74 86.91 38.73
CA THR B 486 6.17 86.76 39.05
C THR B 486 6.50 86.99 40.52
N PRO B 487 5.95 88.01 41.19
CA PRO B 487 6.25 88.14 42.62
C PRO B 487 5.82 86.96 43.46
N LEU B 488 4.66 86.37 43.19
CA LEU B 488 4.19 85.30 44.07
C LEU B 488 4.94 83.99 43.83
N ILE B 489 5.24 83.66 42.57
CA ILE B 489 6.15 82.54 42.35
C ILE B 489 7.51 82.82 42.98
N LEU B 490 8.00 84.05 42.87
CA LEU B 490 9.32 84.37 43.39
C LEU B 490 9.37 84.26 44.92
N ILE B 491 8.27 84.63 45.58
CA ILE B 491 8.24 84.58 47.04
C ILE B 491 7.98 83.17 47.55
N PHE B 492 7.10 82.41 46.88
CA PHE B 492 6.60 81.17 47.45
C PHE B 492 7.29 79.92 46.87
N CYS B 493 7.57 79.90 45.57
CA CYS B 493 7.99 78.64 44.95
C CYS B 493 9.50 78.54 44.85
N LEU B 494 10.22 79.67 44.93
CA LEU B 494 11.67 79.62 44.76
C LEU B 494 12.40 79.68 46.09
N ARG B 495 11.87 80.43 47.06
CA ARG B 495 12.52 80.52 48.37
C ARG B 495 12.72 79.17 49.04
N PRO B 496 11.81 78.18 48.92
CA PRO B 496 12.15 76.85 49.42
C PRO B 496 13.30 76.18 48.68
N ARG B 497 13.61 76.61 47.48
CA ARG B 497 14.67 75.92 46.78
C ARG B 497 16.05 76.53 47.01
N ALA B 498 16.14 77.53 47.87
CA ALA B 498 17.38 78.27 48.02
C ALA B 498 18.52 77.38 48.51
N LEU B 499 18.20 76.39 49.36
CA LEU B 499 19.24 75.51 49.86
C LEU B 499 19.72 74.55 48.77
N GLU B 500 18.89 74.29 47.77
CA GLU B 500 19.33 73.49 46.65
C GLU B 500 20.10 74.33 45.64
N ILE B 501 19.73 75.60 45.52
CA ILE B 501 20.45 76.52 44.64
C ILE B 501 21.87 76.73 45.16
N ILE B 502 22.02 76.93 46.47
CA ILE B 502 23.34 77.07 47.05
C ILE B 502 24.19 75.84 46.78
N ASP B 503 23.60 74.65 46.90
CA ASP B 503 24.36 73.42 46.69
C ASP B 503 24.69 73.22 45.22
N PHE B 504 23.84 73.70 44.32
CA PHE B 504 24.17 73.69 42.90
C PHE B 504 25.39 74.54 42.64
N PHE B 505 25.36 75.79 43.10
CA PHE B 505 26.45 76.71 42.77
C PHE B 505 27.74 76.33 43.48
N ARG B 506 27.65 75.65 44.62
CA ARG B 506 28.86 75.15 45.26
C ARG B 506 29.40 73.92 44.53
N ASN B 507 28.50 73.03 44.10
CA ASN B 507 28.93 71.77 43.52
C ASN B 507 29.34 71.92 42.07
N PHE B 508 28.55 72.65 41.29
CA PHE B 508 28.80 72.80 39.85
C PHE B 508 29.28 74.21 39.57
N THR B 509 30.57 74.44 39.82
CA THR B 509 31.24 75.68 39.44
C THR B 509 32.74 75.37 39.42
N VAL B 510 33.29 75.23 38.22
CA VAL B 510 34.70 74.92 38.04
C VAL B 510 35.47 76.20 37.78
N GLU B 511 36.72 76.24 38.24
CA GLU B 511 37.63 77.34 37.96
C GLU B 511 38.56 76.92 36.83
N VAL B 512 38.32 77.44 35.64
CA VAL B 512 39.14 77.18 34.46
C VAL B 512 40.17 78.29 34.35
N VAL B 513 41.39 77.94 33.96
CA VAL B 513 42.56 78.77 34.25
C VAL B 513 42.45 80.15 33.61
N GLY B 514 41.96 80.20 32.37
CA GLY B 514 41.97 81.46 31.66
C GLY B 514 40.69 82.27 31.87
N VAL B 515 39.56 81.58 32.04
CA VAL B 515 38.25 82.22 32.00
C VAL B 515 37.72 82.57 33.38
N GLY B 516 38.15 81.87 34.43
CA GLY B 516 37.60 82.10 35.75
C GLY B 516 36.63 81.03 36.20
N ASP B 517 35.47 81.44 36.72
CA ASP B 517 34.50 80.51 37.29
C ASP B 517 33.37 80.28 36.30
N THR B 518 33.30 79.09 35.74
CA THR B 518 32.30 78.73 34.77
C THR B 518 31.51 77.54 35.27
N CYS B 519 30.33 77.33 34.68
CA CYS B 519 29.51 76.18 35.00
C CYS B 519 30.28 74.89 34.77
N SER B 520 29.92 73.85 35.52
CA SER B 520 30.68 72.61 35.42
C SER B 520 30.25 71.79 34.20
N PHE B 521 28.99 71.95 33.79
CA PHE B 521 28.49 71.22 32.63
C PHE B 521 29.02 71.79 31.32
N ALA B 522 29.10 73.12 31.21
CA ALA B 522 29.49 73.78 29.98
C ALA B 522 30.92 73.45 29.57
N GLN B 523 31.68 72.75 30.40
CA GLN B 523 32.96 72.24 29.94
C GLN B 523 32.78 71.17 28.88
N PRO C 36 -10.87 35.45 21.04
CA PRO C 36 -9.50 35.00 21.32
C PRO C 36 -9.47 33.49 21.46
N TRP C 37 -10.57 32.82 21.13
CA TRP C 37 -10.61 31.39 21.37
C TRP C 37 -9.80 30.70 20.31
N HIS C 38 -10.02 29.40 20.15
CA HIS C 38 -9.17 28.64 19.24
C HIS C 38 -9.85 28.06 18.00
N HIS C 39 -9.57 28.62 16.83
CA HIS C 39 -10.09 28.08 15.56
C HIS C 39 -11.60 27.99 15.49
N ILE C 40 -12.30 28.97 16.06
CA ILE C 40 -13.75 28.96 16.01
C ILE C 40 -14.27 29.09 14.60
N GLU C 41 -13.62 29.94 13.82
CA GLU C 41 -14.11 30.23 12.48
C GLU C 41 -12.96 30.21 11.52
N ASN C 42 -13.30 30.14 10.24
CA ASN C 42 -12.29 30.14 9.23
C ASN C 42 -11.34 31.26 9.52
N LEU C 43 -10.08 31.03 9.25
CA LEU C 43 -9.11 32.03 9.59
C LEU C 43 -9.45 33.26 8.80
N ASP C 44 -9.85 33.06 7.55
CA ASP C 44 -10.18 34.19 6.76
C ASP C 44 -11.35 34.87 7.40
N LEU C 45 -12.30 34.10 7.90
CA LEU C 45 -13.48 34.72 8.45
C LEU C 45 -13.14 35.26 9.80
N PHE C 46 -11.86 35.19 10.16
CA PHE C 46 -11.47 35.78 11.42
C PHE C 46 -10.44 36.84 11.19
N PHE C 47 -9.41 36.52 10.42
CA PHE C 47 -8.34 37.45 10.10
C PHE C 47 -8.84 38.62 9.29
N SER C 48 -9.74 38.38 8.36
CA SER C 48 -10.24 39.45 7.56
C SER C 48 -10.98 40.43 8.40
N ARG C 49 -11.78 39.94 9.34
CA ARG C 49 -12.55 40.78 10.25
C ARG C 49 -11.62 41.55 11.15
N VAL C 50 -10.54 40.92 11.58
CA VAL C 50 -9.59 41.61 12.42
C VAL C 50 -9.01 42.78 11.66
N TYR C 51 -8.64 42.54 10.40
CA TYR C 51 -8.08 43.59 9.56
C TYR C 51 -9.07 44.69 9.30
N ASN C 52 -10.31 44.34 9.06
CA ASN C 52 -11.33 45.34 8.83
C ASN C 52 -11.56 46.19 10.06
N LEU C 53 -11.52 45.58 11.24
CA LEU C 53 -11.67 46.32 12.48
C LEU C 53 -10.50 47.25 12.65
N HIS C 54 -9.29 46.85 12.27
CA HIS C 54 -8.23 47.83 12.34
C HIS C 54 -8.45 48.97 11.36
N GLN C 55 -8.93 48.69 10.14
CA GLN C 55 -9.13 49.74 9.14
C GLN C 55 -10.17 50.79 9.48
N LYS C 56 -11.40 50.38 9.76
CA LYS C 56 -12.47 51.25 10.26
C LYS C 56 -12.17 51.43 11.74
N ASN C 57 -11.57 52.55 12.11
CA ASN C 57 -10.72 52.57 13.29
C ASN C 57 -11.54 52.29 14.53
N GLY C 58 -11.69 51.02 14.85
CA GLY C 58 -12.42 50.63 16.03
C GLY C 58 -13.85 50.16 15.85
N PHE C 59 -14.32 49.41 16.82
CA PHE C 59 -15.65 48.85 16.77
C PHE C 59 -16.72 49.90 16.69
N THR C 60 -16.62 50.94 17.49
CA THR C 60 -17.66 51.95 17.47
C THR C 60 -17.73 52.64 16.12
N CYS C 61 -16.57 52.86 15.56
CA CYS C 61 -16.56 53.44 14.26
C CYS C 61 -17.17 52.50 13.26
N MET C 62 -16.81 51.24 13.34
CA MET C 62 -17.26 50.35 12.31
C MET C 62 -18.74 50.32 12.32
N LEU C 63 -19.29 50.27 13.51
CA LEU C 63 -20.71 50.16 13.60
C LEU C 63 -21.28 51.37 12.97
N ILE C 64 -20.86 52.52 13.46
CA ILE C 64 -21.50 53.72 12.96
C ILE C 64 -21.42 53.80 11.46
N GLY C 65 -20.29 53.42 10.88
CA GLY C 65 -20.14 53.47 9.45
C GLY C 65 -21.14 52.58 8.78
N GLU C 66 -21.31 51.37 9.30
CA GLU C 66 -22.29 50.44 8.72
C GLU C 66 -23.70 50.97 8.86
N ILE C 67 -24.00 51.57 9.99
CA ILE C 67 -25.33 52.12 10.19
C ILE C 67 -25.60 53.24 9.19
N PHE C 68 -24.60 54.08 8.94
CA PHE C 68 -24.72 55.17 7.98
C PHE C 68 -24.91 54.63 6.59
N GLU C 69 -24.22 53.53 6.26
CA GLU C 69 -24.35 52.86 4.97
C GLU C 69 -25.77 52.33 4.80
N LEU C 70 -26.38 51.84 5.86
CA LEU C 70 -27.76 51.36 5.78
C LEU C 70 -28.80 52.47 5.65
N MET C 71 -28.51 53.62 6.26
CA MET C 71 -29.39 54.78 6.26
C MET C 71 -29.31 55.55 4.96
N GLN C 72 -28.19 55.46 4.27
CA GLN C 72 -28.08 56.09 2.95
C GLN C 72 -28.96 55.37 1.93
N PHE C 73 -28.89 54.04 1.90
CA PHE C 73 -29.79 53.28 1.03
C PHE C 73 -31.25 53.62 1.32
N LEU C 74 -31.65 53.51 2.57
CA LEU C 74 -33.04 53.76 2.93
C LEU C 74 -33.45 55.20 2.62
N PHE C 75 -32.53 56.14 2.76
CA PHE C 75 -32.85 57.55 2.50
C PHE C 75 -33.01 57.80 1.01
N VAL C 76 -32.11 57.27 0.18
CA VAL C 76 -32.27 57.40 -1.26
C VAL C 76 -33.62 56.87 -1.69
N VAL C 77 -33.95 55.65 -1.24
CA VAL C 77 -35.20 55.01 -1.70
C VAL C 77 -36.42 55.77 -1.19
N ALA C 78 -36.35 56.24 0.05
CA ALA C 78 -37.47 56.98 0.63
C ALA C 78 -37.94 58.12 -0.26
N PHE C 79 -37.12 59.14 -0.40
CA PHE C 79 -37.53 60.31 -1.17
C PHE C 79 -37.76 59.87 -2.58
N THR C 80 -36.90 58.99 -3.05
CA THR C 80 -37.06 58.48 -4.39
C THR C 80 -38.51 58.18 -4.53
N THR C 81 -39.14 57.93 -3.41
CA THR C 81 -40.55 57.56 -3.44
C THR C 81 -41.45 58.62 -2.85
N PHE C 82 -40.90 59.50 -2.02
CA PHE C 82 -41.64 60.64 -1.51
C PHE C 82 -41.74 61.73 -2.57
N LEU C 83 -40.64 61.99 -3.28
CA LEU C 83 -40.64 62.96 -4.37
C LEU C 83 -41.57 62.52 -5.50
N VAL C 84 -41.55 61.23 -5.84
CA VAL C 84 -42.39 60.74 -6.91
C VAL C 84 -43.86 60.81 -6.52
N SER C 85 -44.20 60.41 -5.29
CA SER C 85 -45.55 59.99 -4.97
C SER C 85 -46.36 60.95 -4.10
N CYS C 86 -45.73 61.69 -3.19
CA CYS C 86 -46.45 62.44 -2.17
C CYS C 86 -46.50 63.95 -2.42
N VAL C 87 -45.62 64.47 -3.27
CA VAL C 87 -45.48 65.91 -3.45
C VAL C 87 -46.37 66.35 -4.60
N ASP C 88 -47.05 67.47 -4.41
CA ASP C 88 -47.91 68.06 -5.43
C ASP C 88 -47.13 69.19 -6.08
N TYR C 89 -46.42 68.82 -7.13
CA TYR C 89 -45.59 69.75 -7.84
C TYR C 89 -46.34 70.93 -8.42
N ASP C 90 -47.59 70.74 -8.85
CA ASP C 90 -48.28 71.88 -9.44
C ASP C 90 -48.46 73.02 -8.44
N ILE C 91 -48.90 72.71 -7.23
CA ILE C 91 -49.06 73.74 -6.21
C ILE C 91 -47.73 74.34 -5.81
N LEU C 92 -46.70 73.50 -5.76
CA LEU C 92 -45.36 73.95 -5.42
C LEU C 92 -44.84 74.95 -6.44
N PHE C 93 -45.10 74.71 -7.72
CA PHE C 93 -44.56 75.58 -8.75
C PHE C 93 -45.35 76.86 -8.95
N ALA C 94 -46.61 76.74 -9.28
CA ALA C 94 -47.43 77.92 -9.54
C ALA C 94 -48.75 77.90 -8.78
N ASN C 95 -49.58 76.90 -9.05
CA ASN C 95 -50.99 76.92 -8.64
C ASN C 95 -51.19 76.63 -7.16
N LYS C 109 -48.71 83.74 0.05
CA LYS C 109 -47.51 83.11 0.55
C LYS C 109 -47.77 81.64 0.80
N VAL C 110 -46.99 80.77 0.15
CA VAL C 110 -47.19 79.34 0.33
C VAL C 110 -46.09 78.68 1.12
N THR C 111 -46.48 78.04 2.22
CA THR C 111 -45.57 77.32 3.09
C THR C 111 -45.15 76.03 2.41
N LEU C 112 -43.99 75.51 2.77
CA LEU C 112 -43.52 74.27 2.17
C LEU C 112 -44.52 73.12 2.31
N PRO C 113 -44.97 72.84 3.53
CA PRO C 113 -45.89 71.69 3.62
C PRO C 113 -47.23 71.89 2.95
N ASP C 114 -47.44 73.02 2.26
CA ASP C 114 -48.65 73.15 1.46
C ASP C 114 -48.61 72.23 0.24
N ALA C 115 -47.41 71.77 -0.12
CA ALA C 115 -47.28 70.88 -1.27
C ALA C 115 -47.63 69.45 -0.91
N PHE C 116 -47.01 68.93 0.13
CA PHE C 116 -47.19 67.56 0.56
C PHE C 116 -48.64 67.15 0.80
N LEU C 117 -48.94 65.91 0.43
CA LEU C 117 -50.26 65.35 0.61
C LEU C 117 -50.23 64.58 1.92
N PRO C 118 -51.38 64.49 2.60
CA PRO C 118 -51.48 63.79 3.88
C PRO C 118 -51.19 62.32 3.71
N ALA C 119 -50.61 61.69 4.73
CA ALA C 119 -50.23 60.28 4.63
C ALA C 119 -51.41 59.36 4.32
N GLN C 120 -52.56 59.63 4.88
CA GLN C 120 -53.74 58.83 4.60
C GLN C 120 -54.00 58.79 3.10
N VAL C 121 -53.43 59.74 2.36
CA VAL C 121 -53.58 59.76 0.92
C VAL C 121 -52.28 59.35 0.21
N CYS C 122 -51.13 59.62 0.84
CA CYS C 122 -49.88 59.17 0.26
C CYS C 122 -49.80 57.66 0.18
N SER C 123 -50.29 56.97 1.21
CA SER C 123 -50.26 55.51 1.20
C SER C 123 -51.08 54.96 0.03
N ALA C 124 -52.27 55.50 -0.18
CA ALA C 124 -53.11 55.05 -1.29
C ALA C 124 -52.50 55.43 -2.63
N ARG C 125 -51.85 56.59 -2.72
CA ARG C 125 -51.30 57.04 -4.00
C ARG C 125 -50.04 56.27 -4.36
N ILE C 126 -49.29 55.80 -3.37
CA ILE C 126 -48.12 54.96 -3.64
C ILE C 126 -48.49 53.49 -3.79
N GLN C 127 -49.61 53.07 -3.21
CA GLN C 127 -50.03 51.68 -3.29
C GLN C 127 -50.65 51.35 -4.64
N GLU C 128 -51.37 52.29 -5.24
CA GLU C 128 -51.92 52.08 -6.57
C GLU C 128 -50.90 52.38 -7.66
N ASN C 129 -49.72 51.78 -7.53
CA ASN C 129 -48.66 51.86 -8.52
C ASN C 129 -47.95 50.51 -8.56
N GLY C 130 -48.37 49.64 -9.47
CA GLY C 130 -47.81 48.31 -9.51
C GLY C 130 -46.31 48.31 -9.73
N SER C 131 -45.84 49.15 -10.64
CA SER C 131 -44.41 49.24 -10.88
C SER C 131 -43.68 49.77 -9.64
N LEU C 132 -44.20 50.82 -9.02
CA LEU C 132 -43.55 51.39 -7.84
C LEU C 132 -43.59 50.42 -6.68
N ILE C 133 -44.73 49.77 -6.45
CA ILE C 133 -44.83 48.82 -5.35
C ILE C 133 -43.90 47.64 -5.58
N THR C 134 -43.76 47.19 -6.83
CA THR C 134 -42.85 46.08 -7.10
C THR C 134 -41.40 46.47 -6.86
N ILE C 135 -41.00 47.66 -7.34
CA ILE C 135 -39.64 48.12 -7.09
C ILE C 135 -39.40 48.28 -5.60
N LEU C 136 -40.41 48.76 -4.86
CA LEU C 136 -40.25 48.94 -3.42
C LEU C 136 -40.16 47.60 -2.70
N VAL C 137 -40.88 46.59 -3.17
CA VAL C 137 -40.81 45.28 -2.52
C VAL C 137 -39.43 44.66 -2.75
N ILE C 138 -38.93 44.73 -3.98
CA ILE C 138 -37.57 44.21 -4.24
C ILE C 138 -36.54 45.01 -3.45
N ALA C 139 -36.70 46.33 -3.38
CA ALA C 139 -35.78 47.17 -2.62
C ALA C 139 -35.83 46.84 -1.14
N GLY C 140 -37.02 46.61 -0.60
CA GLY C 140 -37.15 46.27 0.80
C GLY C 140 -36.60 44.89 1.13
N VAL C 141 -36.71 43.96 0.18
CA VAL C 141 -36.12 42.63 0.41
C VAL C 141 -34.60 42.71 0.41
N PHE C 142 -34.02 43.44 -0.54
CA PHE C 142 -32.57 43.67 -0.50
C PHE C 142 -32.17 44.39 0.79
N TRP C 143 -32.97 45.34 1.21
CA TRP C 143 -32.62 46.02 2.43
C TRP C 143 -32.67 45.07 3.60
N ILE C 144 -33.75 44.31 3.77
CA ILE C 144 -33.86 43.42 4.93
C ILE C 144 -32.72 42.42 4.93
N HIS C 145 -32.33 41.92 3.76
CA HIS C 145 -31.17 41.04 3.69
C HIS C 145 -29.92 41.75 4.19
N ARG C 146 -29.75 43.02 3.83
CA ARG C 146 -28.57 43.75 4.27
C ARG C 146 -28.61 44.06 5.76
N LEU C 147 -29.79 44.35 6.30
CA LEU C 147 -29.92 44.60 7.73
C LEU C 147 -29.65 43.33 8.53
N ILE C 148 -30.13 42.19 8.06
CA ILE C 148 -29.87 40.92 8.74
C ILE C 148 -28.39 40.58 8.69
N LYS C 149 -27.75 40.79 7.54
CA LYS C 149 -26.31 40.58 7.48
C LYS C 149 -25.57 41.54 8.41
N PHE C 150 -26.10 42.75 8.60
CA PHE C 150 -25.45 43.71 9.48
C PHE C 150 -25.54 43.28 10.94
N ILE C 151 -26.71 42.83 11.37
CA ILE C 151 -26.86 42.32 12.73
C ILE C 151 -25.92 41.16 12.98
N TYR C 152 -25.91 40.19 12.06
CA TYR C 152 -25.01 39.05 12.20
C TYR C 152 -23.55 39.52 12.22
N ASN C 153 -23.23 40.55 11.44
CA ASN C 153 -21.86 41.02 11.36
C ASN C 153 -21.41 41.67 12.66
N ILE C 154 -22.27 42.46 13.28
CA ILE C 154 -21.85 43.10 14.53
C ILE C 154 -21.82 42.09 15.67
N CYS C 155 -22.69 41.09 15.64
CA CYS C 155 -22.60 40.03 16.63
C CYS C 155 -21.31 39.25 16.48
N CYS C 156 -20.76 39.20 15.26
CA CYS C 156 -19.48 38.51 15.07
C CYS C 156 -18.28 39.44 15.29
N TYR C 157 -18.50 40.76 15.20
CA TYR C 157 -17.46 41.75 15.41
C TYR C 157 -17.24 42.06 16.88
N TRP C 158 -18.25 41.89 17.72
CA TRP C 158 -18.02 42.00 19.15
C TRP C 158 -16.99 40.95 19.61
N GLU C 159 -17.07 39.78 19.02
CA GLU C 159 -16.17 38.73 19.43
C GLU C 159 -14.78 39.21 19.10
N ILE C 160 -14.63 39.76 17.90
CA ILE C 160 -13.33 40.23 17.49
C ILE C 160 -12.87 41.38 18.40
N HIS C 161 -13.78 42.28 18.78
CA HIS C 161 -13.43 43.35 19.69
C HIS C 161 -12.76 42.73 20.87
N SER C 162 -13.52 41.88 21.52
CA SER C 162 -13.00 41.21 22.70
C SER C 162 -11.64 40.58 22.42
N PHE C 163 -11.43 40.04 21.22
CA PHE C 163 -10.11 39.53 20.85
C PHE C 163 -9.04 40.59 21.04
N TYR C 164 -9.25 41.77 20.44
CA TYR C 164 -8.31 42.87 20.60
C TYR C 164 -8.05 43.15 22.06
N LEU C 165 -9.12 43.55 22.79
CA LEU C 165 -8.95 44.04 24.15
C LEU C 165 -8.30 42.99 25.06
N HIS C 166 -8.67 41.72 24.92
CA HIS C 166 -8.26 40.75 25.93
C HIS C 166 -7.02 39.96 25.52
N ALA C 167 -6.86 39.62 24.24
CA ALA C 167 -5.72 38.85 23.78
C ALA C 167 -4.65 39.66 23.11
N LEU C 168 -5.00 40.71 22.36
CA LEU C 168 -4.00 41.60 21.80
C LEU C 168 -3.67 42.75 22.72
N ARG C 169 -4.62 43.16 23.56
CA ARG C 169 -4.52 44.20 24.57
C ARG C 169 -4.40 45.59 23.94
N ILE C 170 -5.02 45.81 22.80
CA ILE C 170 -5.05 47.13 22.16
C ILE C 170 -6.43 47.73 22.37
N PRO C 171 -6.59 48.67 23.29
CA PRO C 171 -7.91 49.30 23.47
C PRO C 171 -8.36 50.02 22.22
N MET C 172 -9.67 50.24 22.11
CA MET C 172 -10.21 50.90 20.93
C MET C 172 -9.74 52.34 20.84
N SER C 173 -9.26 52.90 21.95
CA SER C 173 -8.73 54.26 21.93
C SER C 173 -7.36 54.31 21.26
N ALA C 174 -6.53 53.30 21.51
CA ALA C 174 -5.20 53.23 20.93
C ALA C 174 -5.18 52.59 19.56
N LEU C 175 -6.35 52.32 18.98
CA LEU C 175 -6.40 51.60 17.71
C LEU C 175 -6.23 52.50 16.48
N PRO C 176 -7.05 53.56 16.38
CA PRO C 176 -6.87 54.30 15.13
C PRO C 176 -5.41 54.46 15.09
N TYR C 177 -4.87 54.50 16.28
CA TYR C 177 -3.47 54.73 16.40
C TYR C 177 -2.57 53.53 16.53
N CYS C 178 -3.09 52.32 16.50
CA CYS C 178 -2.20 51.19 16.78
C CYS C 178 -1.11 51.08 15.76
N THR C 179 -1.43 51.27 14.50
CA THR C 179 -0.48 51.21 13.38
C THR C 179 -0.51 49.77 12.95
N TRP C 180 -0.31 49.52 11.67
CA TRP C 180 -0.44 48.15 11.21
C TRP C 180 0.59 47.19 11.72
N GLN C 181 1.83 47.63 11.79
CA GLN C 181 2.87 46.71 12.13
C GLN C 181 2.65 46.17 13.50
N GLU C 182 2.22 47.01 14.41
CA GLU C 182 2.09 46.59 15.79
C GLU C 182 1.09 45.47 16.00
N VAL C 183 -0.04 45.54 15.31
CA VAL C 183 -0.98 44.47 15.43
C VAL C 183 -0.28 43.24 14.92
N GLN C 184 0.48 43.41 13.84
CA GLN C 184 1.13 42.26 13.25
C GLN C 184 2.04 41.75 14.29
N ALA C 185 2.69 42.67 14.97
CA ALA C 185 3.63 42.27 15.99
C ALA C 185 2.90 41.79 17.21
N ARG C 186 1.58 41.85 17.19
CA ARG C 186 0.91 41.47 18.42
C ARG C 186 0.29 40.13 18.15
N ILE C 187 -0.45 40.01 17.04
CA ILE C 187 -1.14 38.75 16.71
C ILE C 187 -0.15 37.58 16.65
N VAL C 188 0.99 37.79 16.01
CA VAL C 188 1.96 36.71 15.84
C VAL C 188 2.58 36.32 17.17
N GLN C 189 2.75 37.29 18.07
CA GLN C 189 3.25 36.96 19.41
C GLN C 189 2.16 36.30 20.26
N THR C 190 0.90 36.69 20.04
CA THR C 190 -0.23 36.07 20.73
C THR C 190 -0.39 34.61 20.36
N GLN C 191 -0.03 34.24 19.13
CA GLN C 191 -0.21 32.87 18.66
C GLN C 191 0.30 31.85 19.67
N LYS C 192 1.22 32.24 20.55
CA LYS C 192 1.69 31.32 21.58
C LYS C 192 0.66 31.14 22.69
N GLU C 193 0.19 32.24 23.26
CA GLU C 193 -0.65 32.18 24.45
C GLU C 193 -2.09 31.80 24.13
N HIS C 194 -2.83 32.69 23.48
CA HIS C 194 -4.15 32.30 23.03
C HIS C 194 -3.78 31.67 21.72
N GLN C 195 -3.79 30.34 21.65
CA GLN C 195 -3.32 29.67 20.43
C GLN C 195 -4.17 29.93 19.19
N ILE C 196 -3.50 30.22 18.08
CA ILE C 196 -4.23 30.63 16.87
C ILE C 196 -4.86 29.54 16.03
N CYS C 197 -6.18 29.44 16.10
CA CYS C 197 -6.86 28.50 15.24
C CYS C 197 -6.34 27.09 15.47
N ILE C 198 -6.02 26.41 14.38
CA ILE C 198 -5.51 25.08 14.50
C ILE C 198 -4.22 25.23 15.26
N HIS C 199 -3.46 26.28 14.95
CA HIS C 199 -2.16 26.50 15.57
C HIS C 199 -1.21 25.58 14.85
N LYS C 200 -1.71 24.95 13.79
CA LYS C 200 -0.89 24.06 13.00
C LYS C 200 0.38 24.82 12.74
N ARG C 201 0.28 25.90 11.98
CA ARG C 201 1.47 26.72 11.83
C ARG C 201 1.55 27.88 12.79
N GLU C 202 2.76 28.19 13.23
CA GLU C 202 2.93 29.39 14.03
C GLU C 202 2.64 30.42 12.99
N LEU C 203 2.50 31.68 13.37
CA LEU C 203 2.10 32.58 12.32
C LEU C 203 3.19 32.57 11.29
N THR C 204 2.81 32.41 10.04
CA THR C 204 3.77 32.48 8.94
C THR C 204 4.35 33.85 8.84
N GLU C 205 3.52 34.87 9.08
CA GLU C 205 3.93 36.26 8.86
C GLU C 205 3.67 36.45 7.39
N LEU C 206 3.09 35.43 6.76
CA LEU C 206 2.69 35.53 5.37
C LEU C 206 1.34 34.90 5.40
N ASP C 207 1.18 33.89 6.26
CA ASP C 207 -0.09 33.20 6.39
C ASP C 207 -1.24 34.18 6.55
N ILE C 208 -1.08 35.18 7.43
CA ILE C 208 -2.15 36.15 7.61
C ILE C 208 -2.45 36.87 6.31
N TYR C 209 -1.41 37.16 5.53
CA TYR C 209 -1.58 37.84 4.25
C TYR C 209 -2.38 36.98 3.29
N HIS C 210 -2.00 35.71 3.15
CA HIS C 210 -2.72 34.78 2.30
C HIS C 210 -4.19 34.65 2.73
N ARG C 211 -4.42 34.56 4.04
CA ARG C 211 -5.79 34.44 4.53
C ARG C 211 -6.62 35.65 4.15
N ILE C 212 -6.09 36.86 4.33
CA ILE C 212 -6.90 38.05 4.04
C ILE C 212 -7.05 38.24 2.53
N LEU C 213 -6.06 37.82 1.75
CA LEU C 213 -5.99 38.18 0.33
C LEU C 213 -6.04 37.00 -0.62
N ARG C 214 -6.64 35.87 -0.22
CA ARG C 214 -6.70 34.71 -1.10
C ARG C 214 -7.38 35.02 -2.43
N PHE C 215 -8.60 35.56 -2.40
CA PHE C 215 -9.34 35.77 -3.63
C PHE C 215 -8.84 37.00 -4.38
N GLN C 216 -8.26 37.94 -3.66
CA GLN C 216 -7.72 39.14 -4.31
C GLN C 216 -6.42 38.84 -5.05
N ASN C 217 -5.60 37.92 -4.54
CA ASN C 217 -4.46 37.49 -5.34
C ASN C 217 -4.92 36.79 -6.61
N TYR C 218 -6.04 36.07 -6.54
CA TYR C 218 -6.59 35.43 -7.73
C TYR C 218 -7.05 36.45 -8.75
N MET C 219 -7.72 37.51 -8.29
CA MET C 219 -8.10 38.58 -9.21
C MET C 219 -6.87 39.25 -9.81
N VAL C 220 -5.85 39.51 -9.00
CA VAL C 220 -4.64 40.15 -9.50
C VAL C 220 -4.00 39.28 -10.59
N ALA C 221 -3.97 37.97 -10.38
CA ALA C 221 -3.32 37.09 -11.36
C ALA C 221 -4.19 36.87 -12.58
N LEU C 222 -5.51 36.92 -12.43
CA LEU C 222 -6.42 36.83 -13.57
C LEU C 222 -6.26 38.03 -14.48
N VAL C 223 -6.32 39.24 -13.91
CA VAL C 223 -6.18 40.45 -14.69
C VAL C 223 -4.76 40.58 -15.23
N ASN C 224 -3.78 40.03 -14.52
CA ASN C 224 -2.39 40.17 -14.92
C ASN C 224 -2.07 39.31 -16.14
N LYS C 225 -2.75 38.17 -16.28
CA LYS C 225 -2.49 37.27 -17.40
C LYS C 225 -3.53 37.37 -18.50
N SER C 226 -4.31 38.44 -18.50
CA SER C 226 -5.18 38.83 -19.60
C SER C 226 -6.35 37.88 -19.82
N LEU C 227 -6.68 37.03 -18.86
CA LEU C 227 -8.04 36.49 -18.80
C LEU C 227 -8.97 37.62 -18.39
N LEU C 228 -10.25 37.30 -18.20
CA LEU C 228 -11.15 38.35 -17.73
C LEU C 228 -11.25 39.53 -18.70
N PRO C 229 -12.09 39.44 -19.73
CA PRO C 229 -12.17 40.50 -20.73
C PRO C 229 -12.33 41.92 -20.20
N LEU C 230 -11.32 42.75 -20.44
CA LEU C 230 -11.39 44.17 -20.09
C LEU C 230 -11.28 45.07 -21.32
N ARG C 231 -10.37 44.76 -22.23
CA ARG C 231 -10.15 45.56 -23.44
C ARG C 231 -11.27 45.32 -24.44
N PHE C 232 -11.81 46.39 -24.98
CA PHE C 232 -12.82 46.34 -26.00
C PHE C 232 -12.45 47.29 -27.11
N ARG C 233 -12.87 46.98 -28.32
CA ARG C 233 -12.58 47.83 -29.48
C ARG C 233 -13.87 48.52 -29.91
N LEU C 234 -14.09 49.71 -29.38
CA LEU C 234 -15.28 50.46 -29.75
C LEU C 234 -15.07 51.20 -31.06
N PRO C 235 -16.10 51.29 -31.90
CA PRO C 235 -15.99 52.14 -33.10
C PRO C 235 -16.04 53.60 -32.71
N GLY C 236 -15.21 54.41 -33.37
CA GLY C 236 -15.10 55.81 -33.05
C GLY C 236 -14.22 56.13 -31.88
N LEU C 237 -13.61 55.12 -31.25
CA LEU C 237 -12.71 55.32 -30.13
C LEU C 237 -11.64 54.24 -30.17
N GLY C 238 -10.57 54.46 -29.40
CA GLY C 238 -9.55 53.45 -29.27
C GLY C 238 -10.06 52.24 -28.50
N GLU C 239 -9.12 51.40 -28.09
CA GLU C 239 -9.49 50.24 -27.28
C GLU C 239 -9.86 50.71 -25.88
N ALA C 240 -11.14 50.72 -25.57
CA ALA C 240 -11.61 51.09 -24.25
C ALA C 240 -11.34 49.97 -23.26
N VAL C 241 -11.20 50.34 -22.00
CA VAL C 241 -11.16 49.40 -20.88
C VAL C 241 -12.41 49.63 -20.05
N PHE C 242 -13.18 48.57 -19.84
CA PHE C 242 -14.41 48.64 -19.07
C PHE C 242 -14.32 47.65 -17.91
N PHE C 243 -13.85 48.13 -16.77
CA PHE C 243 -13.76 47.37 -15.54
C PHE C 243 -14.39 48.19 -14.43
N THR C 244 -15.51 47.70 -13.90
CA THR C 244 -16.28 48.45 -12.92
C THR C 244 -16.36 47.67 -11.62
N ARG C 245 -17.12 48.23 -10.69
CA ARG C 245 -17.43 47.61 -9.41
C ARG C 245 -18.38 46.42 -9.52
N GLY C 246 -19.43 46.56 -10.33
CA GLY C 246 -20.39 45.50 -10.59
C GLY C 246 -19.81 44.36 -11.39
N LEU C 247 -18.94 44.66 -12.34
CA LEU C 247 -18.33 43.62 -13.15
C LEU C 247 -17.40 42.74 -12.32
N LYS C 248 -16.58 43.35 -11.47
CA LYS C 248 -15.68 42.57 -10.62
C LYS C 248 -16.47 41.80 -9.56
N TYR C 249 -17.55 42.39 -9.07
CA TYR C 249 -18.47 41.67 -8.19
C TYR C 249 -19.00 40.42 -8.86
N ASN C 250 -19.44 40.54 -10.10
CA ASN C 250 -19.95 39.38 -10.83
C ASN C 250 -18.86 38.34 -11.06
N PHE C 251 -17.64 38.78 -11.37
CA PHE C 251 -16.55 37.83 -11.56
C PHE C 251 -16.28 37.04 -10.30
N GLU C 252 -16.30 37.71 -9.14
CA GLU C 252 -16.05 37.02 -7.89
C GLU C 252 -17.23 36.13 -7.49
N LEU C 253 -18.45 36.58 -7.75
CA LEU C 253 -19.62 35.74 -7.49
C LEU C 253 -19.62 34.51 -8.38
N ILE C 254 -19.08 34.61 -9.58
CA ILE C 254 -19.01 33.45 -10.46
C ILE C 254 -17.90 32.51 -10.04
N LEU C 255 -16.76 33.04 -9.63
CA LEU C 255 -15.59 32.19 -9.48
C LEU C 255 -15.41 31.69 -8.05
N PHE C 256 -15.68 32.55 -7.05
CA PHE C 256 -15.20 32.33 -5.69
C PHE C 256 -16.28 32.05 -4.66
N TRP C 257 -17.28 32.91 -4.50
CA TRP C 257 -18.28 32.72 -3.45
C TRP C 257 -19.67 32.61 -4.07
N GLY C 258 -20.21 31.41 -4.07
CA GLY C 258 -21.55 31.20 -4.54
C GLY C 258 -22.05 29.82 -4.20
N PRO C 259 -23.16 29.43 -4.82
CA PRO C 259 -23.66 28.06 -4.61
C PRO C 259 -22.79 27.00 -5.24
N GLY C 260 -22.37 27.21 -6.48
CA GLY C 260 -21.61 26.20 -7.20
C GLY C 260 -20.27 26.70 -7.72
N SER C 261 -19.57 27.50 -6.93
CA SER C 261 -18.36 28.16 -7.37
C SER C 261 -17.22 27.15 -7.57
N LEU C 262 -16.03 27.69 -7.80
CA LEU C 262 -14.84 26.85 -7.88
C LEU C 262 -14.43 26.36 -6.51
N PHE C 263 -14.78 27.09 -5.47
CA PHE C 263 -14.34 26.82 -4.10
C PHE C 263 -15.52 26.34 -3.27
N LEU C 264 -15.27 25.35 -2.41
CA LEU C 264 -16.32 24.80 -1.55
C LEU C 264 -16.24 25.31 -0.12
N ASN C 265 -15.03 25.60 0.37
CA ASN C 265 -14.79 25.90 1.77
C ASN C 265 -14.56 27.38 2.05
N GLU C 266 -14.05 28.13 1.07
CA GLU C 266 -13.38 29.43 1.16
C GLU C 266 -11.88 29.27 1.39
N TRP C 267 -11.38 28.07 1.61
CA TRP C 267 -9.95 27.85 1.64
C TRP C 267 -9.52 26.57 0.92
N SER C 268 -10.39 25.97 0.14
CA SER C 268 -10.07 24.73 -0.56
C SER C 268 -10.80 24.70 -1.89
N LEU C 269 -10.10 24.32 -2.95
CA LEU C 269 -10.68 24.19 -4.27
C LEU C 269 -11.39 22.84 -4.36
N LYS C 270 -12.51 22.84 -5.08
CA LYS C 270 -13.28 21.61 -5.25
C LYS C 270 -12.39 20.56 -5.90
N ALA C 271 -12.69 19.28 -5.66
CA ALA C 271 -11.72 18.23 -5.92
C ALA C 271 -11.53 17.96 -7.41
N GLU C 272 -12.56 18.25 -8.21
CA GLU C 272 -12.49 17.90 -9.62
C GLU C 272 -11.60 18.86 -10.39
N TYR C 273 -11.52 20.12 -9.95
CA TYR C 273 -10.76 21.11 -10.69
C TYR C 273 -9.27 20.84 -10.61
N LYS C 274 -8.84 20.03 -9.66
CA LYS C 274 -7.42 19.67 -9.60
C LYS C 274 -7.09 18.56 -10.58
N ARG C 275 -8.11 17.92 -11.17
CA ARG C 275 -7.87 16.80 -12.06
C ARG C 275 -7.66 17.27 -13.49
N GLY C 276 -6.64 16.71 -14.15
CA GLY C 276 -6.37 17.09 -15.53
C GLY C 276 -7.47 16.67 -16.47
N GLY C 277 -7.95 15.44 -16.32
CA GLY C 277 -9.05 14.98 -17.15
C GLY C 277 -10.34 15.73 -16.88
N GLN C 278 -11.39 15.33 -17.58
CA GLN C 278 -12.73 15.92 -17.47
C GLN C 278 -12.72 17.44 -17.53
N ARG C 279 -11.71 18.04 -18.17
CA ARG C 279 -11.64 19.50 -18.26
C ARG C 279 -12.74 20.05 -19.13
N LEU C 280 -13.19 19.29 -20.13
CA LEU C 280 -14.16 19.82 -21.09
C LEU C 280 -15.56 19.87 -20.49
N GLU C 281 -15.94 18.85 -19.72
CA GLU C 281 -17.24 18.90 -19.05
C GLU C 281 -17.27 19.98 -17.98
N LEU C 282 -16.15 20.18 -17.27
CA LEU C 282 -16.06 21.28 -16.31
C LEU C 282 -16.17 22.62 -17.00
N ALA C 283 -15.54 22.75 -18.18
CA ALA C 283 -15.66 23.99 -18.94
C ALA C 283 -17.09 24.24 -19.37
N GLN C 284 -17.79 23.20 -19.82
CA GLN C 284 -19.20 23.37 -20.20
C GLN C 284 -20.05 23.75 -18.99
N ARG C 285 -19.79 23.15 -17.84
CA ARG C 285 -20.55 23.49 -16.64
C ARG C 285 -20.29 24.93 -16.21
N LEU C 286 -19.03 25.37 -16.26
CA LEU C 286 -18.72 26.76 -15.93
C LEU C 286 -19.37 27.71 -16.92
N SER C 287 -19.36 27.37 -18.21
CA SER C 287 -19.99 28.21 -19.21
C SER C 287 -21.49 28.34 -18.96
N ASN C 288 -22.15 27.25 -18.59
CA ASN C 288 -23.58 27.34 -18.30
C ASN C 288 -23.84 28.16 -17.05
N ARG C 289 -22.99 28.00 -16.04
CA ARG C 289 -23.14 28.78 -14.80
C ARG C 289 -23.03 30.27 -15.08
N ILE C 290 -22.01 30.66 -15.85
CA ILE C 290 -21.83 32.07 -16.15
C ILE C 290 -22.90 32.58 -17.11
N LEU C 291 -23.43 31.72 -17.98
CA LEU C 291 -24.58 32.11 -18.80
C LEU C 291 -25.76 32.49 -17.92
N TRP C 292 -26.06 31.67 -16.92
CA TRP C 292 -27.26 31.93 -16.13
C TRP C 292 -27.05 33.09 -15.15
N ILE C 293 -25.81 33.29 -14.69
CA ILE C 293 -25.54 34.47 -13.87
C ILE C 293 -25.62 35.74 -14.71
N GLY C 294 -25.15 35.68 -15.96
CA GLY C 294 -25.33 36.80 -16.86
C GLY C 294 -26.80 37.09 -17.14
N ILE C 295 -27.62 36.05 -17.23
CA ILE C 295 -29.05 36.27 -17.49
C ILE C 295 -29.73 36.87 -16.27
N ALA C 296 -29.32 36.45 -15.07
CA ALA C 296 -29.82 37.12 -13.87
C ALA C 296 -29.44 38.59 -13.86
N ASN C 297 -28.20 38.90 -14.27
CA ASN C 297 -27.80 40.30 -14.41
C ASN C 297 -28.66 41.04 -15.41
N PHE C 298 -28.93 40.42 -16.56
CA PHE C 298 -29.74 41.09 -17.58
C PHE C 298 -31.16 41.33 -17.09
N LEU C 299 -31.68 40.45 -16.24
CA LEU C 299 -33.04 40.64 -15.73
C LEU C 299 -33.08 41.68 -14.63
N LEU C 300 -32.02 41.76 -13.82
CA LEU C 300 -31.91 42.79 -12.79
C LEU C 300 -31.44 44.13 -13.32
N CYS C 301 -31.09 44.20 -14.60
CA CYS C 301 -30.65 45.46 -15.21
C CYS C 301 -31.50 46.68 -14.87
N PRO C 302 -32.82 46.68 -15.02
CA PRO C 302 -33.57 47.93 -14.75
C PRO C 302 -33.40 48.44 -13.33
N LEU C 303 -33.37 47.54 -12.35
CA LEU C 303 -33.34 47.98 -10.96
C LEU C 303 -31.98 48.59 -10.60
N ILE C 304 -30.90 47.94 -11.01
CA ILE C 304 -29.57 48.48 -10.73
C ILE C 304 -29.36 49.75 -11.54
N LEU C 305 -29.93 49.85 -12.74
CA LEU C 305 -29.85 51.10 -13.48
C LEU C 305 -30.54 52.23 -12.73
N ILE C 306 -31.73 51.98 -12.20
CA ILE C 306 -32.43 52.98 -11.42
C ILE C 306 -31.60 53.39 -10.20
N TRP C 307 -31.15 52.39 -9.46
CA TRP C 307 -30.44 52.67 -8.23
C TRP C 307 -29.18 53.34 -8.59
N GLN C 308 -28.58 52.90 -9.67
CA GLN C 308 -27.41 53.60 -10.10
C GLN C 308 -27.89 54.98 -10.42
N ILE C 309 -29.05 55.10 -11.06
CA ILE C 309 -29.58 56.39 -11.41
C ILE C 309 -29.74 57.22 -10.16
N LEU C 310 -30.58 56.75 -9.25
CA LEU C 310 -30.85 57.53 -8.07
C LEU C 310 -29.71 57.87 -7.16
N TYR C 311 -28.86 56.91 -6.85
CA TYR C 311 -27.79 57.19 -5.88
C TYR C 311 -26.74 58.10 -6.43
N ALA C 312 -26.57 58.03 -7.73
CA ALA C 312 -25.54 58.84 -8.35
C ALA C 312 -26.12 60.19 -8.59
N PHE C 313 -27.28 60.23 -9.20
CA PHE C 313 -27.78 61.53 -9.56
C PHE C 313 -27.72 62.49 -8.41
N PHE C 314 -28.10 62.03 -7.23
CA PHE C 314 -28.18 62.97 -6.13
C PHE C 314 -26.81 63.54 -5.83
N SER C 315 -25.87 62.65 -5.64
CA SER C 315 -24.56 63.07 -5.18
C SER C 315 -23.81 64.00 -6.08
N TYR C 316 -23.42 63.50 -7.23
CA TYR C 316 -22.55 64.29 -8.09
C TYR C 316 -23.08 65.61 -8.63
N ALA C 317 -24.34 65.69 -8.98
CA ALA C 317 -24.82 66.89 -9.66
C ALA C 317 -24.65 68.14 -8.80
N GLU C 318 -24.92 68.02 -7.51
CA GLU C 318 -24.82 69.17 -6.67
C GLU C 318 -23.39 69.62 -6.70
N VAL C 319 -22.47 68.67 -6.69
CA VAL C 319 -21.08 69.02 -6.67
C VAL C 319 -20.76 69.78 -7.93
N LEU C 320 -21.31 69.32 -9.04
CA LEU C 320 -21.03 69.98 -10.29
C LEU C 320 -21.58 71.37 -10.18
N LYS C 321 -22.75 71.49 -9.60
CA LYS C 321 -23.34 72.79 -9.42
C LYS C 321 -22.31 73.64 -8.73
N ARG C 322 -21.87 73.19 -7.56
CA ARG C 322 -20.83 73.94 -6.84
C ARG C 322 -19.63 74.21 -7.74
N GLU C 323 -18.87 73.16 -8.09
CA GLU C 323 -17.59 73.30 -8.80
C GLU C 323 -17.58 72.33 -9.97
N PRO C 324 -18.03 72.77 -11.15
CA PRO C 324 -18.11 71.84 -12.28
C PRO C 324 -16.78 71.27 -12.71
N GLY C 325 -15.67 71.80 -12.21
CA GLY C 325 -14.37 71.28 -12.54
C GLY C 325 -13.84 70.24 -11.58
N ALA C 326 -14.59 69.91 -10.53
CA ALA C 326 -14.19 68.83 -9.65
C ALA C 326 -14.30 67.49 -10.37
N LEU C 327 -15.25 67.38 -11.31
CA LEU C 327 -15.39 66.18 -12.11
C LEU C 327 -14.36 66.09 -13.23
N GLY C 328 -13.58 67.15 -13.44
CA GLY C 328 -12.45 67.08 -14.36
C GLY C 328 -11.19 66.56 -13.73
N ALA C 329 -11.15 66.49 -12.40
CA ALA C 329 -10.02 65.86 -11.74
C ALA C 329 -10.07 64.36 -11.99
N ARG C 330 -8.92 63.72 -11.84
CA ARG C 330 -8.79 62.33 -12.26
C ARG C 330 -8.55 61.42 -11.06
N CYS C 331 -9.05 60.19 -11.16
CA CYS C 331 -9.01 59.21 -10.09
C CYS C 331 -8.34 57.95 -10.59
N TRP C 332 -7.93 57.05 -9.73
CA TRP C 332 -7.14 55.90 -10.25
C TRP C 332 -7.87 54.72 -10.97
N SER C 333 -9.16 54.49 -10.76
CA SER C 333 -9.98 53.48 -11.49
C SER C 333 -9.96 52.15 -10.79
N LEU C 334 -10.99 51.34 -10.97
CA LEU C 334 -10.98 50.01 -10.39
C LEU C 334 -9.85 49.33 -11.05
N TYR C 335 -9.73 49.56 -12.35
CA TYR C 335 -8.64 49.00 -13.09
C TYR C 335 -7.51 49.83 -12.68
N GLY C 336 -6.30 49.35 -12.87
CA GLY C 336 -5.26 50.27 -12.48
C GLY C 336 -5.01 50.17 -10.99
N ARG C 337 -6.08 50.08 -10.20
CA ARG C 337 -5.96 49.58 -8.84
C ARG C 337 -5.65 48.09 -8.85
N CYS C 338 -6.07 47.38 -9.90
CA CYS C 338 -5.80 45.95 -10.01
C CYS C 338 -4.56 45.70 -10.84
N TYR C 339 -4.17 46.66 -11.68
CA TYR C 339 -2.99 46.52 -12.52
C TYR C 339 -1.72 46.89 -11.78
N LEU C 340 -1.77 47.93 -10.96
CA LEU C 340 -0.59 48.45 -10.27
C LEU C 340 -0.38 47.80 -8.92
N ARG C 341 -1.23 46.84 -8.56
CA ARG C 341 -1.20 46.21 -7.26
C ARG C 341 -0.25 45.03 -7.18
N HIS C 342 0.60 44.98 -6.16
CA HIS C 342 1.47 43.82 -5.95
C HIS C 342 0.63 42.63 -5.51
N PHE C 343 1.23 41.46 -5.40
CA PHE C 343 0.44 40.29 -5.06
C PHE C 343 -0.13 40.34 -3.66
N ASN C 344 0.71 40.21 -2.63
CA ASN C 344 0.22 40.18 -1.24
C ASN C 344 0.28 41.58 -0.65
N GLU C 345 -0.62 42.43 -1.14
CA GLU C 345 -0.62 43.83 -0.78
C GLU C 345 -1.98 44.20 -0.21
N LEU C 346 -2.01 44.50 1.07
CA LEU C 346 -3.26 44.90 1.70
C LEU C 346 -3.74 46.21 1.13
N GLU C 347 -5.01 46.51 1.33
CA GLU C 347 -5.60 47.65 0.64
C GLU C 347 -4.92 48.95 1.02
N HIS C 348 -4.50 49.09 2.27
CA HIS C 348 -3.96 50.36 2.72
C HIS C 348 -2.57 50.60 2.15
N GLU C 349 -1.82 49.54 1.86
CA GLU C 349 -0.52 49.72 1.24
C GLU C 349 -0.65 50.15 -0.21
N LEU C 350 -1.58 49.54 -0.95
CA LEU C 350 -1.85 49.99 -2.30
C LEU C 350 -2.30 51.44 -2.31
N GLN C 351 -3.22 51.82 -1.44
CA GLN C 351 -3.71 53.19 -1.47
C GLN C 351 -2.65 54.19 -1.03
N SER C 352 -1.78 53.82 -0.10
CA SER C 352 -0.66 54.69 0.24
C SER C 352 0.24 54.92 -0.96
N ARG C 353 0.57 53.85 -1.69
CA ARG C 353 1.35 53.99 -2.92
C ARG C 353 0.61 54.83 -3.96
N LEU C 354 -0.70 54.72 -4.00
CA LEU C 354 -1.48 55.34 -5.06
C LEU C 354 -1.65 56.82 -4.84
N ASN C 355 -1.65 57.27 -3.59
CA ASN C 355 -1.78 58.71 -3.37
C ASN C 355 -0.42 59.37 -3.15
N ARG C 356 0.59 58.61 -2.82
CA ARG C 356 1.89 59.18 -2.77
C ARG C 356 2.16 59.60 -4.21
N GLY C 357 1.71 58.83 -5.18
CA GLY C 357 1.98 59.07 -6.58
C GLY C 357 0.86 59.72 -7.37
N TYR C 358 0.03 60.54 -6.75
CA TYR C 358 -1.13 61.12 -7.42
C TYR C 358 -0.81 62.47 -8.04
N LYS C 359 -0.14 63.34 -7.30
CA LYS C 359 0.19 64.67 -7.82
C LYS C 359 1.21 64.64 -8.95
N PRO C 360 2.26 63.81 -8.91
CA PRO C 360 3.05 63.64 -10.13
C PRO C 360 2.22 63.27 -11.34
N ALA C 361 1.23 62.39 -11.16
CA ALA C 361 0.43 61.94 -12.28
C ALA C 361 -0.49 63.03 -12.81
N SER C 362 -0.99 63.89 -11.92
CA SER C 362 -1.78 65.02 -12.40
C SER C 362 -0.92 66.05 -13.13
N LYS C 363 0.31 66.25 -12.64
CA LYS C 363 1.24 67.12 -13.36
C LYS C 363 1.57 66.56 -14.73
N TYR C 364 1.65 65.24 -14.86
CA TYR C 364 1.86 64.64 -16.18
C TYR C 364 0.64 64.85 -17.07
N MET C 365 -0.55 64.53 -16.57
CA MET C 365 -1.72 64.60 -17.44
C MET C 365 -2.01 66.01 -17.89
N ASN C 366 -1.62 67.02 -17.09
CA ASN C 366 -1.91 68.40 -17.49
C ASN C 366 -0.82 69.00 -18.37
N CYS C 367 0.29 68.31 -18.63
CA CYS C 367 1.46 68.95 -19.33
C CYS C 367 1.43 69.33 -20.82
N PHE C 368 0.46 68.88 -21.60
CA PHE C 368 0.51 69.15 -23.05
C PHE C 368 -0.48 70.23 -23.45
N LEU C 369 0.01 71.27 -24.11
CA LEU C 369 -0.85 72.41 -24.45
C LEU C 369 -0.65 72.96 -25.86
N SER C 370 -1.70 73.57 -26.42
CA SER C 370 -1.66 73.97 -27.82
C SER C 370 -0.68 75.05 -28.13
N PRO C 371 0.10 74.83 -29.20
CA PRO C 371 0.99 75.95 -29.46
C PRO C 371 0.19 77.10 -30.02
N LEU C 372 -0.78 76.82 -30.88
CA LEU C 372 -1.51 77.89 -31.55
C LEU C 372 -2.28 78.80 -30.64
N LEU C 373 -2.94 78.24 -29.65
CA LEU C 373 -3.76 79.10 -28.84
C LEU C 373 -2.87 80.08 -28.17
N THR C 374 -1.72 79.61 -27.71
CA THR C 374 -0.85 80.48 -26.97
C THR C 374 -0.71 81.75 -27.72
N LEU C 375 -0.39 81.59 -28.97
CA LEU C 375 -0.15 82.74 -29.83
C LEU C 375 -1.35 83.67 -29.88
N LEU C 376 -2.55 83.11 -30.00
CA LEU C 376 -3.75 83.93 -29.97
C LEU C 376 -3.88 84.68 -28.66
N ALA C 377 -3.52 84.03 -27.55
CA ALA C 377 -3.56 84.68 -26.25
C ALA C 377 -2.58 85.83 -26.17
N LYS C 378 -1.32 85.58 -26.56
CA LYS C 378 -0.30 86.63 -26.54
C LYS C 378 -0.75 87.85 -27.34
N ASN C 379 -1.27 87.63 -28.54
CA ASN C 379 -1.55 88.78 -29.40
C ASN C 379 -2.86 89.46 -29.03
N GLY C 380 -3.86 88.71 -28.57
CA GLY C 380 -5.04 89.35 -28.03
C GLY C 380 -4.74 90.16 -26.80
N ALA C 381 -3.85 89.67 -25.95
CA ALA C 381 -3.38 90.46 -24.81
C ALA C 381 -2.69 91.72 -25.28
N PHE C 382 -1.84 91.64 -26.31
CA PHE C 382 -1.20 92.84 -26.80
C PHE C 382 -2.21 93.88 -27.24
N PHE C 383 -3.12 93.50 -28.13
CA PHE C 383 -4.03 94.50 -28.71
C PHE C 383 -5.00 95.05 -27.66
N ALA C 384 -5.50 94.18 -26.77
CA ALA C 384 -6.40 94.65 -25.72
C ALA C 384 -5.69 95.51 -24.70
N GLY C 385 -4.49 95.12 -24.27
CA GLY C 385 -3.74 95.94 -23.34
C GLY C 385 -3.32 97.26 -23.94
N SER C 386 -3.12 97.31 -25.25
CA SER C 386 -2.81 98.57 -25.91
C SER C 386 -3.99 99.53 -25.87
N ILE C 387 -5.17 99.05 -26.29
CA ILE C 387 -6.33 99.94 -26.27
C ILE C 387 -6.67 100.34 -24.84
N LEU C 388 -6.49 99.42 -23.88
CA LEU C 388 -6.79 99.74 -22.50
C LEU C 388 -5.77 100.70 -21.91
N ALA C 389 -4.49 100.58 -22.28
CA ALA C 389 -3.50 101.53 -21.81
C ALA C 389 -3.79 102.92 -22.31
N VAL C 390 -4.23 103.04 -23.56
CA VAL C 390 -4.62 104.36 -24.06
C VAL C 390 -5.80 104.90 -23.27
N LEU C 391 -6.84 104.08 -23.07
CA LEU C 391 -8.05 104.58 -22.39
C LEU C 391 -7.77 104.87 -20.92
N ILE C 392 -6.86 104.11 -20.31
CA ILE C 392 -6.47 104.34 -18.92
C ILE C 392 -5.67 105.62 -18.78
N ALA C 393 -4.73 105.87 -19.71
CA ALA C 393 -4.00 107.12 -19.68
C ALA C 393 -4.92 108.30 -19.85
N LEU C 394 -5.95 108.16 -20.67
CA LEU C 394 -6.92 109.25 -20.79
C LEU C 394 -7.72 109.45 -19.51
N THR C 395 -8.24 108.37 -18.92
CA THR C 395 -9.06 108.55 -17.73
C THR C 395 -8.23 109.04 -16.54
N ILE C 396 -6.93 108.74 -16.55
CA ILE C 396 -6.04 109.29 -15.52
C ILE C 396 -5.78 110.77 -15.78
N TYR C 397 -5.61 111.14 -17.05
CA TYR C 397 -5.26 112.52 -17.38
C TYR C 397 -6.36 113.49 -16.96
N ASP C 398 -7.60 113.26 -17.41
CA ASP C 398 -8.64 114.25 -17.21
C ASP C 398 -9.73 113.83 -16.24
N GLU C 399 -9.95 112.53 -16.08
CA GLU C 399 -10.94 111.86 -15.20
C GLU C 399 -12.37 112.04 -15.71
N ASP C 400 -12.59 112.85 -16.72
CA ASP C 400 -13.90 112.93 -17.37
C ASP C 400 -13.93 112.16 -18.67
N VAL C 401 -12.88 111.38 -18.96
CA VAL C 401 -12.94 110.45 -20.08
C VAL C 401 -14.03 109.42 -19.82
N LEU C 402 -14.25 109.22 -18.52
CA LEU C 402 -15.28 108.34 -17.99
C LEU C 402 -16.62 109.05 -18.12
N ALA C 403 -17.73 108.32 -18.04
CA ALA C 403 -19.02 108.97 -18.28
C ALA C 403 -19.00 109.42 -19.73
N VAL C 404 -18.89 108.47 -20.62
CA VAL C 404 -18.90 108.72 -22.04
C VAL C 404 -19.83 107.58 -22.39
N GLU C 405 -20.41 107.58 -23.58
CA GLU C 405 -21.45 106.59 -23.82
C GLU C 405 -21.00 105.14 -23.66
N HIS C 406 -19.83 104.78 -24.13
CA HIS C 406 -19.34 103.41 -23.88
C HIS C 406 -18.29 103.32 -22.77
N VAL C 407 -18.05 104.39 -22.04
CA VAL C 407 -16.93 104.39 -21.09
C VAL C 407 -16.85 103.43 -19.93
N LEU C 408 -17.94 103.19 -19.24
CA LEU C 408 -17.84 102.36 -18.04
C LEU C 408 -18.05 100.90 -18.32
N THR C 409 -17.76 100.47 -19.53
CA THR C 409 -17.99 99.09 -19.92
C THR C 409 -16.85 98.57 -20.77
N THR C 410 -16.28 99.42 -21.63
CA THR C 410 -15.16 99.00 -22.44
C THR C 410 -13.94 98.68 -21.59
N VAL C 411 -13.65 99.52 -20.60
CA VAL C 411 -12.51 99.26 -19.71
C VAL C 411 -12.71 97.94 -18.97
N THR C 412 -13.93 97.70 -18.49
CA THR C 412 -14.17 96.45 -17.75
C THR C 412 -14.03 95.22 -18.66
N LEU C 413 -14.64 95.27 -19.85
CA LEU C 413 -14.55 94.14 -20.76
C LEU C 413 -13.12 93.91 -21.22
N LEU C 414 -12.37 94.99 -21.45
CA LEU C 414 -10.98 94.85 -21.86
C LEU C 414 -10.13 94.29 -20.73
N GLY C 415 -10.42 94.67 -19.48
CA GLY C 415 -9.72 94.07 -18.37
C GLY C 415 -9.98 92.59 -18.26
N VAL C 416 -11.23 92.17 -18.44
CA VAL C 416 -11.54 90.74 -18.44
C VAL C 416 -10.80 90.03 -19.56
N THR C 417 -10.75 90.64 -20.75
CA THR C 417 -10.07 90.04 -21.88
C THR C 417 -8.58 89.86 -21.60
N VAL C 418 -7.93 90.92 -21.10
CA VAL C 418 -6.51 90.81 -20.79
C VAL C 418 -6.27 89.74 -19.73
N THR C 419 -7.15 89.64 -18.73
CA THR C 419 -6.93 88.66 -17.68
C THR C 419 -7.09 87.24 -18.21
N VAL C 420 -8.10 87.00 -19.05
CA VAL C 420 -8.28 85.68 -19.64
C VAL C 420 -7.09 85.30 -20.50
N CYS C 421 -6.63 86.23 -21.35
CA CYS C 421 -5.48 85.93 -22.20
C CYS C 421 -4.24 85.66 -21.37
N ARG C 422 -3.97 86.50 -20.36
CA ARG C 422 -2.80 86.27 -19.52
C ARG C 422 -2.90 84.95 -18.78
N SER C 423 -4.12 84.47 -18.51
CA SER C 423 -4.25 83.14 -17.92
C SER C 423 -3.93 82.07 -18.95
N PHE C 424 -4.19 82.34 -20.22
CA PHE C 424 -3.87 81.34 -21.25
C PHE C 424 -2.42 81.42 -21.69
N ILE C 425 -1.80 82.59 -21.55
CA ILE C 425 -0.38 82.72 -21.84
C ILE C 425 0.40 81.82 -20.88
N PRO C 426 1.18 80.85 -21.37
CA PRO C 426 1.98 80.05 -20.45
C PRO C 426 2.98 80.92 -19.72
N ASP C 427 3.33 80.49 -18.52
CA ASP C 427 4.39 81.16 -17.79
C ASP C 427 5.72 80.93 -18.50
N GLN C 428 6.32 82.01 -19.00
CA GLN C 428 7.69 81.93 -19.46
C GLN C 428 8.55 81.45 -18.31
N HIS C 429 9.66 80.80 -18.64
CA HIS C 429 10.54 80.19 -17.65
C HIS C 429 9.92 78.97 -17.00
N MET C 430 8.83 78.48 -17.56
CA MET C 430 8.14 77.37 -16.92
C MET C 430 8.78 76.13 -17.38
N VAL C 431 9.26 75.30 -16.47
CA VAL C 431 9.97 74.16 -16.98
C VAL C 431 9.21 72.89 -16.94
N PHE C 432 8.92 72.37 -18.11
CA PHE C 432 8.29 71.10 -18.13
C PHE C 432 9.03 70.15 -18.99
N CYS C 433 9.46 69.04 -18.43
CA CYS C 433 10.01 68.06 -19.31
C CYS C 433 8.95 67.02 -19.08
N PRO C 434 8.15 66.72 -20.11
CA PRO C 434 7.20 65.63 -19.92
C PRO C 434 7.98 64.36 -19.75
N GLU C 435 9.04 64.21 -20.53
CA GLU C 435 9.73 62.95 -20.51
C GLU C 435 10.33 62.61 -19.17
N GLN C 436 10.91 63.60 -18.53
CA GLN C 436 11.51 63.37 -17.23
C GLN C 436 10.55 62.95 -16.11
N LEU C 437 9.37 63.56 -16.03
CA LEU C 437 8.48 63.31 -14.89
C LEU C 437 7.96 61.90 -14.70
N LEU C 438 7.58 61.24 -15.78
CA LEU C 438 6.98 59.92 -15.64
C LEU C 438 7.86 59.12 -14.73
N ARG C 439 9.12 59.50 -14.63
CA ARG C 439 10.07 58.81 -13.77
C ARG C 439 9.62 58.81 -12.31
N VAL C 440 9.12 59.95 -11.82
CA VAL C 440 8.72 59.99 -10.41
C VAL C 440 7.40 59.25 -10.21
N ILE C 441 6.49 59.34 -11.18
CA ILE C 441 5.25 58.57 -11.11
C ILE C 441 5.56 57.08 -11.03
N LEU C 442 6.52 56.63 -11.82
CA LEU C 442 6.93 55.23 -11.74
C LEU C 442 7.56 54.91 -10.39
N ALA C 443 8.37 55.81 -9.86
CA ALA C 443 9.00 55.56 -8.57
C ALA C 443 7.96 55.35 -7.48
N HIS C 444 6.78 55.92 -7.66
CA HIS C 444 5.74 55.64 -6.68
C HIS C 444 4.87 54.45 -7.10
N ILE C 445 4.30 54.47 -8.30
CA ILE C 445 3.42 53.38 -8.71
C ILE C 445 4.14 52.04 -8.77
N HIS C 446 5.36 52.00 -9.29
CA HIS C 446 6.19 50.78 -9.33
C HIS C 446 5.91 49.80 -10.47
N TYR C 447 4.98 50.09 -11.36
CA TYR C 447 4.73 49.23 -12.52
C TYR C 447 4.51 50.01 -13.81
N MET C 448 5.03 49.54 -14.93
CA MET C 448 4.73 50.24 -16.18
C MET C 448 4.84 49.44 -17.45
N PRO C 449 4.17 49.90 -18.51
CA PRO C 449 4.33 49.26 -19.82
C PRO C 449 5.73 49.57 -20.31
N ASP C 450 6.38 48.63 -21.01
CA ASP C 450 7.76 48.85 -21.43
C ASP C 450 7.89 49.97 -22.44
N HIS C 451 6.87 50.16 -23.25
CA HIS C 451 6.97 51.14 -24.32
C HIS C 451 6.59 52.53 -23.87
N TRP C 452 6.68 52.81 -22.57
CA TRP C 452 6.40 54.15 -22.06
C TRP C 452 7.69 54.91 -21.78
N GLN C 453 8.70 54.19 -21.31
CA GLN C 453 9.92 54.83 -20.81
C GLN C 453 10.66 55.66 -21.80
N GLY C 454 10.61 55.28 -23.05
CA GLY C 454 11.28 56.08 -24.06
C GLY C 454 10.45 57.27 -24.50
N ASN C 455 9.24 57.01 -24.99
CA ASN C 455 8.38 58.03 -25.56
C ASN C 455 7.32 58.46 -24.54
N ALA C 456 7.78 59.27 -23.58
CA ALA C 456 6.90 59.73 -22.51
C ALA C 456 5.97 60.83 -22.99
N HIS C 457 6.27 61.42 -24.14
CA HIS C 457 5.63 62.65 -24.60
C HIS C 457 4.63 62.44 -25.73
N ARG C 458 4.40 61.20 -26.15
CA ARG C 458 3.56 60.94 -27.31
C ARG C 458 2.10 60.77 -26.90
N SER C 459 1.25 60.66 -27.92
CA SER C 459 -0.17 60.46 -27.66
C SER C 459 -0.47 59.00 -27.34
N GLN C 460 0.39 58.09 -27.78
CA GLN C 460 0.23 56.69 -27.39
C GLN C 460 0.42 56.52 -25.90
N THR C 461 1.42 57.21 -25.32
CA THR C 461 1.68 57.08 -23.89
C THR C 461 0.61 57.77 -23.06
N ARG C 462 0.23 58.96 -23.45
CA ARG C 462 -0.79 59.63 -22.73
C ARG C 462 -2.10 58.90 -22.81
N ASP C 463 -2.39 58.27 -23.95
CA ASP C 463 -3.69 57.68 -24.19
C ASP C 463 -3.91 56.43 -23.35
N GLU C 464 -2.86 55.66 -23.13
CA GLU C 464 -2.96 54.49 -22.28
C GLU C 464 -2.43 54.71 -20.88
N PHE C 465 -2.03 55.94 -20.57
CA PHE C 465 -1.67 56.24 -19.21
C PHE C 465 -2.93 56.93 -18.82
N ALA C 466 -3.70 57.36 -19.79
CA ALA C 466 -4.99 57.92 -19.46
C ALA C 466 -5.87 56.86 -18.80
N GLN C 467 -5.83 55.63 -19.29
CA GLN C 467 -6.71 54.58 -18.77
C GLN C 467 -6.46 54.29 -17.31
N LEU C 468 -5.21 54.24 -16.90
CA LEU C 468 -4.89 54.06 -15.51
C LEU C 468 -5.38 55.24 -14.71
N PHE C 469 -5.29 56.44 -15.26
CA PHE C 469 -5.59 57.67 -14.51
C PHE C 469 -6.87 58.43 -14.80
N GLN C 470 -7.89 57.79 -15.31
CA GLN C 470 -9.05 58.56 -15.80
C GLN C 470 -9.81 59.47 -14.88
N TYR C 471 -10.21 60.60 -15.42
CA TYR C 471 -10.95 61.59 -14.64
C TYR C 471 -12.35 61.21 -14.22
N LYS C 472 -12.69 61.64 -13.03
CA LYS C 472 -13.96 61.32 -12.45
C LYS C 472 -15.15 61.20 -13.32
N ALA C 473 -15.29 62.08 -14.27
CA ALA C 473 -16.56 62.10 -14.99
C ALA C 473 -16.76 60.81 -15.77
N VAL C 474 -15.70 60.29 -16.38
CA VAL C 474 -15.85 59.03 -17.10
C VAL C 474 -15.99 57.89 -16.12
N PHE C 475 -15.53 58.08 -14.88
CA PHE C 475 -15.80 57.10 -13.83
C PHE C 475 -17.29 57.04 -13.51
N ILE C 476 -17.92 58.18 -13.26
CA ILE C 476 -19.35 58.20 -12.99
C ILE C 476 -20.16 57.71 -14.19
N LEU C 477 -19.75 58.05 -15.40
CA LEU C 477 -20.42 57.54 -16.59
C LEU C 477 -20.25 56.03 -16.72
N GLU C 478 -19.07 55.53 -16.39
CA GLU C 478 -18.77 54.12 -16.57
C GLU C 478 -19.42 53.29 -15.48
N GLU C 479 -19.71 53.89 -14.34
CA GLU C 479 -20.48 53.19 -13.31
C GLU C 479 -21.97 53.24 -13.61
N LEU C 480 -22.41 54.25 -14.36
CA LEU C 480 -23.80 54.29 -14.82
C LEU C 480 -24.05 53.25 -15.90
N LEU C 481 -23.09 53.09 -16.81
CA LEU C 481 -23.28 52.18 -17.94
C LEU C 481 -23.13 50.71 -17.56
N SER C 482 -22.67 50.41 -16.36
CA SER C 482 -22.37 49.01 -16.03
C SER C 482 -23.61 48.15 -15.85
N PRO C 483 -24.73 48.62 -15.29
CA PRO C 483 -25.94 47.80 -15.31
C PRO C 483 -26.34 47.29 -16.68
N ILE C 484 -26.23 48.12 -17.72
CA ILE C 484 -26.64 47.71 -19.06
C ILE C 484 -25.53 47.04 -19.87
N VAL C 485 -24.27 47.19 -19.45
CA VAL C 485 -23.16 46.62 -20.19
C VAL C 485 -22.64 45.33 -19.59
N THR C 486 -22.73 45.15 -18.28
CA THR C 486 -22.17 43.97 -17.62
C THR C 486 -22.81 42.65 -18.04
N PRO C 487 -24.14 42.55 -18.19
CA PRO C 487 -24.69 41.28 -18.68
C PRO C 487 -24.19 40.87 -20.04
N LEU C 488 -24.03 41.81 -20.98
CA LEU C 488 -23.67 41.38 -22.33
C LEU C 488 -22.19 41.01 -22.43
N ILE C 489 -21.31 41.74 -21.76
CA ILE C 489 -19.93 41.27 -21.65
C ILE C 489 -19.89 39.92 -20.95
N LEU C 490 -20.68 39.75 -19.90
CA LEU C 490 -20.64 38.50 -19.13
C LEU C 490 -21.14 37.32 -19.96
N ILE C 491 -22.12 37.55 -20.84
CA ILE C 491 -22.66 36.46 -21.64
C ILE C 491 -21.78 36.16 -22.84
N PHE C 492 -21.23 37.20 -23.48
CA PHE C 492 -20.59 37.04 -24.78
C PHE C 492 -19.07 36.96 -24.71
N CYS C 493 -18.43 37.77 -23.87
CA CYS C 493 -16.98 37.89 -23.95
C CYS C 493 -16.27 36.97 -22.96
N LEU C 494 -16.98 36.51 -21.92
CA LEU C 494 -16.31 35.70 -20.91
C LEU C 494 -16.59 34.20 -21.09
N ARG C 495 -17.80 33.86 -21.54
CA ARG C 495 -18.14 32.45 -21.75
C ARG C 495 -17.19 31.74 -22.71
N PRO C 496 -16.67 32.37 -23.77
CA PRO C 496 -15.61 31.71 -24.55
C PRO C 496 -14.33 31.48 -23.77
N ARG C 497 -14.09 32.21 -22.71
CA ARG C 497 -12.84 32.01 -22.01
C ARG C 497 -12.91 30.98 -20.91
N ALA C 498 -14.05 30.31 -20.76
CA ALA C 498 -14.24 29.42 -19.61
C ALA C 498 -13.25 28.27 -19.63
N LEU C 499 -12.88 27.78 -20.81
CA LEU C 499 -11.93 26.68 -20.87
C LEU C 499 -10.53 27.13 -20.51
N GLU C 500 -10.24 28.42 -20.67
CA GLU C 500 -8.95 28.95 -20.23
C GLU C 500 -8.98 29.25 -18.74
N ILE C 501 -10.13 29.65 -18.22
CA ILE C 501 -10.28 29.89 -16.80
C ILE C 501 -10.11 28.60 -16.01
N ILE C 502 -10.73 27.51 -16.51
CA ILE C 502 -10.57 26.22 -15.86
C ILE C 502 -9.11 25.80 -15.84
N ASP C 503 -8.39 26.04 -16.94
CA ASP C 503 -6.99 25.63 -17.00
C ASP C 503 -6.11 26.52 -16.12
N PHE C 504 -6.50 27.79 -15.95
CA PHE C 504 -5.79 28.64 -14.99
C PHE C 504 -5.94 28.09 -13.59
N PHE C 505 -7.17 27.82 -13.18
CA PHE C 505 -7.40 27.41 -11.79
C PHE C 505 -6.86 26.02 -11.53
N ARG C 506 -6.77 25.17 -12.55
CA ARG C 506 -6.13 23.89 -12.36
C ARG C 506 -4.62 24.02 -12.31
N ASN C 507 -4.05 24.88 -13.15
CA ASN C 507 -2.60 24.96 -13.25
C ASN C 507 -2.00 25.82 -12.15
N PHE C 508 -2.61 26.96 -11.84
CA PHE C 508 -2.09 27.89 -10.86
C PHE C 508 -2.98 27.86 -9.62
N THR C 509 -2.77 26.85 -8.79
CA THR C 509 -3.39 26.75 -7.47
C THR C 509 -2.56 25.79 -6.64
N VAL C 510 -1.75 26.33 -5.73
CA VAL C 510 -0.88 25.52 -4.89
C VAL C 510 -1.55 25.29 -3.55
N GLU C 511 -1.28 24.14 -2.96
CA GLU C 511 -1.74 23.81 -1.61
C GLU C 511 -0.60 24.03 -0.64
N VAL C 512 -0.66 25.12 0.11
CA VAL C 512 0.34 25.46 1.11
C VAL C 512 -0.16 24.95 2.47
N VAL C 513 0.77 24.41 3.27
CA VAL C 513 0.41 23.48 4.34
C VAL C 513 -0.53 24.12 5.36
N GLY C 514 -0.28 25.38 5.71
CA GLY C 514 -1.06 25.98 6.77
C GLY C 514 -2.31 26.68 6.28
N VAL C 515 -2.23 27.25 5.07
CA VAL C 515 -3.26 28.17 4.58
C VAL C 515 -4.29 27.49 3.69
N GLY C 516 -3.95 26.39 3.05
CA GLY C 516 -4.88 25.76 2.12
C GLY C 516 -4.53 25.99 0.67
N ASP C 517 -5.51 26.36 -0.14
CA ASP C 517 -5.34 26.52 -1.57
C ASP C 517 -5.21 27.99 -1.92
N THR C 518 -4.00 28.40 -2.32
CA THR C 518 -3.72 29.78 -2.66
C THR C 518 -3.22 29.85 -4.10
N CYS C 519 -3.27 31.05 -4.66
CA CYS C 519 -2.75 31.27 -6.01
C CYS C 519 -1.29 30.89 -6.08
N SER C 520 -0.84 30.50 -7.27
CA SER C 520 0.53 30.01 -7.40
C SER C 520 1.51 31.17 -7.49
N PHE C 521 1.07 32.32 -8.01
CA PHE C 521 1.93 33.48 -8.12
C PHE C 521 2.17 34.15 -6.79
N ALA C 522 1.13 34.25 -5.96
CA ALA C 522 1.21 34.96 -4.69
C ALA C 522 2.18 34.33 -3.71
N GLN C 523 2.75 33.17 -4.03
CA GLN C 523 3.85 32.65 -3.24
C GLN C 523 5.09 33.52 -3.38
N MET D 1 16.53 -129.63 38.84
CA MET D 1 17.31 -129.04 37.73
C MET D 1 17.11 -129.95 36.54
N THR D 2 16.28 -129.56 35.56
CA THR D 2 16.24 -130.24 34.27
C THR D 2 17.60 -129.97 33.63
N GLN D 3 18.43 -131.01 33.46
CA GLN D 3 19.66 -130.86 32.68
C GLN D 3 19.24 -130.32 31.31
N GLN D 4 19.84 -129.21 30.87
CA GLN D 4 19.64 -128.77 29.50
C GLN D 4 20.02 -129.93 28.58
N PRO D 5 19.22 -130.25 27.56
CA PRO D 5 19.51 -131.37 26.69
C PRO D 5 20.87 -131.15 26.01
N LEU D 6 21.80 -132.08 26.26
CA LEU D 6 23.09 -132.09 25.59
C LEU D 6 22.85 -132.09 24.08
N ARG D 7 23.45 -131.12 23.36
CA ARG D 7 23.25 -130.90 21.91
C ARG D 7 21.77 -130.82 21.46
N GLY D 8 20.86 -130.49 22.37
CA GLY D 8 19.43 -130.39 22.07
C GLY D 8 18.69 -131.72 21.97
N VAL D 9 19.28 -132.88 22.28
CA VAL D 9 18.58 -134.18 22.25
C VAL D 9 17.69 -134.33 23.49
N THR D 10 16.37 -134.49 23.28
CA THR D 10 15.38 -134.62 24.37
C THR D 10 15.01 -136.07 24.64
N SER D 11 14.93 -136.91 23.61
CA SER D 11 14.75 -138.35 23.77
C SER D 11 15.32 -139.17 22.61
N LEU D 12 15.72 -140.41 22.92
CA LEU D 12 16.23 -141.38 21.97
C LEU D 12 15.45 -142.68 22.08
N ARG D 13 15.06 -143.25 20.94
CA ARG D 13 14.39 -144.56 20.89
C ARG D 13 14.80 -145.40 19.68
N PHE D 14 15.14 -146.66 19.95
CA PHE D 14 15.15 -147.69 18.91
C PHE D 14 13.72 -148.02 18.49
N ASN D 15 13.54 -148.34 17.21
CA ASN D 15 12.32 -148.99 16.76
C ASN D 15 12.25 -150.44 17.29
N GLN D 16 11.14 -151.11 17.02
CA GLN D 16 10.74 -152.38 17.64
C GLN D 16 11.74 -153.52 17.35
N ASP D 17 12.40 -153.50 16.20
CA ASP D 17 13.42 -154.48 15.80
C ASP D 17 14.85 -153.94 15.93
N GLN D 18 15.04 -152.82 16.63
CA GLN D 18 16.34 -152.18 16.93
C GLN D 18 17.18 -151.81 15.70
N SER D 19 16.58 -151.83 14.51
CA SER D 19 17.31 -151.62 13.26
C SER D 19 17.35 -150.14 12.86
N CYS D 20 16.47 -149.32 13.41
CA CYS D 20 16.49 -147.86 13.31
C CYS D 20 16.44 -147.25 14.72
N PHE D 21 16.86 -146.00 14.84
CA PHE D 21 16.55 -145.18 16.01
C PHE D 21 16.04 -143.81 15.59
N CYS D 22 15.22 -143.23 16.45
CA CYS D 22 14.65 -141.90 16.31
C CYS D 22 15.13 -141.03 17.47
N CYS D 23 15.33 -139.75 17.17
CA CYS D 23 15.90 -138.74 18.03
C CYS D 23 14.96 -137.54 18.05
N ALA D 24 14.26 -137.31 19.17
CA ALA D 24 13.54 -136.06 19.39
C ALA D 24 14.51 -135.01 19.91
N MET D 25 14.36 -133.77 19.44
CA MET D 25 15.30 -132.71 19.67
C MET D 25 14.63 -131.35 19.85
N GLU D 26 15.38 -130.38 20.38
CA GLU D 26 15.02 -128.96 20.40
C GLU D 26 14.81 -128.39 18.99
N THR D 27 15.40 -129.02 17.97
CA THR D 27 15.33 -128.61 16.56
C THR D 27 14.44 -129.51 15.70
N GLY D 28 13.62 -130.36 16.30
CA GLY D 28 12.70 -131.26 15.58
C GLY D 28 12.96 -132.75 15.83
N VAL D 29 12.94 -133.57 14.79
CA VAL D 29 13.11 -135.03 14.85
C VAL D 29 14.12 -135.48 13.81
N ARG D 30 14.96 -136.46 14.16
CA ARG D 30 15.81 -137.16 13.20
C ARG D 30 15.64 -138.67 13.29
N ILE D 31 15.75 -139.37 12.16
CA ILE D 31 15.57 -140.82 12.04
C ILE D 31 16.81 -141.42 11.39
N TYR D 32 17.36 -142.43 12.03
CA TYR D 32 18.61 -143.05 11.59
C TYR D 32 18.44 -144.55 11.40
N ASN D 33 19.03 -145.06 10.33
CA ASN D 33 19.36 -146.47 10.20
C ASN D 33 20.56 -146.78 11.10
N VAL D 34 20.53 -147.92 11.82
CA VAL D 34 21.61 -148.28 12.77
C VAL D 34 22.82 -148.90 12.06
N GLU D 35 22.58 -149.77 11.07
CA GLU D 35 23.63 -150.50 10.36
C GLU D 35 23.32 -150.59 8.85
N PRO D 36 24.09 -149.88 7.99
CA PRO D 36 25.09 -148.87 8.33
C PRO D 36 24.47 -147.64 9.02
N LEU D 37 25.22 -146.94 9.86
CA LEU D 37 24.72 -145.68 10.43
C LEU D 37 24.48 -144.68 9.30
N MET D 38 23.25 -144.21 9.14
CA MET D 38 22.85 -143.30 8.06
C MET D 38 21.56 -142.58 8.44
N GLU D 39 21.49 -141.27 8.23
CA GLU D 39 20.23 -140.52 8.35
C GLU D 39 19.25 -140.98 7.26
N LYS D 40 18.00 -141.23 7.64
CA LYS D 40 16.93 -141.66 6.73
C LYS D 40 15.90 -140.58 6.48
N GLY D 41 15.97 -139.49 7.23
CA GLY D 41 15.08 -138.37 7.16
C GLY D 41 14.99 -137.66 8.50
N HIS D 42 14.53 -136.42 8.43
CA HIS D 42 14.28 -135.57 9.58
C HIS D 42 13.03 -134.73 9.38
N LEU D 43 12.51 -134.23 10.48
CA LEU D 43 11.49 -133.18 10.53
C LEU D 43 12.14 -131.97 11.22
N ASP D 44 12.19 -130.84 10.54
CA ASP D 44 12.84 -129.64 11.06
C ASP D 44 11.97 -128.88 12.08
N HIS D 45 12.55 -127.81 12.66
CA HIS D 45 11.85 -126.98 13.63
C HIS D 45 10.67 -126.22 12.99
N GLU D 46 10.79 -125.86 11.72
CA GLU D 46 9.76 -125.22 10.91
C GLU D 46 8.56 -126.14 10.65
N GLN D 47 8.74 -127.45 10.64
CA GLN D 47 7.66 -128.42 10.49
C GLN D 47 7.02 -128.75 11.83
N VAL D 48 7.81 -129.07 12.87
CA VAL D 48 7.29 -129.66 14.12
C VAL D 48 7.64 -128.91 15.41
N GLY D 49 8.52 -127.91 15.35
CA GLY D 49 9.06 -127.22 16.53
C GLY D 49 9.98 -128.10 17.37
N SER D 50 10.21 -127.73 18.63
CA SER D 50 10.92 -128.64 19.54
C SER D 50 10.03 -129.82 19.95
N MET D 51 10.66 -131.00 20.02
CA MET D 51 9.98 -132.26 20.27
C MET D 51 10.45 -132.88 21.57
N GLY D 52 9.51 -133.44 22.35
CA GLY D 52 9.81 -134.16 23.58
C GLY D 52 9.96 -135.66 23.35
N LEU D 53 9.04 -136.25 22.58
CA LEU D 53 9.02 -137.68 22.28
C LEU D 53 8.83 -137.92 20.78
N VAL D 54 9.51 -138.95 20.29
CA VAL D 54 9.27 -139.58 19.00
C VAL D 54 9.27 -141.10 19.19
N GLU D 55 8.31 -141.79 18.57
CA GLU D 55 8.30 -143.24 18.43
C GLU D 55 8.02 -143.56 16.95
N MET D 56 8.84 -144.42 16.35
CA MET D 56 8.64 -144.91 14.98
C MET D 56 7.91 -146.25 14.99
N LEU D 57 6.96 -146.44 14.08
CA LEU D 57 6.35 -147.75 13.87
C LEU D 57 7.20 -148.58 12.90
N HIS D 58 7.89 -149.58 13.42
CA HIS D 58 8.78 -150.49 12.69
C HIS D 58 9.73 -149.72 11.75
N ARG D 59 9.79 -150.12 10.48
CA ARG D 59 10.42 -149.37 9.40
C ARG D 59 9.36 -148.85 8.44
N SER D 60 8.41 -148.10 8.97
CA SER D 60 7.36 -147.45 8.18
C SER D 60 7.51 -145.93 8.20
N ASN D 61 6.67 -145.28 7.42
CA ASN D 61 6.46 -143.84 7.34
C ASN D 61 5.67 -143.25 8.54
N LEU D 62 5.22 -144.06 9.49
CA LEU D 62 4.41 -143.61 10.62
C LEU D 62 5.26 -143.29 11.86
N LEU D 63 5.15 -142.05 12.32
CA LEU D 63 5.80 -141.54 13.54
C LEU D 63 4.73 -141.03 14.51
N ALA D 64 4.88 -141.36 15.78
CA ALA D 64 4.14 -140.72 16.86
C ALA D 64 4.99 -139.64 17.51
N LEU D 65 4.46 -138.43 17.55
CA LEU D 65 5.14 -137.18 17.91
C LEU D 65 4.46 -136.57 19.13
N VAL D 66 5.25 -136.14 20.13
CA VAL D 66 4.76 -135.36 21.27
C VAL D 66 5.62 -134.12 21.45
N GLY D 67 4.99 -132.95 21.41
CA GLY D 67 5.68 -131.68 21.60
C GLY D 67 6.31 -131.58 23.00
N GLY D 68 7.45 -130.92 23.08
CA GLY D 68 8.18 -130.72 24.32
C GLY D 68 9.46 -129.91 24.09
N GLY D 69 10.27 -129.69 25.12
CA GLY D 69 11.45 -128.83 25.00
C GLY D 69 11.12 -127.34 25.14
N SER D 70 11.97 -126.49 24.57
CA SER D 70 11.95 -125.04 24.79
C SER D 70 10.99 -124.25 23.90
N SER D 71 10.67 -124.75 22.71
CA SER D 71 9.88 -124.05 21.69
C SER D 71 8.93 -124.99 20.90
N PRO D 72 8.03 -125.72 21.59
CA PRO D 72 7.18 -126.70 20.93
C PRO D 72 6.05 -126.04 20.13
N LYS D 73 5.76 -126.56 18.94
CA LYS D 73 4.55 -126.17 18.17
C LYS D 73 3.29 -126.89 18.64
N PHE D 74 3.47 -128.05 19.27
CA PHE D 74 2.41 -128.95 19.68
C PHE D 74 2.41 -129.16 21.19
N SER D 75 1.26 -129.53 21.74
CA SER D 75 1.13 -129.72 23.19
C SER D 75 1.78 -131.03 23.67
N GLU D 76 2.33 -131.02 24.88
CA GLU D 76 2.84 -132.21 25.58
C GLU D 76 1.72 -133.20 25.99
N ILE D 77 0.46 -132.78 25.90
CA ILE D 77 -0.71 -133.63 26.18
C ILE D 77 -1.30 -134.26 24.91
N SER D 78 -0.74 -133.96 23.73
CA SER D 78 -1.20 -134.49 22.45
C SER D 78 -0.15 -135.43 21.84
N VAL D 79 -0.60 -136.60 21.36
CA VAL D 79 0.18 -137.48 20.47
C VAL D 79 -0.30 -137.26 19.05
N LEU D 80 0.58 -136.74 18.22
CA LEU D 80 0.33 -136.51 16.80
C LEU D 80 0.92 -137.64 15.98
N ILE D 81 0.17 -138.13 15.00
CA ILE D 81 0.66 -139.15 14.07
C ILE D 81 1.03 -138.47 12.77
N TRP D 82 2.32 -138.54 12.46
CA TRP D 82 2.88 -138.08 11.20
C TRP D 82 3.00 -139.27 10.24
N ASP D 83 2.53 -139.07 9.02
CA ASP D 83 2.66 -140.00 7.90
C ASP D 83 3.58 -139.35 6.86
N ASP D 84 4.83 -139.80 6.82
CA ASP D 84 5.83 -139.19 5.96
C ASP D 84 5.67 -139.54 4.47
N ALA D 85 4.92 -140.59 4.15
CA ALA D 85 4.66 -141.02 2.78
C ALA D 85 3.54 -140.21 2.11
N ARG D 86 2.76 -139.44 2.88
CA ARG D 86 1.72 -138.58 2.30
C ARG D 86 2.35 -137.43 1.52
N GLU D 87 1.94 -137.31 0.26
CA GLU D 87 2.19 -136.12 -0.52
C GLU D 87 1.30 -134.98 -0.04
N GLY D 88 1.90 -133.84 0.24
CA GLY D 88 1.21 -132.63 0.67
C GLY D 88 2.16 -131.45 0.63
N LYS D 89 1.68 -130.28 0.19
CA LYS D 89 2.50 -129.05 0.17
C LYS D 89 2.65 -128.47 1.57
N ASP D 90 1.66 -128.68 2.42
CA ASP D 90 1.68 -128.23 3.81
C ASP D 90 2.02 -129.41 4.73
N SER D 91 3.00 -129.21 5.60
CA SER D 91 3.34 -130.12 6.71
C SER D 91 2.11 -130.61 7.50
N LYS D 92 1.06 -129.79 7.60
CA LYS D 92 -0.19 -130.17 8.29
C LYS D 92 -0.94 -131.31 7.61
N GLU D 93 -0.75 -131.52 6.30
CA GLU D 93 -1.38 -132.62 5.56
C GLU D 93 -0.77 -133.98 5.89
N LYS D 94 0.48 -134.00 6.38
CA LYS D 94 1.16 -135.21 6.88
C LYS D 94 0.75 -135.58 8.32
N LEU D 95 0.12 -134.67 9.06
CA LEU D 95 -0.44 -134.96 10.39
C LEU D 95 -1.81 -135.63 10.24
N VAL D 96 -1.85 -136.96 10.34
CA VAL D 96 -3.04 -137.75 9.98
C VAL D 96 -3.98 -138.02 11.15
N LEU D 97 -3.48 -138.01 12.38
CA LEU D 97 -4.26 -138.29 13.59
C LEU D 97 -3.73 -137.50 14.78
N GLU D 98 -4.60 -137.18 15.73
CA GLU D 98 -4.25 -136.60 17.02
C GLU D 98 -4.99 -137.35 18.14
N PHE D 99 -4.24 -137.72 19.18
CA PHE D 99 -4.79 -138.21 20.45
C PHE D 99 -4.49 -137.18 21.55
N THR D 100 -5.52 -136.56 22.11
CA THR D 100 -5.37 -135.54 23.17
C THR D 100 -5.77 -136.09 24.53
N PHE D 101 -4.97 -135.79 25.55
CA PHE D 101 -5.15 -136.23 26.93
C PHE D 101 -5.26 -135.05 27.90
N THR D 102 -5.55 -135.33 29.16
CA THR D 102 -5.68 -134.31 30.22
C THR D 102 -4.39 -134.08 31.01
N LYS D 103 -3.36 -134.88 30.77
CA LYS D 103 -2.05 -134.79 31.42
C LYS D 103 -0.94 -135.06 30.40
N PRO D 104 0.30 -134.62 30.68
CA PRO D 104 1.42 -134.83 29.77
C PRO D 104 1.66 -136.31 29.45
N VAL D 105 1.93 -136.58 28.18
CA VAL D 105 2.32 -137.89 27.68
C VAL D 105 3.79 -138.13 28.00
N LEU D 106 4.08 -139.23 28.68
CA LEU D 106 5.43 -139.57 29.14
C LEU D 106 6.11 -140.64 28.28
N SER D 107 5.33 -141.45 27.56
CA SER D 107 5.85 -142.41 26.59
C SER D 107 4.76 -142.84 25.61
N VAL D 108 5.17 -143.17 24.39
CA VAL D 108 4.33 -143.81 23.38
C VAL D 108 5.01 -145.11 22.97
N ARG D 109 4.23 -146.19 22.84
CA ARG D 109 4.69 -147.48 22.28
C ARG D 109 3.80 -147.89 21.14
N MET D 110 4.40 -148.39 20.07
CA MET D 110 3.65 -148.86 18.90
C MET D 110 4.02 -150.28 18.51
N ARG D 111 3.04 -150.98 17.95
CA ARG D 111 3.18 -152.22 17.18
C ARG D 111 2.22 -152.16 15.99
N HIS D 112 2.30 -153.15 15.11
CA HIS D 112 1.53 -153.17 13.85
C HIS D 112 0.02 -152.87 13.98
N ASP D 113 -0.62 -153.29 15.08
CA ASP D 113 -2.08 -153.20 15.27
C ASP D 113 -2.51 -152.30 16.45
N LYS D 114 -1.55 -151.68 17.17
CA LYS D 114 -1.84 -150.93 18.41
C LYS D 114 -0.87 -149.79 18.66
N ILE D 115 -1.41 -148.72 19.25
CA ILE D 115 -0.65 -147.65 19.88
C ILE D 115 -1.01 -147.57 21.36
N VAL D 116 0.01 -147.37 22.19
CA VAL D 116 -0.09 -147.27 23.65
C VAL D 116 0.45 -145.92 24.08
N ILE D 117 -0.36 -145.18 24.84
CA ILE D 117 -0.01 -143.87 25.38
C ILE D 117 0.10 -143.97 26.88
N VAL D 118 1.23 -143.55 27.43
CA VAL D 118 1.55 -143.63 28.85
C VAL D 118 1.55 -142.24 29.45
N LEU D 119 0.65 -142.00 30.40
CA LEU D 119 0.67 -140.86 31.31
C LEU D 119 1.30 -141.28 32.64
N LYS D 120 1.46 -140.32 33.56
CA LYS D 120 2.07 -140.59 34.89
C LYS D 120 1.39 -141.71 35.68
N ASN D 121 0.07 -141.83 35.60
CA ASN D 121 -0.72 -142.78 36.40
C ASN D 121 -1.70 -143.61 35.57
N ARG D 122 -1.68 -143.48 34.25
CA ARG D 122 -2.62 -144.14 33.35
C ARG D 122 -1.95 -144.56 32.06
N ILE D 123 -2.36 -145.70 31.53
CA ILE D 123 -1.93 -146.21 30.22
C ILE D 123 -3.19 -146.43 29.38
N TYR D 124 -3.19 -145.87 28.18
CA TYR D 124 -4.26 -146.04 27.20
C TYR D 124 -3.76 -146.92 26.05
N VAL D 125 -4.60 -147.83 25.59
CA VAL D 125 -4.32 -148.68 24.43
C VAL D 125 -5.41 -148.46 23.38
N TYR D 126 -5.00 -148.13 22.16
CA TYR D 126 -5.88 -147.95 21.01
C TYR D 126 -5.54 -148.95 19.91
N SER D 127 -6.53 -149.30 19.08
CA SER D 127 -6.24 -149.90 17.78
C SER D 127 -5.51 -148.87 16.90
N PHE D 128 -4.64 -149.35 16.03
CA PHE D 128 -3.82 -148.50 15.14
C PHE D 128 -3.29 -149.36 13.99
N PRO D 129 -3.01 -148.84 12.78
CA PRO D 129 -3.27 -147.47 12.32
C PRO D 129 -4.72 -147.24 11.88
N ASP D 130 -5.42 -148.29 11.43
CA ASP D 130 -6.73 -148.15 10.80
C ASP D 130 -7.87 -147.96 11.81
N ASN D 131 -8.63 -146.88 11.64
CA ASN D 131 -9.77 -146.48 12.48
C ASN D 131 -9.49 -146.61 14.00
N PRO D 132 -8.62 -145.75 14.57
CA PRO D 132 -8.22 -145.86 15.96
C PRO D 132 -9.39 -145.75 16.93
N ARG D 133 -9.55 -146.75 17.81
CA ARG D 133 -10.51 -146.75 18.91
C ARG D 133 -9.84 -147.19 20.20
N LYS D 134 -10.25 -146.61 21.33
CA LYS D 134 -9.75 -147.02 22.64
C LYS D 134 -10.18 -148.46 22.92
N LEU D 135 -9.21 -149.34 23.14
CA LEU D 135 -9.42 -150.74 23.47
C LEU D 135 -9.39 -150.94 24.99
N PHE D 136 -8.39 -150.37 25.64
CA PHE D 136 -8.13 -150.55 27.07
C PHE D 136 -7.60 -149.27 27.73
N GLU D 137 -7.78 -149.21 29.04
CA GLU D 137 -7.22 -148.21 29.93
C GLU D 137 -6.82 -148.89 31.23
N PHE D 138 -5.61 -148.61 31.72
CA PHE D 138 -5.05 -149.20 32.93
C PHE D 138 -4.57 -148.11 33.87
N ASP D 139 -4.91 -148.21 35.15
CA ASP D 139 -4.31 -147.39 36.19
C ASP D 139 -2.94 -147.98 36.60
N THR D 140 -1.98 -147.10 36.86
CA THR D 140 -0.64 -147.49 37.33
C THR D 140 -0.32 -146.81 38.66
N ARG D 141 0.73 -147.28 39.36
CA ARG D 141 1.42 -146.44 40.36
C ARG D 141 2.01 -145.20 39.69
N ASP D 142 2.56 -144.27 40.47
CA ASP D 142 3.38 -143.17 39.96
C ASP D 142 4.47 -143.73 39.02
N ASN D 143 4.34 -143.40 37.72
CA ASN D 143 5.19 -143.82 36.62
C ASN D 143 5.79 -142.59 35.92
N PRO D 144 6.59 -141.76 36.61
CA PRO D 144 7.06 -140.47 36.09
C PRO D 144 8.01 -140.57 34.89
N LYS D 145 8.57 -141.75 34.62
CA LYS D 145 9.42 -142.03 33.45
C LYS D 145 8.64 -142.64 32.26
N GLY D 146 7.31 -142.77 32.38
CA GLY D 146 6.49 -143.41 31.35
C GLY D 146 6.90 -144.86 31.06
N LEU D 147 7.38 -145.61 32.06
CA LEU D 147 7.90 -146.96 31.86
C LEU D 147 6.77 -147.89 31.38
N CYS D 148 6.98 -148.43 30.19
CA CYS D 148 6.09 -149.35 29.54
C CYS D 148 6.87 -150.04 28.43
N ASP D 149 6.61 -151.32 28.21
CA ASP D 149 7.08 -152.02 27.02
C ASP D 149 5.96 -152.88 26.41
N LEU D 150 5.96 -152.94 25.08
CA LEU D 150 4.94 -153.61 24.30
C LEU D 150 5.60 -154.64 23.39
N CYS D 151 5.19 -155.90 23.54
CA CYS D 151 5.72 -156.98 22.74
C CYS D 151 5.46 -156.72 21.25
N PRO D 152 6.50 -156.76 20.40
CA PRO D 152 6.34 -156.51 18.97
C PRO D 152 5.85 -157.74 18.18
N SER D 153 5.86 -158.94 18.79
CA SER D 153 5.45 -160.19 18.14
C SER D 153 4.03 -160.15 17.60
N LEU D 154 3.82 -160.73 16.41
CA LEU D 154 2.49 -160.95 15.85
C LEU D 154 1.68 -161.98 16.65
N GLU D 155 2.36 -162.92 17.30
CA GLU D 155 1.75 -164.06 18.01
C GLU D 155 1.34 -163.72 19.44
N LYS D 156 1.95 -162.68 20.05
CA LYS D 156 1.71 -162.31 21.45
C LYS D 156 1.56 -160.81 21.60
N GLN D 157 0.47 -160.39 22.26
CA GLN D 157 0.13 -158.98 22.47
C GLN D 157 0.36 -158.56 23.91
N LEU D 158 1.56 -158.83 24.42
CA LEU D 158 1.89 -158.61 25.83
C LEU D 158 2.34 -157.17 26.08
N LEU D 159 1.68 -156.53 27.03
CA LEU D 159 2.04 -155.22 27.57
C LEU D 159 2.62 -155.39 28.96
N VAL D 160 3.70 -154.68 29.29
CA VAL D 160 4.28 -154.66 30.64
C VAL D 160 4.55 -153.24 31.12
N PHE D 161 4.26 -152.99 32.40
CA PHE D 161 4.49 -151.70 33.06
C PHE D 161 4.64 -151.88 34.58
N PRO D 162 5.09 -150.85 35.33
CA PRO D 162 5.16 -150.92 36.79
C PRO D 162 3.79 -151.18 37.43
N GLY D 163 3.68 -152.22 38.26
CA GLY D 163 2.45 -152.56 38.98
C GLY D 163 2.18 -151.65 40.17
N HIS D 164 1.01 -151.78 40.82
CA HIS D 164 0.65 -150.91 41.95
C HIS D 164 1.61 -151.03 43.14
N LYS D 165 2.11 -152.24 43.44
CA LYS D 165 3.07 -152.47 44.52
C LYS D 165 4.48 -152.03 44.09
N CYS D 166 5.24 -151.43 45.01
CA CYS D 166 6.61 -150.98 44.74
C CYS D 166 7.47 -152.15 44.25
N GLY D 167 8.22 -151.91 43.17
CA GLY D 167 9.08 -152.91 42.52
C GLY D 167 8.35 -154.07 41.83
N SER D 168 7.02 -154.03 41.73
CA SER D 168 6.26 -155.01 40.97
C SER D 168 6.08 -154.61 39.50
N LEU D 169 5.86 -155.61 38.64
CA LEU D 169 5.45 -155.45 37.24
C LEU D 169 4.02 -155.95 37.08
N GLN D 170 3.22 -155.26 36.28
CA GLN D 170 1.96 -155.78 35.74
C GLN D 170 2.15 -156.16 34.28
N LEU D 171 1.67 -157.34 33.93
CA LEU D 171 1.69 -157.87 32.58
C LEU D 171 0.25 -158.13 32.12
N VAL D 172 -0.08 -157.69 30.91
CA VAL D 172 -1.42 -157.82 30.32
C VAL D 172 -1.31 -158.41 28.93
N ASP D 173 -1.98 -159.52 28.71
CA ASP D 173 -2.17 -160.06 27.36
C ASP D 173 -3.39 -159.37 26.72
N LEU D 174 -3.12 -158.43 25.81
CA LEU D 174 -4.11 -157.61 25.14
C LEU D 174 -4.97 -158.37 24.12
N ALA D 175 -4.57 -159.59 23.71
CA ALA D 175 -5.37 -160.44 22.84
C ALA D 175 -6.40 -161.26 23.63
N SER D 176 -6.00 -161.72 24.82
CA SER D 176 -6.88 -162.48 25.73
C SER D 176 -7.87 -161.58 26.51
N THR D 177 -7.63 -160.27 26.53
CA THR D 177 -8.47 -159.30 27.21
C THR D 177 -9.62 -158.90 26.29
N LYS D 178 -10.88 -159.15 26.67
CA LYS D 178 -12.01 -158.63 25.87
C LYS D 178 -11.99 -157.10 25.95
N PRO D 179 -12.07 -156.36 24.84
CA PRO D 179 -12.17 -154.90 24.86
C PRO D 179 -13.27 -154.42 25.80
N GLY D 180 -12.97 -153.42 26.62
CA GLY D 180 -13.89 -152.93 27.67
C GLY D 180 -14.00 -153.81 28.92
N THR D 181 -13.30 -154.95 28.98
CA THR D 181 -13.19 -155.77 30.20
C THR D 181 -11.81 -155.63 30.83
N SER D 182 -11.76 -155.64 32.16
CA SER D 182 -10.52 -155.81 32.91
C SER D 182 -10.16 -157.30 32.95
N SER D 183 -9.43 -157.82 31.97
CA SER D 183 -8.63 -159.01 32.25
C SER D 183 -7.63 -158.60 33.32
N ALA D 184 -7.61 -159.32 34.44
CA ALA D 184 -6.77 -158.95 35.57
C ALA D 184 -5.30 -159.03 35.14
N PRO D 185 -4.56 -157.91 35.10
CA PRO D 185 -3.12 -157.94 34.90
C PRO D 185 -2.52 -158.90 35.92
N PHE D 186 -1.61 -159.78 35.50
CA PHE D 186 -0.89 -160.59 36.47
C PHE D 186 0.35 -159.85 36.95
N THR D 187 0.66 -160.04 38.23
CA THR D 187 1.71 -159.28 38.92
C THR D 187 2.94 -160.15 39.15
N ILE D 188 4.12 -159.60 38.84
CA ILE D 188 5.42 -160.17 39.21
C ILE D 188 6.07 -159.24 40.26
N ASN D 189 6.38 -159.76 41.44
CA ASN D 189 7.13 -159.01 42.47
C ASN D 189 8.62 -159.02 42.13
N ALA D 190 9.03 -158.18 41.17
CA ALA D 190 10.36 -158.24 40.60
C ALA D 190 11.45 -157.66 41.52
N HIS D 191 11.19 -156.55 42.20
CA HIS D 191 12.16 -155.79 43.00
C HIS D 191 11.54 -155.27 44.31
N GLN D 192 12.37 -154.77 45.22
CA GLN D 192 11.92 -154.15 46.48
C GLN D 192 11.85 -152.62 46.43
N SER D 193 12.41 -152.01 45.40
CA SER D 193 12.37 -150.56 45.12
C SER D 193 11.75 -150.32 43.75
N ASP D 194 11.41 -149.07 43.44
CA ASP D 194 10.72 -148.71 42.19
C ASP D 194 11.46 -149.22 40.96
N ILE D 195 10.68 -149.63 39.95
CA ILE D 195 11.20 -150.06 38.66
C ILE D 195 11.83 -148.86 37.95
N ALA D 196 13.02 -149.04 37.40
CA ALA D 196 13.75 -148.03 36.61
C ALA D 196 13.77 -148.38 35.12
N CYS D 197 13.85 -149.67 34.77
CA CYS D 197 13.81 -150.16 33.39
C CYS D 197 13.00 -151.45 33.31
N VAL D 198 12.30 -151.64 32.21
CA VAL D 198 11.57 -152.87 31.86
C VAL D 198 11.68 -153.10 30.36
N SER D 199 11.85 -154.35 29.95
CA SER D 199 11.86 -154.75 28.54
C SER D 199 11.35 -156.17 28.38
N LEU D 200 10.63 -156.44 27.30
CA LEU D 200 10.26 -157.77 26.81
C LEU D 200 11.21 -158.20 25.71
N ASN D 201 11.47 -159.51 25.64
CA ASN D 201 12.11 -160.06 24.45
C ASN D 201 11.14 -160.11 23.25
N GLN D 202 11.66 -160.32 22.04
CA GLN D 202 10.88 -160.27 20.80
C GLN D 202 9.65 -161.19 20.81
N PRO D 203 9.73 -162.48 21.22
CA PRO D 203 8.56 -163.35 21.33
C PRO D 203 7.61 -163.03 22.51
N GLY D 204 8.02 -162.14 23.42
CA GLY D 204 7.29 -161.82 24.64
C GLY D 204 7.23 -162.98 25.64
N THR D 205 8.19 -163.90 25.60
CA THR D 205 8.30 -165.03 26.52
C THR D 205 9.03 -164.67 27.81
N VAL D 206 9.93 -163.69 27.78
CA VAL D 206 10.75 -163.26 28.92
C VAL D 206 10.62 -161.76 29.14
N VAL D 207 10.50 -161.34 30.39
CA VAL D 207 10.58 -159.94 30.81
C VAL D 207 11.85 -159.70 31.62
N ALA D 208 12.63 -158.69 31.26
CA ALA D 208 13.73 -158.18 32.05
C ALA D 208 13.32 -156.89 32.77
N SER D 209 13.81 -156.72 34.00
CA SER D 209 13.59 -155.50 34.77
C SER D 209 14.76 -155.15 35.68
N ALA D 210 14.95 -153.86 35.90
CA ALA D 210 15.86 -153.32 36.90
C ALA D 210 15.13 -152.28 37.74
N SER D 211 15.51 -152.17 39.01
CA SER D 211 14.98 -151.13 39.91
C SER D 211 15.88 -149.90 39.95
N GLN D 212 15.45 -148.84 40.65
CA GLN D 212 16.23 -147.62 40.89
C GLN D 212 17.57 -147.88 41.60
N LYS D 213 17.73 -149.00 42.32
CA LYS D 213 19.05 -149.40 42.84
C LYS D 213 20.03 -149.72 41.71
N GLY D 214 19.54 -150.29 40.61
CA GLY D 214 20.30 -150.60 39.40
C GLY D 214 21.54 -151.48 39.56
N THR D 215 21.62 -152.25 40.64
CA THR D 215 22.68 -153.24 40.84
C THR D 215 22.33 -154.58 40.18
N LEU D 216 21.03 -154.91 40.14
CA LEU D 216 20.51 -156.19 39.67
C LEU D 216 19.53 -156.00 38.52
N ILE D 217 19.62 -156.90 37.54
CA ILE D 217 18.64 -157.08 36.47
C ILE D 217 18.04 -158.47 36.65
N ARG D 218 16.71 -158.56 36.71
CA ARG D 218 15.99 -159.81 36.92
C ARG D 218 15.16 -160.15 35.71
N LEU D 219 15.23 -161.42 35.31
CA LEU D 219 14.48 -161.95 34.20
C LEU D 219 13.45 -162.96 34.70
N PHE D 220 12.24 -162.85 34.18
CA PHE D 220 11.12 -163.72 34.53
C PHE D 220 10.49 -164.29 33.28
N ASP D 221 10.06 -165.54 33.37
CA ASP D 221 9.21 -166.14 32.38
C ASP D 221 7.82 -165.50 32.46
N THR D 222 7.31 -165.04 31.32
CA THR D 222 6.05 -164.26 31.27
C THR D 222 4.81 -165.12 31.43
N GLN D 223 4.90 -166.45 31.32
CA GLN D 223 3.77 -167.36 31.44
C GLN D 223 3.69 -167.95 32.85
N SER D 224 4.76 -168.60 33.31
CA SER D 224 4.90 -169.22 34.63
C SER D 224 5.16 -168.21 35.75
N LYS D 225 5.66 -167.00 35.42
CA LYS D 225 6.03 -165.93 36.36
C LYS D 225 7.25 -166.25 37.21
N GLU D 226 7.94 -167.34 36.89
CA GLU D 226 9.13 -167.76 37.63
C GLU D 226 10.33 -166.89 37.29
N LYS D 227 11.17 -166.64 38.28
CA LYS D 227 12.44 -165.94 38.09
C LYS D 227 13.42 -166.89 37.40
N LEU D 228 13.79 -166.57 36.16
CA LEU D 228 14.71 -167.36 35.36
C LEU D 228 16.17 -167.11 35.75
N VAL D 229 16.56 -165.83 35.84
CA VAL D 229 17.93 -165.44 36.16
C VAL D 229 17.98 -164.10 36.87
N GLU D 230 18.98 -163.94 37.74
CA GLU D 230 19.36 -162.69 38.36
C GLU D 230 20.79 -162.33 37.94
N LEU D 231 20.89 -161.24 37.18
CA LEU D 231 22.13 -160.70 36.65
C LEU D 231 22.58 -159.54 37.52
N ARG D 232 23.89 -159.41 37.71
CA ARG D 232 24.50 -158.36 38.50
C ARG D 232 25.28 -157.43 37.58
N ARG D 233 24.78 -156.21 37.45
CA ARG D 233 25.44 -155.13 36.71
C ARG D 233 26.68 -154.64 37.45
N GLY D 234 26.58 -154.43 38.76
CA GLY D 234 27.70 -153.99 39.58
C GLY D 234 27.42 -154.15 41.08
N THR D 235 28.44 -153.85 41.90
CA THR D 235 28.26 -153.68 43.35
C THR D 235 27.52 -152.39 43.66
N ASP D 236 27.90 -151.31 42.98
CA ASP D 236 27.45 -149.97 43.32
C ASP D 236 26.12 -149.64 42.63
N PRO D 237 25.26 -148.83 43.29
CA PRO D 237 24.07 -148.33 42.64
C PRO D 237 24.39 -147.54 41.37
N ALA D 238 23.51 -147.68 40.37
CA ALA D 238 23.61 -146.99 39.09
C ALA D 238 22.22 -146.72 38.54
N THR D 239 22.00 -145.57 37.92
CA THR D 239 20.77 -145.29 37.18
C THR D 239 20.88 -145.96 35.82
N LEU D 240 20.07 -147.00 35.57
CA LEU D 240 19.99 -147.58 34.22
C LEU D 240 19.17 -146.67 33.30
N TYR D 241 19.65 -146.51 32.08
CA TYR D 241 18.97 -145.77 31.03
C TYR D 241 18.22 -146.68 30.07
N CYS D 242 18.80 -147.85 29.75
CA CYS D 242 18.23 -148.79 28.80
C CYS D 242 18.62 -150.23 29.15
N ILE D 243 17.70 -151.16 28.91
CA ILE D 243 17.95 -152.60 28.86
C ILE D 243 17.28 -153.13 27.59
N ASN D 244 17.95 -154.02 26.86
CA ASN D 244 17.39 -154.63 25.65
C ASN D 244 17.90 -156.07 25.49
N PHE D 245 17.06 -156.91 24.92
CA PHE D 245 17.42 -158.26 24.49
C PHE D 245 18.04 -158.23 23.09
N SER D 246 18.93 -159.18 22.80
CA SER D 246 19.27 -159.52 21.42
C SER D 246 18.06 -160.13 20.71
N HIS D 247 18.01 -160.07 19.37
CA HIS D 247 16.87 -160.55 18.58
C HIS D 247 16.50 -162.00 18.86
N ASP D 248 17.51 -162.85 19.06
CA ASP D 248 17.37 -164.27 19.38
C ASP D 248 17.24 -164.56 20.88
N SER D 249 17.16 -163.51 21.72
CA SER D 249 17.14 -163.59 23.19
C SER D 249 18.36 -164.28 23.81
N SER D 250 19.46 -164.45 23.07
CA SER D 250 20.68 -165.07 23.60
C SER D 250 21.45 -164.14 24.55
N PHE D 251 21.29 -162.82 24.42
CA PHE D 251 22.00 -161.82 25.21
C PHE D 251 21.08 -160.70 25.71
N LEU D 252 21.56 -159.97 26.71
CA LEU D 252 20.94 -158.74 27.21
C LEU D 252 22.01 -157.67 27.41
N CYS D 253 21.75 -156.46 26.92
CA CYS D 253 22.59 -155.29 27.14
C CYS D 253 21.93 -154.32 28.12
N ALA D 254 22.74 -153.58 28.87
CA ALA D 254 22.27 -152.59 29.84
C ALA D 254 23.21 -151.39 29.93
N SER D 255 22.70 -150.19 29.68
CA SER D 255 23.42 -148.92 29.83
C SER D 255 23.06 -148.22 31.14
N SER D 256 23.99 -147.43 31.68
CA SER D 256 23.79 -146.71 32.95
C SER D 256 24.58 -145.41 33.05
N ASP D 257 24.26 -144.61 34.07
CA ASP D 257 24.95 -143.39 34.48
C ASP D 257 26.42 -143.58 34.93
N LYS D 258 26.90 -144.82 34.96
CA LYS D 258 28.33 -145.13 35.15
C LYS D 258 29.17 -144.98 33.88
N GLY D 259 28.56 -144.61 32.75
CA GLY D 259 29.24 -144.56 31.47
C GLY D 259 29.64 -145.93 30.95
N THR D 260 28.94 -146.99 31.36
CA THR D 260 29.25 -148.37 30.98
C THR D 260 28.03 -149.07 30.40
N VAL D 261 28.25 -149.83 29.34
CA VAL D 261 27.26 -150.77 28.79
C VAL D 261 27.71 -152.18 29.13
N HIS D 262 26.87 -152.93 29.84
CA HIS D 262 27.11 -154.31 30.22
C HIS D 262 26.39 -155.27 29.27
N ILE D 263 27.02 -156.40 28.98
CA ILE D 263 26.49 -157.46 28.10
C ILE D 263 26.45 -158.76 28.89
N PHE D 264 25.29 -159.40 28.92
CA PHE D 264 25.04 -160.66 29.63
C PHE D 264 24.59 -161.74 28.66
N ALA D 265 25.12 -162.95 28.80
CA ALA D 265 24.61 -164.13 28.13
C ALA D 265 23.39 -164.69 28.87
N LEU D 266 22.30 -164.91 28.15
CA LEU D 266 21.05 -165.46 28.70
C LEU D 266 20.86 -166.93 28.34
N LYS D 267 21.24 -167.32 27.11
CA LYS D 267 21.09 -168.70 26.63
C LYS D 267 22.18 -169.62 27.17
N ASP D 268 23.44 -169.23 27.02
CA ASP D 268 24.58 -169.91 27.67
C ASP D 268 25.10 -169.08 28.83
N THR D 269 24.43 -169.21 29.98
CA THR D 269 24.78 -168.48 31.22
C THR D 269 26.18 -168.81 31.77
N ARG D 270 26.86 -169.84 31.25
CA ARG D 270 28.24 -170.16 31.64
C ARG D 270 29.25 -169.15 31.09
N LEU D 271 28.88 -168.42 30.04
CA LEU D 271 29.69 -167.33 29.48
C LEU D 271 29.74 -166.12 30.42
N ASN D 272 28.74 -165.94 31.29
CA ASN D 272 28.75 -164.89 32.27
C ASN D 272 29.82 -165.13 33.34
N ARG D 273 30.51 -164.05 33.73
CA ARG D 273 31.48 -164.10 34.83
C ARG D 273 30.75 -164.44 36.13
N ARG D 274 31.39 -165.20 37.01
CA ARG D 274 30.89 -165.49 38.36
C ARG D 274 31.88 -165.01 39.40
N SER D 275 31.40 -164.64 40.58
CA SER D 275 32.27 -164.16 41.65
C SER D 275 33.29 -165.24 42.02
N ALA D 276 34.54 -164.85 42.32
CA ALA D 276 35.57 -165.80 42.74
C ALA D 276 35.16 -166.57 44.02
N LEU D 277 34.35 -165.93 44.87
CA LEU D 277 33.81 -166.55 46.08
C LEU D 277 32.90 -167.75 45.78
N ALA D 278 32.27 -167.81 44.59
CA ALA D 278 31.53 -168.98 44.17
C ALA D 278 32.40 -170.23 43.97
N ARG D 279 33.70 -170.05 43.71
CA ARG D 279 34.67 -171.16 43.63
C ARG D 279 35.15 -171.61 45.00
N VAL D 280 35.13 -170.72 46.00
CA VAL D 280 35.47 -171.04 47.39
C VAL D 280 34.22 -171.63 48.03
N GLY D 281 33.97 -172.91 47.75
CA GLY D 281 32.70 -173.58 48.01
C GLY D 281 32.10 -173.25 49.38
N LYS D 282 30.81 -172.86 49.39
CA LYS D 282 29.89 -172.73 50.54
C LYS D 282 30.51 -172.77 51.94
N VAL D 283 31.45 -171.88 52.26
CA VAL D 283 31.95 -171.71 53.64
C VAL D 283 30.99 -170.74 54.35
N GLY D 284 29.93 -171.30 54.93
CA GLY D 284 29.06 -170.61 55.89
C GLY D 284 27.69 -170.15 55.37
N PRO D 285 26.71 -169.93 56.28
CA PRO D 285 25.29 -169.89 55.91
C PRO D 285 24.79 -168.54 55.36
N MET D 286 25.63 -167.49 55.28
CA MET D 286 25.14 -166.12 55.04
C MET D 286 25.57 -165.47 53.72
N ILE D 287 26.35 -166.13 52.87
CA ILE D 287 26.89 -165.51 51.63
C ILE D 287 26.11 -165.94 50.36
N GLY D 288 25.02 -166.70 50.52
CA GLY D 288 24.35 -167.44 49.43
C GLY D 288 23.94 -166.61 48.20
N GLN D 289 23.41 -165.40 48.37
CA GLN D 289 22.89 -164.64 47.21
C GLN D 289 23.99 -163.97 46.37
N TYR D 290 25.15 -163.65 46.95
CA TYR D 290 26.27 -163.05 46.22
C TYR D 290 27.01 -164.09 45.36
N VAL D 291 27.02 -165.34 45.83
CA VAL D 291 27.68 -166.48 45.19
C VAL D 291 26.94 -166.92 43.92
N ASP D 292 25.61 -166.80 43.89
CA ASP D 292 24.80 -167.24 42.74
C ASP D 292 24.62 -166.17 41.66
N SER D 293 25.06 -164.92 41.90
CA SER D 293 24.91 -163.81 40.97
C SER D 293 25.82 -163.95 39.74
N GLN D 294 25.25 -163.71 38.56
CA GLN D 294 25.97 -163.73 37.29
C GLN D 294 26.35 -162.31 36.86
N TRP D 295 27.63 -162.07 36.63
CA TRP D 295 28.18 -160.80 36.17
C TRP D 295 28.29 -160.76 34.65
N SER D 296 28.40 -159.56 34.08
CA SER D 296 28.46 -159.39 32.63
C SER D 296 29.60 -160.20 31.99
N LEU D 297 29.30 -160.87 30.88
CA LEU D 297 30.26 -161.51 29.98
C LEU D 297 31.31 -160.49 29.53
N ALA D 298 30.82 -159.36 29.04
CA ALA D 298 31.60 -158.26 28.51
C ALA D 298 30.99 -156.92 28.92
N SER D 299 31.79 -155.86 28.83
CA SER D 299 31.33 -154.49 29.02
C SER D 299 32.25 -153.53 28.27
N PHE D 300 31.73 -152.38 27.88
CA PHE D 300 32.51 -151.30 27.31
C PHE D 300 32.08 -149.95 27.89
N THR D 301 32.93 -148.94 27.71
CA THR D 301 32.74 -147.59 28.24
C THR D 301 32.24 -146.65 27.14
N VAL D 302 31.32 -145.78 27.53
CA VAL D 302 30.79 -144.63 26.77
C VAL D 302 31.00 -143.36 27.62
N PRO D 303 30.85 -142.14 27.07
CA PRO D 303 30.95 -140.91 27.85
C PRO D 303 30.04 -140.94 29.09
N ALA D 304 30.61 -140.78 30.29
CA ALA D 304 29.90 -141.01 31.54
C ALA D 304 28.77 -140.00 31.83
N GLU D 305 28.92 -138.77 31.33
CA GLU D 305 27.96 -137.68 31.51
C GLU D 305 26.86 -137.68 30.45
N SER D 306 26.84 -138.66 29.55
CA SER D 306 25.90 -138.77 28.44
C SER D 306 24.99 -139.99 28.63
N ALA D 307 23.70 -139.75 28.88
CA ALA D 307 22.73 -140.83 28.89
C ALA D 307 22.68 -141.53 27.53
N CYS D 308 22.58 -142.85 27.51
CA CYS D 308 22.57 -143.59 26.26
C CYS D 308 21.57 -144.75 26.26
N ILE D 309 20.98 -145.01 25.10
CA ILE D 309 20.25 -146.24 24.84
C ILE D 309 21.19 -147.25 24.20
N CYS D 310 20.97 -148.54 24.47
CA CYS D 310 21.77 -149.61 23.90
C CYS D 310 20.91 -150.72 23.29
N ALA D 311 21.39 -151.32 22.22
CA ALA D 311 20.71 -152.42 21.50
C ALA D 311 21.74 -153.34 20.84
N PHE D 312 21.29 -154.48 20.32
CA PHE D 312 22.15 -155.38 19.58
C PHE D 312 22.07 -155.06 18.08
N GLY D 313 23.22 -155.15 17.40
CA GLY D 313 23.24 -155.06 15.95
C GLY D 313 22.92 -156.39 15.30
N ARG D 314 22.92 -156.41 13.97
CA ARG D 314 22.77 -157.63 13.17
C ARG D 314 24.01 -158.50 13.33
N ASN D 315 23.80 -159.80 13.53
CA ASN D 315 24.90 -160.76 13.62
C ASN D 315 25.73 -160.74 12.33
N THR D 316 26.99 -160.33 12.44
CA THR D 316 27.90 -160.22 11.29
C THR D 316 28.55 -161.56 10.96
N SER D 317 28.70 -162.46 11.94
CA SER D 317 29.26 -163.80 11.75
C SER D 317 28.79 -164.78 12.83
N LYS D 318 29.09 -166.08 12.67
CA LYS D 318 28.60 -167.16 13.56
C LYS D 318 28.93 -166.99 15.06
N ASN D 319 29.97 -166.21 15.41
CA ASN D 319 30.44 -166.06 16.79
C ASN D 319 30.75 -164.62 17.19
N VAL D 320 30.51 -163.64 16.32
CA VAL D 320 30.73 -162.22 16.62
C VAL D 320 29.38 -161.54 16.62
N ASN D 321 29.04 -160.98 17.78
CA ASN D 321 27.82 -160.22 17.98
C ASN D 321 28.21 -158.75 18.18
N SER D 322 27.34 -157.82 17.79
CA SER D 322 27.58 -156.39 17.98
C SER D 322 26.57 -155.79 18.97
N VAL D 323 27.02 -154.78 19.70
CA VAL D 323 26.18 -153.92 20.55
C VAL D 323 26.41 -152.48 20.11
N ILE D 324 25.31 -151.76 19.92
CA ILE D 324 25.30 -150.34 19.63
C ILE D 324 24.89 -149.57 20.88
N ALA D 325 25.55 -148.45 21.15
CA ALA D 325 25.10 -147.43 22.09
C ALA D 325 24.92 -146.09 21.37
N ILE D 326 23.75 -145.48 21.55
CA ILE D 326 23.39 -144.15 21.03
C ILE D 326 23.25 -143.20 22.21
N CYS D 327 24.07 -142.17 22.26
CA CYS D 327 24.22 -141.29 23.41
C CYS D 327 23.60 -139.92 23.13
N VAL D 328 23.01 -139.28 24.14
CA VAL D 328 22.33 -137.97 24.00
C VAL D 328 23.28 -136.82 23.64
N ASP D 329 24.58 -136.99 23.84
CA ASP D 329 25.63 -136.08 23.35
C ASP D 329 25.87 -136.17 21.83
N GLY D 330 25.06 -136.93 21.11
CA GLY D 330 25.16 -137.07 19.66
C GLY D 330 26.15 -138.13 19.19
N THR D 331 26.69 -138.94 20.10
CA THR D 331 27.68 -139.97 19.74
C THR D 331 27.06 -141.36 19.53
N PHE D 332 27.58 -142.05 18.52
CA PHE D 332 27.27 -143.44 18.17
C PHE D 332 28.49 -144.31 18.46
N HIS D 333 28.27 -145.44 19.14
CA HIS D 333 29.32 -146.38 19.47
C HIS D 333 28.89 -147.78 19.07
N LYS D 334 29.71 -148.47 18.28
CA LYS D 334 29.50 -149.87 17.95
C LYS D 334 30.66 -150.71 18.46
N TYR D 335 30.34 -151.73 19.24
CA TYR D 335 31.31 -152.68 19.77
C TYR D 335 30.95 -154.08 19.30
N VAL D 336 31.97 -154.85 18.95
CA VAL D 336 31.86 -156.30 18.70
C VAL D 336 32.33 -157.05 19.93
N PHE D 337 31.65 -158.14 20.26
CA PHE D 337 32.00 -159.00 21.37
C PHE D 337 31.90 -160.48 21.00
N THR D 338 32.69 -161.28 21.70
CA THR D 338 32.81 -162.73 21.47
C THR D 338 32.51 -163.52 22.77
N PRO D 339 32.18 -164.82 22.67
CA PRO D 339 31.83 -165.64 23.83
C PRO D 339 32.91 -165.77 24.91
N ASP D 340 34.18 -165.53 24.58
CA ASP D 340 35.30 -165.51 25.53
C ASP D 340 35.41 -164.18 26.32
N GLY D 341 34.54 -163.21 26.03
CA GLY D 341 34.43 -161.95 26.77
C GLY D 341 35.28 -160.81 26.21
N ASN D 342 35.94 -161.00 25.06
CA ASN D 342 36.56 -159.87 24.35
C ASN D 342 35.47 -158.92 23.86
N CYS D 343 35.73 -157.62 23.95
CA CYS D 343 34.81 -156.57 23.51
C CYS D 343 35.61 -155.38 22.99
N ASN D 344 35.52 -155.15 21.68
CA ASN D 344 36.34 -154.17 20.99
C ASN D 344 35.46 -153.20 20.21
N ARG D 345 35.86 -151.93 20.16
CA ARG D 345 35.17 -150.92 19.37
C ARG D 345 35.37 -151.22 17.89
N GLU D 346 34.27 -151.34 17.15
CA GLU D 346 34.26 -151.54 15.70
C GLU D 346 34.04 -150.21 14.97
N ALA D 347 33.14 -149.37 15.47
CA ALA D 347 32.88 -148.05 14.90
C ALA D 347 32.57 -147.00 15.99
N PHE D 348 32.85 -145.76 15.67
CA PHE D 348 32.50 -144.57 16.45
C PHE D 348 32.20 -143.45 15.48
N ASP D 349 31.06 -142.79 15.67
CA ASP D 349 30.63 -141.67 14.85
C ASP D 349 29.89 -140.65 15.71
N VAL D 350 29.70 -139.45 15.17
CA VAL D 350 28.86 -138.42 15.76
C VAL D 350 27.60 -138.33 14.90
N TYR D 351 26.54 -139.06 15.27
CA TYR D 351 25.37 -139.21 14.40
C TYR D 351 24.64 -137.90 14.12
N LEU D 352 24.77 -136.90 15.00
CA LEU D 352 24.21 -135.56 14.77
C LEU D 352 24.96 -134.75 13.70
N ASP D 353 26.20 -135.13 13.39
CA ASP D 353 27.05 -134.49 12.38
C ASP D 353 26.97 -135.22 11.02
N ILE D 354 26.21 -136.32 10.96
CA ILE D 354 25.84 -136.95 9.70
C ILE D 354 24.82 -136.02 9.04
N CYS D 355 25.25 -135.33 7.99
CA CYS D 355 24.33 -134.66 7.08
C CYS D 355 23.75 -135.69 6.11
N ASP D 356 22.54 -135.45 5.59
CA ASP D 356 22.09 -136.16 4.40
C ASP D 356 23.17 -135.94 3.33
N ASP D 357 23.73 -137.05 2.82
CA ASP D 357 24.55 -137.02 1.62
C ASP D 357 23.64 -136.59 0.46
N ASP D 358 23.37 -135.29 0.33
CA ASP D 358 22.80 -134.68 -0.88
C ASP D 358 23.80 -134.76 -2.07
N ASP D 359 25.00 -135.30 -1.84
CA ASP D 359 25.96 -135.65 -2.87
C ASP D 359 25.80 -137.15 -3.25
N PHE D 360 24.82 -137.52 -4.07
CA PHE D 360 24.98 -138.54 -5.15
C PHE D 360 23.77 -138.64 -6.10
N ASP E 173 -8.75 12.87 -7.75
CA ASP E 173 -8.18 12.64 -6.43
C ASP E 173 -8.55 11.26 -5.90
N THR E 174 -7.55 10.54 -5.39
CA THR E 174 -7.75 9.21 -4.82
C THR E 174 -8.34 9.36 -3.42
N VAL E 175 -9.66 9.49 -3.36
CA VAL E 175 -10.35 9.69 -2.09
C VAL E 175 -10.40 8.38 -1.32
N VAL E 176 -9.59 8.27 -0.27
CA VAL E 176 -9.62 7.07 0.59
C VAL E 176 -10.61 7.40 1.71
N ARG E 177 -11.80 6.80 1.61
CA ARG E 177 -12.90 7.05 2.54
C ARG E 177 -13.49 5.71 2.99
N VAL E 178 -12.63 4.78 3.37
CA VAL E 178 -13.07 3.46 3.83
C VAL E 178 -12.01 2.85 4.73
N GLU E 179 -12.46 2.08 5.72
CA GLU E 179 -11.56 1.43 6.69
C GLU E 179 -12.36 0.35 7.41
N HIS E 180 -11.73 -0.22 8.43
CA HIS E 180 -12.42 -1.16 9.30
C HIS E 180 -13.66 -0.53 9.90
N SER E 181 -14.76 -1.27 9.88
CA SER E 181 -16.04 -0.75 10.36
C SER E 181 -16.70 -1.73 11.31
N PRO E 182 -17.84 -1.38 11.91
CA PRO E 182 -18.50 -2.29 12.84
C PRO E 182 -18.96 -3.56 12.14
N GLY E 183 -18.64 -4.70 12.75
CA GLY E 183 -19.00 -5.98 12.17
C GLY E 183 -18.82 -7.08 13.19
N ASP E 184 -19.45 -8.22 12.89
CA ASP E 184 -19.39 -9.38 13.76
C ASP E 184 -18.02 -10.04 13.60
N GLY E 185 -17.03 -9.48 14.31
CA GLY E 185 -15.71 -10.07 14.32
C GLY E 185 -15.74 -11.48 14.87
N GLU E 186 -15.53 -12.46 14.00
CA GLU E 186 -15.62 -13.86 14.40
C GLU E 186 -14.52 -14.20 15.41
N ARG E 187 -14.67 -15.37 16.02
CA ARG E 187 -13.61 -15.86 16.90
C ARG E 187 -12.29 -15.99 16.14
N GLY E 188 -12.32 -16.70 15.03
CA GLY E 188 -11.10 -16.96 14.28
C GLY E 188 -10.71 -15.85 13.30
N VAL E 189 -11.64 -14.99 12.94
CA VAL E 189 -11.40 -13.96 11.94
C VAL E 189 -11.91 -12.62 12.44
N ALA E 190 -11.27 -11.55 11.98
CA ALA E 190 -11.67 -10.19 12.34
C ALA E 190 -12.50 -9.59 11.21
N VAL E 191 -13.71 -9.17 11.53
CA VAL E 191 -14.61 -8.55 10.55
C VAL E 191 -14.13 -7.11 10.36
N GLU E 192 -13.38 -6.86 9.29
CA GLU E 192 -12.85 -5.53 9.01
C GLU E 192 -12.76 -5.38 7.50
N VAL E 193 -13.73 -4.68 6.91
CA VAL E 193 -13.75 -4.48 5.47
C VAL E 193 -12.76 -3.37 5.11
N ARG E 194 -11.52 -3.76 4.83
CA ARG E 194 -10.44 -2.81 4.56
C ARG E 194 -10.20 -2.73 3.06
N VAL E 195 -10.22 -1.52 2.52
CA VAL E 195 -9.82 -1.30 1.14
C VAL E 195 -8.39 -0.75 1.14
N GLN E 196 -7.42 -1.65 1.07
CA GLN E 196 -6.01 -1.29 1.22
C GLN E 196 -5.30 -1.33 -0.13
N ARG E 197 -4.32 -0.44 -0.28
CA ARG E 197 -3.51 -0.36 -1.51
C ARG E 197 -4.39 -0.16 -2.74
N LEU E 198 -5.45 0.63 -2.59
CA LEU E 198 -6.42 0.88 -3.65
C LEU E 198 -6.79 2.35 -3.68
N GLU E 199 -6.79 2.94 -4.87
CA GLU E 199 -7.26 4.32 -5.06
C GLU E 199 -8.78 4.26 -5.21
N TYR E 200 -9.47 4.46 -4.10
CA TYR E 200 -10.93 4.34 -4.05
C TYR E 200 -11.50 5.58 -4.73
N CYS E 201 -11.53 5.53 -6.05
CA CYS E 201 -11.83 6.69 -6.89
C CYS E 201 -13.33 6.68 -7.23
N ASP E 202 -14.15 7.04 -6.26
CA ASP E 202 -15.59 7.16 -6.47
C ASP E 202 -15.89 8.46 -7.20
N GLU E 203 -16.40 8.35 -8.42
CA GLU E 203 -16.68 9.52 -9.24
C GLU E 203 -18.16 9.63 -9.57
N ALA E 221 -32.84 1.02 -8.99
CA ALA E 221 -31.89 2.02 -8.54
C ALA E 221 -30.45 1.59 -8.84
N PHE E 222 -30.07 1.66 -10.11
CA PHE E 222 -28.74 1.28 -10.56
C PHE E 222 -27.76 2.39 -10.23
N LEU E 223 -27.43 2.50 -8.94
CA LEU E 223 -26.50 3.52 -8.44
C LEU E 223 -25.10 2.91 -8.43
N HIS E 224 -24.23 3.41 -9.31
CA HIS E 224 -22.87 2.91 -9.45
C HIS E 224 -21.89 3.94 -8.90
N LYS E 225 -21.04 3.51 -7.98
CA LYS E 225 -19.92 4.30 -7.50
C LYS E 225 -18.65 3.51 -7.84
N LEU E 226 -18.06 3.81 -8.99
CA LEU E 226 -16.88 3.08 -9.44
C LEU E 226 -15.79 3.16 -8.39
N LEU E 227 -15.31 2.01 -7.95
CA LEU E 227 -14.42 1.94 -6.80
C LEU E 227 -13.30 0.94 -6.98
N GLN E 228 -12.57 0.65 -5.89
CA GLN E 228 -11.56 -0.41 -5.89
C GLN E 228 -11.54 -0.99 -4.47
N LEU E 229 -12.30 -2.07 -4.27
CA LEU E 229 -12.36 -2.76 -2.99
C LEU E 229 -11.20 -3.72 -2.81
N ALA E 230 -10.16 -3.60 -3.63
CA ALA E 230 -8.98 -4.44 -3.51
C ALA E 230 -8.33 -4.29 -2.14
N GLY E 231 -7.93 -5.41 -1.56
CA GLY E 231 -7.24 -5.39 -0.29
C GLY E 231 -8.04 -5.89 0.89
N VAL E 232 -9.26 -6.39 0.67
CA VAL E 232 -10.01 -7.01 1.75
C VAL E 232 -9.25 -8.24 2.23
N ARG E 233 -8.88 -8.24 3.51
CA ARG E 233 -7.97 -9.24 4.05
C ARG E 233 -8.62 -10.00 5.19
N LEU E 234 -8.59 -11.33 5.11
CA LEU E 234 -8.99 -12.20 6.21
C LEU E 234 -7.73 -12.62 6.98
N HIS E 235 -7.09 -11.63 7.60
CA HIS E 235 -5.89 -11.90 8.40
C HIS E 235 -6.20 -12.92 9.49
N TYR E 236 -7.36 -12.81 10.10
CA TYR E 236 -7.96 -13.86 10.95
C TYR E 236 -7.05 -14.09 12.16
N GLU E 237 -7.03 -15.30 12.71
CA GLU E 237 -6.29 -15.66 13.92
C GLU E 237 -6.73 -14.85 15.14
N GLU E 238 -7.99 -14.39 15.16
CA GLU E 238 -8.43 -13.49 16.23
C GLU E 238 -8.64 -14.23 17.54
N LEU E 239 -8.98 -15.52 17.49
CA LEU E 239 -9.17 -16.28 18.72
C LEU E 239 -7.87 -16.76 19.34
N PRO E 240 -6.93 -17.35 18.59
CA PRO E 240 -5.79 -18.02 19.25
C PRO E 240 -4.84 -17.02 19.89
N ALA E 241 -4.35 -17.39 21.08
CA ALA E 241 -3.34 -16.62 21.82
C ALA E 241 -3.74 -15.16 21.96
N GLN E 242 -5.03 -14.92 22.21
CA GLN E 242 -5.58 -13.56 22.29
C GLN E 242 -5.24 -12.77 21.04
N GLU E 243 -5.80 -13.19 19.91
CA GLU E 243 -5.62 -12.62 18.57
C GLU E 243 -4.28 -12.98 17.97
N GLU E 244 -3.45 -13.75 18.68
CA GLU E 244 -2.10 -14.13 18.25
C GLU E 244 -1.35 -12.89 17.78
N PRO E 245 -1.36 -11.80 18.54
CA PRO E 245 -0.70 -10.57 18.10
C PRO E 245 0.77 -10.80 17.86
N PRO E 246 1.40 -11.68 18.65
CA PRO E 246 2.82 -11.99 18.37
C PRO E 246 3.05 -12.57 16.99
N GLU E 247 2.13 -13.38 16.48
CA GLU E 247 2.25 -14.01 15.17
C GLU E 247 0.95 -13.86 14.38
N PRO E 248 0.78 -12.78 13.62
CA PRO E 248 -0.39 -12.66 12.75
C PRO E 248 -0.40 -13.77 11.71
N PRO E 249 -1.57 -14.30 11.37
CA PRO E 249 -1.61 -15.45 10.46
C PRO E 249 -1.10 -15.08 9.07
N LEU E 250 -0.48 -16.05 8.42
CA LEU E 250 0.10 -15.82 7.09
C LEU E 250 -0.99 -15.57 6.05
N GLN E 251 -2.14 -16.23 6.20
CA GLN E 251 -3.24 -16.05 5.25
C GLN E 251 -3.75 -14.62 5.32
N ILE E 252 -3.46 -13.84 4.29
CA ILE E 252 -3.86 -12.45 4.21
C ILE E 252 -3.93 -12.05 2.74
N GLY E 253 -4.86 -11.16 2.42
CA GLY E 253 -5.04 -10.74 1.04
C GLY E 253 -4.89 -9.25 0.81
N SER E 254 -4.05 -8.88 -0.14
CA SER E 254 -3.87 -7.50 -0.55
C SER E 254 -4.12 -7.39 -2.04
N CYS E 255 -4.81 -6.33 -2.45
CA CYS E 255 -5.25 -6.15 -3.84
C CYS E 255 -6.06 -7.36 -4.32
N SER E 256 -7.15 -7.65 -3.59
CA SER E 256 -7.96 -8.84 -3.87
C SER E 256 -9.15 -8.47 -4.75
N GLY E 257 -8.84 -7.88 -5.90
CA GLY E 257 -9.89 -7.64 -6.87
C GLY E 257 -10.37 -6.20 -6.88
N TYR E 258 -10.42 -5.63 -8.08
CA TYR E 258 -10.90 -4.25 -8.22
C TYR E 258 -12.37 -4.13 -7.84
N MET E 259 -13.22 -5.02 -8.35
CA MET E 259 -14.67 -4.95 -8.14
C MET E 259 -15.21 -3.56 -8.50
N GLU E 260 -14.62 -2.94 -9.52
CA GLU E 260 -14.84 -1.52 -9.77
C GLU E 260 -16.28 -1.20 -10.17
N LEU E 261 -16.90 -2.06 -10.97
CA LEU E 261 -18.22 -1.74 -11.53
C LEU E 261 -19.24 -1.45 -10.44
N MET E 262 -19.27 -2.29 -9.40
CA MET E 262 -20.19 -2.12 -8.27
C MET E 262 -21.63 -1.98 -8.76
N VAL E 263 -22.10 -2.99 -9.49
CA VAL E 263 -23.39 -2.92 -10.14
C VAL E 263 -24.51 -2.89 -9.11
N LYS E 264 -25.59 -2.19 -9.46
CA LYS E 264 -26.83 -2.11 -8.69
C LYS E 264 -26.63 -1.48 -7.31
N LEU E 265 -27.72 -1.37 -6.56
CA LEU E 265 -27.70 -0.76 -5.23
C LEU E 265 -28.83 -1.36 -4.42
N LYS E 266 -29.10 -0.75 -3.26
CA LYS E 266 -30.11 -1.27 -2.35
C LYS E 266 -31.50 -1.19 -2.98
N GLN E 267 -32.38 -2.08 -2.53
CA GLN E 267 -33.76 -2.11 -3.02
C GLN E 267 -34.73 -2.32 -1.86
N LYS E 275 -32.01 -9.01 -4.36
CA LYS E 275 -31.56 -9.17 -5.73
C LYS E 275 -30.53 -8.10 -6.10
N LEU E 276 -29.66 -7.78 -5.14
CA LEU E 276 -28.58 -6.82 -5.38
C LEU E 276 -27.44 -7.49 -6.17
N GLU E 277 -27.75 -7.83 -7.41
CA GLU E 277 -26.76 -8.42 -8.29
C GLU E 277 -25.61 -7.45 -8.53
N VAL E 278 -24.39 -7.98 -8.56
CA VAL E 278 -23.20 -7.18 -8.77
C VAL E 278 -22.35 -7.85 -9.85
N ALA E 279 -22.04 -7.10 -10.90
CA ALA E 279 -21.05 -7.52 -11.88
C ALA E 279 -19.70 -6.95 -11.46
N GLY E 280 -18.75 -7.84 -11.15
CA GLY E 280 -17.55 -7.45 -10.44
C GLY E 280 -16.28 -7.84 -11.16
N GLN E 281 -15.18 -7.22 -10.69
CA GLN E 281 -13.85 -7.63 -11.15
C GLN E 281 -13.08 -8.33 -10.03
N LEU E 282 -13.80 -8.78 -9.01
CA LEU E 282 -13.20 -9.53 -7.90
C LEU E 282 -14.00 -10.81 -7.69
N GLY E 283 -13.30 -11.95 -7.68
CA GLY E 283 -14.00 -13.22 -7.55
C GLY E 283 -14.37 -13.54 -6.11
N SER E 284 -13.37 -13.74 -5.26
CA SER E 284 -13.59 -14.12 -3.86
C SER E 284 -12.24 -14.20 -3.16
N LEU E 285 -12.30 -14.30 -1.82
CA LEU E 285 -11.13 -14.52 -1.00
C LEU E 285 -11.09 -15.97 -0.52
N HIS E 286 -9.97 -16.35 0.08
CA HIS E 286 -9.78 -17.72 0.58
C HIS E 286 -9.37 -17.66 2.05
N LEU E 287 -10.18 -18.25 2.91
CA LEU E 287 -9.85 -18.40 4.33
C LEU E 287 -8.97 -19.64 4.48
N LEU E 288 -7.66 -19.45 4.40
CA LEU E 288 -6.74 -20.59 4.49
C LEU E 288 -6.83 -21.27 5.86
N LEU E 289 -7.32 -20.55 6.87
CA LEU E 289 -7.64 -21.19 8.15
C LEU E 289 -8.70 -22.27 7.91
N THR E 290 -8.89 -23.13 8.93
CA THR E 290 -9.61 -24.38 8.72
C THR E 290 -10.97 -24.17 8.05
N PRO E 291 -11.14 -24.69 6.84
CA PRO E 291 -12.41 -24.53 6.11
C PRO E 291 -13.49 -25.50 6.54
N ARG E 292 -13.27 -26.25 7.62
CA ARG E 292 -14.27 -27.16 8.16
C ARG E 292 -15.08 -26.54 9.30
N GLN E 293 -14.40 -25.93 10.29
CA GLN E 293 -15.08 -25.43 11.47
C GLN E 293 -15.00 -23.92 11.61
N LEU E 294 -13.80 -23.34 11.64
CA LEU E 294 -13.68 -21.92 11.94
C LEU E 294 -14.25 -21.05 10.81
N GLN E 295 -13.86 -21.32 9.57
CA GLN E 295 -14.36 -20.54 8.45
C GLN E 295 -15.86 -20.77 8.26
N GLN E 296 -16.31 -22.02 8.46
CA GLN E 296 -17.73 -22.33 8.35
C GLN E 296 -18.55 -21.56 9.39
N LEU E 297 -18.06 -21.52 10.64
CA LEU E 297 -18.77 -20.79 11.68
C LEU E 297 -18.75 -19.30 11.43
N GLN E 298 -17.63 -18.77 10.92
CA GLN E 298 -17.58 -17.36 10.56
C GLN E 298 -18.60 -17.03 9.47
N GLU E 299 -18.68 -17.88 8.44
CA GLU E 299 -19.64 -17.64 7.37
C GLU E 299 -21.08 -17.72 7.88
N LEU E 300 -21.36 -18.71 8.74
CA LEU E 300 -22.70 -18.86 9.28
C LEU E 300 -23.10 -17.65 10.12
N LEU E 301 -22.17 -17.18 10.97
CA LEU E 301 -22.45 -16.02 11.81
C LEU E 301 -22.65 -14.76 10.96
N SER E 302 -21.83 -14.59 9.92
CA SER E 302 -21.97 -13.42 9.06
C SER E 302 -23.29 -13.44 8.30
N ALA E 303 -23.66 -14.60 7.75
CA ALA E 303 -24.89 -14.68 6.97
C ALA E 303 -26.12 -14.55 7.86
N VAL E 304 -26.11 -15.19 9.03
CA VAL E 304 -27.24 -15.19 9.96
C VAL E 304 -28.50 -15.70 9.28
N ASP E 424 -33.00 -12.40 1.53
CA ASP E 424 -32.67 -11.80 0.24
C ASP E 424 -32.27 -12.87 -0.77
N SER E 425 -32.19 -12.46 -2.04
CA SER E 425 -31.80 -13.33 -3.13
C SER E 425 -30.78 -12.66 -4.03
N LEU E 426 -29.75 -12.06 -3.42
CA LEU E 426 -28.73 -11.36 -4.19
C LEU E 426 -28.01 -12.31 -5.12
N LEU E 427 -27.67 -11.81 -6.32
CA LEU E 427 -26.90 -12.57 -7.29
C LEU E 427 -25.56 -11.87 -7.48
N LYS E 428 -24.71 -12.46 -8.31
CA LYS E 428 -23.40 -11.89 -8.60
C LYS E 428 -22.87 -12.50 -9.88
N MET E 429 -21.85 -11.84 -10.45
CA MET E 429 -21.20 -12.36 -11.65
C MET E 429 -19.73 -11.94 -11.60
N THR E 430 -18.88 -12.84 -11.11
CA THR E 430 -17.45 -12.59 -10.99
C THR E 430 -16.78 -12.81 -12.35
N LEU E 431 -15.46 -12.64 -12.38
CA LEU E 431 -14.70 -12.65 -13.61
C LEU E 431 -13.84 -13.89 -13.82
N GLY E 432 -12.93 -14.22 -12.90
CA GLY E 432 -11.89 -15.18 -13.22
C GLY E 432 -11.64 -16.33 -12.27
N GLY E 433 -12.44 -16.47 -11.22
CA GLY E 433 -12.33 -17.68 -10.41
C GLY E 433 -11.06 -17.79 -9.62
N VAL E 434 -10.93 -16.99 -8.56
CA VAL E 434 -9.72 -16.95 -7.73
C VAL E 434 -9.29 -18.33 -7.29
N THR E 435 -7.98 -18.53 -7.16
CA THR E 435 -7.40 -19.84 -6.83
C THR E 435 -7.39 -20.01 -5.31
N LEU E 436 -8.57 -20.29 -4.75
CA LEU E 436 -8.67 -20.48 -3.31
C LEU E 436 -7.77 -21.60 -2.84
N THR E 437 -7.17 -21.42 -1.67
CA THR E 437 -6.23 -22.40 -1.12
C THR E 437 -6.51 -22.62 0.36
N LEU E 438 -7.79 -22.79 0.71
CA LEU E 438 -8.18 -23.12 2.07
C LEU E 438 -7.54 -24.44 2.47
N LEU E 439 -6.62 -24.40 3.43
CA LEU E 439 -5.83 -25.55 3.83
C LEU E 439 -6.41 -26.11 5.13
N GLN E 440 -7.04 -27.29 5.02
CA GLN E 440 -7.61 -27.98 6.17
C GLN E 440 -8.07 -29.37 5.76
N LEU E 451 1.11 -17.71 2.31
CA LEU E 451 0.83 -16.74 1.27
C LEU E 451 0.04 -17.38 0.12
N ALA E 452 -0.40 -18.62 0.35
CA ALA E 452 -1.27 -19.27 -0.64
C ALA E 452 -2.61 -18.55 -0.75
N THR E 453 -3.20 -18.17 0.38
CA THR E 453 -4.36 -17.30 0.38
C THR E 453 -4.06 -15.94 -0.22
N HIS E 454 -2.82 -15.48 -0.13
CA HIS E 454 -2.43 -14.26 -0.85
C HIS E 454 -2.43 -14.49 -2.35
N PHE E 455 -2.03 -15.68 -2.80
CA PHE E 455 -2.16 -16.03 -4.21
C PHE E 455 -3.63 -16.09 -4.62
N PHE E 456 -4.49 -16.57 -3.71
CA PHE E 456 -5.93 -16.57 -3.98
C PHE E 456 -6.46 -15.14 -4.14
N THR E 457 -6.00 -14.22 -3.28
CA THR E 457 -6.38 -12.82 -3.42
C THR E 457 -5.86 -12.22 -4.73
N GLU E 458 -4.62 -12.54 -5.10
CA GLU E 458 -4.10 -12.07 -6.39
C GLU E 458 -4.90 -12.61 -7.56
N PHE E 459 -5.37 -13.86 -7.46
CA PHE E 459 -6.24 -14.42 -8.49
C PHE E 459 -7.62 -13.77 -8.47
N ASP E 460 -8.11 -13.37 -7.31
CA ASP E 460 -9.31 -12.54 -7.22
C ASP E 460 -9.11 -11.21 -7.92
N ALA E 461 -7.91 -10.65 -7.83
CA ALA E 461 -7.57 -9.49 -8.67
C ALA E 461 -7.62 -9.87 -10.14
N THR E 462 -7.18 -11.08 -10.47
CA THR E 462 -7.38 -11.60 -11.82
C THR E 462 -8.82 -12.02 -12.02
N LYS E 463 -9.59 -12.15 -10.94
CA LYS E 463 -10.99 -12.51 -11.02
C LYS E 463 -11.89 -11.29 -10.83
N PRO E 484 3.20 -29.30 -5.60
CA PRO E 484 3.54 -30.62 -5.07
C PRO E 484 2.49 -31.16 -4.11
N CYS E 485 2.26 -30.44 -3.01
CA CYS E 485 1.26 -30.80 -2.02
C CYS E 485 0.80 -29.53 -1.33
N SER E 486 -0.23 -29.68 -0.50
CA SER E 486 -0.85 -28.54 0.19
C SER E 486 -1.33 -27.49 -0.81
N HIS E 487 -1.70 -27.96 -2.01
CA HIS E 487 -2.11 -27.09 -3.10
C HIS E 487 -3.59 -27.27 -3.45
N VAL E 488 -4.44 -27.39 -2.43
CA VAL E 488 -5.88 -27.46 -2.65
C VAL E 488 -6.29 -26.16 -3.35
N ARG E 489 -6.81 -26.28 -4.57
CA ARG E 489 -7.11 -25.12 -5.37
C ARG E 489 -8.49 -25.26 -6.01
N LEU E 490 -9.37 -24.30 -5.76
CA LEU E 490 -10.66 -24.22 -6.44
C LEU E 490 -10.62 -22.99 -7.34
N THR E 491 -10.09 -23.17 -8.53
CA THR E 491 -9.84 -22.10 -9.49
C THR E 491 -10.55 -22.40 -10.81
N GLY E 492 -11.79 -21.95 -10.95
CA GLY E 492 -12.41 -21.91 -12.25
C GLY E 492 -11.83 -20.77 -13.07
N THR E 493 -11.04 -21.08 -14.09
CA THR E 493 -10.31 -20.04 -14.82
C THR E 493 -11.27 -18.98 -15.36
N ALA E 494 -12.35 -19.42 -16.01
CA ALA E 494 -13.39 -18.50 -16.47
C ALA E 494 -14.63 -18.70 -15.59
N VAL E 495 -14.62 -18.02 -14.44
CA VAL E 495 -15.67 -18.19 -13.45
C VAL E 495 -17.02 -17.82 -14.04
N GLN E 496 -17.93 -18.79 -14.08
CA GLN E 496 -19.33 -18.55 -14.41
C GLN E 496 -20.19 -18.68 -13.16
N LEU E 497 -19.67 -18.23 -12.01
CA LEU E 497 -20.36 -18.39 -10.74
C LEU E 497 -21.58 -17.48 -10.70
N SER E 498 -22.72 -18.07 -10.37
CA SER E 498 -23.96 -17.32 -10.19
C SER E 498 -24.40 -17.53 -8.74
N TRP E 499 -23.89 -16.68 -7.85
CA TRP E 499 -24.18 -16.82 -6.43
C TRP E 499 -25.64 -16.53 -6.18
N GLU E 500 -26.47 -17.57 -6.18
CA GLU E 500 -27.90 -17.39 -5.98
C GLU E 500 -28.19 -16.72 -4.65
N LEU E 501 -27.50 -17.16 -3.59
CA LEU E 501 -27.51 -16.47 -2.29
C LEU E 501 -28.93 -16.18 -1.81
N ARG E 502 -29.79 -17.18 -1.91
CA ARG E 502 -31.17 -17.02 -1.44
C ARG E 502 -31.18 -17.05 0.08
N THR E 503 -30.98 -15.88 0.70
CA THR E 503 -30.85 -15.78 2.15
C THR E 503 -32.12 -16.17 2.89
N GLY E 504 -33.25 -16.28 2.20
CA GLY E 504 -34.50 -16.64 2.83
C GLY E 504 -34.76 -18.14 2.85
N ARG E 508 -30.87 -18.47 8.17
CA ARG E 508 -31.49 -19.48 7.31
C ARG E 508 -31.29 -19.13 5.84
N ARG E 509 -30.03 -19.04 5.43
CA ARG E 509 -29.66 -18.61 4.08
C ARG E 509 -29.63 -19.84 3.17
N THR E 510 -30.79 -20.21 2.63
CA THR E 510 -30.85 -21.35 1.71
C THR E 510 -30.19 -20.93 0.40
N THR E 511 -28.86 -20.83 0.45
CA THR E 511 -28.12 -20.33 -0.69
C THR E 511 -27.99 -21.41 -1.77
N SER E 512 -27.36 -21.03 -2.86
CA SER E 512 -27.12 -21.90 -4.01
C SER E 512 -26.10 -21.23 -4.90
N MET E 513 -25.50 -22.02 -5.78
CA MET E 513 -24.50 -21.50 -6.72
C MET E 513 -24.34 -22.48 -7.88
N GLU E 514 -24.58 -21.99 -9.10
CA GLU E 514 -24.46 -22.79 -10.31
C GLU E 514 -23.34 -22.18 -11.15
N VAL E 515 -22.35 -23.00 -11.51
CA VAL E 515 -21.20 -22.56 -12.29
C VAL E 515 -21.12 -23.39 -13.57
N HIS E 516 -20.37 -22.89 -14.54
CA HIS E 516 -20.15 -23.60 -15.80
C HIS E 516 -18.71 -24.08 -15.95
N PHE E 517 -17.92 -24.02 -14.88
CA PHE E 517 -16.52 -24.42 -14.90
C PHE E 517 -16.22 -25.20 -13.63
N GLY E 518 -15.01 -25.73 -13.54
CA GLY E 518 -14.63 -26.57 -12.42
C GLY E 518 -13.23 -26.24 -11.94
N GLN E 519 -12.95 -26.74 -10.74
CA GLN E 519 -11.71 -26.46 -10.03
C GLN E 519 -10.63 -27.47 -10.43
N LEU E 520 -9.51 -27.46 -9.70
CA LEU E 520 -8.45 -28.45 -9.87
C LEU E 520 -7.87 -28.70 -8.48
N GLU E 521 -8.39 -29.73 -7.82
CA GLU E 521 -8.21 -29.92 -6.38
C GLU E 521 -7.13 -30.95 -6.11
N VAL E 522 -5.88 -30.48 -6.03
CA VAL E 522 -4.81 -31.31 -5.49
C VAL E 522 -4.91 -31.22 -3.98
N LEU E 523 -5.71 -32.09 -3.37
CA LEU E 523 -5.95 -32.06 -1.93
C LEU E 523 -4.89 -32.88 -1.22
N GLU E 524 -4.13 -32.22 -0.35
CA GLU E 524 -2.92 -32.82 0.18
C GLU E 524 -2.68 -32.29 1.59
N CYS E 525 -1.45 -32.45 2.08
CA CYS E 525 -1.08 -32.14 3.46
C CYS E 525 -1.35 -30.68 3.80
N LEU E 526 -1.24 -30.37 5.09
CA LEU E 526 -1.40 -29.01 5.58
C LEU E 526 -0.26 -28.11 5.09
N GLU E 535 4.64 -36.30 -5.10
CA GLU E 535 4.73 -37.49 -5.94
C GLU E 535 3.47 -37.62 -6.80
N TYR E 536 2.77 -36.51 -7.03
CA TYR E 536 1.51 -36.48 -7.75
C TYR E 536 0.52 -37.47 -7.15
N THR E 537 0.52 -37.48 -5.81
CA THR E 537 -0.22 -38.47 -5.03
C THR E 537 -1.61 -38.01 -4.61
N GLU E 538 -2.11 -36.92 -5.18
CA GLU E 538 -3.44 -36.40 -4.87
C GLU E 538 -4.28 -36.36 -6.14
N ILE E 539 -5.58 -36.13 -5.96
CA ILE E 539 -6.50 -36.04 -7.10
C ILE E 539 -6.07 -34.88 -7.99
N LEU E 540 -6.45 -34.95 -9.27
CA LEU E 540 -6.05 -33.95 -10.25
C LEU E 540 -7.24 -33.61 -11.14
N THR E 541 -8.40 -33.39 -10.52
CA THR E 541 -9.62 -33.09 -11.26
C THR E 541 -9.42 -31.90 -12.18
N PHE E 542 -9.89 -32.04 -13.42
CA PHE E 542 -9.72 -30.97 -14.40
C PHE E 542 -11.02 -30.73 -15.16
N PRO E 543 -12.15 -30.64 -14.46
CA PRO E 543 -13.41 -30.32 -15.14
C PRO E 543 -13.39 -28.92 -15.72
N GLY E 544 -13.69 -28.82 -17.01
CA GLY E 544 -13.67 -27.53 -17.68
C GLY E 544 -14.49 -27.51 -18.96
N THR E 545 -15.27 -26.45 -19.15
CA THR E 545 -16.04 -26.29 -20.38
C THR E 545 -15.20 -25.62 -21.46
N ARG E 553 -21.43 -25.47 -20.41
CA ARG E 553 -21.65 -25.53 -18.97
C ARG E 553 -21.70 -26.98 -18.48
N PRO E 554 -22.26 -27.86 -19.31
CA PRO E 554 -22.34 -29.28 -18.91
C PRO E 554 -21.00 -29.93 -18.65
N CYS E 555 -19.95 -29.49 -19.35
CA CYS E 555 -18.65 -30.14 -19.23
C CYS E 555 -18.14 -30.12 -17.80
N ALA E 556 -18.25 -28.97 -17.13
CA ALA E 556 -17.96 -28.83 -15.71
C ALA E 556 -19.12 -28.10 -15.06
N HIS E 557 -20.16 -28.84 -14.66
CA HIS E 557 -21.36 -28.24 -14.10
C HIS E 557 -21.24 -28.26 -12.57
N LEU E 558 -20.33 -27.43 -12.06
CA LEU E 558 -20.20 -27.29 -10.62
C LEU E 558 -21.47 -26.65 -10.06
N ARG E 559 -22.00 -27.22 -8.98
CA ARG E 559 -23.31 -26.83 -8.49
C ARG E 559 -23.38 -26.94 -6.97
N HIS E 560 -23.75 -25.82 -6.32
CA HIS E 560 -24.12 -25.80 -4.90
C HIS E 560 -22.95 -26.16 -3.99
N THR E 561 -21.81 -25.48 -4.19
CA THR E 561 -20.58 -25.87 -3.53
C THR E 561 -20.68 -25.80 -2.01
N GLN E 562 -21.29 -24.74 -1.47
CA GLN E 562 -21.33 -24.53 -0.03
C GLN E 562 -22.72 -24.03 0.37
N ILE E 563 -23.15 -24.39 1.57
CA ILE E 563 -24.36 -23.85 2.17
C ILE E 563 -24.06 -23.19 3.52
N LEU E 564 -23.58 -23.96 4.50
CA LEU E 564 -23.23 -23.46 5.82
C LEU E 564 -24.38 -22.69 6.45
N ARG E 565 -25.61 -23.16 6.23
CA ARG E 565 -26.81 -22.47 6.68
C ARG E 565 -27.73 -23.41 7.45
N ARG E 566 -28.31 -22.89 8.53
CA ARG E 566 -29.14 -23.71 9.40
C ARG E 566 -30.46 -24.11 8.75
N VAL E 567 -30.80 -23.51 7.61
CA VAL E 567 -32.04 -23.84 6.92
C VAL E 567 -31.88 -25.20 6.25
N PRO E 568 -30.79 -25.42 5.50
CA PRO E 568 -30.64 -26.74 4.84
C PRO E 568 -30.44 -27.87 5.83
N LYS E 569 -29.53 -27.71 6.79
CA LYS E 569 -29.30 -28.71 7.83
C LYS E 569 -29.50 -28.08 9.20
N SER E 570 -30.07 -28.86 10.12
CA SER E 570 -30.30 -28.40 11.48
C SER E 570 -30.54 -29.57 12.42
N ALA E 577 -20.29 -29.75 10.87
CA ALA E 577 -19.62 -28.46 10.82
C ALA E 577 -20.59 -27.33 11.11
N CYS E 578 -20.91 -26.54 10.08
CA CYS E 578 -21.84 -25.43 10.18
C CYS E 578 -23.22 -25.77 9.61
N HIS E 579 -23.64 -27.04 9.74
CA HIS E 579 -24.96 -27.49 9.30
C HIS E 579 -25.16 -27.23 7.81
N CYS E 580 -24.29 -27.81 6.98
CA CYS E 580 -24.32 -27.51 5.55
C CYS E 580 -25.52 -28.16 4.87
N HIS E 581 -25.64 -29.49 4.95
CA HIS E 581 -26.53 -30.27 4.09
C HIS E 581 -26.23 -30.02 2.62
N SER E 582 -24.96 -29.83 2.30
CA SER E 582 -24.56 -29.38 0.98
C SER E 582 -24.73 -30.49 -0.03
N GLU E 583 -25.88 -30.52 -0.70
CA GLU E 583 -26.10 -31.45 -1.80
C GLU E 583 -25.37 -30.91 -3.02
N LEU E 584 -24.06 -31.19 -3.05
CA LEU E 584 -23.22 -30.85 -4.20
C LEU E 584 -23.40 -31.91 -5.28
N ALA E 585 -24.65 -32.07 -5.70
CA ALA E 585 -24.99 -33.04 -6.73
C ALA E 585 -24.59 -32.47 -8.10
N LEU E 586 -23.28 -32.47 -8.33
CA LEU E 586 -22.73 -32.04 -9.61
C LEU E 586 -23.16 -33.02 -10.68
N ASP E 587 -23.93 -32.55 -11.66
CA ASP E 587 -24.40 -33.40 -12.75
C ASP E 587 -23.81 -32.87 -14.06
N LEU E 588 -22.58 -33.31 -14.34
CA LEU E 588 -21.90 -33.02 -15.59
C LEU E 588 -22.19 -34.14 -16.58
N ALA E 589 -21.82 -33.94 -17.84
CA ALA E 589 -22.08 -34.94 -18.87
C ALA E 589 -20.95 -35.03 -19.90
N ASN E 590 -19.74 -34.57 -19.55
CA ASN E 590 -18.65 -34.54 -20.51
C ASN E 590 -17.38 -35.11 -19.89
N PHE E 591 -16.28 -34.98 -20.65
CA PHE E 591 -15.02 -35.63 -20.28
C PHE E 591 -14.67 -35.39 -18.81
N GLN E 592 -14.44 -34.14 -18.43
CA GLN E 592 -14.13 -33.76 -17.05
C GLN E 592 -13.13 -34.72 -16.41
N ALA E 593 -11.97 -34.85 -17.05
CA ALA E 593 -11.04 -35.93 -16.68
C ALA E 593 -10.45 -35.71 -15.30
N ASP E 594 -10.59 -36.72 -14.44
CA ASP E 594 -9.86 -36.83 -13.19
C ASP E 594 -8.63 -37.69 -13.47
N VAL E 595 -7.59 -37.07 -14.03
CA VAL E 595 -6.52 -37.81 -14.68
C VAL E 595 -5.80 -38.72 -13.69
N GLU E 596 -5.49 -38.22 -12.50
CA GLU E 596 -4.72 -38.97 -11.52
C GLU E 596 -5.41 -38.93 -10.17
N LEU E 597 -5.40 -40.04 -9.46
CA LEU E 597 -5.97 -40.07 -8.13
C LEU E 597 -5.14 -40.97 -7.25
N GLY E 598 -4.22 -40.41 -6.47
CA GLY E 598 -3.39 -41.29 -5.68
C GLY E 598 -4.12 -42.12 -4.67
N ALA E 599 -5.07 -41.58 -3.90
CA ALA E 599 -5.83 -42.47 -3.00
C ALA E 599 -7.23 -42.10 -2.53
N LEU E 600 -8.12 -43.09 -2.33
CA LEU E 600 -9.42 -42.85 -1.70
C LEU E 600 -9.33 -42.47 -0.22
N ASP E 601 -8.46 -43.13 0.53
CA ASP E 601 -8.29 -42.84 1.95
C ASP E 601 -7.76 -41.45 2.25
N ARG E 602 -6.78 -41.01 1.45
CA ARG E 602 -6.21 -39.69 1.64
C ARG E 602 -7.34 -38.72 1.40
N LEU E 603 -8.55 -39.25 1.31
CA LEU E 603 -9.72 -38.43 1.08
C LEU E 603 -10.67 -38.46 2.26
N ALA E 604 -10.75 -39.59 2.96
CA ALA E 604 -11.55 -39.67 4.17
C ALA E 604 -10.91 -38.93 5.33
N ALA E 605 -9.58 -39.00 5.44
CA ALA E 605 -8.87 -38.32 6.53
C ALA E 605 -9.00 -36.80 6.41
N LEU E 606 -8.70 -36.27 5.22
CA LEU E 606 -8.78 -34.82 4.99
C LEU E 606 -10.20 -34.28 5.10
N LEU E 607 -11.21 -35.15 5.09
CA LEU E 607 -12.60 -34.75 5.22
C LEU E 607 -13.13 -34.89 6.64
N ARG E 608 -12.74 -35.96 7.35
CA ARG E 608 -13.16 -36.13 8.73
C ARG E 608 -12.29 -35.28 9.66
N LEU E 609 -10.99 -35.56 9.70
CA LEU E 609 -10.05 -34.66 10.34
C LEU E 609 -9.74 -33.50 9.41
N ALA E 610 -9.05 -32.49 9.93
CA ALA E 610 -8.60 -31.41 9.07
C ALA E 610 -7.68 -31.98 8.01
N THR E 611 -6.47 -32.37 8.41
CA THR E 611 -5.54 -33.10 7.54
C THR E 611 -4.39 -33.62 8.38
N VAL E 612 -3.95 -34.83 8.09
CA VAL E 612 -2.77 -35.38 8.76
C VAL E 612 -1.88 -36.03 7.72
N PRO E 613 -1.68 -35.40 6.57
CA PRO E 613 -0.66 -35.87 5.62
C PRO E 613 0.64 -35.12 5.79
N ALA E 614 1.67 -35.50 5.05
CA ALA E 614 2.95 -34.81 5.10
C ALA E 614 3.58 -34.86 3.71
N GLU E 615 4.87 -34.54 3.62
CA GLU E 615 5.57 -34.61 2.34
C GLU E 615 5.50 -35.99 1.72
N PRO E 616 5.67 -37.10 2.46
CA PRO E 616 5.54 -38.50 2.07
C PRO E 616 6.26 -38.85 0.77
N GLU E 629 -23.68 -30.49 11.76
CA GLU E 629 -24.35 -31.76 11.54
C GLU E 629 -24.77 -31.92 10.07
N GLN E 630 -23.86 -31.59 9.16
CA GLN E 630 -24.16 -31.67 7.75
C GLN E 630 -24.22 -33.12 7.28
N GLN E 631 -24.90 -33.33 6.16
CA GLN E 631 -24.97 -34.63 5.49
C GLN E 631 -24.59 -34.40 4.03
N THR E 632 -23.29 -34.47 3.74
CA THR E 632 -22.78 -34.22 2.40
C THR E 632 -23.26 -35.33 1.48
N VAL E 633 -24.25 -35.02 0.64
CA VAL E 633 -24.78 -35.94 -0.33
C VAL E 633 -24.17 -35.53 -1.66
N PHE E 634 -23.25 -36.36 -2.16
CA PHE E 634 -22.45 -36.02 -3.34
C PHE E 634 -22.87 -36.94 -4.48
N ARG E 635 -23.74 -36.45 -5.35
CA ARG E 635 -24.29 -37.22 -6.46
C ARG E 635 -23.63 -36.79 -7.76
N LEU E 636 -23.50 -37.76 -8.69
CA LEU E 636 -22.82 -37.50 -9.96
C LEU E 636 -23.30 -38.54 -10.98
N SER E 637 -24.07 -38.07 -11.97
CA SER E 637 -24.55 -38.91 -13.06
C SER E 637 -24.18 -38.30 -14.41
N ALA E 638 -23.69 -39.14 -15.32
CA ALA E 638 -23.31 -38.71 -16.66
C ALA E 638 -23.26 -39.92 -17.57
N PRO E 639 -23.38 -39.73 -18.89
CA PRO E 639 -23.07 -40.82 -19.82
C PRO E 639 -21.56 -41.02 -19.97
N ARG E 640 -20.81 -39.92 -19.96
CA ARG E 640 -19.38 -39.98 -20.20
C ARG E 640 -18.66 -39.04 -19.24
N ALA E 641 -17.67 -39.57 -18.51
CA ALA E 641 -16.75 -38.76 -17.72
C ALA E 641 -15.47 -39.55 -17.52
N THR E 642 -14.41 -39.19 -18.27
CA THR E 642 -13.14 -39.88 -18.16
C THR E 642 -12.65 -39.91 -16.73
N LEU E 643 -12.18 -41.06 -16.26
CA LEU E 643 -11.79 -41.19 -14.84
C LEU E 643 -10.70 -42.20 -14.53
N ARG E 644 -9.96 -41.97 -13.45
CA ARG E 644 -8.95 -42.92 -13.00
C ARG E 644 -9.23 -43.31 -11.56
N LEU E 645 -9.23 -44.59 -11.25
CA LEU E 645 -9.41 -44.99 -9.87
C LEU E 645 -8.18 -45.74 -9.39
N ARG E 646 -7.64 -45.33 -8.25
CA ARG E 646 -6.46 -45.97 -7.70
C ARG E 646 -6.79 -46.29 -6.28
N PHE E 647 -6.25 -47.39 -5.77
CA PHE E 647 -6.63 -47.81 -4.45
C PHE E 647 -6.00 -46.99 -3.36
N PRO E 648 -6.52 -47.18 -2.15
CA PRO E 648 -5.81 -46.50 -1.05
C PRO E 648 -4.89 -47.41 -0.25
N ILE E 649 -3.58 -47.16 -0.32
CA ILE E 649 -2.60 -47.83 0.52
C ILE E 649 -1.76 -46.75 1.18
N ALA E 650 -2.15 -46.34 2.38
CA ALA E 650 -1.52 -45.22 3.08
C ALA E 650 -0.77 -45.72 4.30
N ASP E 651 0.33 -45.04 4.62
CA ASP E 651 1.15 -45.41 5.77
C ASP E 651 0.35 -45.28 7.07
N LEU E 652 -0.45 -44.21 7.20
CA LEU E 652 -1.17 -43.98 8.44
C LEU E 652 -2.24 -45.03 8.68
N ARG E 653 -2.87 -45.53 7.64
CA ARG E 653 -3.91 -46.55 7.78
C ARG E 653 -4.07 -47.36 6.50
N GLY E 661 7.30 -46.69 -8.60
CA GLY E 661 6.27 -47.50 -7.97
C GLY E 661 5.12 -46.70 -7.40
N GLN E 662 4.15 -47.39 -6.83
CA GLN E 662 2.97 -46.76 -6.23
C GLN E 662 2.35 -47.75 -5.25
N ALA E 663 1.09 -47.50 -4.91
CA ALA E 663 0.34 -48.43 -4.08
C ALA E 663 0.29 -49.80 -4.74
N VAL E 664 0.45 -50.85 -3.91
CA VAL E 664 0.52 -52.21 -4.44
C VAL E 664 -0.79 -52.59 -5.12
N ARG E 665 -1.92 -52.27 -4.48
CA ARG E 665 -3.21 -52.78 -4.92
C ARG E 665 -3.59 -52.27 -6.31
N ALA E 666 -3.97 -53.20 -7.19
CA ALA E 666 -4.55 -52.89 -8.50
C ALA E 666 -3.66 -51.92 -9.29
N GLU E 667 -2.47 -52.41 -9.63
CA GLU E 667 -1.52 -51.62 -10.38
C GLU E 667 -2.10 -51.13 -11.70
N GLN E 668 -2.04 -49.82 -11.92
CA GLN E 668 -2.48 -49.20 -13.17
C GLN E 668 -3.96 -49.42 -13.44
N LEU E 669 -4.77 -49.28 -12.39
CA LEU E 669 -6.20 -49.51 -12.53
C LEU E 669 -6.91 -48.30 -13.09
N ARG E 670 -7.52 -48.38 -14.27
CA ARG E 670 -8.33 -47.22 -14.72
C ARG E 670 -9.78 -47.48 -15.13
N LEU E 671 -10.73 -46.80 -14.51
CA LEU E 671 -12.07 -46.90 -15.02
C LEU E 671 -12.09 -45.79 -16.05
N GLU E 672 -11.44 -46.00 -17.18
CA GLU E 672 -11.41 -44.97 -18.23
C GLU E 672 -12.77 -44.67 -18.88
N LEU E 673 -13.03 -43.41 -19.24
CA LEU E 673 -14.29 -43.01 -19.91
C LEU E 673 -15.51 -43.80 -19.54
N SER E 674 -15.57 -44.22 -18.31
CA SER E 674 -16.77 -44.88 -17.81
C SER E 674 -17.85 -43.83 -17.54
N GLU E 675 -18.95 -44.28 -16.93
CA GLU E 675 -19.93 -43.35 -16.42
C GLU E 675 -19.28 -42.52 -15.31
N PRO E 676 -19.76 -41.29 -15.08
CA PRO E 676 -19.09 -40.42 -14.10
C PRO E 676 -18.96 -41.05 -12.73
N GLN E 677 -20.07 -41.48 -12.12
CA GLN E 677 -20.01 -42.25 -10.88
C GLN E 677 -19.29 -41.58 -9.73
N PHE E 678 -18.57 -42.38 -8.94
CA PHE E 678 -17.75 -41.88 -7.82
C PHE E 678 -18.55 -40.82 -7.01
N ARG E 679 -19.77 -41.24 -6.67
CA ARG E 679 -20.70 -40.40 -5.94
C ARG E 679 -20.48 -40.87 -4.50
N SER E 680 -20.38 -39.91 -3.58
CA SER E 680 -19.99 -40.21 -2.21
C SER E 680 -21.03 -39.67 -1.25
N GLU E 681 -20.81 -39.94 0.03
CA GLU E 681 -21.65 -39.41 1.11
C GLU E 681 -20.81 -39.41 2.37
N LEU E 682 -20.43 -38.22 2.84
CA LEU E 682 -19.48 -38.11 3.93
C LEU E 682 -20.01 -37.24 5.07
N SER E 683 -19.17 -36.96 6.05
CA SER E 683 -19.55 -36.14 7.19
C SER E 683 -18.30 -35.47 7.75
N SER E 684 -18.51 -34.35 8.43
CA SER E 684 -17.37 -33.56 8.92
C SER E 684 -16.67 -34.26 10.08
N GLY E 685 -17.43 -34.84 11.01
CA GLY E 685 -16.86 -35.44 12.18
C GLY E 685 -16.11 -36.73 11.89
N PRO E 686 -14.98 -36.92 12.58
CA PRO E 686 -14.26 -38.19 12.43
C PRO E 686 -15.02 -39.35 13.04
N GLY E 687 -14.80 -40.53 12.48
CA GLY E 687 -15.52 -41.71 12.92
C GLY E 687 -17.02 -41.52 12.79
N PRO E 688 -17.51 -41.49 11.55
CA PRO E 688 -18.92 -41.16 11.32
C PRO E 688 -19.85 -42.14 11.99
N PRO E 689 -20.71 -41.67 12.91
CA PRO E 689 -21.67 -42.59 13.54
C PRO E 689 -22.59 -43.26 12.54
N VAL E 690 -23.00 -42.55 11.51
CA VAL E 690 -23.77 -43.15 10.41
C VAL E 690 -22.78 -43.77 9.43
N PRO E 691 -23.13 -44.84 8.74
CA PRO E 691 -22.20 -45.46 7.79
C PRO E 691 -21.96 -44.57 6.58
N THR E 692 -20.85 -44.84 5.90
CA THR E 692 -20.44 -44.11 4.71
C THR E 692 -20.62 -45.01 3.50
N HIS E 693 -21.37 -44.52 2.50
CA HIS E 693 -21.61 -45.28 1.28
C HIS E 693 -20.81 -44.69 0.11
N LEU E 694 -20.56 -45.53 -0.89
CA LEU E 694 -19.87 -45.11 -2.10
C LEU E 694 -20.35 -46.02 -3.22
N GLU E 695 -21.27 -45.52 -4.04
CA GLU E 695 -21.94 -46.33 -5.04
C GLU E 695 -21.31 -46.11 -6.41
N LEU E 696 -21.85 -46.80 -7.41
CA LEU E 696 -21.36 -46.77 -8.78
C LEU E 696 -22.37 -47.50 -9.64
N THR E 697 -22.49 -47.08 -10.89
CA THR E 697 -23.34 -47.76 -11.86
C THR E 697 -22.79 -47.50 -13.25
N CYS E 698 -22.94 -48.50 -14.13
CA CYS E 698 -22.43 -48.38 -15.49
C CYS E 698 -23.09 -49.45 -16.34
N SER E 699 -23.46 -49.06 -17.57
CA SER E 699 -24.16 -49.99 -18.46
C SER E 699 -23.19 -50.97 -19.12
N ASP E 700 -22.27 -50.46 -19.94
CA ASP E 700 -21.23 -51.25 -20.59
C ASP E 700 -19.91 -50.50 -20.56
N LEU E 701 -19.58 -49.93 -19.39
CA LEU E 701 -18.43 -49.04 -19.28
C LEU E 701 -17.14 -49.72 -19.74
N HIS E 702 -16.37 -49.01 -20.55
CA HIS E 702 -15.12 -49.54 -21.12
C HIS E 702 -13.97 -49.16 -20.20
N GLY E 703 -14.00 -49.74 -18.99
CA GLY E 703 -12.97 -49.48 -18.00
C GLY E 703 -11.78 -50.41 -18.10
N ILE E 704 -10.68 -49.92 -18.67
CA ILE E 704 -9.46 -50.71 -18.79
C ILE E 704 -8.85 -50.89 -17.42
N TYR E 705 -9.00 -52.09 -16.85
CA TYR E 705 -8.61 -52.35 -15.47
C TYR E 705 -7.25 -53.04 -15.41
N GLU E 706 -6.42 -52.60 -14.47
CA GLU E 706 -5.12 -53.22 -14.20
C GLU E 706 -4.20 -53.19 -15.43
N ASP E 707 -4.46 -52.28 -16.35
CA ASP E 707 -3.66 -52.17 -17.56
C ASP E 707 -2.36 -51.42 -17.27
N PRO E 712 -0.66 -57.07 -20.03
CA PRO E 712 -1.22 -55.74 -20.32
C PRO E 712 -2.70 -55.80 -20.69
N VAL E 713 -3.31 -54.62 -20.81
CA VAL E 713 -4.69 -54.43 -21.25
C VAL E 713 -5.65 -54.91 -20.17
N PRO E 714 -6.92 -54.50 -20.20
CA PRO E 714 -7.85 -54.87 -19.13
C PRO E 714 -8.01 -56.38 -19.00
N CYS E 715 -8.15 -56.85 -17.76
CA CYS E 715 -8.63 -58.20 -17.52
C CYS E 715 -10.12 -58.30 -17.80
N LEU E 716 -10.84 -57.18 -17.71
CA LEU E 716 -12.24 -57.06 -18.06
C LEU E 716 -12.44 -55.69 -18.68
N ARG E 717 -13.00 -55.65 -19.89
CA ARG E 717 -12.92 -54.43 -20.70
C ARG E 717 -14.27 -53.75 -20.92
N VAL E 718 -15.36 -54.35 -20.46
CA VAL E 718 -16.68 -53.77 -20.65
C VAL E 718 -17.68 -54.44 -19.71
N SER E 719 -18.63 -53.67 -19.19
CA SER E 719 -19.66 -54.23 -18.32
C SER E 719 -20.64 -55.11 -19.07
N LYS E 720 -20.87 -54.84 -20.36
CA LYS E 720 -21.49 -55.76 -21.31
C LYS E 720 -22.69 -56.51 -20.76
N ALA E 721 -23.53 -55.85 -19.98
CA ALA E 721 -24.61 -56.51 -19.25
C ALA E 721 -25.94 -56.24 -19.94
N LEU E 722 -26.34 -57.17 -20.81
CA LEU E 722 -27.68 -57.21 -21.38
C LEU E 722 -28.42 -58.37 -20.70
N ASP E 723 -28.90 -58.12 -19.47
CA ASP E 723 -29.49 -59.17 -18.63
C ASP E 723 -30.83 -58.71 -18.07
N PRO E 724 -31.89 -58.71 -18.89
CA PRO E 724 -33.22 -58.42 -18.34
C PRO E 724 -33.67 -59.50 -17.38
N LYS E 725 -34.19 -59.09 -16.23
CA LYS E 725 -34.54 -60.01 -15.16
C LYS E 725 -36.01 -59.96 -14.77
N SER E 726 -36.55 -58.78 -14.53
CA SER E 726 -37.88 -58.66 -13.96
C SER E 726 -38.97 -58.84 -15.02
N THR E 727 -40.22 -58.90 -14.55
CA THR E 727 -41.36 -58.98 -15.47
C THR E 727 -41.44 -57.74 -16.34
N GLY E 728 -41.21 -56.56 -15.75
CA GLY E 728 -41.14 -55.35 -16.53
C GLY E 728 -39.83 -55.22 -17.28
N ARG E 729 -39.78 -54.26 -18.20
CA ARG E 729 -38.59 -54.02 -19.00
C ARG E 729 -37.42 -53.54 -18.13
N LYS E 730 -36.44 -54.41 -17.94
CA LYS E 730 -35.27 -54.09 -17.10
C LYS E 730 -33.99 -54.35 -17.88
N TYR E 731 -32.96 -53.56 -17.57
CA TYR E 731 -31.63 -53.76 -18.13
C TYR E 731 -30.61 -53.71 -17.00
N PHE E 732 -30.14 -54.87 -16.58
CA PHE E 732 -29.21 -54.98 -15.48
C PHE E 732 -27.86 -54.36 -15.86
N LEU E 733 -27.17 -53.83 -14.86
CA LEU E 733 -25.94 -53.09 -15.06
C LEU E 733 -24.99 -53.39 -13.91
N PRO E 734 -23.72 -53.01 -14.02
CA PRO E 734 -22.76 -53.28 -12.95
C PRO E 734 -22.79 -52.19 -11.88
N GLN E 735 -22.12 -52.49 -10.77
CA GLN E 735 -22.01 -51.56 -9.66
C GLN E 735 -20.86 -51.99 -8.77
N VAL E 736 -20.21 -51.00 -8.15
CA VAL E 736 -19.08 -51.24 -7.24
C VAL E 736 -19.42 -50.49 -5.95
N VAL E 737 -20.07 -51.16 -5.02
CA VAL E 737 -20.58 -50.53 -3.81
C VAL E 737 -19.52 -50.62 -2.72
N VAL E 738 -19.55 -49.64 -1.81
CA VAL E 738 -18.68 -49.62 -0.64
C VAL E 738 -19.50 -49.14 0.55
N THR E 739 -19.29 -49.79 1.70
CA THR E 739 -20.04 -49.48 2.92
C THR E 739 -19.05 -49.56 4.09
N VAL E 740 -18.57 -48.40 4.53
CA VAL E 740 -17.60 -48.31 5.62
C VAL E 740 -18.34 -48.01 6.92
N ASN E 741 -18.01 -48.76 7.97
CA ASN E 741 -18.55 -48.56 9.30
C ASN E 741 -17.45 -48.07 10.24
N PRO E 742 -17.81 -47.32 11.27
CA PRO E 742 -16.78 -46.80 12.18
C PRO E 742 -16.02 -47.91 12.88
N GLN E 743 -14.73 -47.68 13.10
CA GLN E 743 -13.90 -48.63 13.80
C GLN E 743 -14.34 -48.75 15.26
N SER E 744 -14.26 -49.98 15.78
CA SER E 744 -14.69 -50.30 17.14
C SER E 744 -16.14 -49.87 17.38
N SER E 745 -16.97 -50.06 16.36
CA SER E 745 -18.38 -49.73 16.48
C SER E 745 -19.08 -50.72 17.42
N SER E 746 -19.95 -50.18 18.27
CA SER E 746 -20.69 -50.96 19.26
C SER E 746 -19.75 -51.77 20.16
N ASP E 794 -23.35 -74.08 -0.44
CA ASP E 794 -24.06 -73.72 0.78
C ASP E 794 -24.97 -72.52 0.55
N PRO E 795 -26.21 -72.78 0.13
CA PRO E 795 -27.15 -71.68 -0.11
C PRO E 795 -27.41 -70.83 1.13
N GLU E 796 -27.44 -71.43 2.31
CA GLU E 796 -27.73 -70.72 3.55
C GLU E 796 -26.53 -70.53 4.46
N GLU E 797 -25.60 -71.48 4.48
CA GLU E 797 -24.42 -71.33 5.34
C GLU E 797 -23.47 -70.26 4.79
N MET E 798 -23.04 -70.42 3.53
CA MET E 798 -22.08 -69.48 2.96
C MET E 798 -22.69 -68.08 2.83
N ARG E 799 -23.98 -68.00 2.51
CA ARG E 799 -24.63 -66.70 2.38
C ARG E 799 -24.71 -66.00 3.72
N THR E 800 -25.24 -66.69 4.75
CA THR E 800 -25.44 -66.06 6.05
C THR E 800 -24.11 -65.75 6.74
N PHE E 801 -23.10 -66.62 6.57
CA PHE E 801 -21.81 -66.37 7.20
C PHE E 801 -21.21 -65.06 6.70
N GLN E 802 -21.20 -64.85 5.39
CA GLN E 802 -20.62 -63.61 4.88
C GLN E 802 -21.58 -62.44 4.96
N SER E 803 -22.88 -62.66 5.13
CA SER E 803 -23.77 -61.55 5.51
C SER E 803 -23.40 -61.03 6.89
N ARG E 804 -23.19 -61.96 7.83
CA ARG E 804 -22.73 -61.56 9.16
C ARG E 804 -21.37 -60.89 9.08
N THR E 805 -20.48 -61.39 8.23
CA THR E 805 -19.19 -60.73 8.03
C THR E 805 -19.31 -59.37 7.36
N LEU E 806 -20.38 -59.13 6.60
CA LEU E 806 -20.63 -57.84 6.00
C LEU E 806 -21.27 -56.86 6.97
N ALA E 807 -21.95 -57.36 8.00
CA ALA E 807 -22.46 -56.50 9.05
C ALA E 807 -21.34 -55.91 9.92
N LEU E 808 -20.12 -56.42 9.80
CA LEU E 808 -18.96 -55.92 10.53
C LEU E 808 -17.97 -55.39 9.50
N SER E 809 -17.70 -54.08 9.54
CA SER E 809 -16.93 -53.40 8.51
C SER E 809 -15.76 -52.65 9.12
N ARG E 810 -14.55 -52.94 8.62
CA ARG E 810 -13.41 -52.05 8.77
C ARG E 810 -12.87 -51.65 7.41
N CYS E 811 -13.34 -52.30 6.34
CA CYS E 811 -13.17 -51.92 4.94
C CYS E 811 -14.32 -52.61 4.20
N SER E 812 -14.29 -52.59 2.87
CA SER E 812 -15.28 -53.35 2.10
C SER E 812 -14.85 -53.37 0.64
N LEU E 813 -15.67 -54.06 -0.16
CA LEU E 813 -15.67 -54.09 -1.62
C LEU E 813 -16.88 -54.93 -2.02
N GLU E 814 -17.51 -54.55 -3.11
CA GLU E 814 -18.71 -55.24 -3.56
C GLU E 814 -18.86 -55.05 -5.06
N VAL E 815 -19.30 -56.11 -5.74
CA VAL E 815 -19.57 -56.06 -7.17
C VAL E 815 -20.85 -56.84 -7.46
N ILE E 816 -21.64 -56.33 -8.38
CA ILE E 816 -22.79 -57.06 -8.91
C ILE E 816 -22.72 -56.97 -10.43
N LEU E 817 -22.11 -57.98 -11.06
CA LEU E 817 -21.93 -57.97 -12.50
C LEU E 817 -22.89 -58.94 -13.13
N PRO E 818 -23.92 -58.48 -13.82
CA PRO E 818 -24.97 -59.39 -14.32
C PRO E 818 -24.45 -60.33 -15.39
N SER E 819 -23.83 -59.75 -16.43
CA SER E 819 -23.29 -60.54 -17.51
C SER E 819 -21.97 -60.00 -18.03
N VAL E 820 -21.19 -59.31 -17.19
CA VAL E 820 -19.95 -58.68 -17.65
C VAL E 820 -19.05 -59.71 -18.31
N HIS E 821 -18.52 -60.65 -17.51
CA HIS E 821 -17.83 -61.84 -18.02
C HIS E 821 -16.72 -61.48 -19.01
N ILE E 822 -16.35 -60.21 -19.04
CA ILE E 822 -15.62 -59.65 -20.17
C ILE E 822 -14.12 -59.80 -19.95
N PHE E 823 -13.39 -59.73 -21.07
CA PHE E 823 -11.94 -59.64 -21.05
C PHE E 823 -11.51 -59.05 -22.37
N LEU E 824 -10.50 -58.20 -22.32
CA LEU E 824 -9.98 -57.61 -23.53
C LEU E 824 -9.34 -58.68 -24.41
N PRO E 825 -9.26 -58.47 -25.72
CA PRO E 825 -8.57 -59.46 -26.57
C PRO E 825 -7.16 -59.75 -26.11
N SER E 826 -6.48 -58.76 -25.54
CA SER E 826 -5.22 -58.97 -24.83
C SER E 826 -5.54 -59.12 -23.35
N LYS E 827 -5.69 -60.37 -22.89
CA LYS E 827 -5.95 -60.64 -21.49
C LYS E 827 -5.57 -62.08 -21.19
N GLU E 828 -5.45 -62.40 -19.91
CA GLU E 828 -5.07 -63.73 -19.46
C GLU E 828 -5.64 -63.97 -18.08
N VAL E 829 -6.74 -64.74 -18.01
CA VAL E 829 -7.30 -65.12 -16.72
C VAL E 829 -6.35 -66.06 -15.99
N TYR E 830 -5.64 -66.92 -16.74
CA TYR E 830 -4.74 -67.88 -16.11
C TYR E 830 -3.59 -67.18 -15.41
N GLU E 831 -3.02 -66.14 -16.02
CA GLU E 831 -1.79 -65.52 -15.53
C GLU E 831 -1.98 -64.13 -14.96
N SER E 832 -2.57 -63.19 -15.73
CA SER E 832 -2.62 -61.81 -15.30
C SER E 832 -3.52 -61.63 -14.07
N ILE E 833 -4.67 -62.32 -14.06
CA ILE E 833 -5.57 -62.22 -12.91
C ILE E 833 -4.88 -62.71 -11.65
N TYR E 834 -4.19 -63.85 -11.74
CA TYR E 834 -3.39 -64.34 -10.64
C TYR E 834 -2.34 -63.32 -10.21
N ASN E 835 -1.63 -62.72 -11.17
CA ASN E 835 -0.48 -61.90 -10.84
C ASN E 835 -0.90 -60.57 -10.22
N ARG E 836 -2.11 -60.11 -10.51
CA ARG E 836 -2.53 -58.82 -9.96
C ARG E 836 -3.67 -58.93 -8.95
N ILE E 837 -4.83 -59.46 -9.34
CA ILE E 837 -6.02 -59.36 -8.51
C ILE E 837 -6.04 -60.36 -7.36
N ASN E 838 -5.01 -61.19 -7.24
CA ASN E 838 -4.87 -62.09 -6.11
C ASN E 838 -3.71 -61.71 -5.20
N ASN E 839 -2.65 -61.13 -5.75
CA ASN E 839 -1.57 -60.62 -4.92
C ASN E 839 -1.93 -59.26 -4.33
N ASP E 840 -2.21 -58.29 -5.19
CA ASP E 840 -2.57 -56.94 -4.76
C ASP E 840 -4.07 -56.83 -4.47
N LEU E 841 -4.57 -57.67 -3.58
CA LEU E 841 -6.00 -57.72 -3.29
C LEU E 841 -6.32 -57.28 -1.87
N LEU E 842 -5.71 -57.90 -0.85
CA LEU E 842 -5.99 -57.57 0.53
C LEU E 842 -4.89 -56.79 1.23
N MET E 843 -3.68 -56.77 0.67
CA MET E 843 -2.56 -56.07 1.28
C MET E 843 -2.49 -54.63 0.76
N TRP E 844 -3.56 -53.88 1.07
CA TRP E 844 -3.67 -52.48 0.69
C TRP E 844 -3.98 -51.63 1.91
N GLU E 845 -3.33 -51.97 3.03
CA GLU E 845 -3.58 -51.32 4.32
C GLU E 845 -5.06 -51.36 4.69
N PRO E 846 -5.66 -52.55 4.73
CA PRO E 846 -7.11 -52.62 4.99
C PRO E 846 -7.45 -52.26 6.42
N ALA E 847 -7.95 -51.04 6.61
CA ALA E 847 -8.40 -50.53 7.90
C ALA E 847 -9.08 -49.19 7.67
N ASP E 848 -10.16 -48.94 8.39
CA ASP E 848 -10.87 -47.67 8.28
C ASP E 848 -11.73 -47.46 9.53
N LEU E 849 -12.13 -46.22 9.73
CA LEU E 849 -12.96 -45.86 10.87
C LEU E 849 -14.24 -45.17 10.41
N SER E 924 -8.91 -55.47 10.69
CA SER E 924 -9.13 -55.49 9.26
C SER E 924 -10.31 -56.39 8.93
N THR E 925 -11.36 -56.29 9.75
CA THR E 925 -12.59 -57.03 9.55
C THR E 925 -13.36 -56.37 8.39
N PHE E 926 -13.21 -56.94 7.21
CA PHE E 926 -13.96 -56.47 6.05
C PHE E 926 -14.67 -57.62 5.36
N SER E 927 -15.25 -57.36 4.18
CA SER E 927 -15.97 -58.39 3.45
C SER E 927 -15.76 -58.15 1.96
N THR E 928 -16.39 -58.99 1.14
CA THR E 928 -16.22 -58.98 -0.31
C THR E 928 -17.26 -59.92 -0.91
N LEU E 929 -17.87 -59.50 -2.03
CA LEU E 929 -18.83 -60.32 -2.71
C LEU E 929 -18.70 -60.12 -4.22
N VAL E 930 -19.11 -61.14 -4.97
CA VAL E 930 -19.25 -61.07 -6.42
C VAL E 930 -20.53 -61.82 -6.76
N THR E 931 -21.11 -61.48 -7.92
CA THR E 931 -22.35 -62.11 -8.36
C THR E 931 -22.42 -61.97 -9.87
N VAL E 932 -22.49 -63.10 -10.57
CA VAL E 932 -22.52 -63.12 -12.03
C VAL E 932 -23.60 -64.10 -12.47
N LEU E 933 -24.41 -63.68 -13.43
CA LEU E 933 -25.39 -64.56 -14.06
C LEU E 933 -24.84 -65.26 -15.29
N LYS E 934 -23.71 -64.80 -15.81
CA LYS E 934 -23.04 -65.44 -16.94
C LYS E 934 -21.58 -65.04 -16.91
N GLY E 935 -20.69 -66.00 -17.11
CA GLY E 935 -19.26 -65.75 -16.98
C GLY E 935 -18.48 -66.33 -18.13
N ARG E 936 -17.37 -65.66 -18.44
CA ARG E 936 -16.48 -66.09 -19.52
C ARG E 936 -15.04 -65.96 -19.04
N ILE E 937 -14.37 -67.09 -18.88
CA ILE E 937 -12.96 -67.15 -18.52
C ILE E 937 -12.17 -67.19 -19.82
N THR E 938 -11.86 -66.03 -20.40
CA THR E 938 -11.18 -65.93 -21.68
C THR E 938 -9.73 -66.31 -21.52
N ALA E 939 -9.05 -66.54 -22.64
CA ALA E 939 -7.63 -66.86 -22.64
C ALA E 939 -6.85 -65.91 -23.54
N LEU E 958 -10.48 -73.57 -20.80
CA LEU E 958 -11.22 -72.39 -21.24
C LEU E 958 -12.73 -72.58 -21.06
N VAL E 959 -13.12 -73.61 -20.31
CA VAL E 959 -14.53 -73.90 -20.08
C VAL E 959 -15.05 -73.03 -18.94
N LEU E 960 -15.56 -71.85 -19.28
CA LEU E 960 -16.13 -70.99 -18.24
C LEU E 960 -17.41 -71.58 -17.67
N ASP E 961 -18.36 -71.91 -18.55
CA ASP E 961 -19.61 -72.57 -18.20
C ASP E 961 -20.40 -71.83 -17.12
N MET E 962 -20.08 -70.56 -16.88
CA MET E 962 -20.48 -69.89 -15.65
C MET E 962 -21.88 -69.31 -15.78
N GLU E 963 -22.75 -69.69 -14.86
CA GLU E 963 -24.08 -69.11 -14.71
C GLU E 963 -24.45 -69.17 -13.23
N HIS E 964 -24.81 -68.02 -12.66
CA HIS E 964 -25.12 -67.92 -11.23
C HIS E 964 -23.91 -68.29 -10.37
N GLY E 965 -22.81 -67.55 -10.53
CA GLY E 965 -21.63 -67.80 -9.73
C GLY E 965 -21.19 -66.59 -8.92
N THR E 966 -20.41 -66.87 -7.87
CA THR E 966 -19.96 -65.85 -6.93
C THR E 966 -18.52 -66.11 -6.53
N LEU E 967 -17.96 -65.15 -5.78
CA LEU E 967 -16.67 -65.30 -5.11
C LEU E 967 -16.71 -64.53 -3.81
N PHE E 968 -16.08 -65.10 -2.77
CA PHE E 968 -16.19 -64.58 -1.42
C PHE E 968 -14.79 -64.39 -0.83
N SER E 969 -14.72 -63.60 0.24
CA SER E 969 -13.50 -63.42 1.03
C SER E 969 -13.82 -62.67 2.30
N VAL E 970 -13.14 -63.05 3.39
CA VAL E 970 -13.25 -62.38 4.69
C VAL E 970 -11.85 -62.27 5.28
N SER E 971 -11.71 -61.40 6.29
CA SER E 971 -10.48 -61.25 7.04
C SER E 971 -10.81 -61.03 8.51
N GLN E 972 -10.20 -61.82 9.37
CA GLN E 972 -10.31 -61.66 10.82
C GLN E 972 -11.77 -61.77 11.28
N TYR E 973 -12.35 -62.94 11.03
CA TYR E 973 -13.72 -63.20 11.46
C TYR E 973 -13.83 -63.09 12.97
N CYS E 974 -14.88 -62.40 13.42
CA CYS E 974 -15.15 -62.11 14.83
C CYS E 974 -14.00 -61.36 15.51
N GLY E 975 -13.08 -60.80 14.75
CA GLY E 975 -12.01 -60.01 15.32
C GLY E 975 -10.68 -60.73 15.49
N GLN E 976 -10.68 -62.06 15.51
CA GLN E 976 -9.45 -62.82 15.72
C GLN E 976 -8.77 -63.07 14.37
N PRO E 977 -7.53 -62.66 14.19
CA PRO E 977 -6.81 -63.02 12.95
C PRO E 977 -6.74 -64.52 12.76
N GLY E 978 -6.86 -64.95 11.51
CA GLY E 978 -6.78 -66.35 11.15
C GLY E 978 -8.13 -67.01 10.87
N LEU E 979 -9.23 -66.36 11.22
CA LEU E 979 -10.57 -66.89 11.01
C LEU E 979 -11.22 -66.16 9.85
N GLY E 980 -11.76 -66.92 8.91
CA GLY E 980 -12.36 -66.34 7.72
C GLY E 980 -13.31 -67.33 7.07
N TYR E 981 -14.00 -66.86 6.04
CA TYR E 981 -14.96 -67.65 5.30
C TYR E 981 -14.76 -67.41 3.81
N PHE E 982 -13.99 -68.30 3.17
CA PHE E 982 -13.80 -68.27 1.73
C PHE E 982 -14.78 -69.26 1.13
N CYS E 983 -15.48 -68.84 0.07
CA CYS E 983 -16.51 -69.69 -0.52
C CYS E 983 -16.52 -69.49 -2.02
N LEU E 984 -17.38 -70.26 -2.69
CA LEU E 984 -17.54 -70.22 -4.15
C LEU E 984 -18.77 -71.05 -4.48
N GLU E 985 -19.57 -70.57 -5.43
CA GLU E 985 -20.75 -71.32 -5.89
C GLU E 985 -20.92 -71.10 -7.39
N ALA E 986 -21.57 -72.05 -8.05
CA ALA E 986 -21.98 -71.89 -9.44
C ALA E 986 -22.93 -73.01 -9.83
N GLU E 987 -23.25 -73.05 -11.13
CA GLU E 987 -24.02 -74.11 -11.74
C GLU E 987 -23.61 -74.12 -13.20
N LYS E 988 -22.91 -75.18 -13.61
CA LYS E 988 -22.14 -75.17 -14.83
C LYS E 988 -22.34 -76.48 -15.59
N ALA E 989 -21.98 -76.46 -16.87
CA ALA E 989 -21.85 -77.71 -17.60
C ALA E 989 -20.43 -78.24 -17.43
N THR E 990 -20.33 -79.56 -17.23
CA THR E 990 -19.13 -80.12 -16.60
C THR E 990 -17.87 -79.89 -17.41
N LEU E 991 -17.75 -80.53 -18.57
CA LEU E 991 -16.46 -80.58 -19.26
C LEU E 991 -16.62 -80.07 -20.69
N TYR E 992 -16.03 -78.90 -20.95
CA TYR E 992 -15.90 -78.34 -22.29
C TYR E 992 -14.43 -78.14 -22.63
N HIS E 993 -13.99 -78.75 -23.73
CA HIS E 993 -12.58 -78.76 -24.08
C HIS E 993 -12.18 -77.43 -24.74
N ARG E 994 -10.97 -77.40 -25.27
CA ARG E 994 -10.39 -76.20 -25.87
C ARG E 994 -9.52 -76.60 -27.06
N ALA E 995 -8.76 -75.63 -27.56
CA ALA E 995 -7.94 -75.82 -28.74
C ALA E 995 -6.71 -76.69 -28.46
N GLN E 1016 -9.81 -78.05 -30.77
CA GLN E 1016 -11.01 -77.23 -30.68
C GLN E 1016 -12.22 -78.08 -30.32
N LEU E 1017 -13.39 -77.42 -30.22
CA LEU E 1017 -14.67 -78.05 -29.91
C LEU E 1017 -14.76 -78.47 -28.45
N ALA E 1018 -15.96 -78.40 -27.89
CA ALA E 1018 -16.12 -78.70 -26.47
C ALA E 1018 -16.29 -80.19 -26.25
N PRO E 1019 -15.82 -80.73 -25.11
CA PRO E 1019 -16.14 -82.12 -24.78
C PRO E 1019 -17.63 -82.38 -24.61
N THR E 1020 -18.38 -81.39 -24.10
CA THR E 1020 -19.84 -81.39 -23.97
C THR E 1020 -20.35 -82.43 -22.96
N ILE E 1021 -19.61 -82.65 -21.88
CA ILE E 1021 -19.99 -83.56 -20.80
C ILE E 1021 -21.15 -82.97 -20.01
N TYR E 1022 -21.69 -83.75 -19.07
CA TYR E 1022 -22.92 -83.50 -18.32
C TYR E 1022 -24.12 -83.54 -19.25
N PRO E 1023 -24.40 -84.69 -19.85
CA PRO E 1023 -25.70 -84.88 -20.52
C PRO E 1023 -26.72 -85.48 -19.56
N SER E 1024 -26.40 -85.46 -18.27
CA SER E 1024 -27.28 -86.04 -17.25
C SER E 1024 -28.59 -85.26 -17.14
N GLY E 1042 -30.95 -79.47 -3.22
CA GLY E 1042 -30.65 -78.57 -4.31
C GLY E 1042 -29.24 -78.02 -4.27
N PRO E 1043 -28.27 -78.90 -4.01
CA PRO E 1043 -26.88 -78.44 -3.98
C PRO E 1043 -26.41 -77.97 -5.34
N HIS E 1044 -25.47 -77.03 -5.32
CA HIS E 1044 -24.92 -76.43 -6.53
C HIS E 1044 -23.54 -77.01 -6.83
N MET E 1045 -23.03 -76.68 -8.01
CA MET E 1045 -21.76 -77.23 -8.46
C MET E 1045 -20.59 -76.33 -8.05
N LEU E 1046 -19.44 -76.97 -7.87
CA LEU E 1046 -18.22 -76.33 -7.40
C LEU E 1046 -18.47 -75.46 -6.16
N SER E 1047 -19.18 -76.02 -5.19
CA SER E 1047 -19.43 -75.35 -3.91
C SER E 1047 -18.20 -75.48 -3.00
N THR E 1048 -17.10 -74.87 -3.45
CA THR E 1048 -15.83 -74.98 -2.77
C THR E 1048 -15.82 -74.09 -1.52
N ALA E 1049 -16.63 -74.46 -0.53
CA ALA E 1049 -16.75 -73.70 0.71
C ALA E 1049 -15.62 -74.08 1.66
N VAL E 1050 -14.40 -73.73 1.26
CA VAL E 1050 -13.23 -74.05 2.09
C VAL E 1050 -13.32 -73.30 3.41
N ARG E 1051 -12.61 -73.81 4.41
CA ARG E 1051 -12.54 -73.21 5.72
C ARG E 1051 -11.07 -73.02 6.09
N ILE E 1052 -10.77 -71.89 6.73
CA ILE E 1052 -9.40 -71.59 7.13
C ILE E 1052 -9.41 -71.13 8.57
N HIS E 1053 -8.55 -71.73 9.39
CA HIS E 1053 -8.37 -71.37 10.80
C HIS E 1053 -6.88 -71.30 11.12
N LEU E 1054 -6.13 -70.65 10.24
CA LEU E 1054 -4.69 -70.57 10.39
C LEU E 1054 -4.33 -69.73 11.61
N ASP E 1055 -3.10 -69.90 12.07
CA ASP E 1055 -2.61 -69.22 13.28
C ASP E 1055 -1.44 -68.33 12.92
N PRO E 1056 -1.50 -67.02 13.20
CA PRO E 1056 -0.33 -66.16 12.94
C PRO E 1056 0.89 -66.60 13.72
N HIS E 1057 0.72 -67.09 14.95
CA HIS E 1057 1.85 -67.57 15.72
C HIS E 1057 2.52 -68.77 15.04
N LYS E 1058 1.71 -69.71 14.54
CA LYS E 1058 2.27 -70.84 13.81
C LYS E 1058 2.90 -70.39 12.50
N ASN E 1059 2.28 -69.43 11.82
CA ASN E 1059 2.77 -68.89 10.55
C ASN E 1059 2.91 -69.99 9.50
N VAL E 1060 1.85 -70.78 9.35
CA VAL E 1060 1.82 -71.88 8.39
C VAL E 1060 0.46 -71.88 7.71
N LYS E 1061 0.43 -72.33 6.46
CA LYS E 1061 -0.80 -72.30 5.67
C LYS E 1061 -1.63 -73.54 5.97
N GLU E 1062 -2.84 -73.34 6.50
CA GLU E 1062 -3.78 -74.41 6.78
C GLU E 1062 -4.99 -74.27 5.87
N PHE E 1063 -5.51 -75.40 5.39
CA PHE E 1063 -6.69 -75.42 4.53
C PHE E 1063 -7.65 -76.52 4.99
N LEU E 1064 -8.93 -76.19 5.04
CA LEU E 1064 -10.02 -77.14 5.28
C LEU E 1064 -10.96 -77.03 4.10
N VAL E 1065 -10.67 -77.78 3.04
CA VAL E 1065 -11.38 -77.63 1.76
C VAL E 1065 -12.55 -78.61 1.77
N THR E 1066 -13.76 -78.07 1.93
CA THR E 1066 -14.98 -78.87 1.83
C THR E 1066 -15.56 -78.73 0.44
N LEU E 1067 -14.81 -79.27 -0.52
CA LEU E 1067 -15.19 -79.20 -1.92
C LEU E 1067 -16.42 -80.09 -2.17
N ARG E 1068 -17.24 -79.67 -3.13
CA ARG E 1068 -18.45 -80.41 -3.50
C ARG E 1068 -18.72 -80.18 -4.98
N LEU E 1069 -18.36 -81.17 -5.80
CA LEU E 1069 -18.77 -81.22 -7.21
C LEU E 1069 -19.98 -82.13 -7.31
N HIS E 1070 -21.18 -81.53 -7.37
CA HIS E 1070 -22.44 -82.26 -7.36
C HIS E 1070 -22.86 -82.58 -8.79
N LYS E 1071 -22.96 -83.87 -9.09
CA LYS E 1071 -23.46 -84.36 -10.37
C LYS E 1071 -22.68 -83.81 -11.55
N ALA E 1072 -21.39 -83.56 -11.35
CA ALA E 1072 -20.56 -83.04 -12.43
C ALA E 1072 -19.90 -84.20 -13.18
N THR E 1073 -18.99 -83.85 -14.09
CA THR E 1073 -18.15 -84.84 -14.77
C THR E 1073 -16.81 -84.14 -15.00
N LEU E 1074 -15.91 -84.25 -14.03
CA LEU E 1074 -14.70 -83.44 -13.96
C LEU E 1074 -13.51 -84.13 -14.62
N ARG E 1075 -13.65 -84.48 -15.90
CA ARG E 1075 -12.58 -85.09 -16.67
C ARG E 1075 -12.14 -84.10 -17.74
N HIS E 1076 -10.82 -83.99 -17.93
CA HIS E 1076 -10.28 -83.06 -18.91
C HIS E 1076 -9.25 -83.74 -19.80
N TYR E 1077 -9.16 -85.07 -19.70
CA TYR E 1077 -8.18 -85.81 -20.48
C TYR E 1077 -8.75 -86.07 -21.87
N MET E 1078 -8.49 -85.12 -22.77
CA MET E 1078 -9.11 -85.18 -24.09
C MET E 1078 -8.46 -86.25 -24.97
N ALA E 1079 -7.18 -86.10 -25.27
CA ALA E 1079 -6.49 -87.00 -26.17
C ALA E 1079 -6.18 -88.33 -25.48
N LEU E 1080 -5.48 -89.22 -26.19
CA LEU E 1080 -5.07 -90.48 -25.57
C LEU E 1080 -4.20 -90.25 -24.33
N PRO E 1081 -3.19 -89.38 -24.35
CA PRO E 1081 -2.60 -88.91 -23.10
C PRO E 1081 -3.45 -87.78 -22.52
N GLU E 1082 -3.15 -87.45 -21.26
CA GLU E 1082 -3.90 -86.40 -20.57
C GLU E 1082 -3.47 -85.02 -21.10
N GLN E 1083 -3.98 -84.69 -22.29
CA GLN E 1083 -3.51 -83.51 -23.00
C GLN E 1083 -4.27 -82.26 -22.55
N SER E 1084 -5.59 -82.27 -22.69
CA SER E 1084 -6.35 -81.13 -22.19
C SER E 1084 -6.34 -81.11 -20.66
N TRP E 1085 -6.16 -82.28 -20.03
CA TRP E 1085 -5.90 -82.31 -18.58
C TRP E 1085 -4.58 -81.63 -18.25
N HIS E 1086 -3.56 -81.84 -19.10
CA HIS E 1086 -2.30 -81.13 -18.95
C HIS E 1086 -2.51 -79.63 -19.05
N SER E 1087 -3.34 -79.22 -20.01
CA SER E 1087 -3.67 -77.80 -20.14
C SER E 1087 -4.35 -77.27 -18.89
N GLN E 1088 -5.30 -78.05 -18.34
CA GLN E 1088 -6.01 -77.64 -17.14
C GLN E 1088 -5.05 -77.51 -15.95
N LEU E 1089 -4.13 -78.46 -15.81
CA LEU E 1089 -3.19 -78.46 -14.70
C LEU E 1089 -2.05 -77.48 -14.89
N LEU E 1090 -1.86 -76.96 -16.10
CA LEU E 1090 -0.92 -75.88 -16.33
C LEU E 1090 -1.56 -74.51 -16.19
N GLU E 1091 -2.88 -74.42 -16.34
CA GLU E 1091 -3.57 -73.15 -16.17
C GLU E 1091 -4.03 -72.95 -14.72
N PHE E 1092 -4.82 -73.90 -14.21
CA PHE E 1092 -5.42 -73.77 -12.89
C PHE E 1092 -4.41 -73.84 -11.76
N LEU E 1093 -3.34 -74.62 -11.91
CA LEU E 1093 -2.45 -74.91 -10.78
C LEU E 1093 -1.59 -73.68 -10.45
N ASP E 1094 -1.96 -73.01 -9.37
CA ASP E 1094 -1.16 -71.94 -8.78
C ASP E 1094 -1.64 -71.73 -7.36
N VAL E 1095 -0.74 -71.93 -6.38
CA VAL E 1095 -1.15 -71.97 -4.96
C VAL E 1095 -0.88 -70.58 -4.39
N LEU E 1096 -1.86 -69.70 -4.55
CA LEU E 1096 -1.97 -68.43 -3.82
C LEU E 1096 -0.63 -67.71 -3.68
N ASP E 1097 -0.07 -67.33 -4.83
CA ASP E 1097 1.16 -66.54 -4.82
C ASP E 1097 0.96 -65.26 -4.04
N ASP E 1098 1.67 -65.12 -2.92
CA ASP E 1098 1.45 -64.03 -1.97
C ASP E 1098 2.77 -63.36 -1.63
N PRO E 1099 3.38 -62.63 -2.55
CA PRO E 1099 4.56 -61.80 -2.22
C PRO E 1099 4.24 -60.43 -1.64
N VAL E 1100 2.99 -60.18 -1.24
CA VAL E 1100 2.62 -58.86 -0.75
C VAL E 1100 3.18 -58.63 0.66
N LEU E 1101 3.15 -57.37 1.09
CA LEU E 1101 3.71 -56.99 2.37
C LEU E 1101 2.85 -57.50 3.52
N GLY E 1102 3.50 -57.89 4.61
CA GLY E 1102 2.83 -58.47 5.76
C GLY E 1102 2.58 -59.96 5.66
N TYR E 1103 2.77 -60.56 4.48
CA TYR E 1103 2.65 -62.00 4.28
C TYR E 1103 3.90 -62.51 3.57
N LEU E 1104 4.93 -62.84 4.34
CA LEU E 1104 5.97 -63.71 3.84
C LEU E 1104 5.35 -65.08 3.58
N PRO E 1105 5.62 -65.71 2.44
CA PRO E 1105 4.80 -66.85 2.00
C PRO E 1105 4.82 -67.98 3.02
N PRO E 1106 3.69 -68.26 3.66
CA PRO E 1106 3.64 -69.40 4.58
C PRO E 1106 3.78 -70.71 3.81
N THR E 1107 4.45 -71.67 4.44
CA THR E 1107 4.67 -72.97 3.82
C THR E 1107 3.32 -73.64 3.55
N VAL E 1108 3.16 -74.16 2.34
CA VAL E 1108 1.88 -74.69 1.89
C VAL E 1108 1.66 -76.08 2.48
N ILE E 1109 0.45 -76.31 3.00
CA ILE E 1109 0.02 -77.61 3.49
C ILE E 1109 -1.48 -77.73 3.27
N THR E 1110 -1.90 -78.89 2.74
CA THR E 1110 -3.28 -79.09 2.29
C THR E 1110 -3.89 -80.27 3.04
N ILE E 1111 -5.13 -80.11 3.49
CA ILE E 1111 -5.89 -81.16 4.16
C ILE E 1111 -7.27 -81.18 3.52
N LEU E 1112 -7.46 -82.05 2.53
CA LEU E 1112 -8.72 -82.09 1.79
C LEU E 1112 -9.74 -82.99 2.48
N HIS E 1113 -11.01 -82.62 2.31
CA HIS E 1113 -12.17 -83.41 2.73
C HIS E 1113 -13.19 -83.45 1.60
N THR E 1114 -12.70 -83.61 0.37
CA THR E 1114 -13.52 -83.44 -0.83
C THR E 1114 -14.72 -84.39 -0.83
N HIS E 1115 -15.79 -83.99 -1.52
CA HIS E 1115 -16.97 -84.85 -1.75
C HIS E 1115 -17.41 -84.76 -3.21
N LEU E 1116 -16.91 -85.67 -4.03
CA LEU E 1116 -17.32 -85.77 -5.44
C LEU E 1116 -18.62 -86.57 -5.55
N PHE E 1117 -19.67 -86.06 -4.90
CA PHE E 1117 -20.96 -86.74 -4.90
C PHE E 1117 -21.52 -86.81 -6.32
N SER E 1118 -21.92 -88.02 -6.73
CA SER E 1118 -22.60 -88.27 -8.01
C SER E 1118 -21.87 -87.69 -9.22
N CYS E 1119 -20.53 -87.66 -9.15
CA CYS E 1119 -19.73 -87.22 -10.29
C CYS E 1119 -19.58 -88.40 -11.26
N SER E 1120 -20.59 -88.57 -12.10
CA SER E 1120 -20.62 -89.69 -13.03
C SER E 1120 -19.51 -89.54 -14.07
N VAL E 1121 -18.86 -90.66 -14.37
CA VAL E 1121 -17.75 -90.70 -15.32
C VAL E 1121 -18.08 -91.73 -16.38
N ASP E 1122 -18.50 -91.26 -17.56
CA ASP E 1122 -18.85 -92.16 -18.65
C ASP E 1122 -18.22 -91.76 -19.99
N TYR E 1123 -17.29 -90.82 -20.02
CA TYR E 1123 -16.68 -90.39 -21.27
C TYR E 1123 -15.17 -90.29 -21.13
N ARG E 1124 -14.58 -91.20 -20.36
CA ARG E 1124 -13.13 -91.24 -20.21
C ARG E 1124 -12.48 -91.70 -21.50
N PRO E 1125 -11.80 -90.82 -22.24
CA PRO E 1125 -11.29 -91.20 -23.56
C PRO E 1125 -10.00 -92.00 -23.53
N LEU E 1126 -9.89 -92.90 -24.49
CA LEU E 1126 -8.71 -93.74 -24.69
C LEU E 1126 -8.58 -94.00 -26.19
N TYR E 1127 -7.71 -94.94 -26.56
CA TYR E 1127 -7.49 -95.24 -27.97
C TYR E 1127 -8.77 -95.74 -28.64
N LEU E 1128 -9.48 -96.65 -27.96
CA LEU E 1128 -10.71 -97.23 -28.49
C LEU E 1128 -11.58 -97.80 -27.38
N PRO E 1129 -12.12 -96.96 -26.48
CA PRO E 1129 -13.14 -97.45 -25.55
C PRO E 1129 -14.48 -97.57 -26.26
N VAL E 1130 -15.42 -98.27 -25.62
CA VAL E 1130 -16.76 -98.49 -26.17
C VAL E 1130 -17.74 -97.85 -25.19
N ARG E 1131 -18.03 -96.56 -25.39
CA ARG E 1131 -19.02 -95.79 -24.65
C ARG E 1131 -19.11 -96.25 -23.19
N VAL E 1132 -17.96 -96.28 -22.54
CA VAL E 1132 -17.81 -96.91 -21.23
C VAL E 1132 -18.60 -96.13 -20.21
N LEU E 1133 -19.38 -96.83 -19.38
CA LEU E 1133 -20.24 -96.20 -18.39
C LEU E 1133 -19.89 -96.73 -17.02
N ILE E 1134 -19.46 -95.83 -16.13
CA ILE E 1134 -19.17 -96.15 -14.74
C ILE E 1134 -19.97 -95.14 -13.91
N THR E 1135 -21.02 -95.62 -13.23
CA THR E 1135 -21.92 -94.75 -12.50
C THR E 1135 -21.58 -94.81 -11.02
N ALA E 1136 -20.60 -93.99 -10.61
CA ALA E 1136 -20.30 -93.83 -9.19
C ALA E 1136 -21.40 -93.02 -8.52
N GLU E 1137 -21.65 -93.28 -7.25
CA GLU E 1137 -22.64 -92.52 -6.49
C GLU E 1137 -21.96 -91.47 -5.62
N THR E 1138 -21.00 -91.89 -4.81
CA THR E 1138 -20.25 -91.01 -3.93
C THR E 1138 -18.77 -91.36 -4.01
N PHE E 1139 -17.94 -90.39 -4.33
CA PHE E 1139 -16.49 -90.54 -4.33
C PHE E 1139 -15.93 -89.66 -3.23
N THR E 1140 -15.92 -90.19 -2.01
CA THR E 1140 -15.64 -89.42 -0.80
C THR E 1140 -14.15 -89.52 -0.48
N LEU E 1141 -13.33 -88.73 -1.17
CA LEU E 1141 -11.89 -88.68 -0.92
C LEU E 1141 -11.60 -87.86 0.33
N SER E 1142 -12.12 -88.34 1.46
CA SER E 1142 -11.96 -87.66 2.75
C SER E 1142 -10.58 -87.97 3.32
N SER E 1143 -9.57 -87.31 2.75
CA SER E 1143 -8.19 -87.45 3.21
C SER E 1143 -8.00 -86.65 4.49
N ASN E 1144 -8.35 -87.26 5.63
CA ASN E 1144 -8.19 -86.59 6.91
C ASN E 1144 -6.73 -86.31 7.22
N ILE E 1145 -5.81 -87.02 6.55
CA ILE E 1145 -4.38 -86.81 6.77
C ILE E 1145 -3.85 -85.86 5.70
N ILE E 1146 -2.64 -85.34 5.90
CA ILE E 1146 -2.05 -84.40 4.96
C ILE E 1146 -1.62 -85.16 3.71
N MET E 1147 -2.07 -84.70 2.54
CA MET E 1147 -1.73 -85.37 1.29
C MET E 1147 -0.28 -85.09 0.90
N ASP E 1148 0.17 -83.85 1.06
CA ASP E 1148 1.51 -83.45 0.62
C ASP E 1148 2.51 -83.85 1.69
N THR E 1149 2.74 -85.16 1.79
CA THR E 1149 3.70 -85.73 2.74
C THR E 1149 3.96 -87.17 2.33
N SER E 1150 4.83 -87.84 3.08
CA SER E 1150 5.11 -89.25 2.83
C SER E 1150 3.87 -90.10 3.07
N THR E 1151 3.13 -89.82 4.14
CA THR E 1151 1.96 -90.59 4.53
C THR E 1151 0.69 -89.84 4.10
N PHE E 1152 -0.34 -90.60 3.73
CA PHE E 1152 -1.62 -90.03 3.32
C PHE E 1152 -2.72 -91.06 3.57
N LEU E 1153 -3.47 -90.87 4.65
CA LEU E 1153 -4.64 -91.70 4.92
C LEU E 1153 -5.82 -91.17 4.10
N LEU E 1154 -6.39 -92.03 3.25
CA LEU E 1154 -7.47 -91.63 2.33
C LEU E 1154 -8.61 -92.64 2.48
N ARG E 1155 -9.65 -92.25 3.22
CA ARG E 1155 -10.83 -93.11 3.40
C ARG E 1155 -11.81 -92.89 2.26
N PHE E 1156 -11.65 -93.69 1.20
CA PHE E 1156 -12.60 -93.77 0.10
C PHE E 1156 -13.85 -94.56 0.51
N ILE E 1157 -14.71 -93.97 1.33
CA ILE E 1157 -15.95 -94.64 1.71
C ILE E 1157 -17.00 -94.41 0.62
N LEU E 1158 -17.01 -95.29 -0.37
CA LEU E 1158 -18.00 -95.23 -1.43
C LEU E 1158 -19.32 -95.82 -0.96
N ASP E 1159 -20.40 -95.50 -1.66
CA ASP E 1159 -21.74 -96.01 -1.35
C ASP E 1159 -22.36 -96.60 -2.62
N ASP E 1160 -22.29 -97.92 -2.76
CA ASP E 1160 -23.08 -98.67 -3.73
C ASP E 1160 -22.85 -98.19 -5.16
N SER E 1161 -21.62 -98.38 -5.66
CA SER E 1161 -21.34 -98.03 -7.04
C SER E 1161 -21.87 -99.12 -7.97
N ALA E 1162 -21.57 -98.96 -9.26
CA ALA E 1162 -22.03 -99.88 -10.29
C ALA E 1162 -21.22 -99.67 -11.56
N LEU E 1163 -21.55 -100.44 -12.60
CA LEU E 1163 -20.87 -100.36 -13.88
C LEU E 1163 -21.78 -100.91 -14.96
N TYR E 1164 -21.70 -100.32 -16.16
CA TYR E 1164 -22.53 -100.72 -17.29
C TYR E 1164 -21.71 -100.59 -18.57
N LEU E 1165 -21.82 -101.58 -19.46
CA LEU E 1165 -20.98 -101.67 -20.64
C LEU E 1165 -21.81 -101.52 -21.91
N SER E 1166 -21.23 -100.87 -22.91
CA SER E 1166 -21.91 -100.54 -24.15
C SER E 1166 -21.87 -101.71 -25.13
N ASP E 1167 -22.18 -101.44 -26.40
CA ASP E 1167 -22.48 -102.51 -27.36
C ASP E 1167 -21.24 -103.25 -27.86
N LYS E 1168 -20.29 -102.57 -28.49
CA LYS E 1168 -19.24 -103.26 -29.21
C LYS E 1168 -17.94 -102.49 -29.05
N CYS E 1169 -16.84 -103.24 -28.95
CA CYS E 1169 -15.55 -102.67 -28.54
C CYS E 1169 -15.10 -101.55 -29.47
N GLU E 1170 -15.23 -101.76 -30.78
CA GLU E 1170 -14.99 -100.66 -31.72
C GLU E 1170 -15.83 -99.45 -31.33
N VAL E 1171 -15.18 -98.27 -31.37
CA VAL E 1171 -15.61 -97.11 -30.59
C VAL E 1171 -17.12 -96.86 -30.71
N GLU E 1172 -17.68 -97.09 -31.90
CA GLU E 1172 -19.10 -96.84 -32.12
C GLU E 1172 -19.90 -97.97 -31.49
N THR E 1173 -20.79 -97.58 -30.58
CA THR E 1173 -21.64 -98.52 -29.86
C THR E 1173 -23.01 -97.91 -29.59
N LEU E 1174 -24.04 -98.61 -30.06
CA LEU E 1174 -25.43 -98.20 -29.84
C LEU E 1174 -26.21 -99.40 -29.31
N ASP E 1175 -27.23 -99.10 -28.52
CA ASP E 1175 -28.10 -100.14 -27.96
C ASP E 1175 -29.38 -99.47 -27.47
N LEU E 1176 -30.35 -100.29 -27.10
CA LEU E 1176 -31.63 -99.77 -26.62
C LEU E 1176 -31.46 -98.99 -25.32
N ARG E 1177 -30.67 -99.53 -24.39
CA ARG E 1177 -30.35 -98.88 -23.13
C ARG E 1177 -28.85 -98.64 -23.07
N ARG E 1178 -28.45 -97.37 -23.15
CA ARG E 1178 -27.04 -97.05 -22.96
C ARG E 1178 -26.63 -97.13 -21.50
N ASP E 1179 -27.58 -97.00 -20.58
CA ASP E 1179 -27.43 -97.47 -19.21
C ASP E 1179 -27.71 -98.98 -19.20
N TYR E 1180 -26.75 -99.72 -19.74
CA TYR E 1180 -26.96 -101.11 -20.14
C TYR E 1180 -26.92 -102.03 -18.93
N VAL E 1181 -26.80 -103.33 -19.18
CA VAL E 1181 -26.83 -104.31 -18.10
C VAL E 1181 -25.63 -104.11 -17.18
N CYS E 1182 -25.81 -104.52 -15.92
CA CYS E 1182 -24.74 -104.44 -14.93
C CYS E 1182 -23.68 -105.49 -15.22
N VAL E 1183 -22.43 -105.15 -14.90
CA VAL E 1183 -21.31 -106.05 -15.14
C VAL E 1183 -20.58 -106.31 -13.82
N LEU E 1184 -20.18 -105.25 -13.14
CA LEU E 1184 -19.39 -105.36 -11.91
C LEU E 1184 -19.77 -104.21 -10.99
N ASP E 1185 -20.69 -104.48 -10.06
CA ASP E 1185 -21.13 -103.49 -9.08
C ASP E 1185 -20.49 -103.78 -7.74
N VAL E 1186 -20.34 -102.74 -6.91
CA VAL E 1186 -19.73 -102.85 -5.59
C VAL E 1186 -20.71 -102.32 -4.56
N ASP E 1187 -20.95 -103.10 -3.50
CA ASP E 1187 -21.81 -102.64 -2.42
C ASP E 1187 -21.14 -101.52 -1.62
N LEU E 1188 -19.85 -101.69 -1.30
CA LEU E 1188 -19.06 -100.67 -0.64
C LEU E 1188 -17.60 -101.05 -0.79
N LEU E 1189 -16.74 -100.05 -0.93
CA LEU E 1189 -15.31 -100.28 -1.06
C LEU E 1189 -14.56 -99.25 -0.23
N GLU E 1190 -14.30 -99.58 1.03
CA GLU E 1190 -13.60 -98.70 1.96
C GLU E 1190 -12.10 -98.86 1.78
N LEU E 1191 -11.58 -98.42 0.62
CA LEU E 1191 -10.14 -98.49 0.35
C LEU E 1191 -9.46 -97.42 1.17
N VAL E 1192 -9.21 -97.74 2.45
CA VAL E 1192 -8.52 -96.81 3.33
C VAL E 1192 -7.02 -96.97 3.15
N ILE E 1193 -6.49 -96.37 2.08
CA ILE E 1193 -5.06 -96.47 1.82
C ILE E 1193 -4.30 -95.58 2.78
N LYS E 1194 -3.14 -96.07 3.24
CA LYS E 1194 -2.15 -95.28 3.96
C LYS E 1194 -0.86 -95.44 3.18
N THR E 1195 -0.70 -94.66 2.12
CA THR E 1195 0.50 -94.69 1.29
C THR E 1195 1.63 -94.02 2.03
N TRP E 1196 2.68 -94.78 2.32
CA TRP E 1196 3.89 -94.27 2.97
C TRP E 1196 4.96 -94.07 1.91
N LYS E 1197 4.95 -92.91 1.27
CA LYS E 1197 5.90 -92.59 0.22
C LYS E 1197 7.08 -91.79 0.77
N LYS E 1203 -1.16 -98.87 8.83
CA LYS E 1203 -1.15 -100.16 9.53
C LYS E 1203 0.26 -100.52 9.98
N LEU E 1204 1.11 -99.50 10.14
CA LEU E 1204 2.49 -99.64 10.60
C LEU E 1204 3.34 -100.47 9.65
N SER E 1205 2.91 -100.63 8.40
CA SER E 1205 3.66 -101.40 7.41
C SER E 1205 4.69 -100.48 6.76
N GLN E 1206 5.94 -100.65 7.18
CA GLN E 1206 7.08 -99.83 6.76
C GLN E 1206 7.25 -99.83 5.24
N PRO E 1207 6.83 -100.89 4.55
CA PRO E 1207 7.04 -100.95 3.09
C PRO E 1207 6.39 -99.80 2.35
N LEU E 1208 7.11 -99.24 1.38
CA LEU E 1208 6.64 -98.05 0.68
C LEU E 1208 5.39 -98.38 -0.15
N PHE E 1209 4.46 -97.42 -0.16
CA PHE E 1209 3.22 -97.53 -0.94
C PHE E 1209 2.38 -98.73 -0.51
N GLU E 1210 2.13 -98.85 0.78
CA GLU E 1210 1.27 -99.91 1.32
C GLU E 1210 -0.19 -99.62 0.96
N LEU E 1211 -0.56 -99.96 -0.27
CA LEU E 1211 -1.93 -99.76 -0.74
C LEU E 1211 -2.85 -100.82 -0.11
N ARG E 1212 -3.08 -100.67 1.19
CA ARG E 1212 -3.96 -101.60 1.90
C ARG E 1212 -5.42 -101.31 1.53
N CYS E 1213 -5.80 -101.73 0.33
CA CYS E 1213 -7.17 -101.59 -0.15
C CYS E 1213 -8.03 -102.62 0.57
N SER E 1214 -8.46 -102.30 1.79
CA SER E 1214 -9.28 -103.22 2.56
C SER E 1214 -10.72 -103.21 2.05
N ASN E 1215 -10.85 -103.58 0.78
CA ASN E 1215 -12.14 -103.63 0.09
C ASN E 1215 -13.12 -104.51 0.85
N ASN E 1216 -14.41 -104.16 0.77
CA ASN E 1216 -15.42 -104.90 1.50
C ASN E 1216 -15.85 -106.15 0.73
N VAL E 1217 -16.39 -105.97 -0.48
CA VAL E 1217 -16.88 -107.08 -1.30
C VAL E 1217 -17.07 -106.64 -2.75
N VAL E 1218 -17.09 -107.61 -3.68
CA VAL E 1218 -17.31 -107.33 -5.10
C VAL E 1218 -18.35 -108.28 -5.68
N HIS E 1219 -19.61 -107.84 -5.76
CA HIS E 1219 -20.61 -108.61 -6.48
C HIS E 1219 -20.35 -108.54 -7.98
N VAL E 1220 -20.60 -109.65 -8.68
CA VAL E 1220 -20.49 -109.69 -10.14
C VAL E 1220 -21.63 -110.53 -10.69
N HIS E 1221 -22.35 -109.98 -11.67
CA HIS E 1221 -23.37 -110.71 -12.41
C HIS E 1221 -23.07 -110.60 -13.90
N SER E 1222 -23.38 -111.66 -14.63
CA SER E 1222 -22.95 -111.69 -16.02
C SER E 1222 -23.71 -112.75 -16.80
N CYS E 1223 -23.63 -112.63 -18.13
CA CYS E 1223 -23.99 -113.69 -19.08
C CYS E 1223 -22.76 -113.94 -19.95
N ALA E 1224 -22.72 -115.08 -20.64
CA ALA E 1224 -21.52 -115.45 -21.40
C ALA E 1224 -21.11 -114.32 -22.35
N ASP E 1225 -22.08 -113.75 -23.07
CA ASP E 1225 -21.78 -112.63 -23.95
C ASP E 1225 -21.26 -111.43 -23.16
N SER E 1226 -21.90 -111.13 -22.02
CA SER E 1226 -21.53 -109.95 -21.24
C SER E 1226 -20.09 -110.03 -20.74
N CYS E 1227 -19.72 -111.14 -20.10
CA CYS E 1227 -18.35 -111.25 -19.60
C CYS E 1227 -17.34 -111.42 -20.73
N ALA E 1228 -17.72 -112.11 -21.81
CA ALA E 1228 -16.82 -112.18 -22.96
C ALA E 1228 -16.52 -110.79 -23.51
N LEU E 1229 -17.57 -109.97 -23.69
CA LEU E 1229 -17.38 -108.60 -24.17
C LEU E 1229 -16.56 -107.78 -23.18
N LEU E 1230 -16.79 -107.98 -21.88
CA LEU E 1230 -16.01 -107.26 -20.88
C LEU E 1230 -14.53 -107.63 -20.97
N VAL E 1231 -14.24 -108.91 -21.18
CA VAL E 1231 -12.85 -109.35 -21.32
C VAL E 1231 -12.23 -108.74 -22.57
N ASN E 1232 -12.98 -108.70 -23.68
CA ASN E 1232 -12.50 -108.00 -24.87
C ASN E 1232 -12.25 -106.53 -24.58
N LEU E 1233 -13.12 -105.90 -23.79
CA LEU E 1233 -12.94 -104.49 -23.44
C LEU E 1233 -11.65 -104.28 -22.67
N LEU E 1234 -11.40 -105.13 -21.68
CA LEU E 1234 -10.16 -105.03 -20.91
C LEU E 1234 -8.94 -105.34 -21.77
N GLN E 1235 -9.08 -106.25 -22.72
CA GLN E 1235 -7.96 -106.60 -23.60
C GLN E 1235 -7.62 -105.45 -24.54
N TYR E 1236 -8.63 -104.88 -25.19
CA TYR E 1236 -8.40 -103.86 -26.21
C TYR E 1236 -8.05 -102.52 -25.58
N VAL E 1237 -8.72 -102.15 -24.49
CA VAL E 1237 -8.50 -100.86 -23.86
C VAL E 1237 -7.20 -100.86 -23.09
N SER E 1416 6.39 -103.25 -1.34
CA SER E 1416 5.18 -102.83 -2.05
C SER E 1416 4.00 -103.69 -1.63
N THR E 1417 3.74 -103.73 -0.33
CA THR E 1417 2.65 -104.55 0.20
C THR E 1417 1.30 -104.03 -0.30
N ARG E 1418 0.46 -104.97 -0.74
CA ARG E 1418 -0.87 -104.69 -1.23
C ARG E 1418 -1.89 -105.60 -0.54
N VAL E 1419 -1.85 -105.62 0.80
CA VAL E 1419 -2.62 -106.60 1.57
C VAL E 1419 -4.08 -106.22 1.57
N VAL E 1420 -4.86 -106.86 0.69
CA VAL E 1420 -6.27 -106.51 0.55
C VAL E 1420 -7.07 -107.09 1.71
N LEU E 1421 -6.98 -108.41 1.91
CA LEU E 1421 -7.98 -109.15 2.69
C LEU E 1421 -9.38 -108.80 2.19
N ARG E 1422 -9.53 -108.86 0.87
CA ARG E 1422 -10.73 -108.40 0.18
C ARG E 1422 -11.47 -109.58 -0.40
N GLU E 1423 -12.75 -109.71 -0.03
CA GLU E 1423 -13.62 -110.72 -0.64
C GLU E 1423 -13.59 -110.56 -2.15
N VAL E 1424 -13.36 -111.65 -2.88
CA VAL E 1424 -13.05 -111.53 -4.31
C VAL E 1424 -14.33 -111.43 -5.12
N SER E 1425 -15.30 -112.31 -4.86
CA SER E 1425 -16.54 -112.26 -5.61
C SER E 1425 -17.66 -113.06 -4.94
N LEU E 1426 -18.78 -112.39 -4.68
CA LEU E 1426 -20.05 -113.08 -4.46
C LEU E 1426 -20.81 -113.20 -5.78
N VAL E 1427 -20.13 -113.78 -6.76
CA VAL E 1427 -20.51 -113.70 -8.17
C VAL E 1427 -21.75 -114.54 -8.42
N TRP E 1428 -22.87 -113.88 -8.70
CA TRP E 1428 -24.10 -114.54 -9.16
C TRP E 1428 -24.02 -114.99 -10.62
N HIS E 1429 -22.88 -114.78 -11.28
CA HIS E 1429 -22.75 -115.05 -12.71
C HIS E 1429 -22.95 -116.53 -13.05
N HIS E 1479 -28.29 -116.29 -21.49
CA HIS E 1479 -27.88 -115.84 -20.17
C HIS E 1479 -27.92 -116.98 -19.16
N VAL E 1480 -27.08 -116.89 -18.12
CA VAL E 1480 -26.95 -117.95 -17.13
C VAL E 1480 -26.96 -117.34 -15.74
N LEU E 1481 -27.29 -118.17 -14.75
CA LEU E 1481 -27.17 -117.82 -13.34
C LEU E 1481 -26.43 -118.93 -12.63
N MET E 1482 -25.27 -118.62 -12.05
CA MET E 1482 -24.46 -119.63 -11.38
C MET E 1482 -23.67 -118.93 -10.28
N GLU E 1483 -24.13 -119.06 -9.04
CA GLU E 1483 -23.44 -118.41 -7.92
C GLU E 1483 -22.05 -118.99 -7.75
N ILE E 1484 -21.09 -118.12 -7.47
CA ILE E 1484 -19.73 -118.51 -7.10
C ILE E 1484 -19.28 -117.56 -6.00
N GLN E 1485 -18.60 -118.09 -4.99
CA GLN E 1485 -18.13 -117.28 -3.87
C GLN E 1485 -16.64 -117.45 -3.71
N LEU E 1486 -15.99 -116.38 -3.24
CA LEU E 1486 -14.59 -116.41 -2.86
C LEU E 1486 -14.45 -115.40 -1.71
N SER E 1487 -14.48 -115.91 -0.49
CA SER E 1487 -14.53 -115.06 0.69
C SER E 1487 -13.15 -114.87 1.27
N LYS E 1488 -12.80 -113.62 1.55
CA LYS E 1488 -11.56 -113.26 2.25
C LYS E 1488 -10.32 -113.75 1.50
N VAL E 1489 -10.23 -113.43 0.21
CA VAL E 1489 -9.09 -113.86 -0.58
C VAL E 1489 -7.97 -112.87 -0.36
N SER E 1490 -7.17 -113.11 0.68
CA SER E 1490 -6.14 -112.15 1.11
C SER E 1490 -4.93 -112.25 0.19
N PHE E 1491 -5.13 -111.79 -1.04
CA PHE E 1491 -4.06 -111.72 -2.03
C PHE E 1491 -3.11 -110.58 -1.71
N GLN E 1492 -2.37 -110.69 -0.61
CA GLN E 1492 -1.39 -109.68 -0.24
C GLN E 1492 -0.14 -109.78 -1.09
N HIS E 1493 -0.25 -109.42 -2.37
CA HIS E 1493 0.89 -109.56 -3.28
C HIS E 1493 2.07 -108.73 -2.78
N GLU E 1494 3.27 -109.28 -2.94
CA GLU E 1494 4.52 -108.60 -2.56
C GLU E 1494 4.55 -108.22 -1.08
N VAL E 1495 3.75 -108.91 -0.26
CA VAL E 1495 3.75 -108.63 1.17
C VAL E 1495 5.14 -108.86 1.76
N TYR E 1496 5.77 -109.98 1.44
CA TYR E 1496 7.08 -110.29 1.98
C TYR E 1496 8.14 -110.29 0.88
N ARG E 1514 8.52 -117.05 0.12
CA ARG E 1514 7.73 -115.85 0.31
C ARG E 1514 8.58 -114.59 0.19
N PRO E 1515 9.89 -114.78 0.03
CA PRO E 1515 10.79 -113.62 0.03
C PRO E 1515 10.48 -112.58 -1.03
N LEU E 1516 10.09 -113.00 -2.23
CA LEU E 1516 9.82 -112.06 -3.32
C LEU E 1516 8.43 -112.34 -3.87
N SER E 1517 7.51 -111.40 -3.67
CA SER E 1517 6.13 -111.53 -4.13
C SER E 1517 5.51 -112.85 -3.67
N ARG E 1518 5.35 -112.97 -2.35
CA ARG E 1518 4.67 -114.15 -1.81
C ARG E 1518 3.30 -114.32 -2.45
N GLN E 1519 2.59 -113.21 -2.66
CA GLN E 1519 1.40 -113.15 -3.51
C GLN E 1519 0.39 -114.24 -3.14
N VAL E 1520 0.35 -114.55 -1.85
CA VAL E 1520 -0.38 -115.71 -1.39
C VAL E 1520 -1.87 -115.53 -1.67
N PHE E 1521 -2.42 -116.41 -2.51
CA PHE E 1521 -3.86 -116.46 -2.66
C PHE E 1521 -4.55 -116.61 -1.31
N ILE E 1522 -3.98 -117.44 -0.44
CA ILE E 1522 -4.39 -117.56 0.96
C ILE E 1522 -5.91 -117.63 1.08
N VAL E 1523 -6.56 -118.24 0.08
CA VAL E 1523 -8.00 -118.09 -0.04
C VAL E 1523 -8.67 -118.75 1.16
N GLN E 1524 -9.25 -117.92 2.03
CA GLN E 1524 -9.86 -118.41 3.25
C GLN E 1524 -11.05 -119.31 2.93
N GLU E 1525 -11.71 -119.05 1.80
CA GLU E 1525 -12.76 -119.89 1.27
C GLU E 1525 -12.86 -119.67 -0.23
N LEU E 1526 -12.74 -120.76 -0.99
CA LEU E 1526 -12.81 -120.72 -2.45
C LEU E 1526 -13.98 -121.55 -2.99
N GLU E 1527 -15.00 -121.78 -2.17
CA GLU E 1527 -16.16 -122.55 -2.58
C GLU E 1527 -16.69 -122.04 -3.91
N VAL E 1528 -16.62 -122.88 -4.94
CA VAL E 1528 -17.22 -122.59 -6.22
C VAL E 1528 -18.70 -122.97 -6.06
N ARG E 1529 -19.52 -121.97 -5.74
CA ARG E 1529 -20.88 -122.25 -5.28
C ARG E 1529 -21.69 -122.98 -6.34
N ASP E 1530 -21.54 -122.61 -7.61
CA ASP E 1530 -22.32 -123.26 -8.65
C ASP E 1530 -21.67 -123.06 -10.00
N ARG E 1531 -22.10 -123.88 -10.96
CA ARG E 1531 -21.77 -123.71 -12.36
C ARG E 1531 -22.93 -124.25 -13.17
N LEU E 1532 -22.71 -124.37 -14.48
CA LEU E 1532 -23.69 -124.94 -15.42
C LEU E 1532 -24.94 -124.04 -15.39
N ALA E 1533 -26.15 -124.61 -15.39
CA ALA E 1533 -27.36 -123.78 -15.35
C ALA E 1533 -27.83 -123.56 -13.92
N SER E 1534 -27.24 -124.27 -12.96
CA SER E 1534 -27.65 -124.23 -11.57
C SER E 1534 -27.14 -122.94 -10.93
N SER E 1535 -28.06 -122.17 -10.33
CA SER E 1535 -27.64 -120.99 -9.58
C SER E 1535 -27.54 -121.29 -8.08
N GLN E 1536 -28.17 -122.37 -7.63
CA GLN E 1536 -28.12 -122.73 -6.22
C GLN E 1536 -26.73 -123.23 -5.85
N ILE E 1537 -26.32 -122.95 -4.61
CA ILE E 1537 -24.97 -123.28 -4.18
C ILE E 1537 -24.84 -124.79 -3.99
N ASN E 1538 -23.85 -125.38 -4.66
CA ASN E 1538 -23.49 -126.77 -4.50
C ASN E 1538 -21.97 -126.85 -4.55
N LYS E 1539 -21.38 -127.57 -3.58
CA LYS E 1539 -19.97 -127.37 -3.27
C LYS E 1539 -19.07 -127.92 -4.38
N PHE E 1540 -18.71 -127.04 -5.31
CA PHE E 1540 -17.58 -127.27 -6.20
C PHE E 1540 -16.35 -126.60 -5.60
N LEU E 1541 -15.19 -127.19 -5.82
CA LEU E 1541 -13.94 -126.54 -5.44
C LEU E 1541 -13.08 -126.42 -6.68
N TYR E 1542 -11.84 -125.97 -6.49
CA TYR E 1542 -10.93 -125.69 -7.60
C TYR E 1542 -10.72 -126.89 -8.52
N SER E 1555 -11.15 -120.13 7.26
CA SER E 1555 -11.43 -121.45 7.78
C SER E 1555 -10.88 -122.54 6.85
N ASN E 1556 -11.36 -122.56 5.61
CA ASN E 1556 -10.83 -123.52 4.63
C ASN E 1556 -9.35 -123.28 4.38
N MET E 1557 -8.95 -122.01 4.28
CA MET E 1557 -7.56 -121.62 4.06
C MET E 1557 -6.98 -122.23 2.79
N LEU E 1558 -7.78 -122.24 1.73
CA LEU E 1558 -7.39 -122.89 0.47
C LEU E 1558 -6.37 -122.02 -0.25
N THR E 1559 -5.11 -122.13 0.16
CA THR E 1559 -4.01 -121.38 -0.45
C THR E 1559 -3.58 -122.07 -1.74
N ILE E 1560 -4.52 -122.10 -2.69
CA ILE E 1560 -4.27 -122.76 -3.97
C ILE E 1560 -3.04 -122.17 -4.64
N LYS E 1561 -2.80 -120.88 -4.46
CA LYS E 1561 -1.71 -120.19 -5.12
C LYS E 1561 -0.71 -119.55 -4.16
N ALA E 1562 -0.62 -120.05 -2.92
CA ALA E 1562 0.47 -119.63 -2.04
C ALA E 1562 1.80 -119.79 -2.75
N LEU E 1563 2.48 -118.67 -2.99
CA LEU E 1563 3.63 -118.67 -3.88
C LEU E 1563 4.92 -118.32 -3.14
N HIS E 1564 6.01 -118.35 -3.89
CA HIS E 1564 7.34 -117.99 -3.45
C HIS E 1564 8.23 -117.92 -4.68
N VAL E 1565 9.50 -117.64 -4.49
CA VAL E 1565 10.47 -117.73 -5.58
C VAL E 1565 11.71 -118.50 -5.14
N CYS E 1576 6.00 -120.90 -7.82
CA CYS E 1576 7.08 -121.78 -7.39
C CYS E 1576 6.61 -122.68 -6.25
N CYS E 1577 5.30 -122.64 -5.99
CA CYS E 1577 4.69 -123.45 -4.94
C CYS E 1577 3.18 -123.42 -5.14
N LEU E 1578 2.48 -124.26 -4.40
CA LEU E 1578 1.02 -124.33 -4.42
C LEU E 1578 0.58 -125.20 -3.24
N ARG E 1579 -0.74 -125.34 -3.08
CA ARG E 1579 -1.28 -126.09 -1.96
C ARG E 1579 -2.77 -126.40 -2.16
N VAL E 1580 -3.39 -126.97 -1.13
CA VAL E 1580 -4.80 -127.34 -1.18
C VAL E 1580 -5.25 -127.56 0.26
N SER E 1581 -6.57 -127.43 0.49
CA SER E 1581 -7.10 -127.28 1.84
C SER E 1581 -7.63 -128.59 2.44
N LEU E 1582 -7.57 -129.69 1.71
CA LEU E 1582 -8.01 -131.00 2.21
C LEU E 1582 -9.44 -130.94 2.76
N MET E 1583 -10.34 -130.29 2.02
CA MET E 1583 -11.72 -130.22 2.44
C MET E 1583 -12.35 -131.62 2.43
N PRO E 1584 -13.37 -131.88 3.26
CA PRO E 1584 -13.93 -133.24 3.30
C PRO E 1584 -14.54 -133.70 1.99
N LEU E 1585 -15.11 -132.77 1.21
CA LEU E 1585 -15.66 -133.07 -0.11
C LEU E 1585 -15.38 -131.89 -1.01
N ARG E 1586 -14.79 -132.16 -2.18
CA ARG E 1586 -14.35 -131.08 -3.06
C ARG E 1586 -15.17 -131.01 -4.35
N LEU E 1587 -15.25 -132.10 -5.11
CA LEU E 1587 -15.85 -132.06 -6.45
C LEU E 1587 -17.14 -132.85 -6.44
N ASN E 1588 -18.26 -132.14 -6.27
CA ASN E 1588 -19.60 -132.72 -6.35
C ASN E 1588 -20.22 -132.20 -7.63
N VAL E 1589 -19.95 -132.91 -8.73
CA VAL E 1589 -20.38 -132.48 -10.07
C VAL E 1589 -21.50 -133.40 -10.54
N ASP E 1590 -22.74 -133.01 -10.24
CA ASP E 1590 -23.92 -133.68 -10.78
C ASP E 1590 -25.02 -132.70 -11.16
N GLN E 1591 -24.69 -131.42 -11.36
CA GLN E 1591 -25.67 -130.38 -11.55
C GLN E 1591 -25.69 -129.93 -13.01
N ASP E 1592 -26.86 -130.05 -13.64
CA ASP E 1592 -27.10 -129.64 -15.02
C ASP E 1592 -26.04 -130.32 -15.90
N ALA E 1593 -25.19 -129.57 -16.61
CA ALA E 1593 -24.14 -130.15 -17.44
C ALA E 1593 -22.80 -129.68 -16.92
N LEU E 1594 -21.95 -130.63 -16.49
CA LEU E 1594 -20.59 -130.26 -16.10
C LEU E 1594 -19.83 -129.67 -17.27
N PHE E 1595 -20.28 -129.96 -18.50
CA PHE E 1595 -19.70 -129.34 -19.68
C PHE E 1595 -20.44 -128.07 -20.08
N PHE E 1596 -21.43 -127.64 -19.29
CA PHE E 1596 -22.07 -126.37 -19.58
C PHE E 1596 -21.09 -125.22 -19.39
N LEU E 1597 -20.16 -125.36 -18.45
CA LEU E 1597 -19.07 -124.38 -18.35
C LEU E 1597 -18.11 -124.53 -19.53
N LYS E 1598 -18.04 -125.74 -20.11
CA LYS E 1598 -17.25 -125.90 -21.33
C LYS E 1598 -17.86 -125.12 -22.50
N ASP E 1599 -19.19 -125.18 -22.64
CA ASP E 1599 -19.82 -124.37 -23.68
C ASP E 1599 -19.80 -122.90 -23.32
N PHE E 1600 -19.75 -122.58 -22.02
CA PHE E 1600 -19.49 -121.21 -21.60
C PHE E 1600 -18.12 -120.75 -22.07
N PHE E 1601 -17.11 -121.61 -21.96
CA PHE E 1601 -15.79 -121.28 -22.49
C PHE E 1601 -15.80 -121.16 -24.01
N THR E 1602 -16.60 -122.00 -24.68
CA THR E 1602 -16.74 -121.88 -26.13
C THR E 1602 -17.36 -120.54 -26.51
N SER E 1603 -18.43 -120.15 -25.81
CA SER E 1603 -19.03 -118.84 -26.05
C SER E 1603 -18.08 -117.71 -25.66
N LEU E 1604 -17.18 -117.98 -24.72
CA LEU E 1604 -16.17 -116.98 -24.36
C LEU E 1604 -15.19 -116.77 -25.50
N VAL E 1605 -14.62 -117.85 -26.03
CA VAL E 1605 -13.71 -117.73 -27.17
C VAL E 1605 -14.44 -117.20 -28.39
N ALA E 1606 -15.77 -117.38 -28.46
CA ALA E 1606 -16.56 -116.74 -29.51
C ALA E 1606 -16.72 -115.25 -29.25
N GLY E 1607 -16.80 -114.84 -27.98
CA GLY E 1607 -16.86 -113.45 -27.62
C GLY E 1607 -15.48 -112.86 -27.48
N ILE E 1608 -14.64 -113.49 -26.65
CA ILE E 1608 -13.23 -113.10 -26.57
C ILE E 1608 -12.53 -113.76 -27.74
N ASN E 1609 -12.46 -113.03 -28.86
CA ASN E 1609 -11.92 -113.60 -30.09
C ASN E 1609 -10.50 -114.10 -29.91
N PRO E 1610 -9.57 -113.35 -29.32
CA PRO E 1610 -8.25 -113.91 -29.01
C PRO E 1610 -8.25 -114.65 -27.68
N VAL E 1611 -7.99 -115.96 -27.69
CA VAL E 1611 -7.88 -116.77 -26.48
C VAL E 1611 -6.59 -117.57 -26.62
N VAL E 1612 -5.49 -117.01 -26.11
CA VAL E 1612 -4.17 -117.61 -26.27
C VAL E 1612 -4.00 -118.81 -25.34
N PRO E 1613 -4.21 -118.69 -24.01
CA PRO E 1613 -3.95 -119.87 -23.17
C PRO E 1613 -5.10 -120.87 -23.19
N GLY E 1614 -5.23 -121.57 -24.32
CA GLY E 1614 -6.29 -122.54 -24.48
C GLY E 1614 -5.90 -123.95 -24.05
N ARG E 1665 10.64 -122.78 -5.40
CA ARG E 1665 11.42 -123.94 -5.77
C ARG E 1665 10.60 -124.93 -6.58
N GLU E 1666 10.77 -126.21 -6.29
CA GLU E 1666 9.95 -127.25 -6.91
C GLU E 1666 8.49 -127.05 -6.52
N PHE E 1667 7.59 -127.28 -7.47
CA PHE E 1667 6.18 -126.91 -7.28
C PHE E 1667 5.59 -127.50 -6.01
N ARG E 1668 5.69 -128.82 -5.86
CA ARG E 1668 4.89 -129.53 -4.86
C ARG E 1668 3.42 -129.12 -4.97
N PHE E 1669 2.94 -129.01 -6.21
CA PHE E 1669 1.60 -128.51 -6.50
C PHE E 1669 0.55 -129.59 -6.21
N THR E 1670 0.45 -129.92 -4.93
CA THR E 1670 -0.47 -130.96 -4.48
C THR E 1670 -1.92 -130.57 -4.75
N SER E 1671 -2.75 -131.59 -4.91
CA SER E 1671 -4.20 -131.45 -4.81
C SER E 1671 -4.69 -131.74 -3.40
N GLU E 1672 -3.86 -132.39 -2.59
CA GLU E 1672 -3.94 -132.44 -1.12
C GLU E 1672 -5.35 -132.51 -0.56
N VAL E 1673 -6.22 -133.27 -1.20
CA VAL E 1673 -7.57 -133.48 -0.66
C VAL E 1673 -8.02 -134.90 -0.98
N PRO E 1674 -8.46 -135.67 0.01
CA PRO E 1674 -9.01 -137.01 -0.28
C PRO E 1674 -10.35 -136.86 -0.99
N ILE E 1675 -10.29 -136.55 -2.30
CA ILE E 1675 -11.44 -136.05 -3.03
C ILE E 1675 -12.63 -136.98 -2.87
N TRP E 1676 -13.75 -136.41 -2.44
CA TRP E 1676 -15.03 -137.10 -2.38
C TRP E 1676 -15.81 -136.73 -3.65
N LEU E 1677 -15.39 -137.32 -4.77
CA LEU E 1677 -16.04 -137.08 -6.05
C LEU E 1677 -17.45 -137.66 -6.02
N ASP E 1678 -18.43 -136.85 -6.43
CA ASP E 1678 -19.83 -137.23 -6.41
C ASP E 1678 -20.28 -137.69 -5.03
N THR E 1691 -12.92 -138.23 -21.41
CA THR E 1691 -13.18 -136.91 -20.85
C THR E 1691 -13.28 -136.97 -19.33
N PHE E 1692 -12.55 -136.10 -18.64
CA PHE E 1692 -12.64 -136.04 -17.19
C PHE E 1692 -14.04 -135.64 -16.74
N ALA E 1693 -14.63 -134.64 -17.41
CA ALA E 1693 -15.99 -134.24 -17.12
C ALA E 1693 -16.98 -135.37 -17.41
N GLY E 1694 -16.76 -136.08 -18.52
CA GLY E 1694 -17.63 -137.21 -18.84
C GLY E 1694 -17.58 -138.31 -17.79
N LEU E 1695 -16.37 -138.63 -17.32
CA LEU E 1695 -16.24 -139.64 -16.27
C LEU E 1695 -16.84 -139.16 -14.95
N LEU E 1696 -16.69 -137.88 -14.64
CA LEU E 1696 -17.31 -137.34 -13.43
C LEU E 1696 -18.83 -137.42 -13.51
N ILE E 1697 -19.40 -137.12 -14.68
CA ILE E 1697 -20.84 -137.21 -14.86
C ILE E 1697 -21.30 -138.66 -14.76
N GLY E 1698 -20.54 -139.59 -15.37
CA GLY E 1698 -20.91 -141.00 -15.30
C GLY E 1698 -20.86 -141.55 -13.89
N LEU E 1699 -19.84 -141.15 -13.12
CA LEU E 1699 -19.73 -141.61 -11.74
C LEU E 1699 -20.74 -140.92 -10.82
N ALA E 1700 -21.36 -139.84 -11.26
CA ALA E 1700 -22.33 -139.12 -10.45
C ALA E 1700 -23.74 -139.33 -10.99
N SER E 1705 -12.72 -140.56 -1.92
CA SER E 1705 -13.93 -141.22 -2.37
C SER E 1705 -14.13 -141.01 -3.87
N GLU E 1706 -13.95 -142.08 -4.63
CA GLU E 1706 -13.97 -142.15 -6.10
C GLU E 1706 -12.71 -141.57 -6.71
N LEU E 1707 -11.79 -141.02 -5.91
CA LEU E 1707 -10.53 -140.48 -6.40
C LEU E 1707 -9.56 -140.33 -5.23
N LYS E 1708 -8.38 -139.78 -5.50
CA LYS E 1708 -7.39 -139.57 -4.45
C LYS E 1708 -6.59 -138.33 -4.77
N LEU E 1709 -5.97 -137.76 -3.74
CA LEU E 1709 -5.15 -136.57 -3.91
C LEU E 1709 -3.80 -136.95 -4.54
N LYS E 1710 -3.34 -136.09 -5.46
CA LYS E 1710 -2.15 -136.40 -6.24
C LYS E 1710 -0.88 -136.41 -5.40
N ARG E 1711 -0.75 -135.52 -4.43
CA ARG E 1711 0.45 -135.43 -3.60
C ARG E 1711 1.71 -135.28 -4.44
N LEU E 1712 1.69 -134.36 -5.40
CA LEU E 1712 2.80 -134.21 -6.33
C LEU E 1712 4.00 -133.55 -5.68
N CYS E 1713 4.58 -134.20 -4.69
CA CYS E 1713 5.73 -133.62 -3.99
C CYS E 1713 6.90 -133.45 -4.95
N CYS E 1714 7.34 -132.20 -5.10
CA CYS E 1714 8.48 -131.82 -5.94
C CYS E 1714 8.36 -132.42 -7.34
N ARG E 1715 7.13 -132.59 -7.80
CA ARG E 1715 6.92 -133.13 -9.15
C ARG E 1715 7.43 -132.19 -10.22
N HIS E 1716 7.09 -130.90 -10.11
CA HIS E 1716 7.46 -129.88 -11.10
C HIS E 1716 6.92 -130.23 -12.48
N GLY E 1717 5.83 -131.00 -12.53
CA GLY E 1717 5.27 -131.40 -13.80
C GLY E 1717 4.74 -130.22 -14.60
N LEU E 1718 4.32 -129.17 -13.92
CA LEU E 1718 3.82 -127.96 -14.56
C LEU E 1718 4.99 -127.05 -14.93
N LEU E 1719 4.78 -126.27 -15.99
CA LEU E 1719 5.73 -125.25 -16.43
C LEU E 1719 4.99 -123.99 -16.88
N GLY E 1720 3.80 -123.76 -16.31
CA GLY E 1720 2.92 -122.71 -16.75
C GLY E 1720 2.09 -123.04 -17.97
N VAL E 1721 2.56 -123.95 -18.81
CA VAL E 1721 1.78 -124.45 -19.95
C VAL E 1721 1.75 -125.97 -19.85
N ASP E 1722 2.60 -126.52 -18.99
CA ASP E 1722 2.69 -127.96 -18.78
C ASP E 1722 1.94 -128.42 -17.54
N LYS E 1723 1.01 -127.61 -17.03
CA LYS E 1723 0.17 -128.04 -15.91
C LYS E 1723 -0.63 -129.30 -16.29
N VAL E 1724 -1.18 -129.32 -17.50
CA VAL E 1724 -1.88 -130.50 -17.98
C VAL E 1724 -0.91 -131.68 -18.07
N LEU E 1725 0.33 -131.41 -18.47
CA LEU E 1725 1.33 -132.47 -18.55
C LEU E 1725 1.59 -133.08 -17.17
N GLY E 1726 1.69 -132.23 -16.15
CA GLY E 1726 1.91 -132.71 -14.80
C GLY E 1726 0.70 -133.42 -14.23
N TYR E 1727 -0.49 -133.01 -14.67
CA TYR E 1727 -1.72 -133.68 -14.27
C TYR E 1727 -1.82 -135.05 -14.94
N ALA E 1728 -1.24 -135.18 -16.12
CA ALA E 1728 -1.27 -136.42 -16.87
C ALA E 1728 -0.20 -137.42 -16.43
N LEU E 1729 0.61 -137.07 -15.43
CA LEU E 1729 1.63 -137.99 -14.94
C LEU E 1729 0.99 -139.23 -14.34
N ASN E 1730 1.49 -140.39 -14.76
CA ASN E 1730 0.99 -141.68 -14.30
C ASN E 1730 -0.51 -141.83 -14.52
N GLU E 1731 -1.18 -142.56 -13.64
CA GLU E 1731 -2.62 -142.75 -13.74
C GLU E 1731 -3.18 -143.05 -12.36
N TRP E 1732 -4.46 -142.76 -12.18
CA TRP E 1732 -5.11 -142.97 -10.89
C TRP E 1732 -6.60 -143.18 -11.09
N LEU E 1733 -7.18 -144.00 -10.22
CA LEU E 1733 -8.62 -144.28 -10.19
C LEU E 1733 -8.95 -144.92 -8.85
N GLN E 1734 -10.18 -144.72 -8.41
CA GLN E 1734 -10.63 -145.25 -7.13
C GLN E 1734 -12.14 -145.43 -7.18
N ASP E 1735 -12.64 -146.38 -6.39
CA ASP E 1735 -14.06 -146.72 -6.32
C ASP E 1735 -14.68 -146.93 -7.70
#